data_8ZIS
#
_entry.id   8ZIS
#
_cell.length_a   1.00
_cell.length_b   1.00
_cell.length_c   1.00
_cell.angle_alpha   90.00
_cell.angle_beta   90.00
_cell.angle_gamma   90.00
#
_symmetry.space_group_name_H-M   'P 1'
#
loop_
_entity.id
_entity.type
_entity.pdbx_description
1 polymer HerA
2 non-polymer "ADENOSINE-5'-TRIPHOSPHATE"
3 non-polymer 'MAGNESIUM ION'
#
_entity_poly.entity_id   1
_entity_poly.type   'polypeptide(L)'
_entity_poly.pdbx_seq_one_letter_code
;MPDLGTPIGSVTDSSPSLIRIEISSAEDFEKYKSMLGVGQYLLVASGNNLYLLASITGVRATHVERRSLGPSSEVHSEEG
SDGISGNFRFQIDTQPIGTLSEDGEFSRGSHSLPVPTEYAYVTPPAVLEGIFSHQIKSPFALGTLGISPDIKLKIDGDRF
FSKHVAVVGSTGSGKSCAVAKILQTAVGIESKANAHKAAQKNSHIVIFDIHAEYAAAFNLEAGEAFTLNLLGVDNLRLPY
WLMNAQELEQIFIESNEHNSHNQISQFRHAVVRNKCKHNPTLTNLSFDTPVYFSIDEVVTYLENMNNEVIGKLAGEGKPK
LANETLVSDRDELYFDAVQSFIVASQAAATKASNGPFNGEFDRMILRLHTRLADPRLQFLFYPKKEDGEDLATGDFADVV
RQFVGYMTKSNVSIIDLSGIPFEVLSIVVSLISRMIFDFGFHYSKNRHVGGAVSDVPILVVCEEAHNYLPRSGGAAYDAS
RKSIERIAKEGRKYGVTLMVVSQRPSEVSETIFSQCSNFISLRLTNAVDQTYVKSLLPDLSAGLGDLLPNLAQGEFLIVG
DAPLMPTVGHFALPVPEPHSRSVNYLQEWNSGWRHVDFDSVIDRWRGKVLTKSEKGV
;
_entity_poly.pdbx_strand_id   A,B,C,D,E,F
#
# COMPACT_ATOMS: atom_id res chain seq x y z
N MET A 1 22.90 35.86 -45.10
CA MET A 1 21.76 36.27 -44.27
C MET A 1 21.67 37.79 -44.29
N PRO A 2 20.51 38.34 -43.92
CA PRO A 2 20.38 39.80 -43.91
C PRO A 2 21.17 40.45 -42.79
N ASP A 3 21.17 41.78 -42.76
CA ASP A 3 21.80 42.53 -41.70
C ASP A 3 20.78 42.88 -40.63
N LEU A 4 21.29 43.19 -39.45
CA LEU A 4 20.47 43.60 -38.33
C LEU A 4 20.75 45.06 -37.99
N GLY A 5 19.88 45.62 -37.17
CA GLY A 5 19.99 47.02 -36.83
C GLY A 5 21.01 47.25 -35.74
N THR A 6 20.64 48.02 -34.74
CA THR A 6 21.50 48.24 -33.61
C THR A 6 20.96 47.49 -32.40
N PRO A 7 21.84 47.00 -31.53
CA PRO A 7 21.38 46.25 -30.37
C PRO A 7 20.53 47.13 -29.46
N ILE A 8 19.95 46.47 -28.46
CA ILE A 8 19.13 47.15 -27.47
C ILE A 8 19.58 46.89 -26.05
N GLY A 9 20.30 45.81 -25.79
CA GLY A 9 20.73 45.49 -24.45
C GLY A 9 21.97 44.64 -24.47
N SER A 10 22.25 44.00 -23.34
CA SER A 10 23.39 43.12 -23.20
C SER A 10 23.04 42.09 -22.15
N VAL A 11 23.92 41.13 -21.98
CA VAL A 11 23.66 40.02 -21.08
C VAL A 11 24.28 40.31 -19.73
N THR A 12 23.64 39.81 -18.68
CA THR A 12 24.17 39.95 -17.33
C THR A 12 24.02 38.69 -16.49
N ASP A 13 23.51 37.60 -17.06
CA ASP A 13 23.45 36.34 -16.33
C ASP A 13 23.11 35.22 -17.30
N SER A 14 23.87 34.13 -17.20
CA SER A 14 23.74 32.98 -18.08
C SER A 14 23.67 31.71 -17.24
N SER A 15 23.03 30.70 -17.80
CA SER A 15 22.83 29.44 -17.10
C SER A 15 22.30 28.41 -18.09
N PRO A 16 22.19 27.14 -17.70
CA PRO A 16 21.79 26.11 -18.65
C PRO A 16 20.32 26.16 -19.02
N SER A 17 19.48 26.83 -18.23
CA SER A 17 18.05 26.88 -18.52
C SER A 17 17.50 28.29 -18.36
N LEU A 18 18.33 29.32 -18.42
CA LEU A 18 17.88 30.68 -18.26
C LEU A 18 18.93 31.62 -18.83
N ILE A 19 18.46 32.74 -19.36
CA ILE A 19 19.34 33.85 -19.71
C ILE A 19 18.61 35.13 -19.31
N ARG A 20 19.39 36.11 -18.86
CA ARG A 20 18.82 37.37 -18.41
C ARG A 20 19.44 38.52 -19.16
N ILE A 21 18.64 39.56 -19.41
CA ILE A 21 19.07 40.67 -20.24
C ILE A 21 18.64 41.98 -19.60
N GLU A 22 19.47 42.99 -19.81
CA GLU A 22 19.28 44.33 -19.25
C GLU A 22 19.37 45.33 -20.40
N ILE A 23 18.49 46.30 -20.38
CA ILE A 23 18.33 47.23 -21.49
C ILE A 23 19.05 48.54 -21.18
N SER A 24 19.48 49.22 -22.23
CA SER A 24 20.26 50.44 -22.07
C SER A 24 19.37 51.60 -21.65
N SER A 25 18.38 51.93 -22.46
CA SER A 25 17.54 53.10 -22.25
C SER A 25 16.07 52.70 -22.34
N ALA A 26 15.20 53.68 -22.12
CA ALA A 26 13.76 53.48 -22.18
C ALA A 26 13.23 53.69 -23.59
N GLU A 27 13.59 54.82 -24.21
CA GLU A 27 13.12 55.15 -25.54
C GLU A 27 13.09 53.94 -26.46
N ASP A 28 14.18 53.18 -26.49
CA ASP A 28 14.22 51.99 -27.32
C ASP A 28 13.10 51.02 -26.96
N PHE A 29 12.80 50.90 -25.67
CA PHE A 29 11.68 50.06 -25.25
C PHE A 29 10.36 50.65 -25.74
N GLU A 30 10.14 51.93 -25.48
CA GLU A 30 8.93 52.58 -25.98
C GLU A 30 8.76 52.38 -27.47
N LYS A 31 9.88 52.22 -28.18
CA LYS A 31 9.83 52.03 -29.62
C LYS A 31 9.48 50.60 -29.99
N TYR A 32 10.34 49.66 -29.61
CA TYR A 32 10.09 48.24 -29.90
C TYR A 32 9.36 47.56 -28.75
N LYS A 33 8.32 48.20 -28.26
CA LYS A 33 7.45 47.58 -27.27
C LYS A 33 6.48 46.57 -27.85
N SER A 34 6.11 46.73 -29.12
CA SER A 34 5.17 45.81 -29.77
C SER A 34 5.78 44.46 -30.08
N MET A 35 7.10 44.34 -29.95
CA MET A 35 7.89 43.16 -30.31
C MET A 35 8.79 42.75 -29.14
N LEU A 36 8.28 42.91 -27.93
CA LEU A 36 8.98 42.51 -26.71
C LEU A 36 7.99 41.90 -25.73
N GLY A 37 7.03 41.14 -26.24
CA GLY A 37 6.05 40.53 -25.37
C GLY A 37 6.21 39.04 -25.22
N VAL A 38 5.59 38.48 -24.19
CA VAL A 38 5.67 37.04 -23.96
C VAL A 38 5.34 36.30 -25.24
N GLY A 39 6.04 35.19 -25.46
CA GLY A 39 5.85 34.38 -26.63
C GLY A 39 6.75 34.73 -27.80
N GLN A 40 7.16 36.00 -27.90
CA GLN A 40 7.92 36.44 -29.06
C GLN A 40 9.36 35.92 -28.96
N TYR A 41 10.19 36.33 -29.91
CA TYR A 41 11.50 35.73 -30.12
C TYR A 41 12.59 36.78 -30.06
N LEU A 42 13.81 36.29 -29.82
CA LEU A 42 14.98 37.14 -29.67
C LEU A 42 16.19 36.44 -30.25
N LEU A 43 17.16 37.24 -30.67
CA LEU A 43 18.43 36.77 -31.18
C LEU A 43 19.55 37.19 -30.24
N VAL A 44 20.55 36.33 -30.09
CA VAL A 44 21.71 36.62 -29.28
C VAL A 44 22.95 36.18 -30.04
N ALA A 45 24.08 36.80 -29.70
CA ALA A 45 25.35 36.39 -30.26
C ALA A 45 25.99 35.34 -29.37
N SER A 46 26.79 34.48 -30.00
CA SER A 46 27.49 33.42 -29.28
C SER A 46 28.92 33.26 -29.75
N GLY A 47 29.49 34.27 -30.39
CA GLY A 47 30.85 34.22 -30.83
C GLY A 47 31.01 33.42 -32.10
N ASN A 48 31.92 33.87 -32.97
CA ASN A 48 32.27 33.15 -34.19
C ASN A 48 31.11 33.15 -35.19
N ASN A 49 30.45 34.29 -35.33
CA ASN A 49 29.51 34.54 -36.42
C ASN A 49 28.29 33.63 -36.35
N LEU A 50 27.88 33.24 -35.15
CA LEU A 50 26.70 32.42 -34.94
C LEU A 50 25.62 33.25 -34.28
N TYR A 51 24.46 32.62 -34.06
CA TYR A 51 23.37 33.33 -33.38
C TYR A 51 22.45 32.34 -32.69
N LEU A 52 22.26 32.54 -31.40
CA LEU A 52 21.30 31.77 -30.63
C LEU A 52 19.92 32.38 -30.79
N LEU A 53 18.90 31.53 -30.84
CA LEU A 53 17.51 31.97 -30.91
C LEU A 53 16.82 31.60 -29.61
N ALA A 54 16.06 32.54 -29.05
CA ALA A 54 15.47 32.34 -27.75
C ALA A 54 14.06 32.92 -27.72
N SER A 55 13.35 32.59 -26.66
CA SER A 55 11.99 33.01 -26.41
C SER A 55 11.96 33.88 -25.16
N ILE A 56 10.75 34.23 -24.72
CA ILE A 56 10.59 35.14 -23.60
C ILE A 56 9.62 34.55 -22.59
N THR A 57 9.87 34.85 -21.32
CA THR A 57 9.08 34.35 -20.21
C THR A 57 8.68 35.42 -19.21
N GLY A 58 9.35 36.56 -19.19
CA GLY A 58 9.04 37.59 -18.22
C GLY A 58 9.79 38.88 -18.42
N VAL A 59 9.14 39.98 -18.05
CA VAL A 59 9.64 41.33 -18.20
C VAL A 59 9.48 42.05 -16.87
N ARG A 60 10.33 43.05 -16.63
CA ARG A 60 10.23 43.79 -15.39
C ARG A 60 10.74 45.21 -15.58
N ALA A 61 10.31 46.08 -14.69
CA ALA A 61 10.76 47.46 -14.60
C ALA A 61 11.09 47.78 -13.16
N THR A 62 12.02 48.71 -12.98
CA THR A 62 12.52 49.06 -11.66
C THR A 62 12.89 50.53 -11.66
N HIS A 63 13.06 51.07 -10.46
CA HIS A 63 13.35 52.48 -10.27
C HIS A 63 14.85 52.73 -10.23
N VAL A 64 15.23 54.00 -10.16
CA VAL A 64 16.63 54.41 -10.11
C VAL A 64 16.73 55.53 -9.08
N GLU A 65 17.53 55.31 -8.04
CA GLU A 65 17.73 56.31 -6.99
C GLU A 65 18.95 57.14 -7.34
N ARG A 66 18.70 58.31 -7.96
CA ARG A 66 19.78 59.20 -8.35
C ARG A 66 20.44 59.84 -7.14
N GLY A 86 9.25 58.64 -14.27
CA GLY A 86 10.24 58.19 -13.31
C GLY A 86 11.41 57.48 -13.98
N ASN A 87 12.62 57.82 -13.55
CA ASN A 87 13.81 57.18 -14.09
C ASN A 87 13.73 55.68 -13.84
N PHE A 88 13.60 54.90 -14.91
CA PHE A 88 13.30 53.49 -14.82
C PHE A 88 14.38 52.68 -15.55
N ARG A 89 14.34 51.38 -15.32
CA ARG A 89 15.28 50.44 -15.92
C ARG A 89 14.61 49.08 -16.01
N PHE A 90 14.81 48.39 -17.13
CA PHE A 90 14.02 47.21 -17.44
C PHE A 90 14.89 45.96 -17.45
N GLN A 91 14.21 44.83 -17.48
CA GLN A 91 14.86 43.52 -17.43
C GLN A 91 14.01 42.50 -18.17
N ILE A 92 14.69 41.52 -18.76
CA ILE A 92 14.02 40.47 -19.50
C ILE A 92 14.62 39.13 -19.12
N ASP A 93 13.78 38.09 -19.18
CA ASP A 93 14.21 36.72 -18.96
C ASP A 93 13.86 35.89 -20.19
N THR A 94 14.79 35.00 -20.57
CA THR A 94 14.65 34.25 -21.80
C THR A 94 15.04 32.81 -21.59
N GLN A 95 14.54 31.97 -22.50
CA GLN A 95 14.72 30.53 -22.51
C GLN A 95 15.22 30.14 -23.89
N PRO A 96 16.28 29.32 -23.99
CA PRO A 96 16.87 29.05 -25.31
C PRO A 96 16.23 27.87 -26.01
N ILE A 97 16.38 27.85 -27.33
CA ILE A 97 15.80 26.81 -28.15
C ILE A 97 16.83 26.18 -29.09
N GLY A 98 17.44 27.02 -29.93
CA GLY A 98 18.25 26.50 -31.01
C GLY A 98 19.25 27.51 -31.53
N THR A 99 19.98 27.09 -32.55
CA THR A 99 21.08 27.86 -33.11
C THR A 99 20.80 28.18 -34.58
N LEU A 100 21.53 29.18 -35.05
CA LEU A 100 21.31 29.77 -36.37
C LEU A 100 22.68 30.16 -36.91
N SER A 101 23.01 29.63 -38.08
CA SER A 101 24.33 29.79 -38.66
C SER A 101 24.44 31.13 -39.38
N GLU A 102 25.58 31.33 -40.04
CA GLU A 102 25.83 32.58 -40.75
C GLU A 102 24.88 32.79 -41.93
N ASP A 103 24.50 31.71 -42.61
CA ASP A 103 23.71 31.81 -43.82
C ASP A 103 22.22 31.71 -43.57
N GLY A 104 21.81 31.50 -42.33
CA GLY A 104 20.40 31.40 -41.99
C GLY A 104 19.90 30.00 -41.76
N GLU A 105 20.78 29.00 -41.72
CA GLU A 105 20.37 27.65 -41.42
C GLU A 105 20.10 27.52 -39.92
N PHE A 106 19.14 26.66 -39.60
CA PHE A 106 18.64 26.51 -38.25
C PHE A 106 18.91 25.10 -37.76
N SER A 107 19.09 24.95 -36.45
CA SER A 107 19.39 23.63 -35.90
C SER A 107 19.03 23.61 -34.43
N ARG A 108 18.27 22.59 -34.03
CA ARG A 108 17.82 22.51 -32.65
C ARG A 108 19.01 22.35 -31.70
N GLY A 109 18.79 22.75 -30.46
CA GLY A 109 19.77 22.56 -29.41
C GLY A 109 21.02 23.39 -29.57
N SER A 110 21.71 23.61 -28.46
CA SER A 110 22.98 24.33 -28.47
C SER A 110 23.88 23.76 -27.39
N HIS A 111 25.18 24.01 -27.54
CA HIS A 111 26.16 23.63 -26.54
C HIS A 111 26.91 24.82 -25.97
N SER A 112 27.47 25.67 -26.83
CA SER A 112 28.26 26.82 -26.39
C SER A 112 27.32 28.00 -26.16
N LEU A 113 26.80 28.09 -24.94
CA LEU A 113 25.94 29.20 -24.56
C LEU A 113 26.75 30.49 -24.55
N PRO A 114 26.07 31.63 -24.52
CA PRO A 114 26.75 32.92 -24.51
C PRO A 114 27.07 33.39 -23.08
N VAL A 115 27.79 34.50 -23.01
CA VAL A 115 28.27 35.03 -21.74
C VAL A 115 28.02 36.52 -21.70
N PRO A 116 28.17 37.17 -20.54
CA PRO A 116 27.97 38.62 -20.47
C PRO A 116 28.78 39.41 -21.49
N THR A 117 28.38 40.65 -21.71
CA THR A 117 29.03 41.51 -22.69
C THR A 117 28.93 40.90 -24.10
N GLU A 118 27.72 40.48 -24.44
CA GLU A 118 27.44 39.90 -25.75
C GLU A 118 26.10 40.45 -26.22
N TYR A 119 26.14 41.23 -27.28
CA TYR A 119 24.99 42.02 -27.71
C TYR A 119 23.80 41.11 -28.04
N ALA A 120 22.62 41.70 -27.94
CA ALA A 120 21.38 41.07 -28.38
C ALA A 120 20.75 41.93 -29.46
N TYR A 121 19.77 41.36 -30.15
CA TYR A 121 19.13 42.02 -31.27
C TYR A 121 17.66 41.61 -31.31
N VAL A 122 16.95 42.13 -32.29
CA VAL A 122 15.53 41.85 -32.44
C VAL A 122 15.33 41.01 -33.71
N THR A 123 14.19 40.32 -33.76
CA THR A 123 13.92 39.37 -34.82
C THR A 123 13.09 40.04 -35.92
N PRO A 124 13.66 40.40 -37.06
CA PRO A 124 12.86 40.92 -38.16
C PRO A 124 12.12 39.80 -38.86
N PRO A 125 11.02 40.12 -39.57
CA PRO A 125 10.20 39.04 -40.14
C PRO A 125 10.88 38.26 -41.24
N ALA A 126 11.64 38.94 -42.12
CA ALA A 126 12.28 38.25 -43.23
C ALA A 126 12.95 36.97 -42.79
N VAL A 127 13.59 36.99 -41.61
CA VAL A 127 14.27 35.81 -41.11
C VAL A 127 13.28 34.69 -40.83
N LEU A 128 12.18 35.03 -40.17
CA LEU A 128 11.14 34.04 -39.89
C LEU A 128 10.59 33.45 -41.18
N GLU A 129 10.35 34.31 -42.17
CA GLU A 129 9.90 33.83 -43.47
C GLU A 129 10.88 32.83 -44.05
N GLY A 130 12.16 33.21 -44.11
CA GLY A 130 13.16 32.29 -44.60
C GLY A 130 13.13 30.96 -43.87
N ILE A 131 13.03 31.02 -42.54
CA ILE A 131 13.06 29.80 -41.74
C ILE A 131 11.89 28.90 -42.12
N PHE A 132 10.67 29.39 -41.93
CA PHE A 132 9.49 28.55 -42.08
C PHE A 132 9.07 28.33 -43.53
N SER A 133 9.75 28.90 -44.51
CA SER A 133 9.34 28.64 -45.88
C SER A 133 10.47 28.17 -46.80
N HIS A 134 11.66 28.75 -46.70
CA HIS A 134 12.73 28.50 -47.64
C HIS A 134 13.73 27.46 -47.12
N GLN A 135 13.34 26.68 -46.12
CA GLN A 135 14.24 25.73 -45.49
C GLN A 135 13.83 24.28 -45.70
N ILE A 136 12.56 24.02 -46.01
CA ILE A 136 12.03 22.68 -46.03
C ILE A 136 12.09 22.14 -47.46
N LYS A 137 11.97 20.82 -47.57
CA LYS A 137 12.20 20.09 -48.82
C LYS A 137 10.92 19.82 -49.60
N SER A 138 9.92 19.22 -48.95
CA SER A 138 8.62 18.92 -49.56
C SER A 138 7.57 19.75 -48.85
N PRO A 139 7.34 21.00 -49.25
CA PRO A 139 6.45 21.87 -48.49
C PRO A 139 5.00 21.43 -48.57
N PHE A 140 4.30 21.59 -47.45
CA PHE A 140 2.86 21.35 -47.38
C PHE A 140 2.28 22.48 -46.55
N ALA A 141 1.84 23.55 -47.22
CA ALA A 141 1.27 24.68 -46.53
C ALA A 141 0.13 24.22 -45.65
N LEU A 142 0.10 24.70 -44.41
CA LEU A 142 -0.90 24.28 -43.45
C LEU A 142 -1.79 25.40 -42.98
N GLY A 143 -1.21 26.48 -42.49
CA GLY A 143 -1.99 27.60 -41.99
C GLY A 143 -1.13 28.84 -41.85
N THR A 144 -1.34 29.59 -40.77
CA THR A 144 -0.50 30.74 -40.47
C THR A 144 -0.21 30.75 -38.98
N LEU A 145 0.81 31.51 -38.62
CA LEU A 145 1.27 31.56 -37.24
C LEU A 145 0.24 32.25 -36.36
N GLY A 146 0.50 32.22 -35.05
CA GLY A 146 -0.23 32.98 -34.07
C GLY A 146 0.55 34.18 -33.59
N ILE A 147 1.72 34.40 -34.17
CA ILE A 147 2.59 35.50 -33.79
C ILE A 147 2.76 36.52 -34.91
N SER A 148 2.42 36.14 -36.14
CA SER A 148 2.57 37.02 -37.30
C SER A 148 1.67 36.53 -38.43
N PRO A 149 0.35 36.75 -38.33
CA PRO A 149 -0.57 36.24 -39.35
C PRO A 149 -0.14 36.59 -40.77
N ASP A 150 0.74 37.59 -40.89
CA ASP A 150 1.31 37.94 -42.18
C ASP A 150 2.19 36.85 -42.77
N ILE A 151 2.44 35.78 -42.02
CA ILE A 151 3.38 34.74 -42.43
C ILE A 151 2.64 33.42 -42.54
N LYS A 152 3.16 32.54 -43.36
CA LYS A 152 2.59 31.22 -43.61
C LYS A 152 3.33 30.17 -42.78
N LEU A 153 2.83 28.94 -42.85
CA LEU A 153 3.39 27.84 -42.10
C LEU A 153 3.47 26.61 -43.00
N LYS A 154 4.64 25.98 -43.03
CA LYS A 154 4.90 24.89 -43.95
C LYS A 154 5.71 23.82 -43.25
N ILE A 155 5.50 22.58 -43.67
CA ILE A 155 6.15 21.40 -43.11
C ILE A 155 6.45 20.42 -44.23
N ASP A 156 7.05 19.30 -43.87
CA ASP A 156 7.39 18.25 -44.82
C ASP A 156 6.21 17.31 -44.97
N GLY A 157 5.78 17.10 -46.20
CA GLY A 157 4.62 16.26 -46.45
C GLY A 157 4.95 14.79 -46.33
N ASP A 158 6.00 14.36 -47.02
CA ASP A 158 6.39 12.95 -47.03
C ASP A 158 6.30 12.32 -45.65
N ARG A 159 7.02 12.89 -44.68
CA ARG A 159 7.00 12.35 -43.33
C ARG A 159 5.63 12.47 -42.68
N PHE A 160 4.76 13.33 -43.20
CA PHE A 160 3.46 13.57 -42.58
C PHE A 160 2.42 12.57 -43.04
N PHE A 161 2.33 12.32 -44.34
CA PHE A 161 1.33 11.43 -44.89
C PHE A 161 1.80 9.99 -44.99
N SER A 162 3.11 9.76 -45.00
CA SER A 162 3.67 8.41 -45.08
C SER A 162 3.59 7.65 -43.76
N LYS A 163 2.89 8.17 -42.76
CA LYS A 163 2.79 7.51 -41.47
C LYS A 163 1.40 7.77 -40.90
N HIS A 164 1.24 7.47 -39.61
CA HIS A 164 -0.06 7.52 -38.96
C HIS A 164 -0.18 8.80 -38.15
N VAL A 165 -1.37 9.38 -38.18
CA VAL A 165 -1.64 10.70 -37.60
C VAL A 165 -2.75 10.55 -36.56
N ALA A 166 -2.93 11.60 -35.78
CA ALA A 166 -4.03 11.67 -34.83
C ALA A 166 -4.51 13.11 -34.73
N VAL A 167 -5.78 13.28 -34.38
CA VAL A 167 -6.38 14.60 -34.24
C VAL A 167 -7.41 14.54 -33.12
N VAL A 168 -7.46 15.60 -32.33
CA VAL A 168 -8.35 15.69 -31.18
C VAL A 168 -8.82 17.13 -31.05
N GLY A 169 -9.66 17.36 -30.06
CA GLY A 169 -10.21 18.67 -29.79
C GLY A 169 -11.61 18.54 -29.23
N SER A 170 -11.97 19.47 -28.35
CA SER A 170 -13.29 19.49 -27.75
C SER A 170 -14.31 19.97 -28.78
N THR A 171 -15.55 20.13 -28.33
CA THR A 171 -16.63 20.50 -29.22
C THR A 171 -16.63 22.01 -29.47
N GLY A 172 -17.23 22.39 -30.59
CA GLY A 172 -17.32 23.80 -30.95
C GLY A 172 -15.98 24.47 -31.17
N SER A 173 -14.91 23.70 -31.33
CA SER A 173 -13.58 24.26 -31.54
C SER A 173 -13.22 24.42 -33.00
N GLY A 174 -13.83 23.63 -33.89
CA GLY A 174 -13.64 23.81 -35.32
C GLY A 174 -12.79 22.75 -35.97
N LYS A 175 -12.94 21.49 -35.52
CA LYS A 175 -12.14 20.41 -36.08
C LYS A 175 -12.51 20.15 -37.54
N SER A 176 -13.77 19.80 -37.78
CA SER A 176 -14.18 19.38 -39.12
C SER A 176 -13.75 20.37 -40.18
N CYS A 177 -13.84 21.66 -39.86
CA CYS A 177 -13.40 22.69 -40.80
C CYS A 177 -11.94 22.50 -41.17
N ALA A 178 -11.09 22.29 -40.17
CA ALA A 178 -9.66 22.13 -40.43
C ALA A 178 -9.38 20.83 -41.17
N VAL A 179 -10.06 19.75 -40.79
CA VAL A 179 -9.94 18.49 -41.52
C VAL A 179 -10.20 18.70 -43.01
N ALA A 180 -11.37 19.27 -43.32
CA ALA A 180 -11.73 19.51 -44.71
C ALA A 180 -10.71 20.40 -45.39
N LYS A 181 -10.21 21.41 -44.68
CA LYS A 181 -9.21 22.30 -45.25
C LYS A 181 -7.96 21.51 -45.63
N ILE A 182 -7.52 20.63 -44.73
CA ILE A 182 -6.33 19.81 -44.97
C ILE A 182 -6.53 18.98 -46.22
N LEU A 183 -7.68 18.32 -46.33
CA LEU A 183 -7.89 17.42 -47.45
C LEU A 183 -7.97 18.18 -48.76
N GLN A 184 -8.73 19.29 -48.78
CA GLN A 184 -8.76 20.14 -49.96
C GLN A 184 -7.35 20.52 -50.38
N THR A 185 -6.51 20.92 -49.43
CA THR A 185 -5.13 21.22 -49.76
C THR A 185 -4.41 20.00 -50.31
N ALA A 186 -4.77 18.82 -49.83
CA ALA A 186 -4.09 17.60 -50.24
C ALA A 186 -4.34 17.32 -51.72
N VAL A 187 -5.61 17.22 -52.11
CA VAL A 187 -5.93 16.85 -53.50
C VAL A 187 -5.22 17.78 -54.47
N GLY A 188 -5.11 19.06 -54.13
CA GLY A 188 -4.40 20.02 -54.96
C GLY A 188 -5.21 21.24 -55.29
N ILE A 189 -6.29 21.47 -54.55
CA ILE A 189 -7.10 22.66 -54.74
C ILE A 189 -6.28 23.90 -54.43
N LYS A 201 0.08 15.42 -58.87
CA LYS A 201 0.33 14.28 -57.98
C LYS A 201 -0.98 13.54 -57.68
N ASN A 202 -0.87 12.26 -57.37
CA ASN A 202 -2.00 11.37 -57.18
C ASN A 202 -2.11 10.95 -55.72
N SER A 203 -3.32 10.59 -55.32
CA SER A 203 -3.59 10.12 -53.97
C SER A 203 -5.03 9.62 -53.92
N HIS A 204 -5.29 8.72 -52.99
CA HIS A 204 -6.60 8.09 -52.87
C HIS A 204 -7.05 8.11 -51.41
N ILE A 205 -8.34 8.34 -51.21
CA ILE A 205 -8.87 8.65 -49.89
C ILE A 205 -10.21 7.96 -49.68
N VAL A 206 -10.41 7.49 -48.45
CA VAL A 206 -11.67 6.86 -48.05
C VAL A 206 -12.03 7.39 -46.67
N ILE A 207 -13.33 7.64 -46.46
CA ILE A 207 -13.79 8.29 -45.24
C ILE A 207 -14.92 7.47 -44.64
N PHE A 208 -15.06 7.55 -43.32
CA PHE A 208 -16.23 7.02 -42.62
C PHE A 208 -16.96 8.19 -41.98
N ASP A 209 -18.06 8.64 -42.60
CA ASP A 209 -18.87 9.71 -42.04
C ASP A 209 -20.04 9.10 -41.27
N ILE A 210 -20.54 9.86 -40.30
CA ILE A 210 -21.70 9.46 -39.52
C ILE A 210 -22.77 10.54 -39.62
N HIS A 211 -22.42 11.74 -39.17
CA HIS A 211 -23.34 12.86 -39.14
C HIS A 211 -23.55 13.51 -40.50
N ALA A 212 -22.90 12.99 -41.55
CA ALA A 212 -23.14 13.44 -42.92
C ALA A 212 -22.86 14.93 -43.07
N GLU A 213 -21.60 15.28 -42.88
CA GLU A 213 -21.13 16.66 -42.91
C GLU A 213 -20.24 16.97 -44.10
N TYR A 214 -19.39 16.03 -44.51
CA TYR A 214 -18.36 16.28 -45.49
C TYR A 214 -18.87 16.21 -46.93
N ALA A 215 -20.11 15.78 -47.15
CA ALA A 215 -20.61 15.60 -48.50
C ALA A 215 -20.56 16.89 -49.30
N ALA A 216 -20.62 18.04 -48.64
CA ALA A 216 -20.69 19.32 -49.34
C ALA A 216 -19.32 19.88 -49.67
N ALA A 217 -18.34 19.72 -48.79
CA ALA A 217 -17.06 20.40 -48.96
C ALA A 217 -16.47 20.15 -50.33
N PHE A 218 -16.60 18.92 -50.83
CA PHE A 218 -16.09 18.55 -52.15
C PHE A 218 -17.16 18.63 -53.22
N ASN A 219 -18.39 18.99 -52.87
CA ASN A 219 -19.49 19.06 -53.83
C ASN A 219 -19.31 20.31 -54.69
N LEU A 220 -18.32 20.25 -55.56
CA LEU A 220 -17.99 21.33 -56.48
C LEU A 220 -17.21 20.72 -57.63
N GLU A 221 -16.56 21.57 -58.43
CA GLU A 221 -15.83 21.10 -59.60
C GLU A 221 -14.98 19.88 -59.27
N ALA A 222 -14.89 18.96 -60.23
CA ALA A 222 -14.15 17.72 -60.05
C ALA A 222 -13.32 17.43 -61.30
N GLY A 223 -12.64 18.44 -61.81
CA GLY A 223 -11.93 18.31 -63.07
C GLY A 223 -10.44 18.09 -62.92
N GLU A 224 -9.83 18.65 -61.89
CA GLU A 224 -8.38 18.57 -61.73
C GLU A 224 -7.95 17.18 -61.30
N ALA A 225 -8.05 16.21 -62.21
CA ALA A 225 -7.71 14.82 -61.93
C ALA A 225 -8.30 14.40 -60.58
N PHE A 226 -9.63 14.45 -60.52
CA PHE A 226 -10.33 14.44 -59.24
C PHE A 226 -11.69 13.82 -59.48
N THR A 227 -12.02 12.76 -58.73
CA THR A 227 -13.26 12.03 -58.99
C THR A 227 -13.97 11.71 -57.68
N LEU A 228 -15.27 11.99 -57.65
CA LEU A 228 -16.09 11.80 -56.46
C LEU A 228 -16.94 10.55 -56.61
N ASN A 229 -17.04 9.78 -55.52
CA ASN A 229 -17.76 8.51 -55.41
C ASN A 229 -18.60 8.46 -54.14
N LEU A 230 -19.38 9.51 -53.89
CA LEU A 230 -20.21 9.56 -52.70
C LEU A 230 -21.25 8.45 -52.73
N LEU A 231 -20.99 7.42 -51.93
CA LEU A 231 -21.89 6.30 -51.85
C LEU A 231 -23.17 6.71 -51.15
N GLY A 232 -24.24 6.01 -51.49
CA GLY A 232 -25.49 6.11 -50.77
C GLY A 232 -26.00 4.73 -50.42
N VAL A 233 -26.66 4.64 -49.27
CA VAL A 233 -27.15 3.34 -48.84
C VAL A 233 -28.00 2.74 -49.95
N ASP A 234 -28.75 3.59 -50.64
CA ASP A 234 -29.60 3.11 -51.72
C ASP A 234 -28.75 2.48 -52.83
N ASN A 235 -27.60 3.08 -53.14
CA ASN A 235 -26.72 2.62 -54.21
C ASN A 235 -25.55 1.77 -53.73
N LEU A 236 -25.49 1.44 -52.44
CA LEU A 236 -24.38 0.67 -51.91
C LEU A 236 -24.45 -0.75 -52.46
N ARG A 237 -23.28 -1.40 -52.62
CA ARG A 237 -23.20 -2.76 -53.15
C ARG A 237 -22.26 -3.54 -52.25
N LEU A 238 -22.73 -3.94 -51.07
CA LEU A 238 -21.90 -4.67 -50.11
C LEU A 238 -22.58 -5.97 -49.71
N PRO A 239 -22.34 -7.07 -50.44
CA PRO A 239 -23.10 -8.30 -50.15
C PRO A 239 -22.66 -9.01 -48.88
N TYR A 240 -23.27 -10.16 -48.59
CA TYR A 240 -23.01 -10.90 -47.37
C TYR A 240 -21.97 -12.01 -47.51
N TRP A 241 -21.71 -12.47 -48.73
CA TRP A 241 -20.87 -13.66 -48.95
C TRP A 241 -19.40 -13.32 -49.12
N LEU A 242 -18.97 -12.21 -48.54
CA LEU A 242 -17.55 -11.86 -48.48
C LEU A 242 -17.00 -11.99 -47.06
N MET A 243 -17.80 -12.46 -46.12
CA MET A 243 -17.46 -12.49 -44.71
C MET A 243 -16.56 -13.69 -44.39
N ASN A 244 -16.11 -13.73 -43.14
CA ASN A 244 -15.61 -14.91 -42.49
C ASN A 244 -16.75 -15.52 -41.65
N ALA A 245 -16.41 -16.51 -40.82
CA ALA A 245 -17.43 -17.14 -39.99
C ALA A 245 -17.93 -16.20 -38.91
N GLN A 246 -17.00 -15.63 -38.13
CA GLN A 246 -17.37 -14.83 -36.96
C GLN A 246 -18.45 -13.82 -37.29
N GLU A 247 -18.30 -13.11 -38.42
CA GLU A 247 -19.26 -12.08 -38.78
C GLU A 247 -20.65 -12.68 -38.98
N LEU A 248 -20.73 -13.81 -39.69
CA LEU A 248 -22.01 -14.46 -39.91
C LEU A 248 -22.62 -14.89 -38.59
N GLU A 249 -21.83 -15.56 -37.74
CA GLU A 249 -22.35 -16.03 -36.46
C GLU A 249 -22.87 -14.88 -35.63
N GLN A 250 -22.23 -13.71 -35.74
CA GLN A 250 -22.68 -12.57 -34.96
C GLN A 250 -23.94 -11.95 -35.54
N ILE A 251 -23.99 -11.81 -36.87
CA ILE A 251 -25.14 -11.20 -37.51
C ILE A 251 -26.40 -12.04 -37.29
N PHE A 252 -26.37 -13.27 -37.80
CA PHE A 252 -27.60 -14.05 -37.85
C PHE A 252 -27.96 -14.69 -36.51
N ILE A 253 -27.03 -14.73 -35.55
CA ILE A 253 -27.23 -15.49 -34.33
C ILE A 253 -26.62 -14.74 -33.16
N GLU A 254 -27.18 -14.98 -31.98
CA GLU A 254 -26.67 -14.48 -30.72
C GLU A 254 -26.12 -15.65 -29.92
N SER A 255 -24.85 -15.57 -29.54
CA SER A 255 -24.16 -16.70 -28.93
C SER A 255 -24.72 -17.05 -27.56
N ASN A 256 -25.66 -16.27 -27.03
CA ASN A 256 -26.33 -16.59 -25.77
C ASN A 256 -27.24 -17.81 -25.88
N GLU A 257 -27.35 -18.43 -27.04
CA GLU A 257 -28.24 -19.58 -27.21
C GLU A 257 -27.79 -20.75 -26.35
N HIS A 258 -28.74 -21.64 -26.07
CA HIS A 258 -28.50 -22.80 -25.25
C HIS A 258 -27.95 -23.96 -26.08
N ASN A 259 -28.66 -24.32 -27.15
CA ASN A 259 -28.28 -25.39 -28.06
C ASN A 259 -27.47 -24.88 -29.25
N SER A 260 -26.69 -23.82 -29.06
CA SER A 260 -25.92 -23.22 -30.14
C SER A 260 -25.23 -24.27 -30.99
N HIS A 261 -24.75 -25.33 -30.35
CA HIS A 261 -23.90 -26.30 -31.04
C HIS A 261 -24.61 -26.93 -32.23
N ASN A 262 -25.72 -27.63 -31.97
CA ASN A 262 -26.40 -28.36 -33.03
C ASN A 262 -26.96 -27.41 -34.08
N GLN A 263 -27.62 -26.33 -33.64
CA GLN A 263 -28.17 -25.36 -34.57
C GLN A 263 -27.11 -24.86 -35.52
N ILE A 264 -26.01 -24.34 -34.98
CA ILE A 264 -24.91 -23.85 -35.79
C ILE A 264 -24.36 -24.94 -36.68
N SER A 265 -24.35 -26.19 -36.20
CA SER A 265 -23.83 -27.28 -37.01
C SER A 265 -24.66 -27.45 -38.27
N GLN A 266 -25.99 -27.52 -38.13
CA GLN A 266 -26.84 -27.65 -39.31
C GLN A 266 -26.73 -26.41 -40.18
N PHE A 267 -26.62 -25.24 -39.56
CA PHE A 267 -26.47 -24.00 -40.32
C PHE A 267 -25.24 -24.05 -41.22
N ARG A 268 -24.09 -24.40 -40.64
CA ARG A 268 -22.85 -24.49 -41.41
C ARG A 268 -22.95 -25.55 -42.49
N HIS A 269 -23.49 -26.71 -42.15
CA HIS A 269 -23.63 -27.78 -43.14
C HIS A 269 -24.42 -27.29 -44.34
N ALA A 270 -25.57 -26.68 -44.08
CA ALA A 270 -26.40 -26.16 -45.17
C ALA A 270 -25.66 -25.12 -45.98
N VAL A 271 -24.98 -24.19 -45.31
CA VAL A 271 -24.20 -23.18 -46.01
C VAL A 271 -23.25 -23.83 -47.00
N VAL A 272 -22.45 -24.79 -46.52
CA VAL A 272 -21.44 -25.40 -47.36
C VAL A 272 -22.09 -26.17 -48.51
N ARG A 273 -23.19 -26.86 -48.22
CA ARG A 273 -23.88 -27.59 -49.27
C ARG A 273 -24.35 -26.65 -50.36
N ASN A 274 -24.92 -25.51 -49.99
CA ASN A 274 -25.42 -24.58 -50.99
C ASN A 274 -24.27 -23.94 -51.77
N LYS A 275 -23.16 -23.68 -51.08
CA LYS A 275 -21.97 -23.20 -51.78
C LYS A 275 -21.56 -24.18 -52.87
N CYS A 276 -21.45 -25.46 -52.51
CA CYS A 276 -21.16 -26.48 -53.52
C CYS A 276 -22.20 -26.46 -54.62
N LYS A 277 -23.46 -26.22 -54.25
CA LYS A 277 -24.54 -26.27 -55.23
C LYS A 277 -24.35 -25.20 -56.31
N HIS A 278 -24.35 -23.92 -55.90
CA HIS A 278 -24.18 -22.87 -56.91
C HIS A 278 -22.75 -22.79 -57.42
N ASN A 279 -21.79 -23.28 -56.65
CA ASN A 279 -20.37 -23.24 -57.02
C ASN A 279 -19.81 -24.64 -56.92
N PRO A 280 -20.24 -25.55 -57.81
CA PRO A 280 -19.76 -26.93 -57.76
C PRO A 280 -18.44 -27.15 -58.45
N THR A 281 -18.06 -26.26 -59.37
CA THR A 281 -16.86 -26.44 -60.18
C THR A 281 -15.58 -26.15 -59.43
N LEU A 282 -15.63 -26.00 -58.12
CA LEU A 282 -14.46 -25.68 -57.32
C LEU A 282 -14.27 -26.74 -56.24
N THR A 283 -13.29 -26.51 -55.37
CA THR A 283 -12.86 -27.50 -54.39
C THR A 283 -12.63 -26.83 -53.05
N ASN A 284 -12.61 -27.64 -51.99
CA ASN A 284 -12.29 -27.18 -50.64
C ASN A 284 -13.23 -26.06 -50.21
N LEU A 285 -14.51 -26.38 -50.19
CA LEU A 285 -15.55 -25.44 -49.79
C LEU A 285 -15.80 -25.57 -48.30
N SER A 286 -15.51 -24.49 -47.55
CA SER A 286 -15.66 -24.46 -46.12
C SER A 286 -16.75 -23.46 -45.73
N PHE A 287 -16.89 -23.23 -44.44
CA PHE A 287 -17.83 -22.26 -43.90
C PHE A 287 -17.31 -20.83 -43.99
N ASP A 288 -16.20 -20.61 -44.69
CA ASP A 288 -15.55 -19.31 -44.73
C ASP A 288 -15.17 -18.83 -46.12
N THR A 289 -15.24 -19.67 -47.14
CA THR A 289 -14.75 -19.28 -48.44
C THR A 289 -15.64 -18.18 -49.03
N PRO A 290 -15.06 -17.09 -49.55
CA PRO A 290 -15.87 -15.97 -50.07
C PRO A 290 -16.39 -16.19 -51.50
N VAL A 291 -17.52 -16.89 -51.61
CA VAL A 291 -18.17 -17.12 -52.89
C VAL A 291 -19.67 -17.13 -52.68
N TYR A 292 -20.41 -17.22 -53.79
CA TYR A 292 -21.85 -17.01 -53.75
C TYR A 292 -22.58 -18.16 -53.07
N PHE A 293 -23.70 -17.83 -52.44
CA PHE A 293 -24.66 -18.79 -51.93
C PHE A 293 -25.92 -18.05 -51.52
N SER A 294 -27.07 -18.65 -51.79
CA SER A 294 -28.33 -18.01 -51.44
C SER A 294 -28.51 -17.99 -49.93
N ILE A 295 -29.56 -17.29 -49.50
CA ILE A 295 -29.84 -17.12 -48.08
C ILE A 295 -31.31 -17.37 -47.82
N ASP A 296 -31.99 -17.98 -48.79
CA ASP A 296 -33.40 -18.34 -48.64
C ASP A 296 -33.65 -19.81 -48.87
N GLU A 297 -32.94 -20.44 -49.82
CA GLU A 297 -32.92 -21.89 -49.87
C GLU A 297 -32.54 -22.46 -48.51
N VAL A 298 -31.61 -21.79 -47.83
CA VAL A 298 -31.17 -22.24 -46.51
C VAL A 298 -32.28 -22.11 -45.49
N VAL A 299 -33.01 -20.99 -45.53
CA VAL A 299 -34.09 -20.79 -44.58
C VAL A 299 -35.19 -21.82 -44.82
N THR A 300 -35.46 -22.13 -46.08
CA THR A 300 -36.43 -23.18 -46.39
C THR A 300 -35.94 -24.53 -45.87
N TYR A 301 -34.63 -24.80 -46.03
CA TYR A 301 -34.05 -26.02 -45.49
C TYR A 301 -34.32 -26.13 -43.99
N LEU A 302 -33.98 -25.06 -43.26
CA LEU A 302 -34.17 -25.07 -41.81
C LEU A 302 -35.64 -25.14 -41.45
N GLU A 303 -36.52 -24.61 -42.30
CA GLU A 303 -37.95 -24.72 -42.03
C GLU A 303 -38.41 -26.16 -42.15
N ASN A 304 -37.99 -26.85 -43.22
CA ASN A 304 -38.23 -28.28 -43.32
C ASN A 304 -37.75 -28.98 -42.06
N MET A 305 -36.51 -28.72 -41.66
CA MET A 305 -35.94 -29.43 -40.52
C MET A 305 -36.68 -29.11 -39.22
N ASN A 306 -37.20 -27.89 -39.08
CA ASN A 306 -37.93 -27.53 -37.87
C ASN A 306 -39.33 -28.12 -37.86
N ASN A 307 -39.95 -28.27 -39.02
CA ASN A 307 -41.19 -29.01 -39.15
C ASN A 307 -40.94 -30.46 -39.54
N GLU A 308 -39.67 -30.84 -39.76
CA GLU A 308 -39.33 -32.21 -40.08
C GLU A 308 -39.88 -33.16 -39.03
N VAL A 309 -40.54 -34.21 -39.51
CA VAL A 309 -41.09 -35.27 -38.67
C VAL A 309 -40.67 -36.59 -39.29
N ILE A 310 -39.85 -37.34 -38.57
CA ILE A 310 -39.26 -38.57 -39.10
C ILE A 310 -40.13 -39.75 -38.73
N GLY A 311 -40.21 -40.72 -39.63
CA GLY A 311 -41.03 -41.89 -39.41
C GLY A 311 -40.34 -42.93 -38.53
N LYS A 312 -41.16 -43.66 -37.79
CA LYS A 312 -40.69 -44.71 -36.89
C LYS A 312 -41.50 -45.98 -37.09
N LEU A 313 -41.75 -46.33 -38.35
CA LEU A 313 -42.49 -47.53 -38.72
C LEU A 313 -41.53 -48.53 -39.35
N ALA A 314 -42.06 -49.74 -39.59
CA ALA A 314 -41.26 -50.78 -40.20
C ALA A 314 -40.75 -50.30 -41.55
N GLY A 315 -39.43 -50.11 -41.66
CA GLY A 315 -38.85 -49.62 -42.89
C GLY A 315 -39.13 -48.16 -43.18
N GLU A 316 -39.31 -47.34 -42.14
CA GLU A 316 -39.63 -45.93 -42.33
C GLU A 316 -38.78 -45.02 -41.45
N GLY A 317 -37.59 -45.46 -41.04
CA GLY A 317 -36.70 -44.65 -40.22
C GLY A 317 -35.99 -43.55 -40.97
N LYS A 318 -36.74 -42.58 -41.48
CA LYS A 318 -36.20 -41.48 -42.27
C LYS A 318 -37.15 -40.31 -42.19
N PRO A 319 -36.69 -39.09 -42.48
CA PRO A 319 -37.59 -37.93 -42.47
C PRO A 319 -38.78 -38.16 -43.38
N LYS A 320 -39.98 -38.15 -42.80
CA LYS A 320 -41.21 -38.52 -43.49
C LYS A 320 -42.05 -37.30 -43.82
N LEU A 321 -42.56 -37.26 -45.04
CA LEU A 321 -43.47 -36.22 -45.52
C LEU A 321 -44.91 -36.73 -45.53
N ALA A 322 -45.83 -35.80 -45.80
CA ALA A 322 -47.23 -36.15 -46.00
C ALA A 322 -47.42 -37.17 -47.11
N ASN A 323 -46.48 -37.24 -48.06
CA ASN A 323 -46.56 -38.18 -49.17
C ASN A 323 -46.18 -39.60 -48.77
N GLU A 324 -45.89 -39.82 -47.49
CA GLU A 324 -45.35 -41.08 -47.00
C GLU A 324 -44.18 -41.50 -47.88
N THR A 325 -43.22 -40.59 -48.03
CA THR A 325 -42.00 -40.85 -48.76
C THR A 325 -40.86 -40.21 -48.01
N LEU A 326 -39.75 -40.93 -47.92
CA LEU A 326 -38.67 -40.61 -47.01
C LEU A 326 -37.57 -39.83 -47.72
N VAL A 327 -37.12 -38.77 -47.07
CA VAL A 327 -36.07 -37.88 -47.58
C VAL A 327 -34.74 -38.62 -47.56
N SER A 328 -34.22 -38.96 -48.74
CA SER A 328 -32.89 -39.56 -48.82
C SER A 328 -31.80 -38.51 -48.59
N ASP A 329 -31.84 -37.41 -49.34
CA ASP A 329 -30.87 -36.33 -49.22
C ASP A 329 -31.63 -35.06 -48.85
N ARG A 330 -31.64 -34.73 -47.56
CA ARG A 330 -32.29 -33.50 -47.13
C ARG A 330 -31.66 -32.30 -47.81
N ASP A 331 -30.36 -32.37 -48.11
CA ASP A 331 -29.67 -31.28 -48.79
C ASP A 331 -30.09 -31.16 -50.25
N GLU A 332 -30.90 -32.10 -50.76
CA GLU A 332 -31.41 -32.03 -52.12
C GLU A 332 -32.92 -31.79 -52.17
N LEU A 333 -33.61 -31.83 -51.02
CA LEU A 333 -35.03 -31.54 -50.95
C LEU A 333 -35.34 -30.35 -50.06
N TYR A 334 -34.73 -30.30 -48.87
CA TYR A 334 -35.12 -29.28 -47.90
C TYR A 334 -34.77 -27.89 -48.38
N PHE A 335 -33.69 -27.74 -49.15
CA PHE A 335 -33.37 -26.45 -49.74
C PHE A 335 -34.39 -26.03 -50.79
N ASP A 336 -34.78 -26.96 -51.68
CA ASP A 336 -35.57 -26.60 -52.84
C ASP A 336 -36.86 -25.92 -52.42
N ALA A 337 -37.64 -26.55 -51.54
CA ALA A 337 -38.88 -25.95 -51.07
C ALA A 337 -39.24 -26.56 -49.73
N VAL A 338 -40.09 -25.86 -48.99
CA VAL A 338 -40.53 -26.32 -47.69
C VAL A 338 -41.59 -27.39 -47.88
N GLN A 339 -41.50 -28.45 -47.10
CA GLN A 339 -42.42 -29.59 -47.19
C GLN A 339 -43.09 -29.85 -45.86
N SER A 340 -44.29 -30.41 -45.92
CA SER A 340 -45.04 -30.77 -44.73
C SER A 340 -44.72 -32.20 -44.33
N PHE A 341 -44.60 -32.42 -43.03
CA PHE A 341 -44.27 -33.72 -42.46
C PHE A 341 -45.45 -34.21 -41.62
N ILE A 342 -45.72 -35.52 -41.68
CA ILE A 342 -46.89 -36.08 -41.03
C ILE A 342 -46.80 -35.87 -39.52
N VAL A 343 -47.91 -36.12 -38.83
CA VAL A 343 -47.94 -35.96 -37.38
C VAL A 343 -46.86 -36.81 -36.74
N ALA A 344 -46.14 -36.22 -35.77
CA ALA A 344 -45.16 -36.95 -34.98
C ALA A 344 -45.91 -37.80 -33.95
N SER A 345 -46.63 -38.79 -34.48
CA SER A 345 -47.54 -39.59 -33.67
C SER A 345 -46.85 -40.85 -33.16
N GLN A 346 -47.18 -41.22 -31.92
CA GLN A 346 -46.70 -42.45 -31.32
C GLN A 346 -47.56 -43.65 -31.69
N ALA A 347 -48.75 -43.42 -32.23
CA ALA A 347 -49.67 -44.51 -32.52
C ALA A 347 -48.98 -45.60 -33.35
N ALA A 348 -49.42 -46.83 -33.15
CA ALA A 348 -48.86 -47.97 -33.89
C ALA A 348 -48.93 -47.74 -35.39
N ALA A 349 -50.07 -47.27 -35.89
CA ALA A 349 -50.20 -47.01 -37.32
C ALA A 349 -49.31 -45.86 -37.76
N THR A 350 -49.53 -44.67 -37.19
CA THR A 350 -48.75 -43.48 -37.54
C THR A 350 -47.59 -43.32 -36.56
N LYS A 351 -46.70 -44.31 -36.56
CA LYS A 351 -45.61 -44.39 -35.61
C LYS A 351 -44.48 -43.49 -36.10
N ALA A 352 -44.57 -42.19 -35.77
CA ALA A 352 -43.57 -41.23 -36.18
C ALA A 352 -43.28 -40.25 -35.04
N SER A 353 -42.12 -39.60 -35.13
CA SER A 353 -41.65 -38.70 -34.09
C SER A 353 -41.20 -37.39 -34.72
N ASN A 354 -41.10 -36.36 -33.88
CA ASN A 354 -40.61 -35.06 -34.32
C ASN A 354 -39.19 -35.19 -34.86
N GLY A 355 -38.87 -34.39 -35.86
CA GLY A 355 -37.57 -34.39 -36.47
C GLY A 355 -36.46 -34.17 -35.44
N PRO A 356 -35.23 -34.47 -35.84
CA PRO A 356 -34.10 -34.30 -34.89
C PRO A 356 -33.92 -32.88 -34.39
N PHE A 357 -34.40 -31.89 -35.14
CA PHE A 357 -34.32 -30.48 -34.73
C PHE A 357 -35.67 -29.80 -34.88
N ASN A 358 -36.75 -30.57 -34.74
CA ASN A 358 -38.09 -30.06 -34.97
C ASN A 358 -38.54 -29.15 -33.84
N GLY A 359 -39.15 -28.03 -34.20
CA GLY A 359 -39.74 -27.13 -33.22
C GLY A 359 -38.73 -26.37 -32.40
N GLU A 360 -37.53 -26.13 -32.93
CA GLU A 360 -36.49 -25.43 -32.19
C GLU A 360 -35.96 -24.24 -32.96
N PHE A 361 -35.95 -24.34 -34.29
CA PHE A 361 -35.48 -23.22 -35.12
C PHE A 361 -36.45 -22.05 -35.12
N ASP A 362 -37.57 -22.14 -34.39
CA ASP A 362 -38.57 -21.08 -34.38
C ASP A 362 -37.93 -19.71 -34.14
N ARG A 363 -37.19 -19.58 -33.05
CA ARG A 363 -36.59 -18.29 -32.73
C ARG A 363 -35.61 -17.85 -33.81
N MET A 364 -34.75 -18.76 -34.25
CA MET A 364 -33.77 -18.42 -35.27
C MET A 364 -34.45 -18.07 -36.59
N ILE A 365 -35.43 -18.88 -37.01
CA ILE A 365 -36.18 -18.60 -38.22
C ILE A 365 -36.82 -17.23 -38.15
N LEU A 366 -37.42 -16.92 -37.00
CA LEU A 366 -38.11 -15.63 -36.83
C LEU A 366 -37.12 -14.48 -36.90
N ARG A 367 -35.97 -14.61 -36.23
CA ARG A 367 -34.96 -13.57 -36.28
C ARG A 367 -34.49 -13.34 -37.71
N LEU A 368 -34.26 -14.42 -38.45
CA LEU A 368 -33.83 -14.29 -39.84
C LEU A 368 -34.88 -13.55 -40.66
N HIS A 369 -36.14 -13.99 -40.57
CA HIS A 369 -37.20 -13.33 -41.31
C HIS A 369 -37.28 -11.85 -40.96
N THR A 370 -37.26 -11.54 -39.66
CA THR A 370 -37.27 -10.16 -39.21
C THR A 370 -36.17 -9.35 -39.87
N ARG A 371 -34.91 -9.76 -39.66
CA ARG A 371 -33.81 -8.97 -40.17
C ARG A 371 -33.87 -8.82 -41.69
N LEU A 372 -34.30 -9.88 -42.38
CA LEU A 372 -34.49 -9.78 -43.83
C LEU A 372 -35.55 -8.75 -44.17
N ALA A 373 -36.51 -8.53 -43.28
CA ALA A 373 -37.58 -7.58 -43.54
C ALA A 373 -37.06 -6.14 -43.58
N ASP A 374 -36.10 -5.81 -42.72
CA ASP A 374 -35.63 -4.44 -42.57
C ASP A 374 -35.26 -3.85 -43.93
N PRO A 375 -35.85 -2.71 -44.32
CA PRO A 375 -35.48 -2.11 -45.61
C PRO A 375 -34.05 -1.61 -45.63
N ARG A 376 -33.70 -0.83 -44.60
CA ARG A 376 -32.38 -0.21 -44.50
C ARG A 376 -31.30 -1.22 -44.84
N LEU A 377 -31.50 -2.46 -44.41
CA LEU A 377 -30.52 -3.53 -44.61
C LEU A 377 -30.79 -4.30 -45.89
N GLN A 378 -30.92 -3.59 -47.00
CA GLN A 378 -31.12 -4.21 -48.30
C GLN A 378 -29.85 -4.28 -49.13
N PHE A 379 -29.12 -3.15 -49.22
CA PHE A 379 -27.82 -3.14 -49.87
C PHE A 379 -26.94 -4.29 -49.38
N LEU A 380 -27.19 -4.75 -48.17
CA LEU A 380 -26.52 -5.92 -47.63
C LEU A 380 -27.16 -7.22 -48.14
N PHE A 381 -28.45 -7.40 -47.89
CA PHE A 381 -29.10 -8.68 -48.15
C PHE A 381 -29.45 -8.87 -49.62
N TYR A 382 -30.13 -7.89 -50.23
CA TYR A 382 -30.46 -7.97 -51.65
C TYR A 382 -29.76 -6.91 -52.49
N PRO A 383 -28.43 -6.97 -52.61
CA PRO A 383 -27.72 -6.04 -53.50
C PRO A 383 -27.97 -6.35 -54.96
N LYS A 384 -28.37 -5.32 -55.71
CA LYS A 384 -28.64 -5.41 -57.14
C LYS A 384 -27.81 -4.37 -57.87
N LYS A 385 -27.45 -4.67 -59.12
CA LYS A 385 -26.66 -3.77 -59.93
C LYS A 385 -27.57 -2.87 -60.76
N GLU A 386 -27.04 -2.28 -61.84
CA GLU A 386 -27.87 -1.48 -62.73
C GLU A 386 -28.97 -2.33 -63.35
N ASP A 387 -28.68 -3.59 -63.62
CA ASP A 387 -29.66 -4.51 -64.19
C ASP A 387 -30.79 -4.78 -63.21
N GLY A 388 -30.55 -4.57 -61.92
CA GLY A 388 -31.52 -4.86 -60.90
C GLY A 388 -31.61 -6.32 -60.55
N GLU A 389 -30.48 -7.04 -60.67
CA GLU A 389 -30.41 -8.46 -60.38
C GLU A 389 -29.24 -8.71 -59.45
N ASP A 390 -29.33 -9.81 -58.70
CA ASP A 390 -28.30 -10.14 -57.73
C ASP A 390 -26.95 -10.36 -58.42
N LEU A 391 -25.88 -10.16 -57.67
CA LEU A 391 -24.54 -10.27 -58.21
C LEU A 391 -24.09 -11.73 -58.16
N ALA A 392 -23.15 -12.06 -59.03
CA ALA A 392 -22.53 -13.38 -59.06
C ALA A 392 -21.09 -13.30 -58.58
N THR A 393 -20.50 -14.48 -58.39
CA THR A 393 -19.15 -14.56 -57.83
C THR A 393 -18.14 -13.81 -58.66
N GLY A 394 -18.43 -13.59 -59.94
CA GLY A 394 -17.51 -12.92 -60.84
C GLY A 394 -17.55 -11.42 -60.80
N ASP A 395 -18.41 -10.83 -59.98
CA ASP A 395 -18.57 -9.38 -59.90
C ASP A 395 -17.68 -8.77 -58.83
N PHE A 396 -16.67 -9.50 -58.37
CA PHE A 396 -15.84 -9.03 -57.27
C PHE A 396 -15.17 -7.71 -57.60
N ALA A 397 -14.34 -7.70 -58.65
CA ALA A 397 -13.54 -6.54 -58.98
C ALA A 397 -14.35 -5.24 -58.91
N ASP A 398 -15.56 -5.26 -59.47
CA ASP A 398 -16.37 -4.05 -59.48
C ASP A 398 -16.68 -3.58 -58.06
N VAL A 399 -16.90 -4.53 -57.15
CA VAL A 399 -17.17 -4.16 -55.76
C VAL A 399 -16.03 -3.34 -55.18
N VAL A 400 -14.80 -3.65 -55.59
CA VAL A 400 -13.64 -2.96 -55.04
C VAL A 400 -13.53 -1.56 -55.62
N ARG A 401 -13.53 -1.45 -56.96
CA ARG A 401 -13.50 -0.16 -57.62
C ARG A 401 -14.48 0.81 -56.97
N GLN A 402 -15.56 0.25 -56.42
CA GLN A 402 -16.56 1.05 -55.71
C GLN A 402 -15.94 1.96 -54.66
N PHE A 403 -14.79 1.58 -54.11
CA PHE A 403 -14.14 2.36 -53.06
C PHE A 403 -12.94 3.14 -53.57
N VAL A 404 -12.55 2.96 -54.83
CA VAL A 404 -11.29 3.49 -55.32
C VAL A 404 -11.50 4.42 -56.50
N GLY A 405 -12.13 3.92 -57.55
CA GLY A 405 -12.08 4.60 -58.84
C GLY A 405 -11.12 3.87 -59.75
N TYR A 406 -9.91 4.39 -59.93
CA TYR A 406 -8.88 3.66 -60.63
C TYR A 406 -7.53 4.27 -60.30
N MET A 407 -6.49 3.75 -60.97
CA MET A 407 -5.13 3.88 -60.45
C MET A 407 -4.63 5.32 -60.51
N THR A 408 -4.54 5.87 -61.72
CA THR A 408 -3.86 7.16 -61.93
C THR A 408 -4.87 8.29 -62.02
N LYS A 409 -5.66 8.43 -60.95
CA LYS A 409 -6.62 9.52 -60.87
C LYS A 409 -6.95 9.75 -59.40
N SER A 410 -6.48 10.86 -58.84
CA SER A 410 -6.85 11.20 -57.48
C SER A 410 -8.36 11.12 -57.32
N ASN A 411 -8.80 10.49 -56.24
CA ASN A 411 -10.19 10.11 -56.10
C ASN A 411 -10.55 10.19 -54.63
N VAL A 412 -11.85 10.08 -54.35
CA VAL A 412 -12.37 10.16 -53.00
C VAL A 412 -13.54 9.20 -52.88
N SER A 413 -13.71 8.66 -51.67
CA SER A 413 -14.90 7.86 -51.37
C SER A 413 -15.40 8.22 -50.00
N ILE A 414 -16.71 8.45 -49.92
CA ILE A 414 -17.38 8.85 -48.69
C ILE A 414 -18.49 7.86 -48.40
N ILE A 415 -18.83 7.72 -47.13
CA ILE A 415 -19.78 6.71 -46.69
C ILE A 415 -20.59 7.27 -45.54
N ASP A 416 -21.90 7.38 -45.75
CA ASP A 416 -22.82 7.96 -44.77
C ASP A 416 -23.53 6.85 -44.01
N LEU A 417 -23.71 7.08 -42.71
CA LEU A 417 -24.32 6.08 -41.85
C LEU A 417 -25.12 6.82 -40.78
N SER A 418 -26.42 7.00 -41.01
CA SER A 418 -27.27 7.72 -40.08
C SER A 418 -28.36 6.85 -39.47
N GLY A 419 -29.17 6.20 -40.30
CA GLY A 419 -30.27 5.39 -39.82
C GLY A 419 -29.90 4.03 -39.31
N ILE A 420 -28.61 3.76 -39.11
CA ILE A 420 -28.11 2.42 -38.90
C ILE A 420 -27.67 2.24 -37.46
N PRO A 421 -27.96 1.10 -36.81
CA PRO A 421 -27.55 0.89 -35.42
C PRO A 421 -26.05 0.72 -35.26
N PHE A 422 -25.60 0.42 -34.05
CA PHE A 422 -24.19 0.38 -33.71
C PHE A 422 -23.64 -1.05 -33.59
N GLU A 423 -24.47 -2.06 -33.83
CA GLU A 423 -24.01 -3.44 -33.70
C GLU A 423 -23.37 -3.98 -34.97
N VAL A 424 -23.75 -3.44 -36.13
CA VAL A 424 -23.22 -3.91 -37.40
C VAL A 424 -22.18 -2.95 -37.97
N LEU A 425 -22.11 -1.72 -37.44
CA LEU A 425 -21.09 -0.76 -37.81
C LEU A 425 -19.70 -1.39 -37.83
N SER A 426 -19.31 -1.98 -36.70
CA SER A 426 -17.97 -2.57 -36.60
C SER A 426 -17.77 -3.66 -37.63
N ILE A 427 -18.81 -4.47 -37.87
CA ILE A 427 -18.71 -5.53 -38.86
C ILE A 427 -18.36 -4.95 -40.22
N VAL A 428 -19.17 -3.98 -40.66
CA VAL A 428 -18.94 -3.32 -41.94
C VAL A 428 -17.50 -2.81 -42.01
N VAL A 429 -17.08 -2.11 -40.96
CA VAL A 429 -15.76 -1.48 -40.98
C VAL A 429 -14.67 -2.53 -41.14
N SER A 430 -14.74 -3.60 -40.35
CA SER A 430 -13.75 -4.66 -40.43
C SER A 430 -13.69 -5.21 -41.86
N LEU A 431 -14.85 -5.55 -42.41
CA LEU A 431 -14.92 -6.08 -43.76
C LEU A 431 -14.17 -5.20 -44.74
N ILE A 432 -14.59 -3.93 -44.82
CA ILE A 432 -14.03 -3.02 -45.81
C ILE A 432 -12.53 -2.86 -45.60
N SER A 433 -12.12 -2.60 -44.35
CA SER A 433 -10.72 -2.35 -44.07
C SER A 433 -9.85 -3.53 -44.48
N ARG A 434 -10.26 -4.75 -44.15
CA ARG A 434 -9.45 -5.90 -44.50
C ARG A 434 -9.40 -6.09 -46.01
N MET A 435 -10.51 -5.83 -46.68
CA MET A 435 -10.51 -5.87 -48.15
C MET A 435 -9.45 -4.94 -48.71
N ILE A 436 -9.41 -3.70 -48.20
CA ILE A 436 -8.45 -2.73 -48.71
C ILE A 436 -7.03 -3.18 -48.43
N PHE A 437 -6.78 -3.67 -47.21
CA PHE A 437 -5.45 -4.16 -46.87
C PHE A 437 -5.01 -5.23 -47.86
N ASP A 438 -5.86 -6.21 -48.11
CA ASP A 438 -5.52 -7.28 -49.06
C ASP A 438 -5.19 -6.71 -50.43
N PHE A 439 -6.02 -5.80 -50.93
CA PHE A 439 -5.75 -5.18 -52.22
C PHE A 439 -4.36 -4.58 -52.26
N GLY A 440 -4.06 -3.73 -51.28
CA GLY A 440 -2.76 -3.06 -51.27
C GLY A 440 -1.62 -4.05 -51.22
N PHE A 441 -1.74 -5.04 -50.35
CA PHE A 441 -0.74 -6.10 -50.26
C PHE A 441 -0.43 -6.70 -51.62
N HIS A 442 -1.45 -7.26 -52.28
CA HIS A 442 -1.20 -8.02 -53.51
C HIS A 442 -0.75 -7.13 -54.65
N TYR A 443 -1.26 -5.89 -54.71
CA TYR A 443 -0.77 -4.96 -55.72
C TYR A 443 0.70 -4.68 -55.49
N SER A 444 1.09 -4.40 -54.25
CA SER A 444 2.49 -4.09 -54.01
C SER A 444 3.37 -5.29 -54.34
N LYS A 445 2.84 -6.51 -54.19
CA LYS A 445 3.61 -7.69 -54.59
C LYS A 445 3.92 -7.65 -56.08
N ASN A 446 2.88 -7.58 -56.91
CA ASN A 446 3.14 -7.49 -58.34
C ASN A 446 3.98 -6.27 -58.69
N ARG A 447 3.93 -5.22 -57.86
CA ARG A 447 4.78 -4.07 -58.09
C ARG A 447 6.25 -4.41 -57.85
N HIS A 448 6.54 -5.17 -56.77
CA HIS A 448 7.89 -5.67 -56.60
C HIS A 448 8.30 -6.51 -57.80
N VAL A 449 7.39 -7.33 -58.32
CA VAL A 449 7.68 -8.07 -59.54
C VAL A 449 8.14 -7.10 -60.62
N GLY A 450 7.42 -5.99 -60.76
CA GLY A 450 7.86 -4.94 -61.66
C GLY A 450 9.21 -4.34 -61.29
N GLY A 451 9.62 -4.50 -60.03
CA GLY A 451 10.92 -4.02 -59.59
C GLY A 451 10.87 -2.61 -59.01
N ALA A 452 9.82 -2.30 -58.27
CA ALA A 452 9.65 -0.98 -57.70
C ALA A 452 8.75 -1.09 -56.47
N VAL A 453 8.42 0.07 -55.89
CA VAL A 453 7.57 0.13 -54.71
C VAL A 453 6.22 0.72 -55.12
N SER A 454 5.25 0.65 -54.21
CA SER A 454 3.91 1.12 -54.48
C SER A 454 3.93 2.54 -55.03
N ASP A 455 2.90 2.86 -55.82
CA ASP A 455 2.69 4.20 -56.33
C ASP A 455 1.22 4.61 -56.21
N VAL A 456 0.47 3.93 -55.36
CA VAL A 456 -0.96 4.17 -55.20
C VAL A 456 -1.26 4.31 -53.71
N PRO A 457 -0.61 5.23 -53.01
CA PRO A 457 -0.88 5.38 -51.57
C PRO A 457 -2.35 5.56 -51.27
N ILE A 458 -2.75 5.27 -50.04
CA ILE A 458 -4.14 5.28 -49.64
C ILE A 458 -4.25 5.82 -48.23
N LEU A 459 -5.30 6.60 -47.99
CA LEU A 459 -5.57 7.18 -46.69
C LEU A 459 -6.98 6.80 -46.25
N VAL A 460 -7.11 6.47 -44.97
CA VAL A 460 -8.36 6.03 -44.40
C VAL A 460 -8.69 6.93 -43.22
N VAL A 461 -9.91 7.47 -43.20
CA VAL A 461 -10.31 8.45 -42.21
C VAL A 461 -11.37 7.84 -41.30
N CYS A 462 -11.06 7.78 -40.01
CA CYS A 462 -11.91 7.15 -39.01
C CYS A 462 -12.36 8.22 -38.02
N GLU A 463 -13.64 8.59 -38.09
CA GLU A 463 -14.24 9.57 -37.23
C GLU A 463 -14.88 8.89 -36.02
N GLU A 464 -15.16 9.69 -34.99
CA GLU A 464 -15.86 9.22 -33.81
C GLU A 464 -15.36 7.86 -33.37
N ALA A 465 -14.04 7.68 -33.38
CA ALA A 465 -13.46 6.37 -33.12
C ALA A 465 -13.87 5.82 -31.77
N HIS A 466 -14.34 6.66 -30.85
CA HIS A 466 -14.72 6.21 -29.52
C HIS A 466 -16.04 5.45 -29.50
N ASN A 467 -16.59 5.09 -30.66
CA ASN A 467 -17.80 4.31 -30.74
C ASN A 467 -17.60 2.91 -31.29
N TYR A 468 -16.52 2.67 -32.04
CA TYR A 468 -16.22 1.33 -32.51
C TYR A 468 -14.75 0.98 -32.38
N LEU A 469 -14.01 1.70 -31.54
CA LEU A 469 -12.65 1.36 -31.18
C LEU A 469 -12.45 1.66 -29.71
N PRO A 470 -13.32 1.15 -28.84
CA PRO A 470 -13.29 1.57 -27.43
C PRO A 470 -12.04 1.13 -26.69
N ARG A 471 -11.99 1.49 -25.41
CA ARG A 471 -10.89 1.12 -24.52
C ARG A 471 -11.25 -0.06 -23.64
N SER A 472 -12.51 -0.17 -23.24
CA SER A 472 -13.03 -1.28 -22.44
C SER A 472 -14.28 -1.76 -23.16
N GLY A 473 -14.09 -2.66 -24.10
CA GLY A 473 -15.16 -3.09 -24.98
C GLY A 473 -15.68 -4.48 -24.70
N GLY A 474 -16.87 -4.78 -25.19
CA GLY A 474 -17.42 -6.11 -25.09
C GLY A 474 -16.84 -7.03 -26.14
N ALA A 475 -17.69 -7.85 -26.75
CA ALA A 475 -17.25 -8.74 -27.82
C ALA A 475 -17.62 -8.23 -29.20
N ALA A 476 -18.77 -7.59 -29.33
CA ALA A 476 -19.19 -7.05 -30.62
C ALA A 476 -18.10 -6.19 -31.26
N TYR A 477 -17.23 -5.61 -30.43
CA TYR A 477 -16.19 -4.70 -30.90
C TYR A 477 -14.82 -5.38 -30.98
N ASP A 478 -14.80 -6.68 -31.29
CA ASP A 478 -13.54 -7.40 -31.44
C ASP A 478 -13.09 -7.50 -32.89
N ALA A 479 -14.03 -7.54 -33.83
CA ALA A 479 -13.67 -7.67 -35.23
C ALA A 479 -12.97 -6.42 -35.74
N SER A 480 -13.68 -5.29 -35.72
CA SER A 480 -13.09 -4.04 -36.16
C SER A 480 -11.79 -3.77 -35.42
N ARG A 481 -11.84 -3.82 -34.09
CA ARG A 481 -10.66 -3.54 -33.28
C ARG A 481 -9.45 -4.30 -33.78
N LYS A 482 -9.66 -5.44 -34.45
CA LYS A 482 -8.55 -6.20 -34.99
C LYS A 482 -8.13 -5.65 -36.35
N SER A 483 -9.08 -5.60 -37.29
CA SER A 483 -8.78 -5.23 -38.67
C SER A 483 -8.02 -3.92 -38.75
N ILE A 484 -8.10 -3.09 -37.73
CA ILE A 484 -7.44 -1.78 -37.75
C ILE A 484 -6.01 -1.89 -37.25
N GLU A 485 -5.80 -2.60 -36.13
CA GLU A 485 -4.44 -2.76 -35.61
C GLU A 485 -3.49 -3.21 -36.70
N ARG A 486 -3.92 -4.19 -37.51
CA ARG A 486 -3.16 -4.62 -38.66
C ARG A 486 -2.65 -3.41 -39.42
N ILE A 487 -3.58 -2.61 -39.93
CA ILE A 487 -3.21 -1.42 -40.69
C ILE A 487 -2.28 -0.54 -39.88
N ALA A 488 -2.58 -0.39 -38.59
CA ALA A 488 -1.80 0.50 -37.74
C ALA A 488 -0.32 0.16 -37.79
N LYS A 489 0.01 -1.11 -38.01
CA LYS A 489 1.37 -1.60 -37.89
C LYS A 489 2.04 -1.85 -39.24
N GLU A 490 1.35 -2.53 -40.14
CA GLU A 490 1.97 -3.00 -41.37
C GLU A 490 1.73 -2.08 -42.56
N GLY A 491 0.62 -1.34 -42.56
CA GLY A 491 0.31 -0.49 -43.70
C GLY A 491 1.43 0.45 -44.06
N ARG A 492 2.19 0.92 -43.07
CA ARG A 492 3.27 1.85 -43.33
C ARG A 492 4.19 1.36 -44.43
N LYS A 493 4.23 0.06 -44.68
CA LYS A 493 5.12 -0.53 -45.66
C LYS A 493 4.43 -0.85 -46.98
N TYR A 494 3.13 -1.15 -46.96
CA TYR A 494 2.39 -1.53 -48.14
C TYR A 494 1.68 -0.35 -48.80
N GLY A 495 1.78 0.84 -48.24
CA GLY A 495 1.13 2.00 -48.82
C GLY A 495 -0.31 2.15 -48.37
N VAL A 496 -0.50 2.19 -47.06
CA VAL A 496 -1.81 2.36 -46.44
C VAL A 496 -1.59 3.13 -45.15
N THR A 497 -2.37 4.20 -44.94
CA THR A 497 -2.17 5.01 -43.76
C THR A 497 -3.51 5.47 -43.19
N LEU A 498 -3.46 5.88 -41.94
CA LEU A 498 -4.63 6.20 -41.14
C LEU A 498 -4.70 7.69 -40.84
N MET A 499 -5.90 8.12 -40.50
CA MET A 499 -6.15 9.37 -39.80
C MET A 499 -7.27 9.10 -38.82
N VAL A 500 -7.03 9.42 -37.56
CA VAL A 500 -7.98 9.17 -36.50
C VAL A 500 -8.57 10.50 -36.07
N VAL A 501 -9.80 10.47 -35.58
CA VAL A 501 -10.44 11.67 -35.06
C VAL A 501 -11.27 11.29 -33.84
N SER A 502 -11.37 12.23 -32.91
CA SER A 502 -12.12 12.01 -31.69
C SER A 502 -12.18 13.30 -30.90
N GLN A 503 -13.24 13.43 -30.12
CA GLN A 503 -13.39 14.50 -29.13
C GLN A 503 -13.34 13.95 -27.72
N ARG A 504 -12.85 12.73 -27.56
CA ARG A 504 -12.90 12.01 -26.29
C ARG A 504 -11.79 10.98 -26.24
N PRO A 505 -10.53 11.42 -26.29
CA PRO A 505 -9.42 10.46 -26.41
C PRO A 505 -9.42 9.40 -25.33
N SER A 506 -9.83 9.75 -24.11
CA SER A 506 -9.78 8.80 -23.02
C SER A 506 -10.56 7.53 -23.34
N GLU A 507 -11.60 7.65 -24.15
CA GLU A 507 -12.45 6.50 -24.49
C GLU A 507 -12.00 5.88 -25.82
N VAL A 508 -10.72 5.52 -25.88
CA VAL A 508 -10.15 4.90 -27.07
C VAL A 508 -9.03 3.98 -26.64
N SER A 509 -8.82 2.93 -27.42
CA SER A 509 -7.68 2.06 -27.20
C SER A 509 -6.38 2.85 -27.25
N GLU A 510 -5.43 2.48 -26.41
CA GLU A 510 -4.12 3.12 -26.42
C GLU A 510 -3.14 2.41 -27.34
N THR A 511 -3.37 1.14 -27.64
CA THR A 511 -2.54 0.41 -28.57
C THR A 511 -2.44 1.11 -29.92
N ILE A 512 -3.40 1.98 -30.23
CA ILE A 512 -3.44 2.65 -31.53
C ILE A 512 -2.77 4.01 -31.43
N PHE A 513 -3.25 4.85 -30.50
CA PHE A 513 -2.59 6.13 -30.25
C PHE A 513 -1.10 5.97 -30.02
N SER A 514 -0.67 4.80 -29.53
CA SER A 514 0.75 4.54 -29.32
C SER A 514 1.50 4.22 -30.60
N GLN A 515 0.87 4.41 -31.77
CA GLN A 515 1.48 4.07 -33.04
C GLN A 515 1.54 5.24 -34.00
N CYS A 516 0.98 6.39 -33.64
CA CYS A 516 0.95 7.56 -34.52
C CYS A 516 2.13 8.46 -34.23
N SER A 517 2.71 9.02 -35.29
CA SER A 517 3.93 9.80 -35.17
C SER A 517 3.62 11.27 -34.91
N ASN A 518 2.90 11.92 -35.82
CA ASN A 518 2.58 13.33 -35.70
C ASN A 518 1.23 13.51 -35.02
N PHE A 519 1.12 14.58 -34.24
CA PHE A 519 -0.05 14.86 -33.43
C PHE A 519 -0.48 16.30 -33.61
N ILE A 520 -1.77 16.54 -33.47
CA ILE A 520 -2.37 17.86 -33.55
C ILE A 520 -3.41 17.97 -32.45
N SER A 521 -3.57 19.17 -31.92
CA SER A 521 -4.49 19.36 -30.82
C SER A 521 -5.08 20.77 -30.86
N LEU A 522 -6.17 20.92 -30.12
CA LEU A 522 -6.95 22.15 -30.06
C LEU A 522 -7.32 22.38 -28.61
N ARG A 523 -8.27 23.29 -28.38
CA ARG A 523 -8.69 23.58 -27.01
C ARG A 523 -9.20 22.32 -26.34
N LEU A 524 -8.87 22.17 -25.06
CA LEU A 524 -9.27 21.02 -24.27
C LEU A 524 -9.64 21.52 -22.87
N THR A 525 -10.93 21.66 -22.63
CA THR A 525 -11.40 22.16 -21.33
C THR A 525 -11.21 21.10 -20.25
N ASN A 526 -11.83 19.93 -20.43
CA ASN A 526 -11.77 18.87 -19.44
C ASN A 526 -10.31 18.51 -19.13
N ALA A 527 -10.08 17.95 -17.94
CA ALA A 527 -8.75 17.55 -17.51
C ALA A 527 -8.53 16.04 -17.58
N VAL A 528 -9.60 15.27 -17.43
CA VAL A 528 -9.55 13.82 -17.63
C VAL A 528 -8.78 13.52 -18.91
N ASP A 529 -9.06 14.29 -19.96
CA ASP A 529 -8.34 14.11 -21.22
C ASP A 529 -6.90 14.61 -21.09
N GLN A 530 -6.74 15.86 -20.68
CA GLN A 530 -5.43 16.51 -20.56
C GLN A 530 -4.40 15.57 -19.93
N THR A 531 -4.81 14.84 -18.90
CA THR A 531 -3.87 13.95 -18.22
C THR A 531 -3.40 12.83 -19.13
N TYR A 532 -4.35 12.04 -19.65
CA TYR A 532 -4.02 10.98 -20.59
C TYR A 532 -3.15 11.50 -21.72
N VAL A 533 -3.41 12.71 -22.19
CA VAL A 533 -2.65 13.27 -23.30
C VAL A 533 -1.21 13.55 -22.86
N LYS A 534 -1.06 14.39 -21.83
CA LYS A 534 0.27 14.67 -21.29
C LYS A 534 1.06 13.39 -21.08
N SER A 535 0.38 12.29 -20.75
CA SER A 535 1.08 11.03 -20.55
C SER A 535 1.74 10.52 -21.82
N LEU A 536 1.36 11.03 -22.98
CA LEU A 536 1.72 10.44 -24.27
C LEU A 536 2.79 11.21 -25.03
N LEU A 537 2.56 12.49 -25.28
CA LEU A 537 3.19 13.14 -26.41
C LEU A 537 4.71 13.17 -26.27
N PRO A 538 5.44 13.14 -27.39
CA PRO A 538 6.90 13.02 -27.34
C PRO A 538 7.62 14.27 -26.88
N ASP A 539 7.25 15.43 -27.44
CA ASP A 539 8.02 16.67 -27.29
C ASP A 539 7.28 17.70 -26.44
N LEU A 540 6.39 17.25 -25.57
CA LEU A 540 5.57 18.14 -24.77
C LEU A 540 6.32 18.54 -23.51
N SER A 541 6.92 19.72 -23.53
CA SER A 541 7.46 20.29 -22.31
C SER A 541 6.33 20.76 -21.40
N ALA A 542 6.69 21.36 -20.27
CA ALA A 542 5.68 21.82 -19.33
C ALA A 542 5.12 23.18 -19.72
N GLY A 543 5.98 24.08 -20.20
CA GLY A 543 5.52 25.39 -20.62
C GLY A 543 4.34 25.34 -21.57
N LEU A 544 4.20 24.24 -22.29
CA LEU A 544 3.15 24.10 -23.30
C LEU A 544 1.91 23.38 -22.78
N GLY A 545 2.08 22.34 -21.98
CA GLY A 545 0.97 21.53 -21.52
C GLY A 545 -0.16 22.33 -20.91
N ASP A 546 0.12 23.55 -20.47
CA ASP A 546 -0.89 24.39 -19.84
C ASP A 546 -1.71 25.18 -20.85
N LEU A 547 -1.17 25.43 -22.04
CA LEU A 547 -1.84 26.26 -23.02
C LEU A 547 -3.14 25.65 -23.51
N LEU A 548 -3.28 24.33 -23.43
CA LEU A 548 -4.39 23.63 -24.03
C LEU A 548 -5.74 24.19 -23.56
N PRO A 549 -6.07 24.11 -22.27
CA PRO A 549 -7.36 24.63 -21.83
C PRO A 549 -7.63 26.06 -22.23
N ASN A 550 -6.59 26.86 -22.46
CA ASN A 550 -6.72 28.26 -22.84
C ASN A 550 -6.18 28.42 -24.25
N LEU A 551 -7.05 28.22 -25.24
CA LEU A 551 -6.71 28.41 -26.63
C LEU A 551 -7.82 29.17 -27.33
N ALA A 552 -7.45 29.95 -28.32
CA ALA A 552 -8.41 30.69 -29.12
C ALA A 552 -9.21 29.72 -29.98
N GLN A 553 -10.12 30.29 -30.79
CA GLN A 553 -10.88 29.54 -31.76
C GLN A 553 -10.22 29.69 -33.12
N GLY A 554 -9.91 28.56 -33.75
CA GLY A 554 -9.11 28.55 -34.96
C GLY A 554 -7.63 28.45 -34.73
N GLU A 555 -7.20 28.23 -33.49
CA GLU A 555 -5.80 28.00 -33.15
C GLU A 555 -5.58 26.53 -32.85
N PHE A 556 -4.34 26.09 -32.99
CA PHE A 556 -4.01 24.69 -32.83
C PHE A 556 -2.55 24.55 -32.44
N LEU A 557 -2.22 23.33 -32.01
CA LEU A 557 -0.88 22.96 -31.57
C LEU A 557 -0.43 21.74 -32.33
N ILE A 558 0.82 21.73 -32.77
CA ILE A 558 1.35 20.63 -33.57
C ILE A 558 2.56 20.02 -32.88
N VAL A 559 2.77 18.73 -33.11
CA VAL A 559 3.87 18.00 -32.51
C VAL A 559 4.28 16.86 -33.44
N GLY A 560 5.58 16.55 -33.44
CA GLY A 560 6.05 15.36 -34.11
C GLY A 560 7.38 15.51 -34.82
N ASP A 561 7.58 14.68 -35.85
CA ASP A 561 8.81 14.68 -36.63
C ASP A 561 8.70 15.52 -37.89
N ALA A 562 7.51 15.57 -38.49
CA ALA A 562 7.34 16.37 -39.71
C ALA A 562 7.70 17.83 -39.49
N PRO A 563 7.12 18.54 -38.52
CA PRO A 563 7.44 19.96 -38.37
C PRO A 563 8.88 20.17 -37.96
N LEU A 564 9.27 21.44 -37.85
CA LEU A 564 10.63 21.79 -37.51
C LEU A 564 10.84 21.87 -36.01
N MET A 565 9.79 22.16 -35.26
CA MET A 565 9.80 22.16 -33.81
C MET A 565 8.38 22.37 -33.32
N PRO A 566 8.08 21.98 -32.08
CA PRO A 566 6.73 22.19 -31.56
C PRO A 566 6.28 23.63 -31.77
N THR A 567 5.03 23.80 -32.17
CA THR A 567 4.60 25.08 -32.72
C THR A 567 3.11 25.24 -32.59
N VAL A 568 2.69 26.50 -32.68
CA VAL A 568 1.29 26.90 -32.63
C VAL A 568 0.92 27.48 -33.98
N GLY A 569 -0.37 27.42 -34.30
CA GLY A 569 -0.83 27.88 -35.59
C GLY A 569 -2.25 28.38 -35.51
N HIS A 570 -2.62 29.19 -36.50
CA HIS A 570 -3.95 29.76 -36.59
C HIS A 570 -4.58 29.37 -37.92
N PHE A 571 -5.68 28.63 -37.86
CA PHE A 571 -6.46 28.37 -39.06
C PHE A 571 -7.32 29.58 -39.42
N ALA A 572 -8.08 29.43 -40.50
CA ALA A 572 -9.13 30.35 -40.86
C ALA A 572 -10.32 29.52 -41.32
N LEU A 573 -11.47 30.15 -41.43
CA LEU A 573 -12.66 29.42 -41.85
C LEU A 573 -12.45 28.87 -43.26
N PRO A 574 -12.70 27.58 -43.49
CA PRO A 574 -12.49 26.99 -44.81
C PRO A 574 -13.62 27.32 -45.76
N VAL A 575 -13.58 26.73 -46.95
CA VAL A 575 -14.61 26.95 -47.97
C VAL A 575 -15.14 25.61 -48.44
N PRO A 576 -16.38 25.22 -48.09
CA PRO A 576 -17.39 25.85 -47.23
C PRO A 576 -17.48 25.25 -45.83
N GLU A 577 -18.41 25.76 -45.02
CA GLU A 577 -18.63 25.24 -43.68
C GLU A 577 -19.55 24.03 -43.73
N PRO A 578 -19.14 22.86 -43.24
CA PRO A 578 -20.04 21.71 -43.25
C PRO A 578 -20.96 21.67 -42.03
N HIS A 579 -22.25 21.43 -42.26
CA HIS A 579 -23.21 21.29 -41.17
C HIS A 579 -24.39 20.44 -41.61
N ASP A 597 -41.04 0.54 -21.97
CA ASP A 597 -41.65 -0.78 -21.87
C ASP A 597 -40.84 -1.66 -20.92
N PHE A 598 -41.41 -1.91 -19.74
CA PHE A 598 -40.73 -2.72 -18.74
C PHE A 598 -40.18 -4.01 -19.32
N ASP A 599 -41.08 -4.87 -19.83
CA ASP A 599 -40.69 -6.22 -20.21
C ASP A 599 -39.80 -6.25 -21.44
N SER A 600 -39.85 -5.22 -22.28
CA SER A 600 -39.06 -5.22 -23.51
C SER A 600 -37.60 -5.57 -23.22
N VAL A 601 -37.04 -5.02 -22.14
CA VAL A 601 -35.65 -5.27 -21.81
C VAL A 601 -35.45 -6.45 -20.87
N ILE A 602 -36.48 -6.83 -20.11
CA ILE A 602 -36.32 -7.90 -19.13
C ILE A 602 -36.31 -9.26 -19.81
N ASP A 603 -37.31 -9.54 -20.65
CA ASP A 603 -37.28 -10.79 -21.42
C ASP A 603 -35.96 -10.92 -22.17
N ARG A 604 -35.49 -9.82 -22.76
CA ARG A 604 -34.17 -9.80 -23.38
C ARG A 604 -33.06 -10.01 -22.35
N TRP A 605 -33.34 -9.74 -21.08
CA TRP A 605 -32.36 -9.87 -20.00
C TRP A 605 -32.16 -11.34 -19.62
N MET B 1 -19.61 48.28 -26.67
CA MET B 1 -19.03 48.53 -25.37
C MET B 1 -19.14 50.00 -24.96
N PRO B 2 -19.40 50.24 -23.66
CA PRO B 2 -19.49 51.62 -23.18
C PRO B 2 -18.11 52.21 -22.95
N ASP B 3 -18.06 53.41 -22.39
CA ASP B 3 -16.78 54.06 -22.12
C ASP B 3 -16.34 53.77 -20.70
N LEU B 4 -15.03 53.80 -20.49
CA LEU B 4 -14.43 53.41 -19.22
C LEU B 4 -13.93 54.61 -18.42
N GLY B 5 -13.84 55.78 -19.01
CA GLY B 5 -13.45 56.98 -18.28
C GLY B 5 -11.95 57.17 -18.31
N THR B 6 -11.34 57.21 -17.13
CA THR B 6 -9.92 57.48 -17.01
C THR B 6 -9.21 56.30 -16.35
N PRO B 7 -7.93 56.12 -16.62
CA PRO B 7 -7.17 55.08 -15.94
C PRO B 7 -6.83 55.50 -14.52
N ILE B 8 -6.14 54.61 -13.82
CA ILE B 8 -5.68 54.86 -12.46
C ILE B 8 -4.17 54.70 -12.34
N GLY B 9 -3.61 53.66 -12.95
CA GLY B 9 -2.19 53.41 -12.85
C GLY B 9 -1.71 52.58 -14.03
N SER B 10 -0.42 52.27 -13.99
CA SER B 10 0.25 51.54 -15.06
C SER B 10 0.75 50.21 -14.52
N VAL B 11 1.50 49.51 -15.35
CA VAL B 11 1.96 48.17 -15.02
C VAL B 11 3.46 48.21 -14.73
N THR B 12 3.90 47.24 -13.94
CA THR B 12 5.32 47.12 -13.60
C THR B 12 5.84 45.69 -13.69
N ASP B 13 5.00 44.69 -13.89
CA ASP B 13 5.48 43.33 -14.01
C ASP B 13 4.40 42.43 -14.60
N SER B 14 4.78 41.67 -15.61
CA SER B 14 3.91 40.75 -16.33
C SER B 14 4.48 39.35 -16.27
N SER B 15 3.59 38.38 -16.46
CA SER B 15 3.96 36.97 -16.40
C SER B 15 2.74 36.13 -16.77
N PRO B 16 2.89 34.83 -16.98
CA PRO B 16 1.74 34.00 -17.39
C PRO B 16 0.73 33.79 -16.28
N SER B 17 1.12 33.96 -15.02
CA SER B 17 0.22 33.72 -13.90
C SER B 17 0.15 34.89 -12.93
N LEU B 18 0.94 35.93 -13.12
CA LEU B 18 0.94 37.08 -12.23
C LEU B 18 1.04 38.36 -13.04
N ILE B 19 0.29 39.37 -12.60
CA ILE B 19 0.41 40.72 -13.13
C ILE B 19 0.38 41.67 -11.95
N ARG B 20 1.17 42.74 -12.03
CA ARG B 20 1.30 43.66 -10.92
C ARG B 20 1.06 45.08 -11.37
N ILE B 21 0.36 45.85 -10.54
CA ILE B 21 -0.02 47.21 -10.87
C ILE B 21 0.46 48.17 -9.79
N GLU B 22 0.78 49.38 -10.24
CA GLU B 22 1.22 50.48 -9.39
C GLU B 22 0.28 51.67 -9.62
N ILE B 23 0.30 52.61 -8.68
CA ILE B 23 -0.61 53.74 -8.71
C ILE B 23 0.15 55.01 -8.35
N SER B 24 -0.29 56.13 -8.92
CA SER B 24 0.43 57.38 -8.85
C SER B 24 -0.07 58.26 -7.71
N SER B 25 -1.36 58.58 -7.71
CA SER B 25 -1.91 59.52 -6.74
C SER B 25 -2.55 58.78 -5.57
N ALA B 26 -2.85 59.55 -4.53
CA ALA B 26 -3.63 59.06 -3.40
C ALA B 26 -5.10 59.35 -3.62
N GLU B 27 -5.42 60.60 -3.96
CA GLU B 27 -6.81 61.01 -4.16
C GLU B 27 -7.58 60.00 -4.99
N ASP B 28 -7.00 59.57 -6.11
CA ASP B 28 -7.65 58.57 -6.94
C ASP B 28 -7.99 57.33 -6.14
N PHE B 29 -7.08 56.91 -5.26
CA PHE B 29 -7.32 55.75 -4.42
C PHE B 29 -8.44 56.03 -3.43
N GLU B 30 -8.32 57.12 -2.67
CA GLU B 30 -9.37 57.51 -1.74
C GLU B 30 -10.73 57.55 -2.41
N LYS B 31 -10.76 57.79 -3.71
CA LYS B 31 -12.01 57.99 -4.44
C LYS B 31 -12.58 56.67 -4.97
N TYR B 32 -11.75 55.86 -5.61
CA TYR B 32 -12.18 54.59 -6.18
C TYR B 32 -12.08 53.44 -5.18
N LYS B 33 -11.76 53.73 -3.92
CA LYS B 33 -11.48 52.70 -2.94
C LYS B 33 -12.60 51.68 -2.79
N SER B 34 -13.83 52.02 -3.15
CA SER B 34 -14.94 51.10 -2.96
C SER B 34 -15.02 50.04 -4.03
N MET B 35 -14.02 49.96 -4.92
CA MET B 35 -14.02 48.97 -5.99
C MET B 35 -12.63 48.40 -6.22
N LEU B 36 -11.70 48.60 -5.31
CA LEU B 36 -10.33 48.12 -5.43
C LEU B 36 -10.00 47.03 -4.43
N GLY B 37 -11.01 46.46 -3.78
CA GLY B 37 -10.79 45.44 -2.79
C GLY B 37 -10.69 44.04 -3.38
N VAL B 38 -10.38 43.09 -2.50
CA VAL B 38 -10.25 41.71 -2.94
C VAL B 38 -11.55 41.23 -3.55
N GLY B 39 -11.43 40.21 -4.41
CA GLY B 39 -12.58 39.65 -5.08
C GLY B 39 -13.05 40.42 -6.30
N GLN B 40 -12.78 41.72 -6.35
CA GLN B 40 -13.27 42.53 -7.45
C GLN B 40 -12.48 42.22 -8.72
N TYR B 41 -12.79 42.98 -9.77
CA TYR B 41 -12.25 42.73 -11.10
C TYR B 41 -11.53 43.98 -11.62
N LEU B 42 -10.77 43.77 -12.67
CA LEU B 42 -10.00 44.83 -13.30
C LEU B 42 -9.88 44.56 -14.79
N LEU B 43 -9.71 45.64 -15.55
CA LEU B 43 -9.54 45.58 -16.99
C LEU B 43 -8.19 46.18 -17.36
N VAL B 44 -7.48 45.51 -18.27
CA VAL B 44 -6.18 45.97 -18.73
C VAL B 44 -6.22 46.03 -20.25
N ALA B 45 -5.35 46.87 -20.81
CA ALA B 45 -5.23 47.02 -22.24
C ALA B 45 -4.10 46.13 -22.75
N SER B 46 -4.40 45.32 -23.76
CA SER B 46 -3.41 44.46 -24.39
C SER B 46 -2.96 45.00 -25.74
N GLY B 47 -3.10 46.30 -25.96
CA GLY B 47 -2.65 46.91 -27.20
C GLY B 47 -3.66 46.77 -28.31
N ASN B 48 -3.80 47.81 -29.13
CA ASN B 48 -4.53 47.79 -30.40
C ASN B 48 -5.87 47.07 -30.26
N ASN B 49 -6.74 47.67 -29.44
CA ASN B 49 -8.14 47.25 -29.38
C ASN B 49 -8.27 45.81 -28.85
N LEU B 50 -7.82 45.63 -27.61
CA LEU B 50 -8.10 44.42 -26.87
C LEU B 50 -8.26 44.77 -25.40
N TYR B 51 -8.72 43.80 -24.62
CA TYR B 51 -8.80 43.97 -23.18
C TYR B 51 -8.64 42.64 -22.48
N LEU B 52 -8.06 42.70 -21.30
CA LEU B 52 -7.81 41.54 -20.47
C LEU B 52 -8.54 41.70 -19.15
N LEU B 53 -9.10 40.61 -18.65
CA LEU B 53 -9.90 40.61 -17.44
C LEU B 53 -9.12 39.93 -16.32
N ALA B 54 -9.04 40.58 -15.17
CA ALA B 54 -8.26 40.04 -14.07
C ALA B 54 -9.02 40.19 -12.76
N SER B 55 -8.62 39.39 -11.79
CA SER B 55 -9.12 39.45 -10.43
C SER B 55 -8.02 40.03 -9.54
N ILE B 56 -8.27 40.05 -8.23
CA ILE B 56 -7.34 40.64 -7.29
C ILE B 56 -7.08 39.66 -6.16
N THR B 57 -5.86 39.70 -5.63
CA THR B 57 -5.45 38.83 -4.54
C THR B 57 -4.67 39.54 -3.45
N GLY B 58 -4.27 40.79 -3.64
CA GLY B 58 -3.47 41.47 -2.64
C GLY B 58 -3.21 42.93 -2.94
N VAL B 59 -3.18 43.72 -1.86
CA VAL B 59 -2.96 45.15 -1.93
C VAL B 59 -1.86 45.51 -0.94
N ARG B 60 -1.18 46.61 -1.21
CA ARG B 60 -0.13 47.06 -0.30
C ARG B 60 0.07 48.55 -0.46
N ALA B 61 0.71 49.14 0.55
CA ALA B 61 1.07 50.54 0.57
C ALA B 61 2.45 50.65 1.17
N THR B 62 3.37 51.28 0.46
CA THR B 62 4.73 51.49 0.93
C THR B 62 4.86 52.88 1.52
N HIS B 63 5.95 53.08 2.26
CA HIS B 63 6.25 54.37 2.87
C HIS B 63 7.24 55.07 1.97
N VAL B 64 6.79 56.14 1.33
CA VAL B 64 7.63 56.88 0.40
C VAL B 64 8.35 57.97 1.16
N GLU B 65 9.56 58.29 0.70
CA GLU B 65 10.40 59.26 1.37
C GLU B 65 11.00 60.22 0.35
N ARG B 66 11.93 61.07 0.79
CA ARG B 66 12.54 62.06 -0.09
C ARG B 66 14.04 62.17 0.17
N GLY B 86 2.48 59.89 5.36
CA GLY B 86 2.21 60.90 4.36
C GLY B 86 2.46 60.43 2.96
N ASN B 87 3.67 60.68 2.45
CA ASN B 87 4.05 60.23 1.12
C ASN B 87 3.95 58.73 1.03
N PHE B 88 2.99 58.23 0.24
CA PHE B 88 2.77 56.81 0.07
C PHE B 88 2.60 56.48 -1.40
N ARG B 89 2.70 55.18 -1.67
CA ARG B 89 2.65 54.65 -3.02
C ARG B 89 2.12 53.23 -2.89
N PHE B 90 1.12 52.91 -3.69
CA PHE B 90 0.38 51.68 -3.51
C PHE B 90 0.80 50.63 -4.52
N GLN B 91 0.29 49.42 -4.31
CA GLN B 91 0.61 48.30 -5.17
C GLN B 91 -0.53 47.29 -5.13
N ILE B 92 -0.70 46.59 -6.24
CA ILE B 92 -1.75 45.61 -6.38
C ILE B 92 -1.22 44.40 -7.12
N ASP B 93 -1.72 43.24 -6.75
CA ASP B 93 -1.42 42.00 -7.45
C ASP B 93 -2.70 41.47 -8.07
N THR B 94 -2.55 40.71 -9.16
CA THR B 94 -3.70 40.25 -9.91
C THR B 94 -3.47 38.82 -10.34
N GLN B 95 -4.44 38.29 -11.08
CA GLN B 95 -4.37 36.98 -11.68
C GLN B 95 -5.22 37.01 -12.95
N PRO B 96 -4.66 36.73 -14.12
CA PRO B 96 -5.44 36.82 -15.34
C PRO B 96 -6.45 35.70 -15.45
N ILE B 97 -7.56 35.98 -16.13
CA ILE B 97 -8.62 35.01 -16.30
C ILE B 97 -8.88 34.80 -17.78
N GLY B 98 -9.25 35.87 -18.48
CA GLY B 98 -9.66 35.76 -19.86
C GLY B 98 -9.45 37.04 -20.61
N THR B 99 -9.80 36.99 -21.89
CA THR B 99 -9.67 38.11 -22.81
C THR B 99 -11.05 38.53 -23.28
N LEU B 100 -11.13 39.79 -23.72
CA LEU B 100 -12.37 40.37 -24.15
C LEU B 100 -12.08 41.36 -25.26
N SER B 101 -12.96 41.38 -26.25
CA SER B 101 -12.77 42.14 -27.47
C SER B 101 -13.02 43.62 -27.20
N GLU B 102 -13.01 44.41 -28.27
CA GLU B 102 -13.40 45.81 -28.21
C GLU B 102 -14.91 45.99 -28.29
N ASP B 103 -15.68 44.90 -28.36
CA ASP B 103 -17.13 44.98 -28.54
C ASP B 103 -17.92 44.25 -27.47
N GLY B 104 -17.33 43.28 -26.77
CA GLY B 104 -18.04 42.56 -25.73
C GLY B 104 -18.06 41.07 -25.97
N GLU B 105 -17.08 40.57 -26.71
CA GLU B 105 -16.95 39.14 -27.00
C GLU B 105 -15.92 38.54 -26.06
N PHE B 106 -16.32 37.52 -25.30
CA PHE B 106 -15.47 36.90 -24.31
C PHE B 106 -14.62 35.80 -24.91
N SER B 107 -13.55 35.44 -24.18
CA SER B 107 -12.73 34.30 -24.54
C SER B 107 -11.86 33.96 -23.33
N ARG B 108 -11.37 32.72 -23.32
CA ARG B 108 -10.68 32.17 -22.16
C ARG B 108 -9.18 32.26 -22.34
N GLY B 109 -8.49 32.81 -21.34
CA GLY B 109 -7.05 32.96 -21.38
C GLY B 109 -6.56 33.63 -22.65
N SER B 110 -5.26 33.60 -22.88
CA SER B 110 -4.69 34.08 -24.13
C SER B 110 -3.20 33.84 -24.12
N HIS B 111 -2.60 33.91 -25.32
CA HIS B 111 -1.16 33.91 -25.47
C HIS B 111 -0.58 35.31 -25.49
N SER B 112 -1.40 36.32 -25.75
CA SER B 112 -0.95 37.71 -25.82
C SER B 112 -1.21 38.37 -24.48
N LEU B 113 -0.17 38.91 -23.87
CA LEU B 113 -0.24 39.58 -22.59
C LEU B 113 0.25 41.02 -22.72
N PRO B 114 -0.04 41.86 -21.74
CA PRO B 114 0.40 43.25 -21.79
C PRO B 114 1.83 43.38 -21.28
N VAL B 115 2.33 44.62 -21.30
CA VAL B 115 3.70 44.89 -20.89
C VAL B 115 3.71 46.21 -20.11
N PRO B 116 4.80 46.52 -19.42
CA PRO B 116 4.86 47.76 -18.64
C PRO B 116 4.49 49.00 -19.44
N THR B 117 4.20 50.09 -18.73
CA THR B 117 3.85 51.39 -19.28
C THR B 117 2.45 51.42 -19.86
N GLU B 118 1.70 50.33 -19.81
CA GLU B 118 0.34 50.32 -20.31
C GLU B 118 -0.60 50.84 -19.22
N TYR B 119 -1.90 50.69 -19.44
CA TYR B 119 -2.91 51.33 -18.61
C TYR B 119 -3.92 50.32 -18.12
N ALA B 120 -4.51 50.61 -16.97
CA ALA B 120 -5.56 49.80 -16.37
C ALA B 120 -6.76 50.68 -16.06
N TYR B 121 -7.93 50.06 -16.05
CA TYR B 121 -9.19 50.77 -15.85
C TYR B 121 -10.03 50.03 -14.83
N VAL B 122 -11.20 50.60 -14.53
CA VAL B 122 -12.13 50.02 -13.57
C VAL B 122 -13.26 49.36 -14.33
N THR B 123 -13.94 48.43 -13.68
CA THR B 123 -14.93 47.57 -14.32
C THR B 123 -16.34 47.99 -13.93
N PRO B 124 -17.17 48.45 -14.85
CA PRO B 124 -18.59 48.64 -14.55
C PRO B 124 -19.37 47.34 -14.68
N PRO B 125 -20.60 47.29 -14.15
CA PRO B 125 -21.31 46.01 -14.08
C PRO B 125 -22.07 45.63 -15.35
N ALA B 126 -22.48 46.63 -16.13
CA ALA B 126 -23.25 46.36 -17.33
C ALA B 126 -22.57 45.31 -18.20
N VAL B 127 -21.24 45.35 -18.24
CA VAL B 127 -20.48 44.35 -18.99
C VAL B 127 -20.82 42.95 -18.48
N LEU B 128 -20.68 42.75 -17.17
CA LEU B 128 -20.94 41.44 -16.59
C LEU B 128 -22.38 41.00 -16.84
N GLU B 129 -23.32 41.93 -16.70
CA GLU B 129 -24.72 41.59 -16.96
C GLU B 129 -24.90 41.09 -18.38
N GLY B 130 -24.39 41.85 -19.36
CA GLY B 130 -24.50 41.42 -20.74
C GLY B 130 -23.85 40.07 -20.97
N ILE B 131 -22.69 39.84 -20.36
CA ILE B 131 -22.02 38.55 -20.51
C ILE B 131 -22.93 37.43 -20.04
N PHE B 132 -23.31 37.47 -18.77
CA PHE B 132 -24.08 36.38 -18.18
C PHE B 132 -25.52 36.33 -18.70
N SER B 133 -25.94 37.28 -19.53
CA SER B 133 -27.29 37.23 -20.09
C SER B 133 -27.34 36.90 -21.57
N HIS B 134 -26.25 37.09 -22.33
CA HIS B 134 -26.32 37.07 -23.77
C HIS B 134 -25.29 36.18 -24.45
N GLN B 135 -24.59 35.33 -23.71
CA GLN B 135 -23.50 34.55 -24.31
C GLN B 135 -23.44 33.12 -23.79
N ILE B 136 -24.57 32.54 -23.42
CA ILE B 136 -24.61 31.20 -22.88
C ILE B 136 -25.58 30.34 -23.69
N LYS B 137 -25.24 29.06 -23.84
CA LYS B 137 -25.94 28.18 -24.76
C LYS B 137 -27.23 27.63 -24.17
N SER B 138 -27.13 26.86 -23.10
CA SER B 138 -28.28 26.23 -22.44
C SER B 138 -28.39 26.82 -21.04
N PRO B 139 -29.24 27.80 -20.82
CA PRO B 139 -29.23 28.50 -19.52
C PRO B 139 -29.75 27.58 -18.42
N PHE B 140 -28.99 27.52 -17.34
CA PHE B 140 -29.40 26.84 -16.11
C PHE B 140 -29.06 27.77 -14.96
N ALA B 141 -30.10 28.22 -14.25
CA ALA B 141 -29.89 29.19 -13.18
C ALA B 141 -29.38 28.46 -11.95
N LEU B 142 -28.41 29.07 -11.29
CA LEU B 142 -27.82 28.46 -10.09
C LEU B 142 -28.02 29.30 -8.86
N GLY B 143 -27.64 30.57 -8.90
CA GLY B 143 -27.74 31.44 -7.75
C GLY B 143 -27.53 32.89 -8.13
N THR B 144 -26.76 33.61 -7.32
CA THR B 144 -26.36 34.97 -7.67
C THR B 144 -24.86 35.11 -7.53
N LEU B 145 -24.34 36.31 -7.69
CA LEU B 145 -22.92 36.55 -7.60
C LEU B 145 -22.51 36.95 -6.19
N GLY B 146 -21.21 36.79 -5.91
CA GLY B 146 -20.71 37.16 -4.60
C GLY B 146 -20.64 38.66 -4.41
N ILE B 147 -20.17 39.39 -5.42
CA ILE B 147 -20.02 40.83 -5.31
C ILE B 147 -21.36 41.53 -5.52
N SER B 148 -21.95 41.36 -6.69
CA SER B 148 -23.22 42.00 -7.02
C SER B 148 -24.35 41.02 -6.79
N PRO B 149 -25.19 41.22 -5.76
CA PRO B 149 -26.38 40.37 -5.63
C PRO B 149 -27.44 40.67 -6.68
N ASP B 150 -27.39 41.84 -7.31
CA ASP B 150 -28.39 42.20 -8.30
C ASP B 150 -28.34 41.29 -9.51
N ILE B 151 -27.22 40.63 -9.75
CA ILE B 151 -27.02 39.84 -10.96
C ILE B 151 -27.29 38.38 -10.62
N LYS B 152 -27.57 37.61 -11.67
CA LYS B 152 -27.81 36.19 -11.56
C LYS B 152 -26.60 35.42 -12.07
N LEU B 153 -26.74 34.10 -12.14
CA LEU B 153 -25.63 33.23 -12.51
C LEU B 153 -26.19 31.98 -13.17
N LYS B 154 -25.70 31.69 -14.36
CA LYS B 154 -26.25 30.64 -15.20
C LYS B 154 -25.12 29.86 -15.85
N ILE B 155 -25.39 28.60 -16.18
CA ILE B 155 -24.40 27.76 -16.83
C ILE B 155 -25.06 26.79 -17.79
N ASP B 156 -24.23 26.01 -18.50
CA ASP B 156 -24.72 25.00 -19.43
C ASP B 156 -25.14 23.75 -18.64
N GLY B 157 -26.40 23.35 -18.79
CA GLY B 157 -26.90 22.19 -18.08
C GLY B 157 -26.49 20.87 -18.68
N ASP B 158 -26.07 20.86 -19.95
CA ASP B 158 -25.81 19.60 -20.63
C ASP B 158 -24.42 19.06 -20.35
N ARG B 159 -23.45 19.94 -20.12
CA ARG B 159 -22.14 19.49 -19.65
C ARG B 159 -22.12 19.25 -18.15
N PHE B 160 -23.20 19.60 -17.45
CA PHE B 160 -23.27 19.47 -16.00
C PHE B 160 -24.04 18.22 -15.59
N PHE B 161 -25.29 18.10 -16.03
CA PHE B 161 -26.14 16.99 -15.65
C PHE B 161 -25.85 15.71 -16.41
N SER B 162 -24.88 15.73 -17.33
CA SER B 162 -24.60 14.59 -18.18
C SER B 162 -23.27 13.92 -17.85
N LYS B 163 -22.62 14.30 -16.76
CA LYS B 163 -21.34 13.73 -16.41
C LYS B 163 -21.21 13.65 -14.89
N HIS B 164 -20.00 13.41 -14.42
CA HIS B 164 -19.74 13.10 -13.03
C HIS B 164 -19.47 14.38 -12.24
N VAL B 165 -20.11 14.51 -11.08
CA VAL B 165 -20.10 15.72 -10.29
C VAL B 165 -19.41 15.42 -8.96
N ALA B 166 -19.20 16.46 -8.16
CA ALA B 166 -18.61 16.31 -6.85
C ALA B 166 -19.01 17.49 -5.98
N VAL B 167 -19.03 17.28 -4.67
CA VAL B 167 -19.38 18.31 -3.70
C VAL B 167 -18.64 18.03 -2.41
N VAL B 168 -18.24 19.11 -1.74
CA VAL B 168 -17.53 19.04 -0.47
C VAL B 168 -18.02 20.17 0.43
N GLY B 169 -17.45 20.25 1.62
CA GLY B 169 -17.81 21.28 2.58
C GLY B 169 -17.97 20.74 3.99
N SER B 170 -17.30 21.39 4.95
CA SER B 170 -17.37 20.97 6.33
C SER B 170 -18.79 21.18 6.87
N THR B 171 -18.97 20.84 8.14
CA THR B 171 -20.30 20.89 8.74
C THR B 171 -20.73 22.33 9.00
N GLY B 172 -22.04 22.53 9.08
CA GLY B 172 -22.59 23.84 9.32
C GLY B 172 -22.53 24.77 8.12
N SER B 173 -22.17 24.26 6.95
CA SER B 173 -22.04 25.10 5.77
C SER B 173 -23.34 25.24 4.99
N GLY B 174 -24.13 24.17 4.89
CA GLY B 174 -25.41 24.24 4.22
C GLY B 174 -25.50 23.37 2.98
N LYS B 175 -24.79 22.25 2.96
CA LYS B 175 -24.75 21.39 1.79
C LYS B 175 -26.14 20.85 1.45
N SER B 176 -26.72 20.09 2.38
CA SER B 176 -27.98 19.41 2.12
C SER B 176 -29.01 20.35 1.50
N CYS B 177 -29.10 21.58 2.03
CA CYS B 177 -30.05 22.54 1.47
C CYS B 177 -29.69 22.88 0.04
N ALA B 178 -28.40 23.03 -0.24
CA ALA B 178 -27.95 23.30 -1.61
C ALA B 178 -28.39 22.18 -2.55
N VAL B 179 -28.08 20.94 -2.20
CA VAL B 179 -28.48 19.80 -3.01
C VAL B 179 -29.99 19.82 -3.26
N ALA B 180 -30.76 19.99 -2.19
CA ALA B 180 -32.21 20.07 -2.31
C ALA B 180 -32.61 21.13 -3.32
N LYS B 181 -32.00 22.30 -3.23
CA LYS B 181 -32.27 23.37 -4.20
C LYS B 181 -32.01 22.88 -5.61
N ILE B 182 -30.83 22.29 -5.82
CA ILE B 182 -30.43 21.84 -7.15
C ILE B 182 -31.48 20.91 -7.73
N LEU B 183 -31.92 19.94 -6.94
CA LEU B 183 -32.84 18.92 -7.47
C LEU B 183 -34.24 19.48 -7.66
N GLN B 184 -34.75 20.21 -6.66
CA GLN B 184 -36.01 20.92 -6.83
C GLN B 184 -36.02 21.68 -8.14
N THR B 185 -34.88 22.26 -8.51
CA THR B 185 -34.80 22.97 -9.78
C THR B 185 -34.81 21.99 -10.95
N ALA B 186 -33.94 20.99 -10.90
CA ALA B 186 -33.82 20.04 -12.01
C ALA B 186 -35.17 19.45 -12.39
N VAL B 187 -36.05 19.24 -11.42
CA VAL B 187 -37.34 18.62 -11.75
C VAL B 187 -38.39 19.70 -11.97
N GLY B 188 -37.95 20.93 -12.21
CA GLY B 188 -38.85 21.98 -12.62
C GLY B 188 -39.81 22.43 -11.54
N ILE B 189 -39.28 23.04 -10.49
CA ILE B 189 -40.11 23.55 -9.40
C ILE B 189 -39.71 24.97 -9.07
N LYS B 201 -38.05 17.93 -17.18
CA LYS B 201 -37.97 16.82 -18.12
C LYS B 201 -38.11 15.46 -17.44
N ASN B 202 -37.83 14.40 -18.20
CA ASN B 202 -38.02 13.03 -17.75
C ASN B 202 -36.65 12.51 -17.29
N SER B 203 -36.32 12.79 -16.04
CA SER B 203 -35.11 12.30 -15.40
C SER B 203 -35.49 11.47 -14.19
N HIS B 204 -34.69 10.45 -13.91
CA HIS B 204 -34.97 9.52 -12.84
C HIS B 204 -33.82 9.54 -11.84
N ILE B 205 -34.17 9.48 -10.56
CA ILE B 205 -33.26 9.80 -9.48
C ILE B 205 -33.35 8.76 -8.38
N VAL B 206 -32.20 8.42 -7.81
CA VAL B 206 -32.12 7.50 -6.68
C VAL B 206 -31.18 8.11 -5.66
N ILE B 207 -31.57 8.03 -4.39
CA ILE B 207 -30.86 8.71 -3.31
C ILE B 207 -30.53 7.72 -2.21
N PHE B 208 -29.31 7.82 -1.66
CA PHE B 208 -28.93 7.05 -0.47
C PHE B 208 -29.05 7.95 0.75
N ASP B 209 -30.29 8.12 1.23
CA ASP B 209 -30.52 8.96 2.40
C ASP B 209 -30.05 8.20 3.64
N ILE B 210 -28.91 8.59 4.18
CA ILE B 210 -28.33 7.90 5.33
C ILE B 210 -28.75 8.50 6.66
N HIS B 211 -29.59 9.55 6.65
CA HIS B 211 -30.10 10.15 7.87
C HIS B 211 -31.59 10.46 7.81
N ALA B 212 -32.28 10.08 6.74
CA ALA B 212 -33.72 10.32 6.61
C ALA B 212 -34.03 11.81 6.74
N GLU B 213 -33.50 12.58 5.80
CA GLU B 213 -33.64 14.04 5.78
C GLU B 213 -34.43 14.54 4.58
N TYR B 214 -34.06 14.10 3.38
CA TYR B 214 -34.56 14.70 2.15
C TYR B 214 -36.04 14.48 1.91
N ALA B 215 -36.68 13.59 2.67
CA ALA B 215 -38.09 13.32 2.46
C ALA B 215 -38.93 14.58 2.60
N ALA B 216 -38.52 15.50 3.47
CA ALA B 216 -39.32 16.70 3.69
C ALA B 216 -39.29 17.62 2.48
N ALA B 217 -38.11 17.79 1.87
CA ALA B 217 -38.02 18.63 0.67
C ALA B 217 -39.08 18.25 -0.34
N PHE B 218 -39.05 16.99 -0.78
CA PHE B 218 -40.01 16.49 -1.76
C PHE B 218 -41.34 16.10 -1.13
N ASN B 219 -41.49 16.21 0.18
CA ASN B 219 -42.80 15.97 0.79
C ASN B 219 -43.74 17.05 0.28
N LEU B 220 -44.64 16.68 -0.63
CA LEU B 220 -45.33 17.66 -1.45
C LEU B 220 -46.76 17.20 -1.67
N GLU B 221 -47.44 17.89 -2.58
CA GLU B 221 -48.83 17.64 -2.93
C GLU B 221 -48.93 16.75 -4.15
N ALA B 222 -49.99 15.94 -4.20
CA ALA B 222 -50.25 15.12 -5.37
C ALA B 222 -50.40 15.98 -6.62
N GLY B 223 -50.85 17.22 -6.46
CA GLY B 223 -50.97 18.13 -7.60
C GLY B 223 -49.65 18.50 -8.23
N GLU B 224 -48.54 18.29 -7.54
CA GLU B 224 -47.24 18.60 -8.11
C GLU B 224 -46.94 17.78 -9.36
N ALA B 225 -47.76 16.77 -9.66
CA ALA B 225 -47.63 15.99 -10.88
C ALA B 225 -46.20 15.48 -11.02
N PHE B 226 -45.85 14.62 -10.07
CA PHE B 226 -44.53 14.01 -10.00
C PHE B 226 -44.62 12.81 -9.07
N THR B 227 -43.94 11.73 -9.44
CA THR B 227 -44.12 10.48 -8.73
C THR B 227 -43.13 10.40 -7.59
N LEU B 228 -43.57 9.76 -6.50
CA LEU B 228 -42.72 9.56 -5.33
C LEU B 228 -42.84 8.12 -4.91
N ASN B 229 -41.71 7.56 -4.44
CA ASN B 229 -41.63 6.17 -4.03
C ASN B 229 -40.73 6.03 -2.80
N LEU B 230 -41.28 6.33 -1.63
CA LEU B 230 -40.47 6.17 -0.44
C LEU B 230 -40.17 4.69 -0.26
N LEU B 231 -39.07 4.41 0.44
CA LEU B 231 -38.69 3.03 0.70
C LEU B 231 -38.15 2.92 2.11
N GLY B 232 -38.34 1.77 2.71
CA GLY B 232 -37.97 1.57 4.09
C GLY B 232 -37.69 0.12 4.40
N VAL B 233 -37.03 -0.09 5.53
CA VAL B 233 -36.64 -1.44 5.93
C VAL B 233 -37.86 -2.32 6.04
N ASP B 234 -38.98 -1.77 6.50
CA ASP B 234 -40.21 -2.51 6.71
C ASP B 234 -41.06 -2.55 5.45
N ASN B 235 -40.68 -1.81 4.41
CA ASN B 235 -41.40 -1.75 3.15
C ASN B 235 -40.41 -1.90 1.99
N LEU B 236 -39.79 -3.08 1.92
CA LEU B 236 -38.80 -3.32 0.89
C LEU B 236 -38.58 -4.82 0.74
N ARG B 237 -38.31 -5.24 -0.49
CA ARG B 237 -38.03 -6.63 -0.83
C ARG B 237 -36.72 -6.72 -1.60
N LEU B 238 -35.82 -7.59 -1.16
CA LEU B 238 -34.50 -7.67 -1.76
C LEU B 238 -33.83 -9.00 -1.43
N PRO B 239 -34.29 -10.11 -2.05
CA PRO B 239 -33.81 -11.44 -1.64
C PRO B 239 -32.33 -11.67 -1.86
N TYR B 240 -31.88 -12.88 -1.48
CA TYR B 240 -30.46 -13.20 -1.39
C TYR B 240 -29.93 -13.97 -2.60
N TRP B 241 -30.79 -14.53 -3.43
CA TRP B 241 -30.35 -15.35 -4.55
C TRP B 241 -30.03 -14.52 -5.79
N LEU B 242 -29.76 -13.22 -5.59
CA LEU B 242 -29.27 -12.36 -6.65
C LEU B 242 -27.81 -11.99 -6.49
N MET B 243 -27.20 -12.39 -5.39
CA MET B 243 -25.84 -12.00 -5.06
C MET B 243 -24.84 -12.80 -5.90
N ASN B 244 -23.56 -12.67 -5.54
CA ASN B 244 -22.48 -13.42 -6.16
C ASN B 244 -21.57 -13.99 -5.08
N ALA B 245 -20.41 -14.50 -5.49
CA ALA B 245 -19.49 -15.12 -4.55
C ALA B 245 -19.04 -14.14 -3.48
N GLN B 246 -18.39 -13.05 -3.91
CA GLN B 246 -17.82 -12.08 -2.97
C GLN B 246 -18.85 -11.58 -1.97
N GLU B 247 -20.14 -11.72 -2.26
CA GLU B 247 -21.21 -11.31 -1.36
C GLU B 247 -21.65 -12.44 -0.45
N LEU B 248 -22.01 -13.59 -1.04
CA LEU B 248 -22.44 -14.73 -0.25
C LEU B 248 -21.40 -15.10 0.79
N GLU B 249 -20.13 -15.17 0.38
CA GLU B 249 -19.06 -15.46 1.33
C GLU B 249 -19.04 -14.45 2.45
N GLN B 250 -18.89 -13.17 2.10
CA GLN B 250 -18.80 -12.12 3.12
C GLN B 250 -19.98 -12.17 4.08
N ILE B 251 -21.13 -12.66 3.62
CA ILE B 251 -22.31 -12.71 4.48
C ILE B 251 -22.25 -13.92 5.40
N PHE B 252 -22.22 -15.12 4.83
CA PHE B 252 -22.46 -16.34 5.58
C PHE B 252 -21.22 -16.88 6.29
N ILE B 253 -20.07 -16.23 6.16
CA ILE B 253 -18.81 -16.86 6.55
C ILE B 253 -17.86 -15.81 7.10
N GLU B 254 -16.93 -16.27 7.94
CA GLU B 254 -15.73 -15.53 8.28
C GLU B 254 -14.53 -16.28 7.72
N SER B 255 -13.45 -15.55 7.49
CA SER B 255 -12.26 -16.10 6.84
C SER B 255 -11.17 -16.51 7.81
N ASN B 256 -11.44 -16.50 9.12
CA ASN B 256 -10.40 -16.85 10.07
C ASN B 256 -10.28 -18.35 10.29
N GLU B 257 -10.89 -19.18 9.44
CA GLU B 257 -10.79 -20.63 9.56
C GLU B 257 -10.12 -21.17 8.30
N HIS B 258 -9.01 -21.88 8.49
CA HIS B 258 -8.29 -22.45 7.36
C HIS B 258 -9.00 -23.66 6.76
N ASN B 259 -9.90 -24.30 7.51
CA ASN B 259 -10.72 -25.33 6.89
C ASN B 259 -11.50 -24.79 5.70
N SER B 260 -11.48 -23.47 5.51
CA SER B 260 -12.11 -22.83 4.36
C SER B 260 -11.92 -23.65 3.10
N HIS B 261 -10.68 -24.08 2.84
CA HIS B 261 -10.37 -24.81 1.61
C HIS B 261 -11.28 -26.02 1.41
N ASN B 262 -12.03 -26.40 2.46
CA ASN B 262 -12.99 -27.48 2.40
C ASN B 262 -14.41 -26.99 2.64
N GLN B 263 -14.60 -26.16 3.67
CA GLN B 263 -15.90 -25.57 3.95
C GLN B 263 -16.47 -24.90 2.71
N ILE B 264 -15.66 -24.06 2.07
CA ILE B 264 -16.10 -23.32 0.89
C ILE B 264 -16.56 -24.28 -0.19
N SER B 265 -15.70 -25.24 -0.53
CA SER B 265 -16.02 -26.17 -1.61
C SER B 265 -17.33 -26.89 -1.35
N GLN B 266 -17.53 -27.35 -0.12
CA GLN B 266 -18.75 -28.10 0.18
C GLN B 266 -19.97 -27.18 0.13
N PHE B 267 -19.84 -25.97 0.68
CA PHE B 267 -20.91 -24.99 0.60
C PHE B 267 -21.32 -24.75 -0.85
N ARG B 268 -20.34 -24.53 -1.72
CA ARG B 268 -20.62 -24.35 -3.14
C ARG B 268 -21.39 -25.54 -3.68
N HIS B 269 -20.78 -26.73 -3.62
CA HIS B 269 -21.42 -27.94 -4.11
C HIS B 269 -22.89 -28.01 -3.69
N ALA B 270 -23.17 -27.78 -2.42
CA ALA B 270 -24.54 -27.87 -1.93
C ALA B 270 -25.43 -26.83 -2.61
N VAL B 271 -24.95 -25.59 -2.70
CA VAL B 271 -25.74 -24.54 -3.32
C VAL B 271 -26.07 -24.90 -4.76
N VAL B 272 -25.06 -25.36 -5.50
CA VAL B 272 -25.25 -25.70 -6.91
C VAL B 272 -26.25 -26.84 -7.05
N ARG B 273 -26.17 -27.82 -6.16
CA ARG B 273 -27.11 -28.94 -6.23
C ARG B 273 -28.54 -28.48 -5.99
N ASN B 274 -28.75 -27.64 -4.98
CA ASN B 274 -30.11 -27.16 -4.75
C ASN B 274 -30.61 -26.33 -5.92
N LYS B 275 -29.73 -25.52 -6.51
CA LYS B 275 -30.11 -24.75 -7.68
C LYS B 275 -30.58 -25.68 -8.81
N CYS B 276 -29.73 -26.65 -9.17
CA CYS B 276 -30.10 -27.60 -10.20
C CYS B 276 -31.40 -28.32 -9.85
N LYS B 277 -31.67 -28.50 -8.56
CA LYS B 277 -32.87 -29.22 -8.16
C LYS B 277 -34.12 -28.40 -8.43
N HIS B 278 -34.20 -27.20 -7.85
CA HIS B 278 -35.42 -26.41 -8.00
C HIS B 278 -35.63 -25.88 -9.42
N ASN B 279 -34.63 -25.97 -10.29
CA ASN B 279 -34.74 -25.51 -11.67
C ASN B 279 -34.34 -26.64 -12.61
N PRO B 280 -35.21 -27.64 -12.76
CA PRO B 280 -34.83 -28.81 -13.56
C PRO B 280 -34.60 -28.51 -15.03
N THR B 281 -35.41 -27.63 -15.61
CA THR B 281 -35.40 -27.44 -17.06
C THR B 281 -34.02 -27.04 -17.56
N LEU B 282 -33.35 -26.13 -16.84
CA LEU B 282 -32.15 -25.49 -17.36
C LEU B 282 -30.91 -26.29 -17.01
N THR B 283 -29.76 -25.82 -17.50
CA THR B 283 -28.48 -26.48 -17.31
C THR B 283 -27.39 -25.42 -17.43
N ASN B 284 -26.13 -25.88 -17.37
CA ASN B 284 -24.97 -24.99 -17.44
C ASN B 284 -24.93 -24.06 -16.25
N LEU B 285 -25.54 -24.46 -15.14
CA LEU B 285 -25.62 -23.61 -13.96
C LEU B 285 -24.25 -23.54 -13.30
N SER B 286 -24.18 -22.75 -12.24
CA SER B 286 -22.95 -22.59 -11.47
C SER B 286 -23.30 -21.90 -10.15
N PHE B 287 -22.28 -21.58 -9.38
CA PHE B 287 -22.49 -20.98 -8.06
C PHE B 287 -23.18 -19.63 -8.15
N ASP B 288 -22.86 -18.86 -9.19
CA ASP B 288 -23.24 -17.45 -9.26
C ASP B 288 -24.55 -17.21 -10.01
N THR B 289 -25.26 -18.26 -10.41
CA THR B 289 -26.45 -18.04 -11.22
C THR B 289 -27.59 -17.51 -10.35
N PRO B 290 -28.21 -16.38 -10.73
CA PRO B 290 -29.31 -15.81 -9.93
C PRO B 290 -30.65 -16.51 -10.11
N VAL B 291 -30.87 -17.59 -9.36
CA VAL B 291 -32.13 -18.31 -9.40
C VAL B 291 -32.49 -18.78 -7.98
N TYR B 292 -33.76 -19.11 -7.80
CA TYR B 292 -34.26 -19.49 -6.49
C TYR B 292 -33.53 -20.73 -5.98
N PHE B 293 -33.32 -20.75 -4.66
CA PHE B 293 -32.83 -21.95 -3.99
C PHE B 293 -33.00 -21.80 -2.48
N SER B 294 -33.73 -22.73 -1.85
CA SER B 294 -33.82 -22.73 -0.40
C SER B 294 -32.45 -22.92 0.22
N ILE B 295 -32.36 -22.58 1.50
CA ILE B 295 -31.10 -22.58 2.23
C ILE B 295 -31.14 -23.48 3.46
N ASP B 296 -32.23 -23.43 4.23
CA ASP B 296 -32.45 -24.35 5.33
C ASP B 296 -32.08 -25.77 4.93
N GLU B 297 -32.39 -26.13 3.69
CA GLU B 297 -32.00 -27.45 3.19
C GLU B 297 -30.49 -27.58 3.12
N VAL B 298 -29.80 -26.50 2.76
CA VAL B 298 -28.34 -26.52 2.74
C VAL B 298 -27.81 -26.78 4.14
N VAL B 299 -28.42 -26.14 5.14
CA VAL B 299 -27.98 -26.34 6.51
C VAL B 299 -28.23 -27.78 6.95
N THR B 300 -29.38 -28.33 6.57
CA THR B 300 -29.66 -29.74 6.83
C THR B 300 -28.56 -30.62 6.25
N TYR B 301 -28.21 -30.36 4.98
CA TYR B 301 -27.15 -31.13 4.34
C TYR B 301 -25.84 -31.05 5.13
N LEU B 302 -25.45 -29.84 5.50
CA LEU B 302 -24.18 -29.69 6.22
C LEU B 302 -24.20 -30.42 7.55
N GLU B 303 -25.31 -30.34 8.28
CA GLU B 303 -25.42 -31.09 9.53
C GLU B 303 -25.25 -32.59 9.28
N ASN B 304 -26.08 -33.14 8.39
CA ASN B 304 -25.98 -34.55 8.05
C ASN B 304 -24.54 -34.95 7.77
N MET B 305 -23.86 -34.18 6.90
CA MET B 305 -22.49 -34.53 6.53
C MET B 305 -21.55 -34.44 7.73
N ASN B 306 -21.76 -33.46 8.61
CA ASN B 306 -20.92 -33.35 9.79
C ASN B 306 -21.19 -34.45 10.80
N ASN B 307 -22.27 -35.20 10.64
CA ASN B 307 -22.58 -36.27 11.58
C ASN B 307 -22.62 -37.63 10.89
N GLU B 308 -21.62 -37.94 10.09
CA GLU B 308 -21.56 -39.19 9.34
C GLU B 308 -20.62 -40.20 9.99
N VAL B 309 -20.83 -41.46 9.63
CA VAL B 309 -20.01 -42.58 10.08
C VAL B 309 -20.09 -43.67 9.01
N ILE B 310 -18.92 -44.14 8.57
CA ILE B 310 -18.81 -45.10 7.46
C ILE B 310 -18.46 -46.47 8.04
N GLY B 311 -19.24 -47.48 7.67
CA GLY B 311 -18.92 -48.84 8.08
C GLY B 311 -17.70 -49.35 7.32
N LYS B 312 -16.71 -49.83 8.08
CA LYS B 312 -15.48 -50.37 7.50
C LYS B 312 -15.59 -51.86 7.18
N LEU B 313 -16.80 -52.36 7.01
CA LEU B 313 -17.03 -53.78 6.78
C LEU B 313 -16.84 -54.12 5.31
N ALA B 314 -17.09 -55.38 4.97
CA ALA B 314 -16.93 -55.84 3.59
C ALA B 314 -18.07 -55.32 2.73
N GLY B 315 -17.72 -54.70 1.60
CA GLY B 315 -18.73 -54.20 0.69
C GLY B 315 -19.67 -53.18 1.30
N GLU B 316 -19.19 -52.41 2.28
CA GLU B 316 -20.02 -51.40 2.94
C GLU B 316 -19.24 -50.10 3.08
N GLY B 317 -18.51 -49.71 2.04
CA GLY B 317 -17.78 -48.47 2.05
C GLY B 317 -18.70 -47.27 1.90
N LYS B 318 -19.67 -47.14 2.80
CA LYS B 318 -20.63 -46.06 2.76
C LYS B 318 -21.08 -45.77 4.18
N PRO B 319 -21.88 -44.73 4.38
CA PRO B 319 -22.47 -44.51 5.70
C PRO B 319 -23.54 -45.55 5.98
N LYS B 320 -23.76 -45.80 7.28
CA LYS B 320 -24.74 -46.79 7.71
C LYS B 320 -25.69 -46.15 8.70
N LEU B 321 -26.97 -46.11 8.35
CA LEU B 321 -27.98 -45.52 9.23
C LEU B 321 -27.98 -46.22 10.58
N ALA B 322 -28.38 -45.48 11.61
CA ALA B 322 -28.52 -46.06 12.94
C ALA B 322 -29.41 -47.30 12.91
N ASN B 323 -30.38 -47.34 12.00
CA ASN B 323 -31.21 -48.51 11.79
C ASN B 323 -30.60 -49.49 10.78
N GLU B 324 -29.30 -49.36 10.51
CA GLU B 324 -28.57 -50.32 9.68
C GLU B 324 -29.18 -50.43 8.28
N THR B 325 -29.14 -49.32 7.56
CA THR B 325 -29.49 -49.29 6.15
C THR B 325 -28.41 -48.52 5.38
N LEU B 326 -28.17 -48.95 4.14
CA LEU B 326 -27.11 -48.36 3.34
C LEU B 326 -27.59 -47.08 2.67
N VAL B 327 -26.61 -46.30 2.20
CA VAL B 327 -26.86 -45.00 1.59
C VAL B 327 -26.55 -45.12 0.10
N SER B 328 -27.53 -44.74 -0.73
CA SER B 328 -27.37 -44.77 -2.18
C SER B 328 -27.17 -43.37 -2.76
N ASP B 329 -28.12 -42.46 -2.54
CA ASP B 329 -28.07 -41.11 -3.09
C ASP B 329 -28.21 -40.10 -1.96
N ARG B 330 -27.10 -39.44 -1.60
CA ARG B 330 -27.17 -38.39 -0.60
C ARG B 330 -28.15 -37.29 -1.02
N ASP B 331 -28.01 -36.81 -2.26
CA ASP B 331 -28.78 -35.66 -2.71
C ASP B 331 -30.29 -35.89 -2.65
N GLU B 332 -30.73 -37.13 -2.48
CA GLU B 332 -32.16 -37.41 -2.33
C GLU B 332 -32.60 -37.48 -0.88
N LEU B 333 -31.66 -37.63 0.06
CA LEU B 333 -31.97 -37.80 1.47
C LEU B 333 -31.67 -36.56 2.31
N TYR B 334 -30.44 -36.06 2.22
CA TYR B 334 -29.95 -35.10 3.21
C TYR B 334 -30.85 -33.87 3.30
N PHE B 335 -31.12 -33.23 2.16
CA PHE B 335 -31.92 -32.01 2.17
C PHE B 335 -33.22 -32.22 2.93
N ASP B 336 -33.83 -33.40 2.80
CA ASP B 336 -35.11 -33.65 3.45
C ASP B 336 -35.05 -33.34 4.94
N ALA B 337 -34.10 -33.94 5.65
CA ALA B 337 -33.95 -33.73 7.08
C ALA B 337 -32.64 -34.37 7.53
N VAL B 338 -32.39 -34.30 8.84
CA VAL B 338 -31.19 -34.89 9.40
C VAL B 338 -31.37 -36.41 9.53
N GLN B 339 -30.26 -37.12 9.68
CA GLN B 339 -30.27 -38.56 9.80
C GLN B 339 -29.25 -38.99 10.85
N SER B 340 -29.53 -40.13 11.49
CA SER B 340 -28.69 -40.69 12.54
C SER B 340 -28.08 -41.99 12.06
N PHE B 341 -26.79 -42.17 12.34
CA PHE B 341 -26.02 -43.32 11.88
C PHE B 341 -25.51 -44.10 13.08
N ILE B 342 -25.29 -45.40 12.88
CA ILE B 342 -24.72 -46.22 13.94
C ILE B 342 -23.37 -45.65 14.35
N VAL B 343 -22.95 -46.00 15.57
CA VAL B 343 -21.70 -45.46 16.09
C VAL B 343 -20.53 -45.96 15.24
N ALA B 344 -19.44 -45.21 15.29
CA ALA B 344 -18.21 -45.61 14.63
C ALA B 344 -17.40 -46.55 15.53
N SER B 345 -18.07 -47.62 15.94
CA SER B 345 -17.46 -48.57 16.87
C SER B 345 -16.38 -49.38 16.18
N GLN B 346 -15.22 -49.49 16.82
CA GLN B 346 -14.10 -50.24 16.27
C GLN B 346 -14.37 -51.74 16.23
N ALA B 347 -15.43 -52.22 16.86
CA ALA B 347 -15.71 -53.64 16.92
C ALA B 347 -15.71 -54.26 15.52
N ALA B 348 -14.94 -55.34 15.36
CA ALA B 348 -14.87 -56.01 14.07
C ALA B 348 -16.26 -56.34 13.52
N ALA B 349 -17.19 -56.70 14.40
CA ALA B 349 -18.55 -56.99 13.95
C ALA B 349 -19.24 -55.72 13.46
N THR B 350 -19.09 -54.62 14.20
CA THR B 350 -19.67 -53.33 13.86
C THR B 350 -18.59 -52.30 13.57
N LYS B 351 -17.54 -52.71 12.85
CA LYS B 351 -16.42 -51.82 12.60
C LYS B 351 -16.87 -50.67 11.71
N ALA B 352 -16.53 -49.46 12.12
CA ALA B 352 -16.92 -48.25 11.40
C ALA B 352 -16.11 -47.09 11.93
N SER B 353 -15.68 -46.22 11.03
CA SER B 353 -14.93 -45.01 11.37
C SER B 353 -15.78 -43.78 11.10
N ASN B 354 -15.22 -42.62 11.39
CA ASN B 354 -15.91 -41.38 11.14
C ASN B 354 -15.92 -41.10 9.63
N GLY B 355 -16.60 -40.03 9.25
CA GLY B 355 -16.51 -39.52 7.91
C GLY B 355 -15.29 -38.67 7.72
N PRO B 356 -15.00 -38.33 6.46
CA PRO B 356 -13.86 -37.45 6.19
C PRO B 356 -14.10 -36.02 6.65
N PHE B 357 -15.36 -35.63 6.85
CA PHE B 357 -15.72 -34.31 7.35
C PHE B 357 -16.67 -34.53 8.53
N ASN B 358 -16.08 -34.72 9.71
CA ASN B 358 -16.86 -34.91 10.94
C ASN B 358 -16.18 -34.13 12.05
N GLY B 359 -16.90 -33.16 12.60
CA GLY B 359 -16.36 -32.31 13.65
C GLY B 359 -15.58 -31.13 13.12
N GLU B 360 -16.05 -30.54 12.03
CA GLU B 360 -15.46 -29.33 11.47
C GLU B 360 -16.48 -28.26 11.13
N PHE B 361 -17.73 -28.63 10.86
CA PHE B 361 -18.78 -27.67 10.52
C PHE B 361 -19.61 -27.37 11.76
N ASP B 362 -19.01 -26.58 12.66
CA ASP B 362 -19.66 -26.19 13.90
C ASP B 362 -19.94 -24.69 13.96
N ARG B 363 -18.92 -23.86 13.79
CA ARG B 363 -19.16 -22.42 13.82
C ARG B 363 -19.86 -21.95 12.55
N MET B 364 -19.51 -22.57 11.42
CA MET B 364 -20.19 -22.26 10.17
C MET B 364 -21.64 -22.68 10.19
N ILE B 365 -22.02 -23.59 11.10
CA ILE B 365 -23.42 -23.97 11.26
C ILE B 365 -24.06 -23.15 12.38
N LEU B 366 -23.27 -22.64 13.31
CA LEU B 366 -23.78 -21.79 14.38
C LEU B 366 -24.17 -20.42 13.84
N ARG B 367 -23.26 -19.78 13.11
CA ARG B 367 -23.52 -18.46 12.56
C ARG B 367 -24.83 -18.40 11.81
N LEU B 368 -25.16 -19.47 11.08
CA LEU B 368 -26.33 -19.43 10.22
C LEU B 368 -27.60 -19.38 11.05
N HIS B 369 -27.83 -20.40 11.88
CA HIS B 369 -28.97 -20.38 12.80
C HIS B 369 -28.97 -19.13 13.65
N THR B 370 -27.82 -18.51 13.88
CA THR B 370 -27.77 -17.24 14.61
C THR B 370 -28.41 -16.13 13.79
N ARG B 371 -28.06 -16.05 12.51
CA ARG B 371 -28.50 -14.92 11.69
C ARG B 371 -29.95 -15.08 11.26
N LEU B 372 -30.31 -16.27 10.78
CA LEU B 372 -31.63 -16.49 10.21
C LEU B 372 -32.75 -15.98 11.10
N ALA B 373 -32.62 -16.19 12.42
CA ALA B 373 -33.74 -15.91 13.31
C ALA B 373 -33.95 -14.42 13.52
N ASP B 374 -32.90 -13.62 13.40
CA ASP B 374 -33.00 -12.19 13.66
C ASP B 374 -34.10 -11.58 12.80
N PRO B 375 -35.15 -11.02 13.40
CA PRO B 375 -36.23 -10.41 12.60
C PRO B 375 -35.79 -9.16 11.87
N ARG B 376 -34.75 -8.49 12.35
CA ARG B 376 -34.25 -7.27 11.71
C ARG B 376 -33.80 -7.51 10.28
N LEU B 377 -33.70 -8.76 9.84
CA LEU B 377 -33.31 -9.10 8.48
C LEU B 377 -34.42 -9.83 7.74
N GLN B 378 -35.66 -9.74 8.23
CA GLN B 378 -36.76 -10.43 7.57
C GLN B 378 -36.99 -9.96 6.15
N PHE B 379 -36.33 -8.89 5.72
CA PHE B 379 -36.45 -8.38 4.37
C PHE B 379 -35.43 -9.01 3.42
N LEU B 380 -34.61 -9.93 3.91
CA LEU B 380 -33.53 -10.51 3.13
C LEU B 380 -33.50 -12.02 3.13
N PHE B 381 -34.20 -12.68 4.04
CA PHE B 381 -34.23 -14.13 4.17
C PHE B 381 -35.62 -14.72 4.05
N TYR B 382 -36.63 -14.02 4.54
CA TYR B 382 -38.02 -14.45 4.42
C TYR B 382 -38.91 -13.30 3.92
N PRO B 383 -38.48 -12.60 2.88
CA PRO B 383 -39.32 -11.54 2.31
C PRO B 383 -40.50 -12.12 1.55
N LYS B 384 -41.64 -11.46 1.70
CA LYS B 384 -42.89 -11.85 1.08
C LYS B 384 -43.36 -10.74 0.14
N LYS B 385 -44.26 -11.13 -0.76
CA LYS B 385 -44.78 -10.19 -1.74
C LYS B 385 -45.68 -9.18 -1.05
N GLU B 386 -46.19 -8.21 -1.82
CA GLU B 386 -47.23 -7.33 -1.28
C GLU B 386 -48.39 -8.17 -0.78
N ASP B 387 -48.72 -9.24 -1.51
CA ASP B 387 -49.76 -10.16 -1.06
C ASP B 387 -49.37 -10.80 0.26
N GLY B 388 -48.08 -11.08 0.43
CA GLY B 388 -47.57 -11.67 1.65
C GLY B 388 -47.27 -13.15 1.52
N GLU B 389 -46.68 -13.53 0.38
CA GLU B 389 -46.29 -14.91 0.11
C GLU B 389 -44.87 -14.92 -0.43
N ASP B 390 -44.24 -16.09 -0.36
CA ASP B 390 -42.86 -16.24 -0.82
C ASP B 390 -42.67 -15.87 -2.28
N LEU B 391 -41.51 -15.27 -2.56
CA LEU B 391 -41.15 -14.85 -3.91
C LEU B 391 -40.52 -16.01 -4.67
N ALA B 392 -40.62 -15.96 -5.99
CA ALA B 392 -39.99 -16.96 -6.84
C ALA B 392 -39.21 -16.28 -7.95
N THR B 393 -38.47 -17.08 -8.71
CA THR B 393 -37.64 -16.55 -9.79
C THR B 393 -38.48 -15.82 -10.83
N GLY B 394 -39.78 -16.13 -10.92
CA GLY B 394 -40.63 -15.51 -11.92
C GLY B 394 -40.94 -14.06 -11.60
N ASP B 395 -40.95 -13.71 -10.31
CA ASP B 395 -41.31 -12.35 -9.89
C ASP B 395 -40.02 -11.54 -9.70
N PHE B 396 -39.33 -11.33 -10.82
CA PHE B 396 -38.10 -10.55 -10.84
C PHE B 396 -38.38 -9.08 -11.11
N ALA B 397 -39.02 -8.78 -12.24
CA ALA B 397 -39.19 -7.40 -12.66
C ALA B 397 -39.91 -6.57 -11.61
N ASP B 398 -40.83 -7.18 -10.87
CA ASP B 398 -41.56 -6.44 -9.86
C ASP B 398 -40.63 -5.79 -8.84
N VAL B 399 -39.38 -6.23 -8.77
CA VAL B 399 -38.42 -5.64 -7.85
C VAL B 399 -37.89 -4.32 -8.39
N VAL B 400 -37.22 -4.37 -9.56
CA VAL B 400 -36.64 -3.16 -10.11
C VAL B 400 -37.71 -2.12 -10.38
N ARG B 401 -38.92 -2.55 -10.74
CA ARG B 401 -40.00 -1.62 -11.02
C ARG B 401 -40.31 -0.71 -9.84
N GLN B 402 -39.83 -1.06 -8.64
CA GLN B 402 -40.09 -0.26 -7.46
C GLN B 402 -39.01 0.78 -7.22
N PHE B 403 -37.95 0.78 -8.01
CA PHE B 403 -36.95 1.85 -7.96
C PHE B 403 -37.21 2.95 -8.97
N VAL B 404 -37.80 2.63 -10.12
CA VAL B 404 -37.82 3.57 -11.24
C VAL B 404 -39.22 4.10 -11.51
N GLY B 405 -40.12 3.24 -11.96
CA GLY B 405 -41.52 3.61 -12.13
C GLY B 405 -41.91 4.05 -13.53
N TYR B 406 -42.58 3.14 -14.25
CA TYR B 406 -43.41 3.48 -15.40
C TYR B 406 -42.65 3.92 -16.66
N MET B 407 -41.35 4.18 -16.55
CA MET B 407 -40.28 4.68 -17.42
C MET B 407 -40.60 6.07 -17.96
N THR B 408 -41.68 6.69 -17.50
CA THR B 408 -42.03 8.06 -17.87
C THR B 408 -42.59 8.73 -16.63
N LYS B 409 -43.10 9.94 -16.79
CA LYS B 409 -43.64 10.71 -15.68
C LYS B 409 -42.63 10.75 -14.54
N SER B 410 -41.55 11.48 -14.81
CA SER B 410 -40.30 11.38 -14.05
C SER B 410 -40.53 11.09 -12.58
N ASN B 411 -39.74 10.16 -12.04
CA ASN B 411 -39.91 9.63 -10.71
C ASN B 411 -38.65 9.86 -9.89
N VAL B 412 -38.78 9.69 -8.57
CA VAL B 412 -37.67 9.82 -7.65
C VAL B 412 -37.81 8.73 -6.59
N SER B 413 -36.67 8.25 -6.09
CA SER B 413 -36.68 7.20 -5.09
C SER B 413 -35.62 7.47 -4.04
N ILE B 414 -36.00 7.25 -2.79
CA ILE B 414 -35.16 7.52 -1.63
C ILE B 414 -34.95 6.22 -0.88
N ILE B 415 -33.75 6.02 -0.35
CA ILE B 415 -33.41 4.80 0.37
C ILE B 415 -32.96 5.19 1.77
N ASP B 416 -33.73 4.77 2.77
CA ASP B 416 -33.43 5.06 4.16
C ASP B 416 -32.61 3.92 4.74
N LEU B 417 -31.39 4.21 5.15
CA LEU B 417 -30.45 3.21 5.64
C LEU B 417 -30.24 3.26 7.15
N SER B 418 -30.67 4.33 7.82
CA SER B 418 -30.51 4.40 9.26
C SER B 418 -31.18 3.20 9.95
N GLY B 419 -32.34 2.80 9.46
CA GLY B 419 -33.06 1.68 10.05
C GLY B 419 -32.55 0.34 9.56
N ILE B 420 -31.24 0.16 9.54
CA ILE B 420 -30.62 -1.05 9.03
C ILE B 420 -29.36 -1.35 9.82
N PRO B 421 -28.98 -2.61 9.99
CA PRO B 421 -27.73 -2.94 10.68
C PRO B 421 -26.51 -2.22 10.16
N PHE B 422 -25.44 -2.32 10.94
CA PHE B 422 -24.16 -1.70 10.63
C PHE B 422 -23.27 -2.57 9.77
N GLU B 423 -23.60 -3.84 9.59
CA GLU B 423 -22.70 -4.76 8.92
C GLU B 423 -23.05 -4.95 7.44
N VAL B 424 -24.33 -5.14 7.13
CA VAL B 424 -24.76 -5.33 5.73
C VAL B 424 -25.10 -3.96 5.17
N LEU B 425 -24.06 -3.23 4.75
CA LEU B 425 -24.26 -1.96 4.05
C LEU B 425 -23.64 -1.97 2.67
N SER B 426 -22.33 -2.27 2.59
CA SER B 426 -21.66 -2.37 1.30
C SER B 426 -22.33 -3.40 0.42
N ILE B 427 -22.93 -4.43 1.04
CA ILE B 427 -23.60 -5.47 0.29
C ILE B 427 -24.77 -4.88 -0.51
N VAL B 428 -25.68 -4.20 0.18
CA VAL B 428 -26.83 -3.62 -0.47
C VAL B 428 -26.39 -2.60 -1.52
N VAL B 429 -25.35 -1.82 -1.20
CA VAL B 429 -24.85 -0.83 -2.15
C VAL B 429 -24.42 -1.51 -3.44
N SER B 430 -23.50 -2.48 -3.33
CA SER B 430 -22.96 -3.16 -4.50
C SER B 430 -24.01 -3.99 -5.22
N LEU B 431 -25.13 -4.28 -4.58
CA LEU B 431 -26.18 -5.03 -5.25
C LEU B 431 -27.05 -4.12 -6.10
N ILE B 432 -27.50 -3.01 -5.51
CA ILE B 432 -28.36 -2.08 -6.24
C ILE B 432 -27.59 -1.44 -7.40
N SER B 433 -26.32 -1.09 -7.17
CA SER B 433 -25.52 -0.51 -8.23
C SER B 433 -25.61 -1.35 -9.50
N ARG B 434 -25.46 -2.66 -9.35
CA ARG B 434 -25.47 -3.55 -10.51
C ARG B 434 -26.88 -3.70 -11.08
N MET B 435 -27.87 -3.94 -10.22
CA MET B 435 -29.23 -4.08 -10.73
C MET B 435 -29.66 -2.85 -11.52
N ILE B 436 -28.97 -1.72 -11.35
CA ILE B 436 -29.30 -0.52 -12.13
C ILE B 436 -28.45 -0.46 -13.39
N PHE B 437 -27.13 -0.48 -13.21
CA PHE B 437 -26.20 -0.46 -14.33
C PHE B 437 -26.66 -1.39 -15.45
N ASP B 438 -27.02 -2.63 -15.10
CA ASP B 438 -27.40 -3.58 -16.14
C ASP B 438 -28.67 -3.15 -16.83
N PHE B 439 -29.61 -2.58 -16.08
CA PHE B 439 -30.86 -2.12 -16.67
C PHE B 439 -30.59 -1.13 -17.79
N GLY B 440 -29.80 -0.10 -17.48
CA GLY B 440 -29.50 0.89 -18.50
C GLY B 440 -28.67 0.33 -19.64
N PHE B 441 -27.69 -0.52 -19.31
CA PHE B 441 -26.90 -1.17 -20.34
C PHE B 441 -27.79 -1.84 -21.37
N HIS B 442 -28.73 -2.65 -20.91
CA HIS B 442 -29.62 -3.35 -21.84
C HIS B 442 -30.53 -2.37 -22.56
N TYR B 443 -31.14 -1.44 -21.84
CA TYR B 443 -32.14 -0.57 -22.47
C TYR B 443 -31.53 0.28 -23.57
N SER B 444 -30.23 0.57 -23.49
CA SER B 444 -29.64 1.50 -24.44
C SER B 444 -29.85 1.06 -25.89
N LYS B 445 -29.56 -0.22 -26.17
CA LYS B 445 -29.42 -0.70 -27.54
C LYS B 445 -30.51 -0.20 -28.48
N ASN B 446 -31.77 -0.54 -28.20
CA ASN B 446 -32.86 -0.19 -29.10
C ASN B 446 -32.85 1.28 -29.46
N ARG B 447 -32.93 2.15 -28.45
CA ARG B 447 -32.97 3.59 -28.70
C ARG B 447 -31.73 4.04 -29.46
N HIS B 448 -30.57 3.55 -29.07
CA HIS B 448 -29.31 4.04 -29.63
C HIS B 448 -29.17 3.47 -31.04
N VAL B 449 -29.53 4.27 -32.04
CA VAL B 449 -29.74 3.78 -33.40
C VAL B 449 -28.92 4.59 -34.40
N GLY B 450 -27.72 5.01 -34.00
CA GLY B 450 -26.85 5.71 -34.92
C GLY B 450 -27.08 7.20 -35.07
N GLY B 451 -26.80 7.96 -34.00
CA GLY B 451 -26.91 9.40 -34.04
C GLY B 451 -27.78 9.99 -32.96
N ALA B 452 -27.91 9.29 -31.85
CA ALA B 452 -28.64 9.81 -30.70
C ALA B 452 -28.15 9.07 -29.44
N VAL B 453 -28.73 9.42 -28.30
CA VAL B 453 -28.40 8.83 -27.02
C VAL B 453 -29.71 8.58 -26.28
N SER B 454 -29.63 7.77 -25.21
CA SER B 454 -30.83 7.36 -24.49
C SER B 454 -31.66 8.56 -24.06
N ASP B 455 -32.96 8.32 -23.90
CA ASP B 455 -33.90 9.32 -23.40
C ASP B 455 -34.32 9.02 -21.96
N VAL B 456 -33.57 8.17 -21.28
CA VAL B 456 -33.89 7.76 -19.90
C VAL B 456 -32.64 7.94 -19.06
N PRO B 457 -32.26 9.17 -18.75
CA PRO B 457 -31.08 9.39 -17.91
C PRO B 457 -31.38 9.08 -16.45
N ILE B 458 -30.33 8.74 -15.72
CA ILE B 458 -30.46 8.30 -14.34
C ILE B 458 -29.34 8.89 -13.49
N LEU B 459 -29.71 9.37 -12.30
CA LEU B 459 -28.78 10.00 -11.39
C LEU B 459 -28.80 9.28 -10.05
N VAL B 460 -27.63 9.18 -9.43
CA VAL B 460 -27.43 8.43 -8.20
C VAL B 460 -26.75 9.33 -7.19
N VAL B 461 -27.34 9.43 -6.00
CA VAL B 461 -26.87 10.34 -4.97
C VAL B 461 -26.20 9.51 -3.90
N CYS B 462 -24.88 9.66 -3.80
CA CYS B 462 -24.03 8.91 -2.90
C CYS B 462 -23.63 9.86 -1.76
N GLU B 463 -24.36 9.76 -0.65
CA GLU B 463 -24.19 10.61 0.50
C GLU B 463 -23.27 9.97 1.54
N GLU B 464 -22.55 10.82 2.27
CA GLU B 464 -21.66 10.38 3.34
C GLU B 464 -20.80 9.20 2.87
N ALA B 465 -19.97 9.50 1.87
CA ALA B 465 -19.34 8.44 1.10
C ALA B 465 -18.18 7.81 1.85
N HIS B 466 -17.34 8.61 2.50
CA HIS B 466 -16.10 8.10 3.07
C HIS B 466 -16.32 6.95 4.03
N ASN B 467 -17.55 6.70 4.47
CA ASN B 467 -17.83 5.48 5.22
C ASN B 467 -17.60 4.24 4.39
N TYR B 468 -18.35 4.09 3.29
CA TYR B 468 -18.31 2.89 2.46
C TYR B 468 -17.58 3.10 1.14
N LEU B 469 -16.69 4.10 1.08
CA LEU B 469 -15.85 4.28 -0.09
C LEU B 469 -14.49 4.80 0.33
N PRO B 470 -13.82 4.12 1.25
CA PRO B 470 -12.57 4.65 1.81
C PRO B 470 -11.42 4.56 0.84
N ARG B 471 -10.32 5.21 1.22
CA ARG B 471 -9.06 5.05 0.49
C ARG B 471 -8.48 3.66 0.72
N SER B 472 -8.54 3.18 1.96
CA SER B 472 -7.85 1.95 2.35
C SER B 472 -8.59 1.35 3.53
N GLY B 473 -9.34 0.29 3.28
CA GLY B 473 -10.06 -0.40 4.32
C GLY B 473 -10.01 -1.90 4.15
N GLY B 474 -10.83 -2.63 4.89
CA GLY B 474 -10.84 -4.07 4.79
C GLY B 474 -11.61 -4.56 3.57
N ALA B 475 -11.49 -5.86 3.32
CA ALA B 475 -12.22 -6.46 2.20
C ALA B 475 -13.70 -6.18 2.29
N ALA B 476 -14.23 -6.04 3.52
CA ALA B 476 -15.64 -5.73 3.71
C ALA B 476 -16.07 -4.61 2.78
N TYR B 477 -15.28 -3.55 2.70
CA TYR B 477 -15.55 -2.43 1.82
C TYR B 477 -14.78 -2.57 0.50
N ASP B 478 -15.10 -3.64 -0.21
CA ASP B 478 -14.61 -3.88 -1.56
C ASP B 478 -15.74 -3.97 -2.58
N ALA B 479 -16.79 -4.74 -2.28
CA ALA B 479 -17.92 -4.86 -3.19
C ALA B 479 -18.46 -3.49 -3.58
N SER B 480 -18.93 -2.74 -2.60
CA SER B 480 -19.45 -1.40 -2.87
C SER B 480 -18.41 -0.52 -3.54
N ARG B 481 -17.14 -0.84 -3.39
CA ARG B 481 -16.06 -0.04 -3.96
C ARG B 481 -15.69 -0.48 -5.36
N LYS B 482 -16.37 -1.46 -5.94
CA LYS B 482 -16.09 -1.89 -7.30
C LYS B 482 -17.24 -1.65 -8.26
N SER B 483 -18.44 -2.14 -7.93
CA SER B 483 -19.61 -1.82 -8.74
C SER B 483 -19.71 -0.32 -8.98
N ILE B 484 -19.16 0.48 -8.07
CA ILE B 484 -19.18 1.92 -8.23
C ILE B 484 -18.15 2.38 -9.26
N GLU B 485 -16.90 1.95 -9.12
CA GLU B 485 -15.86 2.38 -10.04
C GLU B 485 -16.26 2.11 -11.48
N ARG B 486 -16.94 0.99 -11.72
CA ARG B 486 -17.52 0.71 -13.02
C ARG B 486 -18.22 1.93 -13.58
N ILE B 487 -19.25 2.40 -12.86
CA ILE B 487 -20.04 3.53 -13.31
C ILE B 487 -19.16 4.75 -13.53
N ALA B 488 -18.08 4.87 -12.77
CA ALA B 488 -17.21 6.03 -12.89
C ALA B 488 -16.45 6.09 -14.21
N LYS B 489 -16.59 5.09 -15.06
CA LYS B 489 -15.88 5.10 -16.34
C LYS B 489 -16.80 4.91 -17.54
N GLU B 490 -17.82 4.08 -17.41
CA GLU B 490 -18.62 3.64 -18.55
C GLU B 490 -20.10 3.69 -18.21
N GLY B 491 -20.53 4.76 -17.55
CA GLY B 491 -21.92 5.00 -17.28
C GLY B 491 -22.44 6.13 -18.13
N ARG B 492 -21.55 7.09 -18.42
CA ARG B 492 -21.88 8.15 -19.35
C ARG B 492 -22.41 7.59 -20.66
N LYS B 493 -21.87 6.44 -21.08
CA LYS B 493 -22.24 5.85 -22.35
C LYS B 493 -23.64 5.28 -22.34
N TYR B 494 -24.30 5.25 -21.18
CA TYR B 494 -25.62 4.62 -21.06
C TYR B 494 -26.65 5.47 -20.35
N GLY B 495 -26.27 6.52 -19.62
CA GLY B 495 -27.25 7.37 -18.97
C GLY B 495 -27.25 7.27 -17.46
N VAL B 496 -26.08 7.06 -16.87
CA VAL B 496 -25.95 6.85 -15.43
C VAL B 496 -24.87 7.79 -14.91
N THR B 497 -25.19 8.57 -13.88
CA THR B 497 -24.20 9.49 -13.34
C THR B 497 -24.36 9.65 -11.84
N LEU B 498 -23.39 10.34 -11.24
CA LEU B 498 -23.19 10.41 -9.79
C LEU B 498 -23.35 11.82 -9.24
N MET B 499 -23.61 11.89 -7.94
CA MET B 499 -23.66 13.14 -7.17
C MET B 499 -22.91 12.96 -5.85
N VAL B 500 -21.68 12.49 -5.93
CA VAL B 500 -20.85 12.24 -4.76
C VAL B 500 -20.94 13.38 -3.76
N VAL B 501 -21.06 13.05 -2.46
CA VAL B 501 -21.00 14.03 -1.40
C VAL B 501 -20.01 13.55 -0.34
N SER B 502 -19.46 14.51 0.41
CA SER B 502 -18.52 14.20 1.48
C SER B 502 -18.23 15.46 2.27
N GLN B 503 -17.53 15.26 3.40
CA GLN B 503 -17.04 16.38 4.21
C GLN B 503 -15.62 16.14 4.70
N ARG B 504 -14.95 15.09 4.23
CA ARG B 504 -13.55 14.83 4.56
C ARG B 504 -12.92 14.10 3.38
N PRO B 505 -12.69 14.81 2.28
CA PRO B 505 -12.34 14.14 1.01
C PRO B 505 -10.93 13.58 0.96
N SER B 506 -10.13 13.75 2.01
CA SER B 506 -8.85 13.08 2.10
C SER B 506 -8.98 11.63 2.56
N GLU B 507 -10.20 11.10 2.57
CA GLU B 507 -10.47 9.74 3.01
C GLU B 507 -11.44 9.07 2.04
N VAL B 508 -11.19 9.24 0.74
CA VAL B 508 -12.03 8.68 -0.31
C VAL B 508 -11.14 8.28 -1.46
N SER B 509 -11.62 7.33 -2.25
CA SER B 509 -10.81 6.69 -3.29
C SER B 509 -10.56 7.67 -4.43
N GLU B 510 -9.34 8.22 -4.47
CA GLU B 510 -8.97 9.16 -5.51
C GLU B 510 -9.37 8.69 -6.90
N THR B 511 -9.47 7.38 -7.10
CA THR B 511 -9.94 6.81 -8.36
C THR B 511 -11.17 7.55 -8.85
N ILE B 512 -12.06 7.92 -7.93
CA ILE B 512 -13.33 8.53 -8.29
C ILE B 512 -13.20 10.03 -8.45
N PHE B 513 -12.47 10.70 -7.55
CA PHE B 513 -12.27 12.13 -7.66
C PHE B 513 -11.37 12.50 -8.83
N SER B 514 -10.79 11.52 -9.52
CA SER B 514 -10.07 11.75 -10.75
C SER B 514 -10.93 11.43 -11.97
N GLN B 515 -12.25 11.43 -11.81
CA GLN B 515 -13.17 11.12 -12.89
C GLN B 515 -14.36 12.06 -12.91
N CYS B 516 -14.36 13.11 -12.10
CA CYS B 516 -15.44 14.08 -12.04
C CYS B 516 -15.03 15.35 -12.77
N SER B 517 -15.96 15.92 -13.53
CA SER B 517 -15.66 17.06 -14.39
C SER B 517 -15.80 18.37 -13.63
N ASN B 518 -16.92 18.59 -12.98
CA ASN B 518 -17.24 19.83 -12.31
C ASN B 518 -17.09 19.67 -10.80
N PHE B 519 -16.53 20.71 -10.16
CA PHE B 519 -16.30 20.69 -8.73
C PHE B 519 -17.00 21.89 -8.09
N ILE B 520 -17.42 21.67 -6.84
CA ILE B 520 -18.05 22.69 -6.02
C ILE B 520 -17.43 22.61 -4.64
N SER B 521 -17.37 23.75 -3.95
CA SER B 521 -16.77 23.77 -2.63
C SER B 521 -17.42 24.86 -1.79
N LEU B 522 -17.43 24.61 -0.48
CA LEU B 522 -17.90 25.55 0.52
C LEU B 522 -16.79 25.72 1.56
N ARG B 523 -17.10 26.37 2.68
CA ARG B 523 -16.09 26.67 3.69
C ARG B 523 -15.33 25.42 4.08
N LEU B 524 -14.02 25.48 3.96
CA LEU B 524 -13.11 24.46 4.48
C LEU B 524 -12.11 25.11 5.43
N THR B 525 -11.87 24.45 6.54
CA THR B 525 -10.99 24.96 7.59
C THR B 525 -9.78 24.08 7.82
N ASN B 526 -9.94 22.75 7.73
CA ASN B 526 -8.81 21.86 7.84
C ASN B 526 -7.78 22.20 6.77
N ALA B 527 -6.57 21.67 6.95
CA ALA B 527 -5.46 21.90 6.02
C ALA B 527 -5.24 20.74 5.07
N VAL B 528 -5.40 19.51 5.56
CA VAL B 528 -5.23 18.33 4.71
C VAL B 528 -6.13 18.43 3.48
N ASP B 529 -7.42 18.67 3.70
CA ASP B 529 -8.37 18.75 2.60
C ASP B 529 -8.00 19.87 1.64
N GLN B 530 -7.68 21.04 2.17
CA GLN B 530 -7.24 22.15 1.33
C GLN B 530 -6.10 21.74 0.42
N THR B 531 -5.06 21.15 1.00
CA THR B 531 -3.88 20.78 0.22
C THR B 531 -4.23 19.74 -0.84
N TYR B 532 -4.95 18.69 -0.45
CA TYR B 532 -5.36 17.68 -1.41
C TYR B 532 -6.09 18.30 -2.59
N VAL B 533 -7.12 19.09 -2.30
CA VAL B 533 -7.90 19.74 -3.35
C VAL B 533 -6.98 20.56 -4.25
N LYS B 534 -6.26 21.52 -3.67
CA LYS B 534 -5.36 22.36 -4.45
C LYS B 534 -4.50 21.52 -5.39
N SER B 535 -3.74 20.57 -4.82
CA SER B 535 -2.92 19.70 -5.65
C SER B 535 -3.73 19.09 -6.78
N LEU B 536 -5.02 18.82 -6.55
CA LEU B 536 -5.82 18.21 -7.61
C LEU B 536 -6.01 19.16 -8.78
N LEU B 537 -6.22 20.45 -8.52
CA LEU B 537 -6.64 21.39 -9.55
C LEU B 537 -5.59 22.45 -9.80
N PRO B 538 -5.31 22.79 -11.07
CA PRO B 538 -4.33 23.85 -11.35
C PRO B 538 -4.92 25.24 -11.28
N ASP B 539 -6.22 25.38 -11.59
CA ASP B 539 -6.84 26.69 -11.54
C ASP B 539 -6.83 27.27 -10.15
N LEU B 540 -6.75 26.43 -9.13
CA LEU B 540 -6.66 26.88 -7.74
C LEU B 540 -5.19 26.97 -7.34
N SER B 541 -4.49 27.82 -8.08
CA SER B 541 -3.15 28.25 -7.69
C SER B 541 -3.28 29.21 -6.52
N ALA B 542 -2.17 29.84 -6.14
CA ALA B 542 -2.12 30.76 -5.02
C ALA B 542 -3.36 31.64 -4.94
N GLY B 543 -3.93 32.00 -6.09
CA GLY B 543 -5.05 32.91 -6.16
C GLY B 543 -6.24 32.63 -5.26
N LEU B 544 -6.97 31.54 -5.52
CA LEU B 544 -8.31 31.37 -4.98
C LEU B 544 -8.39 30.38 -3.82
N GLY B 545 -7.64 29.29 -3.86
CA GLY B 545 -7.74 28.27 -2.84
C GLY B 545 -7.68 28.81 -1.42
N ASP B 546 -7.12 30.01 -1.27
CA ASP B 546 -7.01 30.64 0.04
C ASP B 546 -8.31 31.24 0.53
N LEU B 547 -9.30 31.41 -0.34
CA LEU B 547 -10.55 32.03 0.05
C LEU B 547 -11.48 31.09 0.81
N LEU B 548 -11.28 29.79 0.68
CA LEU B 548 -12.17 28.80 1.24
C LEU B 548 -12.43 29.06 2.72
N PRO B 549 -11.39 29.11 3.56
CA PRO B 549 -11.63 29.25 5.01
C PRO B 549 -12.37 30.51 5.41
N ASN B 550 -12.53 31.47 4.51
CA ASN B 550 -13.19 32.74 4.83
C ASN B 550 -14.56 32.86 4.17
N LEU B 551 -15.15 31.76 3.75
CA LEU B 551 -16.44 31.80 3.10
C LEU B 551 -17.57 31.86 4.11
N ALA B 552 -18.68 32.46 3.69
CA ALA B 552 -19.82 32.70 4.55
C ALA B 552 -20.85 31.60 4.40
N GLN B 553 -22.02 31.80 5.03
CA GLN B 553 -23.10 30.84 4.98
C GLN B 553 -23.86 30.98 3.66
N GLY B 554 -23.85 29.92 2.87
CA GLY B 554 -24.55 29.91 1.60
C GLY B 554 -23.74 30.37 0.41
N GLU B 555 -22.46 30.66 0.60
CA GLU B 555 -21.58 31.08 -0.49
C GLU B 555 -20.72 29.92 -0.92
N PHE B 556 -20.53 29.78 -2.22
CA PHE B 556 -19.86 28.61 -2.78
C PHE B 556 -18.88 29.03 -3.86
N LEU B 557 -18.07 28.06 -4.28
CA LEU B 557 -17.03 28.27 -5.27
C LEU B 557 -17.03 27.10 -6.23
N ILE B 558 -17.12 27.40 -7.53
CA ILE B 558 -17.35 26.39 -8.56
C ILE B 558 -16.18 26.39 -9.53
N VAL B 559 -15.99 25.24 -10.18
CA VAL B 559 -14.93 25.08 -11.17
C VAL B 559 -15.32 23.96 -12.12
N GLY B 560 -14.86 24.04 -13.35
CA GLY B 560 -15.09 22.97 -14.29
C GLY B 560 -15.09 23.50 -15.72
N ASP B 561 -15.90 22.85 -16.54
CA ASP B 561 -16.04 23.15 -17.95
C ASP B 561 -17.40 23.73 -18.30
N ALA B 562 -18.45 23.32 -17.59
CA ALA B 562 -19.77 23.89 -17.82
C ALA B 562 -19.78 25.40 -17.59
N PRO B 563 -19.22 25.94 -16.51
CA PRO B 563 -19.29 27.38 -16.31
C PRO B 563 -18.36 28.12 -17.24
N LEU B 564 -18.63 29.41 -17.40
CA LEU B 564 -17.85 30.22 -18.32
C LEU B 564 -16.44 30.47 -17.78
N MET B 565 -16.29 30.46 -16.46
CA MET B 565 -14.99 30.69 -15.82
C MET B 565 -15.13 30.46 -14.32
N PRO B 566 -14.02 30.36 -13.59
CA PRO B 566 -14.12 30.29 -12.12
C PRO B 566 -14.83 31.51 -11.56
N THR B 567 -15.64 31.28 -10.55
CA THR B 567 -16.50 32.32 -10.02
C THR B 567 -16.83 32.02 -8.57
N VAL B 568 -17.67 32.88 -7.98
CA VAL B 568 -18.15 32.73 -6.62
C VAL B 568 -19.65 32.95 -6.65
N GLY B 569 -20.36 32.31 -5.71
CA GLY B 569 -21.80 32.37 -5.69
C GLY B 569 -22.36 32.43 -4.29
N HIS B 570 -23.66 32.73 -4.23
CA HIS B 570 -24.39 32.83 -2.97
C HIS B 570 -25.79 32.27 -3.20
N PHE B 571 -26.09 31.15 -2.56
CA PHE B 571 -27.38 30.51 -2.72
C PHE B 571 -28.45 31.30 -1.97
N ALA B 572 -29.70 30.86 -2.13
CA ALA B 572 -30.81 31.32 -1.32
C ALA B 572 -31.50 30.10 -0.73
N LEU B 573 -31.91 30.21 0.53
CA LEU B 573 -32.49 29.07 1.22
C LEU B 573 -33.60 28.45 0.38
N PRO B 574 -33.70 27.12 0.33
CA PRO B 574 -34.68 26.47 -0.53
C PRO B 574 -36.07 26.48 0.10
N VAL B 575 -37.02 25.89 -0.61
CA VAL B 575 -38.41 25.87 -0.19
C VAL B 575 -39.09 24.62 -0.77
N PRO B 576 -39.51 23.66 0.06
CA PRO B 576 -39.32 23.56 1.51
C PRO B 576 -37.86 23.36 1.91
N GLU B 577 -37.61 23.18 3.21
CA GLU B 577 -36.29 22.88 3.70
C GLU B 577 -36.28 21.53 4.40
N PRO B 578 -35.15 20.83 4.39
CA PRO B 578 -35.11 19.47 4.94
C PRO B 578 -35.12 19.47 6.47
N HIS B 579 -35.43 18.31 7.02
CA HIS B 579 -35.51 18.12 8.46
C HIS B 579 -35.51 16.62 8.76
N SER B 580 -34.95 16.26 9.91
CA SER B 580 -34.79 14.86 10.29
C SER B 580 -35.66 14.44 11.47
N ARG B 581 -36.15 15.38 12.27
CA ARG B 581 -36.98 15.06 13.43
C ARG B 581 -36.24 14.16 14.42
N SER B 582 -35.14 14.67 14.95
CA SER B 582 -34.35 13.97 15.95
C SER B 582 -34.76 14.39 17.35
N VAL B 583 -34.37 13.56 18.33
CA VAL B 583 -34.72 13.84 19.73
C VAL B 583 -33.98 15.07 20.23
N ASN B 584 -34.54 15.70 21.25
CA ASN B 584 -33.95 16.86 21.91
C ASN B 584 -33.69 16.49 23.37
N TYR B 585 -32.41 16.59 23.77
CA TYR B 585 -31.99 16.20 25.11
C TYR B 585 -32.25 17.30 26.14
N LEU B 586 -31.63 18.46 25.95
CA LEU B 586 -31.75 19.55 26.92
C LEU B 586 -33.20 19.87 27.24
N GLN B 587 -34.12 19.60 26.30
CA GLN B 587 -35.53 19.90 26.54
C GLN B 587 -36.16 18.93 27.54
N GLU B 588 -35.76 17.66 27.49
CA GLU B 588 -36.32 16.67 28.41
C GLU B 588 -35.73 16.80 29.80
N TRP B 589 -34.41 17.02 29.89
CA TRP B 589 -33.75 17.12 31.19
C TRP B 589 -34.41 18.14 32.11
N ASN B 590 -35.22 19.04 31.58
CA ASN B 590 -35.91 20.03 32.39
C ASN B 590 -37.35 19.65 32.71
N SER B 591 -37.86 18.57 32.11
CA SER B 591 -39.21 18.11 32.39
C SER B 591 -39.19 17.22 33.65
N GLY B 592 -40.36 16.70 34.01
CA GLY B 592 -40.51 16.04 35.29
C GLY B 592 -39.83 14.69 35.33
N TRP B 593 -40.44 13.70 35.95
CA TRP B 593 -39.94 12.34 35.94
C TRP B 593 -40.90 11.45 35.16
N ARG B 594 -40.34 10.42 34.53
CA ARG B 594 -41.16 9.51 33.74
C ARG B 594 -41.77 8.44 34.62
N HIS B 595 -42.63 7.64 34.00
CA HIS B 595 -43.16 6.44 34.61
C HIS B 595 -43.31 5.41 33.50
N VAL B 596 -42.98 4.16 33.80
CA VAL B 596 -42.85 3.14 32.77
C VAL B 596 -43.46 1.84 33.27
N ASP B 597 -44.13 1.14 32.36
CA ASP B 597 -44.56 -0.24 32.59
C ASP B 597 -43.53 -1.13 31.90
N PHE B 598 -42.40 -1.32 32.59
CA PHE B 598 -41.25 -1.98 32.00
C PHE B 598 -41.63 -3.29 31.33
N ASP B 599 -42.73 -3.92 31.77
CA ASP B 599 -43.18 -5.14 31.12
C ASP B 599 -43.52 -4.89 29.65
N SER B 600 -44.15 -3.75 29.35
CA SER B 600 -44.55 -3.48 27.98
C SER B 600 -43.35 -3.48 27.04
N VAL B 601 -42.22 -2.93 27.49
CA VAL B 601 -41.01 -2.92 26.67
C VAL B 601 -40.35 -4.29 26.65
N ILE B 602 -40.87 -5.25 27.42
CA ILE B 602 -40.28 -6.58 27.53
C ILE B 602 -41.11 -7.57 26.73
N ASP B 603 -42.43 -7.37 26.66
CA ASP B 603 -43.26 -8.29 25.91
C ASP B 603 -42.94 -8.31 24.42
N ARG B 604 -42.25 -7.29 23.92
CA ARG B 604 -41.84 -7.31 22.52
C ARG B 604 -41.03 -8.56 22.20
N TRP B 605 -40.21 -9.00 23.14
CA TRP B 605 -39.26 -10.08 22.89
C TRP B 605 -39.97 -11.42 22.73
N MET C 1 -22.94 49.04 17.90
CA MET C 1 -24.02 49.88 18.39
C MET C 1 -23.48 51.06 19.20
N PRO C 2 -22.73 50.77 20.27
CA PRO C 2 -22.21 51.87 21.10
C PRO C 2 -21.14 52.67 20.38
N ASP C 3 -20.57 53.65 21.05
CA ASP C 3 -19.50 54.43 20.48
C ASP C 3 -18.17 53.80 20.88
N LEU C 4 -17.20 53.89 19.98
CA LEU C 4 -15.92 53.23 20.19
C LEU C 4 -14.81 54.19 20.59
N GLY C 5 -14.99 55.49 20.37
CA GLY C 5 -14.03 56.48 20.81
C GLY C 5 -13.11 56.95 19.72
N THR C 6 -11.83 56.64 19.85
CA THR C 6 -10.83 57.07 18.90
C THR C 6 -10.06 55.88 18.35
N PRO C 7 -9.61 55.95 17.10
CA PRO C 7 -8.75 54.88 16.58
C PRO C 7 -7.38 54.93 17.21
N ILE C 8 -6.57 53.94 16.86
CA ILE C 8 -5.20 53.85 17.33
C ILE C 8 -4.20 53.70 16.21
N GLY C 9 -4.61 53.25 15.04
CA GLY C 9 -3.70 53.00 13.96
C GLY C 9 -4.41 52.99 12.64
N SER C 10 -3.73 52.40 11.66
CA SER C 10 -4.24 52.36 10.29
C SER C 10 -3.82 51.02 9.69
N VAL C 11 -4.27 50.78 8.47
CA VAL C 11 -3.94 49.55 7.76
C VAL C 11 -2.84 49.84 6.77
N THR C 12 -2.01 48.82 6.51
CA THR C 12 -0.93 48.93 5.54
C THR C 12 -0.82 47.69 4.67
N ASP C 13 -1.78 46.78 4.74
CA ASP C 13 -1.75 45.53 3.99
C ASP C 13 -3.11 44.89 4.11
N SER C 14 -3.39 43.96 3.20
CA SER C 14 -4.66 43.26 3.19
C SER C 14 -4.51 42.01 2.36
N SER C 15 -5.15 40.94 2.81
CA SER C 15 -5.07 39.65 2.15
C SER C 15 -6.05 38.71 2.84
N PRO C 16 -6.50 37.66 2.17
CA PRO C 16 -7.43 36.72 2.80
C PRO C 16 -6.80 35.88 3.89
N SER C 17 -5.48 35.91 4.05
CA SER C 17 -4.79 35.13 5.06
C SER C 17 -4.08 35.98 6.11
N LEU C 18 -4.11 37.31 5.97
CA LEU C 18 -3.36 38.17 6.87
C LEU C 18 -3.93 39.58 6.79
N ILE C 19 -3.78 40.29 7.91
CA ILE C 19 -3.97 41.73 7.93
C ILE C 19 -2.89 42.32 8.82
N ARG C 20 -2.49 43.54 8.51
CA ARG C 20 -1.41 44.20 9.24
C ARG C 20 -1.83 45.60 9.63
N ILE C 21 -1.44 46.00 10.84
CA ILE C 21 -1.78 47.31 11.37
C ILE C 21 -0.52 47.99 11.86
N GLU C 22 -0.50 49.31 11.72
CA GLU C 22 0.57 50.16 12.18
C GLU C 22 0.03 51.12 13.22
N ILE C 23 0.92 51.62 14.05
CA ILE C 23 0.53 52.41 15.22
C ILE C 23 0.87 53.86 14.99
N SER C 24 0.05 54.73 15.57
CA SER C 24 0.23 56.17 15.39
C SER C 24 1.45 56.67 16.15
N SER C 25 1.44 56.51 17.47
CA SER C 25 2.44 57.07 18.35
C SER C 25 2.91 56.02 19.33
N ALA C 26 3.78 56.42 20.25
CA ALA C 26 4.19 55.58 21.36
C ALA C 26 3.34 55.79 22.60
N GLU C 27 2.64 56.91 22.69
CA GLU C 27 1.84 57.21 23.89
C GLU C 27 0.55 56.41 23.90
N ASP C 28 -0.14 56.35 22.76
CA ASP C 28 -1.31 55.50 22.67
C ASP C 28 -0.97 54.05 22.97
N PHE C 29 0.23 53.62 22.57
CA PHE C 29 0.67 52.27 22.89
C PHE C 29 0.92 52.10 24.38
N GLU C 30 1.74 52.99 24.95
CA GLU C 30 1.96 52.99 26.39
C GLU C 30 0.64 52.98 27.16
N LYS C 31 -0.40 53.55 26.58
CA LYS C 31 -1.67 53.65 27.26
C LYS C 31 -2.47 52.35 27.13
N TYR C 32 -2.78 51.95 25.89
CA TYR C 32 -3.48 50.69 25.68
C TYR C 32 -2.52 49.52 25.51
N LYS C 33 -1.50 49.42 26.38
CA LYS C 33 -0.70 48.19 26.40
C LYS C 33 -1.55 46.98 26.76
N SER C 34 -2.51 47.14 27.67
CA SER C 34 -3.17 46.01 28.30
C SER C 34 -4.33 45.47 27.48
N MET C 35 -4.39 45.79 26.20
CA MET C 35 -5.45 45.27 25.35
C MET C 35 -4.96 44.88 23.97
N LEU C 36 -3.66 44.96 23.70
CA LEU C 36 -3.06 44.57 22.43
C LEU C 36 -2.26 43.30 22.54
N GLY C 37 -2.32 42.61 23.67
CA GLY C 37 -1.60 41.37 23.82
C GLY C 37 -2.19 40.26 22.99
N VAL C 38 -1.39 39.21 22.80
CA VAL C 38 -1.82 38.09 21.98
C VAL C 38 -3.12 37.52 22.53
N GLY C 39 -3.89 36.89 21.64
CA GLY C 39 -5.18 36.34 22.01
C GLY C 39 -6.32 37.32 22.03
N GLN C 40 -6.03 38.61 22.16
CA GLN C 40 -7.08 39.62 22.23
C GLN C 40 -7.78 39.75 20.88
N TYR C 41 -8.78 40.63 20.84
CA TYR C 41 -9.55 40.89 19.65
C TYR C 41 -9.49 42.37 19.30
N LEU C 42 -9.84 42.68 18.05
CA LEU C 42 -9.87 44.04 17.57
C LEU C 42 -11.14 44.26 16.77
N LEU C 43 -11.29 45.46 16.22
CA LEU C 43 -12.39 45.78 15.34
C LEU C 43 -11.85 46.61 14.19
N VAL C 44 -12.31 46.31 12.97
CA VAL C 44 -11.88 47.04 11.80
C VAL C 44 -13.10 47.49 11.00
N ALA C 45 -12.96 48.61 10.30
CA ALA C 45 -14.03 49.12 9.48
C ALA C 45 -13.90 48.59 8.07
N SER C 46 -15.05 48.40 7.41
CA SER C 46 -15.07 47.99 6.01
C SER C 46 -16.14 48.72 5.23
N GLY C 47 -16.48 49.94 5.64
CA GLY C 47 -17.51 50.70 4.94
C GLY C 47 -18.88 50.12 5.18
N ASN C 48 -19.91 50.95 4.97
CA ASN C 48 -21.31 50.51 5.04
C ASN C 48 -21.74 50.22 6.48
N ASN C 49 -21.19 50.96 7.43
CA ASN C 49 -21.57 50.86 8.84
C ASN C 49 -21.27 49.49 9.44
N LEU C 50 -20.53 48.65 8.74
CA LEU C 50 -20.25 47.30 9.21
C LEU C 50 -18.94 47.27 9.98
N TYR C 51 -18.55 46.08 10.43
CA TYR C 51 -17.27 45.91 11.09
C TYR C 51 -16.80 44.47 10.93
N LEU C 52 -15.48 44.30 11.02
CA LEU C 52 -14.82 43.02 10.94
C LEU C 52 -14.15 42.71 12.26
N LEU C 53 -14.24 41.45 12.67
CA LEU C 53 -13.66 40.99 13.93
C LEU C 53 -12.42 40.17 13.63
N ALA C 54 -11.32 40.50 14.30
CA ALA C 54 -10.05 39.86 14.06
C ALA C 54 -9.32 39.65 15.39
N SER C 55 -8.35 38.75 15.35
CA SER C 55 -7.53 38.41 16.50
C SER C 55 -6.09 38.81 16.23
N ILE C 56 -5.20 38.43 17.13
CA ILE C 56 -3.82 38.88 17.10
C ILE C 56 -2.91 37.66 17.18
N THR C 57 -1.79 37.73 16.45
CA THR C 57 -0.82 36.64 16.44
C THR C 57 0.62 37.12 16.52
N GLY C 58 0.86 38.43 16.56
CA GLY C 58 2.23 38.91 16.56
C GLY C 58 2.35 40.42 16.66
N VAL C 59 3.37 40.87 17.39
CA VAL C 59 3.62 42.28 17.62
C VAL C 59 5.10 42.53 17.38
N ARG C 60 5.42 43.76 16.99
CA ARG C 60 6.82 44.11 16.76
C ARG C 60 7.01 45.60 16.98
N ALA C 61 8.26 45.97 17.26
CA ALA C 61 8.65 47.36 17.51
C ALA C 61 9.98 47.59 16.83
N THR C 62 9.93 48.10 15.60
CA THR C 62 11.13 48.42 14.85
C THR C 62 11.69 49.76 15.29
N HIS C 63 12.97 49.96 15.01
CA HIS C 63 13.64 51.21 15.33
C HIS C 63 13.57 52.14 14.13
N VAL C 64 13.37 53.43 14.41
CA VAL C 64 13.24 54.44 13.37
C VAL C 64 14.54 55.22 13.30
N GLU C 65 15.03 55.43 12.09
CA GLU C 65 16.22 56.22 11.85
C GLU C 65 15.84 57.59 11.31
N ARG C 66 16.64 58.59 11.65
CA ARG C 66 16.37 59.97 11.28
C ARG C 66 17.40 60.48 10.27
N GLY C 86 15.26 55.83 22.32
CA GLY C 86 15.32 56.18 20.91
C GLY C 86 13.94 56.26 20.27
N ASN C 87 13.92 56.34 18.94
CA ASN C 87 12.68 56.42 18.21
C ASN C 87 12.24 55.03 17.79
N PHE C 88 10.92 54.81 17.77
CA PHE C 88 10.39 53.47 17.52
C PHE C 88 9.10 53.57 16.74
N ARG C 89 8.72 52.43 16.15
CA ARG C 89 7.52 52.33 15.35
C ARG C 89 7.04 50.89 15.42
N PHE C 90 5.75 50.71 15.69
CA PHE C 90 5.23 49.39 16.05
C PHE C 90 4.40 48.81 14.92
N GLN C 91 4.16 47.51 15.02
CA GLN C 91 3.39 46.79 14.01
C GLN C 91 2.67 45.63 14.68
N ILE C 92 1.53 45.27 14.08
CA ILE C 92 0.68 44.21 14.59
C ILE C 92 0.23 43.35 13.42
N ASP C 93 0.13 42.05 13.65
CA ASP C 93 -0.36 41.10 12.67
C ASP C 93 -1.66 40.49 13.17
N THR C 94 -2.58 40.23 12.25
CA THR C 94 -3.91 39.79 12.62
C THR C 94 -4.45 38.83 11.58
N GLN C 95 -5.45 38.06 12.01
CA GLN C 95 -6.16 37.09 11.20
C GLN C 95 -7.65 37.31 11.36
N PRO C 96 -8.42 37.27 10.28
CA PRO C 96 -9.85 37.59 10.38
C PRO C 96 -10.67 36.37 10.77
N ILE C 97 -11.83 36.66 11.35
CA ILE C 97 -12.74 35.61 11.78
C ILE C 97 -14.12 35.78 11.14
N GLY C 98 -14.75 36.91 11.42
CA GLY C 98 -16.14 37.07 11.03
C GLY C 98 -16.55 38.52 10.91
N THR C 99 -17.83 38.70 10.59
CA THR C 99 -18.41 39.99 10.30
C THR C 99 -19.42 40.35 11.38
N LEU C 100 -19.61 41.66 11.56
CA LEU C 100 -20.41 42.20 12.64
C LEU C 100 -21.21 43.38 12.09
N SER C 101 -22.52 43.25 12.10
CA SER C 101 -23.41 44.27 11.58
C SER C 101 -23.49 45.42 12.56
N GLU C 102 -24.40 46.37 12.29
CA GLU C 102 -24.52 47.55 13.15
C GLU C 102 -25.15 47.19 14.49
N ASP C 103 -26.32 46.57 14.46
CA ASP C 103 -27.01 46.19 15.70
C ASP C 103 -26.11 45.38 16.62
N GLY C 104 -25.24 44.54 16.06
CA GLY C 104 -24.35 43.73 16.86
C GLY C 104 -24.40 42.28 16.46
N GLU C 105 -25.31 41.94 15.55
CA GLU C 105 -25.40 40.59 15.04
C GLU C 105 -24.07 40.15 14.45
N PHE C 106 -23.72 38.89 14.69
CA PHE C 106 -22.45 38.32 14.29
C PHE C 106 -22.68 37.21 13.27
N SER C 107 -21.75 37.07 12.35
CA SER C 107 -21.86 36.02 11.34
C SER C 107 -20.48 35.59 10.88
N ARG C 108 -20.32 34.28 10.69
CA ARG C 108 -19.05 33.74 10.25
C ARG C 108 -18.74 34.18 8.83
N GLY C 109 -17.45 34.26 8.52
CA GLY C 109 -17.03 34.56 7.17
C GLY C 109 -17.19 36.02 6.77
N SER C 110 -16.31 36.48 5.89
CA SER C 110 -16.35 37.85 5.39
C SER C 110 -16.74 37.82 3.92
N HIS C 111 -17.73 38.64 3.56
CA HIS C 111 -18.10 38.82 2.16
C HIS C 111 -17.10 39.69 1.42
N SER C 112 -16.44 40.61 2.12
CA SER C 112 -15.47 41.50 1.51
C SER C 112 -14.58 42.06 2.60
N LEU C 113 -13.32 42.27 2.27
CA LEU C 113 -12.32 42.68 3.23
C LEU C 113 -12.08 44.19 3.16
N PRO C 114 -11.37 44.73 4.15
CA PRO C 114 -11.04 46.16 4.12
C PRO C 114 -9.77 46.45 3.34
N VAL C 115 -9.39 47.73 3.28
CA VAL C 115 -8.24 48.15 2.48
C VAL C 115 -7.40 49.15 3.28
N PRO C 116 -6.22 49.50 2.80
CA PRO C 116 -5.37 50.43 3.55
C PRO C 116 -6.06 51.75 3.84
N THR C 117 -5.41 52.55 4.67
CA THR C 117 -5.85 53.86 5.12
C THR C 117 -7.09 53.79 6.00
N GLU C 118 -7.57 52.60 6.33
CA GLU C 118 -8.75 52.46 7.18
C GLU C 118 -8.35 52.45 8.64
N TYR C 119 -9.35 52.63 9.50
CA TYR C 119 -9.18 52.77 10.93
C TYR C 119 -9.51 51.47 11.66
N ALA C 120 -8.89 51.29 12.82
CA ALA C 120 -9.12 50.15 13.69
C ALA C 120 -9.43 50.65 15.09
N TYR C 121 -10.01 49.77 15.90
CA TYR C 121 -10.40 50.12 17.25
C TYR C 121 -10.27 48.90 18.16
N VAL C 122 -10.24 49.18 19.46
CA VAL C 122 -10.21 48.15 20.49
C VAL C 122 -11.62 47.62 20.71
N THR C 123 -11.72 46.51 21.42
CA THR C 123 -13.00 45.82 21.61
C THR C 123 -13.51 46.08 23.02
N PRO C 124 -14.58 46.84 23.21
CA PRO C 124 -15.11 47.04 24.55
C PRO C 124 -15.78 45.79 25.07
N PRO C 125 -15.96 45.68 26.39
CA PRO C 125 -16.55 44.46 26.96
C PRO C 125 -18.00 44.23 26.55
N ALA C 126 -18.83 45.26 26.69
CA ALA C 126 -20.26 45.14 26.40
C ALA C 126 -20.53 44.39 25.12
N VAL C 127 -19.71 44.62 24.10
CA VAL C 127 -19.87 43.91 22.83
C VAL C 127 -19.72 42.41 23.05
N LEU C 128 -18.61 42.02 23.70
CA LEU C 128 -18.35 40.60 23.94
C LEU C 128 -19.45 39.99 24.78
N GLU C 129 -19.98 40.75 25.75
CA GLU C 129 -21.06 40.25 26.58
C GLU C 129 -22.29 39.97 25.74
N GLY C 130 -22.77 40.98 25.00
CA GLY C 130 -23.93 40.79 24.17
C GLY C 130 -23.76 39.71 23.12
N ILE C 131 -22.52 39.41 22.75
CA ILE C 131 -22.28 38.35 21.77
C ILE C 131 -22.33 36.99 22.45
N PHE C 132 -21.47 36.78 23.44
CA PHE C 132 -21.34 35.45 24.00
C PHE C 132 -22.56 35.06 24.81
N SER C 133 -23.41 36.02 25.21
CA SER C 133 -24.73 35.58 25.61
C SER C 133 -25.77 36.68 25.38
N HIS C 134 -26.24 36.79 24.13
CA HIS C 134 -27.61 37.25 23.89
C HIS C 134 -28.19 36.60 22.64
N GLN C 135 -27.34 36.02 21.78
CA GLN C 135 -27.71 35.61 20.44
C GLN C 135 -28.05 34.13 20.33
N ILE C 136 -28.26 33.44 21.45
CA ILE C 136 -28.41 31.99 21.41
C ILE C 136 -29.80 31.61 21.87
N LYS C 137 -30.22 30.41 21.47
CA LYS C 137 -31.58 29.92 21.63
C LYS C 137 -31.73 28.95 22.80
N SER C 138 -30.86 27.95 22.90
CA SER C 138 -30.92 26.97 23.98
C SER C 138 -29.68 27.14 24.85
N PRO C 139 -29.63 28.16 25.69
CA PRO C 139 -28.38 28.46 26.40
C PRO C 139 -28.01 27.40 27.41
N PHE C 140 -26.75 26.98 27.35
CA PHE C 140 -26.16 26.09 28.34
C PHE C 140 -24.83 26.71 28.73
N ALA C 141 -24.69 27.06 30.00
CA ALA C 141 -23.47 27.70 30.45
C ALA C 141 -22.33 26.69 30.50
N LEU C 142 -21.12 27.17 30.26
CA LEU C 142 -19.93 26.33 30.28
C LEU C 142 -18.91 26.82 31.28
N GLY C 143 -18.59 28.11 31.27
CA GLY C 143 -17.58 28.66 32.14
C GLY C 143 -17.39 30.15 31.95
N THR C 144 -16.14 30.61 31.87
CA THR C 144 -15.83 32.00 31.60
C THR C 144 -14.81 32.08 30.47
N LEU C 145 -14.51 33.30 30.06
CA LEU C 145 -13.52 33.54 29.00
C LEU C 145 -12.12 33.64 29.58
N GLY C 146 -11.16 33.05 28.87
CA GLY C 146 -9.77 33.12 29.28
C GLY C 146 -9.15 34.48 29.17
N ILE C 147 -9.91 35.50 28.74
CA ILE C 147 -9.41 36.85 28.59
C ILE C 147 -10.11 37.83 29.52
N SER C 148 -11.43 37.69 29.68
CA SER C 148 -12.24 38.56 30.53
C SER C 148 -12.95 37.68 31.55
N PRO C 149 -12.27 37.29 32.63
CA PRO C 149 -12.90 36.41 33.63
C PRO C 149 -14.22 36.95 34.15
N ASP C 150 -14.46 38.24 33.95
CA ASP C 150 -15.71 38.87 34.36
C ASP C 150 -16.86 38.58 33.41
N ILE C 151 -16.67 37.68 32.44
CA ILE C 151 -17.66 37.40 31.42
C ILE C 151 -17.93 35.90 31.39
N LYS C 152 -19.12 35.55 30.92
CA LYS C 152 -19.59 34.17 30.90
C LYS C 152 -19.36 33.56 29.52
N LEU C 153 -19.90 32.36 29.33
CA LEU C 153 -19.70 31.61 28.10
C LEU C 153 -20.80 30.57 28.01
N LYS C 154 -21.51 30.56 26.88
CA LYS C 154 -22.69 29.72 26.72
C LYS C 154 -22.69 29.13 25.33
N ILE C 155 -23.41 28.01 25.18
CA ILE C 155 -23.53 27.30 23.93
C ILE C 155 -24.94 26.74 23.80
N ASP C 156 -25.19 26.05 22.70
CA ASP C 156 -26.48 25.42 22.43
C ASP C 156 -26.38 23.95 22.83
N GLY C 157 -26.98 23.61 23.96
CA GLY C 157 -26.89 22.23 24.43
C GLY C 157 -27.71 21.25 23.60
N ASP C 158 -28.82 21.73 23.02
CA ASP C 158 -29.65 20.85 22.20
C ASP C 158 -28.84 20.14 21.13
N ARG C 159 -27.73 20.73 20.71
CA ARG C 159 -26.79 20.09 19.79
C ARG C 159 -25.64 19.41 20.50
N PHE C 160 -25.23 19.95 21.64
CA PHE C 160 -24.12 19.37 22.39
C PHE C 160 -24.46 17.95 22.84
N PHE C 161 -25.50 17.82 23.67
CA PHE C 161 -25.84 16.54 24.26
C PHE C 161 -26.55 15.59 23.30
N SER C 162 -26.84 16.04 22.09
CA SER C 162 -27.56 15.21 21.12
C SER C 162 -26.64 14.48 20.17
N LYS C 163 -25.34 14.47 20.43
CA LYS C 163 -24.40 13.80 19.55
C LYS C 163 -23.23 13.29 20.37
N HIS C 164 -22.23 12.74 19.68
CA HIS C 164 -21.08 12.16 20.36
C HIS C 164 -20.01 13.21 20.58
N VAL C 165 -19.32 13.08 21.71
CA VAL C 165 -18.41 14.08 22.23
C VAL C 165 -17.06 13.42 22.48
N ALA C 166 -16.11 14.20 22.99
CA ALA C 166 -14.81 13.67 23.33
C ALA C 166 -14.13 14.65 24.28
N VAL C 167 -13.06 14.16 24.91
CA VAL C 167 -12.29 14.95 25.87
C VAL C 167 -10.88 14.37 25.92
N VAL C 168 -9.89 15.24 26.02
CA VAL C 168 -8.49 14.85 25.96
C VAL C 168 -7.66 15.82 26.79
N GLY C 169 -6.40 15.48 26.98
CA GLY C 169 -5.48 16.25 27.79
C GLY C 169 -4.65 15.34 28.66
N SER C 170 -3.48 15.82 29.04
CA SER C 170 -2.56 15.04 29.84
C SER C 170 -2.95 15.15 31.32
N THR C 171 -2.10 14.65 32.20
CA THR C 171 -2.38 14.68 33.63
C THR C 171 -2.05 16.05 34.20
N GLY C 172 -2.36 16.23 35.48
CA GLY C 172 -2.18 17.53 36.11
C GLY C 172 -2.96 18.64 35.44
N SER C 173 -4.05 18.30 34.77
CA SER C 173 -4.82 19.27 34.01
C SER C 173 -6.25 19.44 34.50
N GLY C 174 -6.86 18.41 35.09
CA GLY C 174 -8.16 18.54 35.68
C GLY C 174 -9.30 18.09 34.79
N LYS C 175 -9.18 16.89 34.22
CA LYS C 175 -10.25 16.37 33.38
C LYS C 175 -11.47 15.99 34.19
N SER C 176 -11.27 15.24 35.27
CA SER C 176 -12.39 14.78 36.08
C SER C 176 -13.03 15.95 36.84
N CYS C 177 -12.20 16.84 37.39
CA CYS C 177 -12.71 18.01 38.10
C CYS C 177 -13.46 18.95 37.17
N ALA C 178 -13.52 18.63 35.89
CA ALA C 178 -14.29 19.37 34.90
C ALA C 178 -15.50 18.59 34.42
N VAL C 179 -15.32 17.32 34.10
CA VAL C 179 -16.46 16.43 33.82
C VAL C 179 -17.50 16.55 34.92
N ALA C 180 -17.07 16.41 36.17
CA ALA C 180 -18.00 16.49 37.29
C ALA C 180 -18.72 17.82 37.30
N LYS C 181 -18.01 18.91 37.03
CA LYS C 181 -18.64 20.22 36.96
C LYS C 181 -19.73 20.24 35.91
N ILE C 182 -19.39 19.76 34.71
CA ILE C 182 -20.36 19.69 33.61
C ILE C 182 -21.63 18.98 34.08
N LEU C 183 -21.46 17.79 34.66
CA LEU C 183 -22.62 16.97 34.95
C LEU C 183 -23.44 17.54 36.11
N GLN C 184 -22.75 18.06 37.13
CA GLN C 184 -23.44 18.83 38.16
C GLN C 184 -24.35 19.88 37.52
N THR C 185 -23.78 20.70 36.66
CA THR C 185 -24.58 21.71 35.98
C THR C 185 -25.75 21.07 35.24
N ALA C 186 -25.50 19.93 34.59
CA ALA C 186 -26.54 19.27 33.80
C ALA C 186 -27.74 18.93 34.68
N VAL C 187 -27.54 18.06 35.66
CA VAL C 187 -28.68 17.66 36.50
C VAL C 187 -29.20 18.85 37.29
N GLY C 188 -28.32 19.80 37.60
CA GLY C 188 -28.71 21.02 38.28
C GLY C 188 -28.14 21.08 39.68
N ILE C 189 -27.01 21.76 39.82
CA ILE C 189 -26.30 21.86 41.09
C ILE C 189 -25.40 23.08 41.02
N GLU C 190 -25.23 23.76 42.15
CA GLU C 190 -24.25 24.84 42.25
C GLU C 190 -23.85 24.96 43.72
N SER C 191 -22.70 24.39 44.07
CA SER C 191 -22.16 24.47 45.43
C SER C 191 -23.16 23.90 46.43
N LYS C 192 -23.63 22.69 46.16
CA LYS C 192 -24.59 22.01 47.04
C LYS C 192 -25.89 22.81 47.15
N ALA C 193 -26.47 23.11 45.99
CA ALA C 193 -27.64 23.98 45.86
C ALA C 193 -28.68 23.35 44.94
N ASN C 194 -29.05 22.10 45.20
CA ASN C 194 -29.92 21.36 44.29
C ASN C 194 -31.18 22.17 44.01
N ALA C 195 -31.31 22.65 42.77
CA ALA C 195 -32.43 23.50 42.39
C ALA C 195 -33.66 22.68 42.02
N HIS C 196 -33.51 21.78 41.06
CA HIS C 196 -34.61 20.90 40.65
C HIS C 196 -34.78 19.78 41.68
N LYS C 197 -35.08 20.20 42.90
CA LYS C 197 -35.10 19.29 44.04
C LYS C 197 -36.40 18.51 44.12
N ALA C 198 -37.52 19.21 44.32
CA ALA C 198 -38.78 18.51 44.51
C ALA C 198 -39.18 17.75 43.24
N ALA C 199 -38.98 18.35 42.07
CA ALA C 199 -39.34 17.70 40.81
C ALA C 199 -38.04 17.17 40.23
N GLN C 200 -37.71 15.94 40.58
CA GLN C 200 -36.58 15.26 39.99
C GLN C 200 -36.83 15.13 38.49
N LYS C 201 -35.90 15.64 37.68
CA LYS C 201 -36.13 15.81 36.25
C LYS C 201 -35.61 14.62 35.42
N ASN C 202 -35.77 14.73 34.10
CA ASN C 202 -35.59 13.61 33.17
C ASN C 202 -34.19 13.62 32.57
N SER C 203 -33.20 13.37 33.43
CA SER C 203 -31.83 13.17 32.99
C SER C 203 -31.40 11.77 33.39
N HIS C 204 -30.73 11.06 32.49
CA HIS C 204 -30.33 9.68 32.74
C HIS C 204 -28.91 9.46 32.24
N ILE C 205 -28.06 9.05 33.16
CA ILE C 205 -26.62 9.03 32.97
C ILE C 205 -26.08 7.68 33.43
N VAL C 206 -24.94 7.28 32.88
CA VAL C 206 -24.27 6.06 33.29
C VAL C 206 -22.77 6.29 33.16
N ILE C 207 -22.00 5.74 34.09
CA ILE C 207 -20.59 6.03 34.22
C ILE C 207 -19.82 4.75 34.48
N PHE C 208 -18.70 4.56 33.77
CA PHE C 208 -17.82 3.43 33.96
C PHE C 208 -16.56 3.93 34.67
N ASP C 209 -16.60 3.94 36.01
CA ASP C 209 -15.46 4.43 36.76
C ASP C 209 -14.38 3.36 36.86
N ILE C 210 -13.19 3.77 37.28
CA ILE C 210 -12.08 2.84 37.50
C ILE C 210 -11.60 2.95 38.93
N HIS C 211 -11.15 4.15 39.31
CA HIS C 211 -10.59 4.41 40.62
C HIS C 211 -11.62 4.94 41.61
N ALA C 212 -12.90 4.94 41.24
CA ALA C 212 -13.98 5.27 42.17
C ALA C 212 -13.79 6.66 42.77
N GLU C 213 -13.84 7.67 41.91
CA GLU C 213 -13.73 9.06 42.33
C GLU C 213 -15.04 9.82 42.26
N TYR C 214 -15.84 9.59 41.22
CA TYR C 214 -17.01 10.43 40.98
C TYR C 214 -18.04 10.32 42.10
N ALA C 215 -18.04 9.22 42.86
CA ALA C 215 -19.00 9.08 43.94
C ALA C 215 -18.83 10.13 45.02
N ALA C 216 -17.73 10.88 45.02
CA ALA C 216 -17.49 11.91 46.02
C ALA C 216 -18.13 13.23 45.66
N ALA C 217 -18.45 13.46 44.38
CA ALA C 217 -19.03 14.72 43.96
C ALA C 217 -20.54 14.75 44.15
N PHE C 218 -21.21 13.66 43.84
CA PHE C 218 -22.65 13.54 44.05
C PHE C 218 -23.00 13.09 45.46
N ASN C 219 -22.01 13.04 46.36
CA ASN C 219 -22.24 12.64 47.74
C ASN C 219 -22.92 13.80 48.48
N LEU C 220 -24.18 14.00 48.17
CA LEU C 220 -24.96 15.05 48.79
C LEU C 220 -25.53 14.58 50.12
N GLU C 221 -25.95 15.55 50.93
CA GLU C 221 -26.66 15.27 52.17
C GLU C 221 -28.17 15.29 51.93
N ALA C 222 -28.93 14.92 52.96
CA ALA C 222 -30.39 14.88 52.83
C ALA C 222 -30.95 16.21 52.36
N GLY C 223 -30.32 17.32 52.72
CA GLY C 223 -30.77 18.63 52.26
C GLY C 223 -31.14 18.67 50.81
N GLU C 224 -30.20 18.30 49.93
CA GLU C 224 -30.49 18.21 48.51
C GLU C 224 -31.29 16.96 48.14
N ALA C 225 -31.24 15.93 48.99
CA ALA C 225 -32.01 14.70 48.77
C ALA C 225 -31.81 14.15 47.38
N PHE C 226 -30.56 14.15 46.92
CA PHE C 226 -30.19 13.57 45.64
C PHE C 226 -29.58 12.20 45.89
N THR C 227 -30.29 11.15 45.47
CA THR C 227 -29.85 9.78 45.63
C THR C 227 -29.20 9.28 44.35
N LEU C 228 -28.58 8.10 44.44
CA LEU C 228 -27.88 7.53 43.30
C LEU C 228 -27.57 6.07 43.58
N ASN C 229 -27.74 5.24 42.55
CA ASN C 229 -27.55 3.79 42.65
C ASN C 229 -26.05 3.49 42.56
N LEU C 230 -25.37 3.61 43.70
CA LEU C 230 -23.95 3.34 43.78
C LEU C 230 -23.72 1.84 43.92
N LEU C 231 -22.97 1.27 42.97
CA LEU C 231 -22.87 -0.17 42.78
C LEU C 231 -21.41 -0.64 42.85
N GLY C 232 -21.22 -1.91 42.49
CA GLY C 232 -19.98 -2.32 41.85
C GLY C 232 -19.36 -3.67 42.15
N VAL C 233 -19.36 -4.18 43.39
CA VAL C 233 -18.82 -5.53 43.57
C VAL C 233 -19.61 -6.38 44.56
N ASP C 234 -20.40 -5.74 45.43
CA ASP C 234 -21.06 -6.46 46.51
C ASP C 234 -22.58 -6.36 46.46
N ASN C 235 -23.14 -5.50 45.61
CA ASN C 235 -24.58 -5.35 45.49
C ASN C 235 -25.03 -5.50 44.05
N LEU C 236 -24.12 -5.85 43.14
CA LEU C 236 -24.45 -6.06 41.75
C LEU C 236 -24.95 -7.48 41.54
N ARG C 237 -25.88 -7.62 40.60
CA ARG C 237 -26.51 -8.90 40.30
C ARG C 237 -26.55 -9.06 38.78
N LEU C 238 -25.77 -10.00 38.27
CA LEU C 238 -25.51 -10.10 36.83
C LEU C 238 -25.23 -11.55 36.49
N PRO C 239 -26.27 -12.34 36.23
CA PRO C 239 -26.08 -13.77 36.04
C PRO C 239 -25.31 -14.11 34.77
N TYR C 240 -25.12 -15.41 34.54
CA TYR C 240 -24.35 -15.92 33.41
C TYR C 240 -25.22 -16.37 32.25
N TRP C 241 -26.53 -16.46 32.44
CA TRP C 241 -27.44 -16.93 31.39
C TRP C 241 -28.05 -15.77 30.61
N LEU C 242 -27.33 -14.65 30.51
CA LEU C 242 -27.77 -13.48 29.79
C LEU C 242 -26.75 -13.10 28.73
N MET C 243 -26.10 -14.10 28.15
CA MET C 243 -24.92 -13.89 27.32
C MET C 243 -25.00 -14.76 26.08
N ASN C 244 -23.95 -14.72 25.28
CA ASN C 244 -23.86 -15.43 24.01
C ASN C 244 -22.62 -16.30 24.01
N ALA C 245 -22.39 -16.99 22.89
CA ALA C 245 -21.27 -17.92 22.79
C ALA C 245 -19.95 -17.23 23.07
N GLN C 246 -19.63 -16.24 22.25
CA GLN C 246 -18.33 -15.56 22.30
C GLN C 246 -17.88 -15.28 23.72
N GLU C 247 -18.84 -14.99 24.61
CA GLU C 247 -18.53 -14.67 26.00
C GLU C 247 -18.41 -15.93 26.85
N LEU C 248 -19.34 -16.86 26.69
CA LEU C 248 -19.30 -18.12 27.43
C LEU C 248 -17.97 -18.84 27.22
N GLU C 249 -17.58 -19.01 25.96
CA GLU C 249 -16.40 -19.78 25.63
C GLU C 249 -15.12 -19.08 26.08
N GLN C 250 -15.15 -17.75 26.19
CA GLN C 250 -13.98 -17.03 26.66
C GLN C 250 -13.90 -17.02 28.17
N ILE C 251 -15.04 -17.11 28.86
CA ILE C 251 -15.02 -17.21 30.31
C ILE C 251 -14.60 -18.60 30.77
N PHE C 252 -15.33 -19.63 30.34
CA PHE C 252 -15.17 -20.94 30.94
C PHE C 252 -13.99 -21.72 30.36
N ILE C 253 -13.75 -21.61 29.06
CA ILE C 253 -12.97 -22.60 28.33
C ILE C 253 -11.67 -22.00 27.79
N GLU C 254 -10.66 -22.86 27.65
CA GLU C 254 -9.42 -22.53 26.98
C GLU C 254 -9.12 -23.62 25.96
N SER C 255 -8.34 -23.27 24.93
CA SER C 255 -8.07 -24.17 23.80
C SER C 255 -6.58 -24.29 23.51
N ASN C 256 -5.88 -25.18 24.21
CA ASN C 256 -4.51 -25.55 23.84
C ASN C 256 -4.28 -27.04 24.05
N GLU C 257 -5.34 -27.83 23.98
CA GLU C 257 -5.33 -29.26 24.27
C GLU C 257 -5.52 -30.04 22.97
N HIS C 258 -5.71 -31.36 23.09
CA HIS C 258 -5.65 -32.24 21.93
C HIS C 258 -6.97 -32.39 21.20
N ASN C 259 -8.11 -32.41 21.89
CA ASN C 259 -9.39 -32.60 21.22
C ASN C 259 -10.45 -31.71 21.84
N SER C 260 -10.14 -30.42 22.01
CA SER C 260 -11.12 -29.48 22.52
C SER C 260 -12.41 -29.48 21.70
N HIS C 261 -12.36 -29.93 20.44
CA HIS C 261 -13.50 -29.77 19.55
C HIS C 261 -14.74 -30.50 20.05
N ASN C 262 -14.67 -31.83 20.13
CA ASN C 262 -15.84 -32.59 20.55
C ASN C 262 -16.17 -32.33 22.02
N GLN C 263 -15.16 -32.00 22.82
CA GLN C 263 -15.43 -31.53 24.17
C GLN C 263 -16.41 -30.36 24.14
N ILE C 264 -16.11 -29.36 23.32
CA ILE C 264 -16.98 -28.19 23.19
C ILE C 264 -18.34 -28.60 22.63
N SER C 265 -18.34 -29.53 21.68
CA SER C 265 -19.60 -29.98 21.08
C SER C 265 -20.51 -30.56 22.16
N GLN C 266 -19.97 -31.42 23.02
CA GLN C 266 -20.77 -32.04 24.07
C GLN C 266 -21.18 -31.00 25.11
N PHE C 267 -20.27 -30.08 25.44
CA PHE C 267 -20.62 -28.98 26.33
C PHE C 267 -21.86 -28.24 25.82
N ARG C 268 -21.85 -27.88 24.54
CA ARG C 268 -22.97 -27.14 23.97
C ARG C 268 -24.23 -27.99 23.93
N HIS C 269 -24.11 -29.27 23.56
CA HIS C 269 -25.28 -30.13 23.54
C HIS C 269 -25.91 -30.23 24.91
N ALA C 270 -25.08 -30.34 25.96
CA ALA C 270 -25.61 -30.41 27.32
C ALA C 270 -26.30 -29.10 27.71
N VAL C 271 -25.66 -27.97 27.40
CA VAL C 271 -26.29 -26.68 27.66
C VAL C 271 -27.66 -26.63 27.01
N VAL C 272 -27.75 -27.07 25.75
CA VAL C 272 -29.02 -27.02 25.03
C VAL C 272 -30.05 -27.92 25.68
N ARG C 273 -29.65 -29.12 26.08
CA ARG C 273 -30.58 -30.01 26.76
C ARG C 273 -31.12 -29.35 28.02
N ASN C 274 -30.24 -28.77 28.83
CA ASN C 274 -30.68 -28.19 30.10
C ASN C 274 -31.62 -27.03 29.85
N LYS C 275 -31.32 -26.18 28.86
CA LYS C 275 -32.22 -25.09 28.51
C LYS C 275 -33.58 -25.63 28.09
N CYS C 276 -33.58 -26.62 27.19
CA CYS C 276 -34.83 -27.21 26.74
C CYS C 276 -35.68 -27.68 27.89
N LYS C 277 -35.05 -28.35 28.88
CA LYS C 277 -35.85 -28.91 29.97
C LYS C 277 -36.36 -27.82 30.91
N HIS C 278 -35.52 -26.83 31.22
CA HIS C 278 -35.97 -25.77 32.13
C HIS C 278 -37.07 -24.93 31.49
N ASN C 279 -36.97 -24.66 30.19
CA ASN C 279 -37.96 -23.88 29.46
C ASN C 279 -38.45 -24.72 28.28
N PRO C 280 -39.26 -25.75 28.55
CA PRO C 280 -39.73 -26.62 27.47
C PRO C 280 -40.93 -26.03 26.75
N THR C 281 -41.66 -25.16 27.44
CA THR C 281 -42.85 -24.54 26.86
C THR C 281 -42.52 -23.87 25.53
N LEU C 282 -41.33 -23.31 25.40
CA LEU C 282 -40.95 -22.57 24.22
C LEU C 282 -40.31 -23.52 23.20
N THR C 283 -39.75 -22.95 22.14
CA THR C 283 -39.16 -23.74 21.05
C THR C 283 -37.96 -22.99 20.50
N ASN C 284 -37.35 -23.56 19.45
CA ASN C 284 -36.26 -22.91 18.72
C ASN C 284 -35.08 -22.61 19.64
N LEU C 285 -34.87 -23.47 20.64
CA LEU C 285 -33.89 -23.21 21.68
C LEU C 285 -32.49 -23.54 21.17
N SER C 286 -31.61 -22.55 21.17
CA SER C 286 -30.24 -22.68 20.70
C SER C 286 -29.27 -22.27 21.80
N PHE C 287 -27.98 -22.34 21.47
CA PHE C 287 -26.92 -22.06 22.42
C PHE C 287 -26.77 -20.58 22.76
N ASP C 288 -27.63 -19.71 22.23
CA ASP C 288 -27.51 -18.28 22.47
C ASP C 288 -28.77 -17.64 23.02
N THR C 289 -29.91 -18.30 22.96
CA THR C 289 -31.14 -17.72 23.48
C THR C 289 -31.05 -17.55 24.99
N PRO C 290 -31.22 -16.34 25.53
CA PRO C 290 -31.06 -16.15 26.98
C PRO C 290 -32.27 -16.63 27.78
N VAL C 291 -32.14 -17.78 28.43
CA VAL C 291 -33.11 -18.24 29.41
C VAL C 291 -32.38 -19.00 30.51
N TYR C 292 -33.11 -19.45 31.52
CA TYR C 292 -32.47 -20.05 32.67
C TYR C 292 -31.86 -21.41 32.32
N PHE C 293 -30.73 -21.70 32.97
CA PHE C 293 -30.06 -22.99 32.84
C PHE C 293 -28.96 -23.07 33.89
N SER C 294 -28.79 -24.24 34.47
CA SER C 294 -27.80 -24.44 35.52
C SER C 294 -26.45 -24.85 34.92
N ILE C 295 -25.43 -24.85 35.78
CA ILE C 295 -24.07 -25.22 35.40
C ILE C 295 -23.61 -26.48 36.13
N ASP C 296 -23.98 -26.62 37.40
CA ASP C 296 -23.58 -27.80 38.16
C ASP C 296 -24.09 -29.07 37.51
N GLU C 297 -25.33 -29.04 37.01
CA GLU C 297 -25.87 -30.19 36.31
C GLU C 297 -25.00 -30.54 35.11
N VAL C 298 -24.48 -29.53 34.42
CA VAL C 298 -23.64 -29.79 33.25
C VAL C 298 -22.32 -30.41 33.66
N VAL C 299 -21.70 -29.88 34.72
CA VAL C 299 -20.46 -30.48 35.21
C VAL C 299 -20.68 -31.94 35.58
N THR C 300 -21.78 -32.22 36.27
CA THR C 300 -22.11 -33.61 36.61
C THR C 300 -22.29 -34.45 35.35
N TYR C 301 -22.98 -33.90 34.35
CA TYR C 301 -23.21 -34.61 33.10
C TYR C 301 -21.90 -34.93 32.39
N LEU C 302 -20.88 -34.09 32.58
CA LEU C 302 -19.59 -34.34 31.94
C LEU C 302 -18.78 -35.37 32.72
N GLU C 303 -18.82 -35.32 34.05
CA GLU C 303 -18.14 -36.34 34.84
C GLU C 303 -18.74 -37.72 34.59
N ASN C 304 -20.07 -37.82 34.60
CA ASN C 304 -20.74 -39.09 34.40
C ASN C 304 -20.38 -39.72 33.06
N MET C 305 -19.91 -38.94 32.10
CA MET C 305 -19.50 -39.47 30.81
C MET C 305 -17.99 -39.68 30.71
N ASN C 306 -17.20 -38.93 31.46
CA ASN C 306 -15.78 -39.23 31.53
C ASN C 306 -15.52 -40.52 32.30
N ASN C 307 -16.42 -40.89 33.20
CA ASN C 307 -16.30 -42.13 33.97
C ASN C 307 -17.38 -43.14 33.58
N GLU C 308 -17.66 -43.24 32.28
CA GLU C 308 -18.74 -44.07 31.77
C GLU C 308 -18.24 -45.44 31.37
N VAL C 309 -19.18 -46.39 31.34
CA VAL C 309 -18.93 -47.76 30.91
C VAL C 309 -20.20 -48.31 30.29
N ILE C 310 -20.05 -49.20 29.31
CA ILE C 310 -21.15 -49.70 28.51
C ILE C 310 -21.08 -51.21 28.45
N GLY C 311 -22.24 -51.86 28.50
CA GLY C 311 -22.29 -53.30 28.35
C GLY C 311 -21.99 -53.71 26.93
N LYS C 312 -21.36 -54.88 26.81
CA LYS C 312 -20.96 -55.44 25.51
C LYS C 312 -21.54 -56.82 25.30
N LEU C 313 -22.82 -57.00 25.64
CA LEU C 313 -23.53 -58.24 25.44
C LEU C 313 -24.76 -57.96 24.57
N ALA C 314 -25.62 -58.98 24.43
CA ALA C 314 -26.80 -58.86 23.59
C ALA C 314 -27.66 -57.69 24.02
N GLY C 315 -27.94 -56.79 23.08
CA GLY C 315 -28.77 -55.64 23.37
C GLY C 315 -28.22 -54.76 24.47
N GLU C 316 -26.90 -54.60 24.53
CA GLU C 316 -26.25 -53.78 25.56
C GLU C 316 -25.56 -52.57 24.95
N GLY C 317 -26.04 -52.09 23.81
CA GLY C 317 -25.45 -50.92 23.19
C GLY C 317 -25.85 -49.65 23.91
N LYS C 318 -25.70 -49.64 25.23
CA LYS C 318 -26.17 -48.56 26.08
C LYS C 318 -25.37 -48.58 27.37
N PRO C 319 -25.08 -47.44 27.97
CA PRO C 319 -24.26 -47.44 29.18
C PRO C 319 -24.79 -48.39 30.23
N LYS C 320 -23.90 -49.20 30.79
CA LYS C 320 -24.24 -50.19 31.79
C LYS C 320 -23.76 -49.69 33.15
N LEU C 321 -24.64 -49.76 34.15
CA LEU C 321 -24.39 -49.17 35.45
C LEU C 321 -23.81 -50.20 36.41
N ALA C 322 -23.21 -49.71 37.50
CA ALA C 322 -22.63 -50.59 38.51
C ALA C 322 -23.62 -51.65 38.96
N ASN C 323 -24.92 -51.34 38.93
CA ASN C 323 -25.96 -52.33 39.19
C ASN C 323 -26.36 -53.08 37.93
N GLU C 324 -25.57 -52.97 36.86
CA GLU C 324 -25.77 -53.73 35.64
C GLU C 324 -27.15 -53.43 35.03
N THR C 325 -27.35 -52.16 34.66
CA THR C 325 -28.56 -51.72 33.98
C THR C 325 -28.17 -50.84 32.80
N LEU C 326 -28.87 -51.03 31.68
CA LEU C 326 -28.59 -50.30 30.46
C LEU C 326 -29.29 -48.96 30.45
N VAL C 327 -28.56 -47.90 30.11
CA VAL C 327 -29.07 -46.54 30.14
C VAL C 327 -29.70 -46.22 28.80
N SER C 328 -31.02 -46.07 28.77
CA SER C 328 -31.70 -45.68 27.54
C SER C 328 -31.18 -44.35 27.03
N ASP C 329 -31.32 -43.29 27.83
CA ASP C 329 -30.83 -41.98 27.47
C ASP C 329 -30.36 -41.26 28.72
N ARG C 330 -29.32 -40.43 28.54
CA ARG C 330 -28.73 -39.70 29.65
C ARG C 330 -29.46 -38.40 29.98
N ASP C 331 -30.19 -37.83 29.01
CA ASP C 331 -30.85 -36.54 29.24
C ASP C 331 -31.62 -36.52 30.54
N GLU C 332 -32.31 -37.63 30.86
CA GLU C 332 -33.08 -37.71 32.08
C GLU C 332 -32.29 -38.25 33.26
N LEU C 333 -31.01 -38.59 33.07
CA LEU C 333 -30.26 -39.33 34.08
C LEU C 333 -29.11 -38.55 34.69
N TYR C 334 -28.19 -38.02 33.87
CA TYR C 334 -26.92 -37.55 34.41
C TYR C 334 -27.08 -36.26 35.20
N PHE C 335 -27.91 -35.34 34.74
CA PHE C 335 -28.16 -34.12 35.50
C PHE C 335 -28.63 -34.40 36.92
N ASP C 336 -29.18 -35.59 37.17
CA ASP C 336 -29.72 -35.88 38.50
C ASP C 336 -28.62 -35.96 39.54
N ALA C 337 -27.63 -36.82 39.31
CA ALA C 337 -26.55 -37.00 40.28
C ALA C 337 -25.47 -37.85 39.64
N VAL C 338 -24.30 -37.88 40.28
CA VAL C 338 -23.21 -38.72 39.80
C VAL C 338 -23.65 -40.18 39.86
N GLN C 339 -23.04 -41.00 39.00
CA GLN C 339 -23.42 -42.40 38.86
C GLN C 339 -22.22 -43.30 39.09
N SER C 340 -22.50 -44.59 39.26
CA SER C 340 -21.49 -45.62 39.43
C SER C 340 -21.63 -46.65 38.32
N PHE C 341 -20.51 -47.18 37.88
CA PHE C 341 -20.47 -48.08 36.72
C PHE C 341 -19.80 -49.40 37.08
N ILE C 342 -19.97 -50.36 36.19
CA ILE C 342 -19.38 -51.69 36.32
C ILE C 342 -17.88 -51.60 36.10
N VAL C 343 -17.16 -52.67 36.44
CA VAL C 343 -15.75 -52.79 36.12
C VAL C 343 -15.67 -53.30 34.68
N ALA C 344 -15.29 -52.43 33.74
CA ALA C 344 -15.19 -52.85 32.35
C ALA C 344 -14.29 -54.07 32.23
N SER C 345 -14.74 -55.04 31.45
CA SER C 345 -14.06 -56.32 31.38
C SER C 345 -14.22 -56.90 29.97
N GLN C 346 -13.64 -58.09 29.80
CA GLN C 346 -13.73 -58.85 28.56
C GLN C 346 -14.51 -60.14 28.72
N ALA C 347 -14.69 -60.61 29.96
CA ALA C 347 -15.38 -61.87 30.20
C ALA C 347 -16.78 -61.84 29.61
N ALA C 348 -17.20 -62.99 29.07
CA ALA C 348 -18.53 -63.09 28.48
C ALA C 348 -19.60 -62.67 29.48
N ALA C 349 -19.40 -62.98 30.77
CA ALA C 349 -20.38 -62.62 31.78
C ALA C 349 -20.52 -61.10 31.87
N THR C 350 -19.40 -60.40 32.10
CA THR C 350 -19.39 -58.96 32.27
C THR C 350 -18.61 -58.26 31.15
N LYS C 351 -18.78 -58.72 29.91
CA LYS C 351 -18.15 -58.04 28.79
C LYS C 351 -18.65 -56.61 28.74
N ALA C 352 -17.74 -55.69 28.45
CA ALA C 352 -18.08 -54.27 28.49
C ALA C 352 -16.95 -53.46 27.85
N SER C 353 -17.20 -52.16 27.72
CA SER C 353 -16.25 -51.22 27.18
C SER C 353 -16.30 -49.95 28.01
N ASN C 354 -15.26 -49.12 27.84
CA ASN C 354 -15.19 -47.86 28.55
C ASN C 354 -16.08 -46.81 27.89
N GLY C 355 -16.21 -45.66 28.54
CA GLY C 355 -16.97 -44.57 27.97
C GLY C 355 -16.34 -44.13 26.68
N PRO C 356 -17.14 -43.62 25.74
CA PRO C 356 -16.56 -43.14 24.48
C PRO C 356 -15.64 -41.94 24.66
N PHE C 357 -15.78 -41.22 25.78
CA PHE C 357 -14.90 -40.10 26.12
C PHE C 357 -14.19 -40.35 27.45
N ASN C 358 -13.94 -41.62 27.77
CA ASN C 358 -13.35 -41.95 29.06
C ASN C 358 -11.93 -41.42 29.17
N GLY C 359 -11.61 -40.90 30.35
CA GLY C 359 -10.27 -40.38 30.60
C GLY C 359 -9.90 -39.20 29.75
N GLU C 360 -10.86 -38.35 29.41
CA GLU C 360 -10.63 -37.18 28.57
C GLU C 360 -10.97 -35.89 29.28
N PHE C 361 -12.13 -35.80 29.94
CA PHE C 361 -12.59 -34.55 30.54
C PHE C 361 -12.01 -34.46 31.95
N ASP C 362 -10.74 -34.07 32.02
CA ASP C 362 -10.05 -33.85 33.29
C ASP C 362 -9.71 -32.38 33.50
N ARG C 363 -8.96 -31.78 32.56
CA ARG C 363 -8.56 -30.39 32.73
C ARG C 363 -9.77 -29.46 32.71
N MET C 364 -10.69 -29.69 31.78
CA MET C 364 -11.88 -28.85 31.69
C MET C 364 -12.69 -28.91 32.98
N ILE C 365 -13.03 -30.13 33.43
CA ILE C 365 -13.80 -30.28 34.65
C ILE C 365 -13.06 -29.66 35.83
N LEU C 366 -11.73 -29.77 35.84
CA LEU C 366 -10.95 -29.18 36.91
C LEU C 366 -11.08 -27.67 36.91
N ARG C 367 -10.95 -27.04 35.73
CA ARG C 367 -11.10 -25.60 35.63
C ARG C 367 -12.48 -25.16 36.10
N LEU C 368 -13.50 -25.94 35.75
CA LEU C 368 -14.85 -25.59 36.21
C LEU C 368 -14.93 -25.64 37.73
N HIS C 369 -14.58 -26.79 38.32
CA HIS C 369 -14.59 -26.91 39.77
C HIS C 369 -13.77 -25.81 40.43
N THR C 370 -12.74 -25.31 39.76
CA THR C 370 -11.89 -24.27 40.34
C THR C 370 -12.58 -22.91 40.30
N ARG C 371 -12.91 -22.45 39.09
CA ARG C 371 -13.50 -21.11 38.95
C ARG C 371 -14.81 -21.01 39.71
N LEU C 372 -15.65 -22.05 39.64
CA LEU C 372 -16.96 -21.99 40.28
C LEU C 372 -16.88 -21.81 41.79
N ALA C 373 -15.69 -21.89 42.38
CA ALA C 373 -15.53 -21.73 43.82
C ALA C 373 -14.86 -20.42 44.21
N ASP C 374 -14.34 -19.66 43.27
CA ASP C 374 -13.70 -18.39 43.60
C ASP C 374 -14.72 -17.46 44.25
N PRO C 375 -14.37 -16.78 45.35
CA PRO C 375 -15.34 -15.90 46.00
C PRO C 375 -15.55 -14.60 45.24
N ARG C 376 -14.52 -14.08 44.59
CA ARG C 376 -14.58 -12.80 43.92
C ARG C 376 -15.49 -12.82 42.69
N LEU C 377 -16.03 -13.98 42.33
CA LEU C 377 -17.01 -14.09 41.25
C LEU C 377 -18.37 -14.50 41.76
N GLN C 378 -18.60 -14.43 43.07
CA GLN C 378 -19.86 -14.86 43.65
C GLN C 378 -21.04 -14.10 43.07
N PHE C 379 -20.82 -12.89 42.55
CA PHE C 379 -21.89 -12.09 41.98
C PHE C 379 -22.27 -12.53 40.58
N LEU C 380 -21.65 -13.57 40.05
CA LEU C 380 -21.82 -13.97 38.65
C LEU C 380 -22.34 -15.39 38.48
N PHE C 381 -21.87 -16.33 39.30
CA PHE C 381 -22.39 -17.70 39.27
C PHE C 381 -23.43 -17.98 40.33
N TYR C 382 -23.47 -17.18 41.39
CA TYR C 382 -24.46 -17.33 42.47
C TYR C 382 -25.16 -16.02 42.79
N PRO C 383 -25.82 -15.41 41.81
CA PRO C 383 -26.59 -14.19 42.10
C PRO C 383 -27.87 -14.48 42.88
N LYS C 384 -28.21 -13.55 43.77
CA LYS C 384 -29.38 -13.65 44.65
C LYS C 384 -30.20 -12.37 44.61
N LYS C 385 -31.22 -12.30 45.48
CA LYS C 385 -32.08 -11.14 45.58
C LYS C 385 -31.96 -10.54 46.97
N GLU C 386 -32.88 -9.65 47.35
CA GLU C 386 -33.13 -9.43 48.77
C GLU C 386 -33.53 -10.73 49.45
N ASP C 387 -34.33 -11.55 48.75
CA ASP C 387 -34.74 -12.85 49.23
C ASP C 387 -33.53 -13.72 49.52
N GLY C 388 -32.45 -13.53 48.76
CA GLY C 388 -31.23 -14.28 48.95
C GLY C 388 -31.25 -15.68 48.37
N GLU C 389 -31.88 -15.88 47.23
CA GLU C 389 -31.96 -17.17 46.56
C GLU C 389 -31.63 -16.96 45.09
N ASP C 390 -31.19 -18.03 44.44
CA ASP C 390 -30.79 -17.95 43.04
C ASP C 390 -31.85 -17.29 42.17
N LEU C 391 -31.40 -16.42 41.26
CA LEU C 391 -32.31 -15.71 40.38
C LEU C 391 -33.09 -16.69 39.51
N ALA C 392 -34.17 -16.21 38.91
CA ALA C 392 -34.97 -17.00 37.99
C ALA C 392 -35.09 -16.28 36.64
N THR C 393 -36.01 -16.78 35.81
CA THR C 393 -36.24 -16.20 34.49
C THR C 393 -37.19 -15.01 34.55
N GLY C 394 -38.17 -15.05 35.44
CA GLY C 394 -39.18 -14.01 35.50
C GLY C 394 -38.76 -12.81 36.33
N ASP C 395 -37.47 -12.49 36.28
CA ASP C 395 -36.94 -11.36 37.03
C ASP C 395 -35.98 -10.53 36.19
N PHE C 396 -36.12 -10.59 34.86
CA PHE C 396 -35.27 -9.81 33.98
C PHE C 396 -35.33 -8.33 34.34
N ALA C 397 -36.54 -7.77 34.36
CA ALA C 397 -36.73 -6.34 34.58
C ALA C 397 -35.86 -5.82 35.73
N ASP C 398 -36.00 -6.44 36.90
CA ASP C 398 -35.25 -6.01 38.07
C ASP C 398 -33.75 -6.09 37.86
N VAL C 399 -33.28 -6.76 36.81
CA VAL C 399 -31.85 -6.81 36.53
C VAL C 399 -31.40 -5.53 35.85
N VAL C 400 -32.24 -4.98 34.99
CA VAL C 400 -31.84 -3.84 34.16
C VAL C 400 -32.20 -2.52 34.82
N ARG C 401 -33.37 -2.44 35.46
CA ARG C 401 -33.82 -1.17 36.02
C ARG C 401 -32.84 -0.59 37.03
N GLN C 402 -31.89 -1.40 37.54
CA GLN C 402 -30.93 -0.88 38.51
C GLN C 402 -29.89 0.02 37.85
N PHE C 403 -29.70 -0.10 36.54
CA PHE C 403 -28.77 0.78 35.84
C PHE C 403 -29.39 2.15 35.60
N VAL C 404 -30.54 2.17 34.91
CA VAL C 404 -31.19 3.44 34.57
C VAL C 404 -31.34 4.31 35.81
N GLY C 405 -32.01 3.77 36.82
CA GLY C 405 -32.22 4.51 38.06
C GLY C 405 -33.66 4.46 38.52
N TYR C 406 -34.50 3.71 37.81
CA TYR C 406 -35.92 3.65 38.11
C TYR C 406 -36.24 2.71 39.27
N MET C 407 -35.27 1.90 39.72
CA MET C 407 -35.48 1.10 40.93
C MET C 407 -35.48 1.98 42.16
N THR C 408 -34.88 3.16 42.08
CA THR C 408 -34.72 4.05 43.22
C THR C 408 -35.03 5.50 42.88
N LYS C 409 -35.51 5.79 41.67
CA LYS C 409 -35.78 7.15 41.24
C LYS C 409 -34.58 8.06 41.50
N SER C 410 -33.42 7.64 40.99
CA SER C 410 -32.26 8.50 40.93
C SER C 410 -31.83 8.68 39.48
N ASN C 411 -31.33 9.87 39.18
CA ASN C 411 -30.98 10.23 37.81
C ASN C 411 -29.69 9.59 37.33
N VAL C 412 -29.05 8.77 38.14
CA VAL C 412 -27.65 8.41 37.94
C VAL C 412 -27.43 6.95 38.30
N SER C 413 -26.27 6.45 37.88
CA SER C 413 -25.76 5.15 38.28
C SER C 413 -24.26 5.19 38.02
N ILE C 414 -23.53 4.38 38.77
CA ILE C 414 -22.08 4.35 38.69
C ILE C 414 -21.62 2.90 38.73
N ILE C 415 -20.59 2.58 37.96
CA ILE C 415 -20.05 1.23 37.91
C ILE C 415 -18.59 1.29 38.34
N ASP C 416 -18.32 0.81 39.55
CA ASP C 416 -16.96 0.75 40.08
C ASP C 416 -16.32 -0.57 39.70
N LEU C 417 -15.02 -0.52 39.43
CA LEU C 417 -14.32 -1.67 38.88
C LEU C 417 -12.97 -1.94 39.54
N SER C 418 -12.56 -1.13 40.53
CA SER C 418 -11.26 -1.33 41.15
C SER C 418 -11.15 -2.73 41.75
N GLY C 419 -12.25 -3.26 42.28
CA GLY C 419 -12.23 -4.56 42.91
C GLY C 419 -12.30 -5.71 41.92
N ILE C 420 -13.17 -5.57 40.93
CA ILE C 420 -13.40 -6.62 39.94
C ILE C 420 -12.09 -7.02 39.29
N PRO C 421 -11.86 -8.32 39.03
CA PRO C 421 -10.62 -8.73 38.36
C PRO C 421 -10.46 -8.13 36.98
N PHE C 422 -9.32 -8.41 36.33
CA PHE C 422 -8.94 -7.77 35.07
C PHE C 422 -9.05 -8.72 33.88
N GLU C 423 -9.94 -9.71 33.97
CA GLU C 423 -10.12 -10.66 32.87
C GLU C 423 -11.59 -10.89 32.53
N VAL C 424 -12.50 -10.11 33.11
CA VAL C 424 -13.91 -10.13 32.75
C VAL C 424 -14.45 -8.72 32.53
N LEU C 425 -13.58 -7.72 32.61
CA LEU C 425 -13.92 -6.33 32.37
C LEU C 425 -14.69 -6.14 31.06
N SER C 426 -14.05 -6.53 29.96
CA SER C 426 -14.64 -6.33 28.64
C SER C 426 -15.98 -7.03 28.53
N ILE C 427 -16.09 -8.23 29.08
CA ILE C 427 -17.34 -8.98 28.99
C ILE C 427 -18.46 -8.23 29.70
N VAL C 428 -18.19 -7.78 30.93
CA VAL C 428 -19.17 -7.01 31.67
C VAL C 428 -19.62 -5.80 30.85
N VAL C 429 -18.64 -5.02 30.35
CA VAL C 429 -18.97 -3.82 29.59
C VAL C 429 -19.88 -4.16 28.41
N SER C 430 -19.49 -5.16 27.63
CA SER C 430 -20.26 -5.53 26.46
C SER C 430 -21.69 -5.88 26.82
N LEU C 431 -21.86 -6.73 27.84
CA LEU C 431 -23.19 -7.15 28.23
C LEU C 431 -24.05 -5.95 28.61
N ILE C 432 -23.52 -5.08 29.46
CA ILE C 432 -24.27 -3.90 29.89
C ILE C 432 -24.70 -3.08 28.69
N SER C 433 -23.73 -2.69 27.85
CA SER C 433 -24.04 -1.83 26.72
C SER C 433 -25.09 -2.45 25.81
N ARG C 434 -24.98 -3.75 25.57
CA ARG C 434 -25.97 -4.44 24.75
C ARG C 434 -27.36 -4.27 25.33
N MET C 435 -27.50 -4.49 26.64
CA MET C 435 -28.82 -4.39 27.24
C MET C 435 -29.36 -2.97 27.14
N ILE C 436 -28.50 -1.98 27.35
CA ILE C 436 -28.94 -0.58 27.25
C ILE C 436 -29.47 -0.28 25.85
N PHE C 437 -28.67 -0.64 24.84
CA PHE C 437 -29.09 -0.41 23.46
C PHE C 437 -30.43 -1.06 23.18
N ASP C 438 -30.59 -2.31 23.62
CA ASP C 438 -31.84 -3.02 23.36
C ASP C 438 -33.01 -2.33 24.03
N PHE C 439 -32.82 -1.83 25.25
CA PHE C 439 -33.89 -1.12 25.92
C PHE C 439 -34.30 0.12 25.15
N GLY C 440 -33.33 0.96 24.79
CA GLY C 440 -33.64 2.16 24.05
C GLY C 440 -34.40 1.85 22.77
N PHE C 441 -33.88 0.90 21.99
CA PHE C 441 -34.53 0.51 20.75
C PHE C 441 -35.97 0.08 21.00
N HIS C 442 -36.16 -0.95 21.81
CA HIS C 442 -37.51 -1.50 21.99
C HIS C 442 -38.47 -0.53 22.65
N TYR C 443 -37.97 0.54 23.29
CA TYR C 443 -38.90 1.51 23.85
C TYR C 443 -39.30 2.56 22.83
N SER C 444 -38.36 2.91 21.93
CA SER C 444 -38.69 3.89 20.91
C SER C 444 -39.92 3.45 20.11
N LYS C 445 -40.06 2.14 19.88
CA LYS C 445 -41.17 1.67 19.06
C LYS C 445 -42.49 2.00 19.73
N ASN C 446 -42.74 1.40 20.90
CA ASN C 446 -44.00 1.62 21.59
C ASN C 446 -44.27 3.11 21.78
N ARG C 447 -43.20 3.92 21.82
CA ARG C 447 -43.42 5.37 21.88
C ARG C 447 -43.89 5.92 20.54
N HIS C 448 -43.36 5.39 19.44
CA HIS C 448 -43.69 5.87 18.10
C HIS C 448 -44.98 5.31 17.54
N VAL C 449 -45.52 4.23 18.13
CA VAL C 449 -46.70 3.58 17.57
C VAL C 449 -47.79 4.60 17.28
N GLY C 450 -47.97 5.58 18.17
CA GLY C 450 -48.88 6.67 17.89
C GLY C 450 -48.33 7.72 16.96
N GLY C 451 -47.00 7.83 16.87
CA GLY C 451 -46.36 8.79 16.00
C GLY C 451 -45.50 9.77 16.76
N ALA C 452 -45.19 9.45 18.02
CA ALA C 452 -44.43 10.34 18.88
C ALA C 452 -42.94 10.03 18.78
N VAL C 453 -42.14 10.63 19.66
CA VAL C 453 -40.70 10.44 19.67
C VAL C 453 -40.28 10.10 21.10
N SER C 454 -39.08 9.53 21.22
CA SER C 454 -38.61 9.07 22.51
C SER C 454 -38.50 10.22 23.49
N ASP C 455 -39.06 10.03 24.67
CA ASP C 455 -38.99 11.00 25.77
C ASP C 455 -37.99 10.60 26.83
N VAL C 456 -37.08 9.67 26.53
CA VAL C 456 -36.21 9.08 27.54
C VAL C 456 -34.78 8.99 27.02
N PRO C 457 -34.05 10.11 27.00
CA PRO C 457 -32.66 10.08 26.55
C PRO C 457 -31.74 9.39 27.54
N ILE C 458 -30.55 9.04 27.06
CA ILE C 458 -29.56 8.35 27.88
C ILE C 458 -28.15 8.77 27.46
N LEU C 459 -27.30 8.98 28.46
CA LEU C 459 -25.91 9.33 28.22
C LEU C 459 -24.99 8.34 28.94
N VAL C 460 -23.84 8.10 28.34
CA VAL C 460 -22.88 7.11 28.81
C VAL C 460 -21.51 7.76 28.89
N VAL C 461 -20.70 7.29 29.84
CA VAL C 461 -19.39 7.87 30.10
C VAL C 461 -18.37 6.75 30.14
N CYS C 462 -17.57 6.65 29.08
CA CYS C 462 -16.46 5.72 28.98
C CYS C 462 -15.19 6.47 29.39
N GLU C 463 -14.80 6.29 30.65
CA GLU C 463 -13.58 6.84 31.20
C GLU C 463 -12.42 5.88 30.97
N GLU C 464 -11.22 6.45 30.88
CA GLU C 464 -9.99 5.68 30.64
C GLU C 464 -10.23 4.60 29.59
N ALA C 465 -10.58 5.07 28.39
CA ALA C 465 -11.04 4.18 27.33
C ALA C 465 -9.90 3.56 26.54
N HIS C 466 -8.64 3.87 26.86
CA HIS C 466 -7.52 3.25 26.19
C HIS C 466 -7.13 1.91 26.80
N ASN C 467 -8.03 1.30 27.57
CA ASN C 467 -7.72 0.05 28.25
C ASN C 467 -8.75 -1.05 28.06
N TYR C 468 -9.92 -0.77 27.46
CA TYR C 468 -10.86 -1.84 27.16
C TYR C 468 -11.49 -1.69 25.79
N LEU C 469 -10.91 -0.86 24.93
CA LEU C 469 -11.21 -0.83 23.51
C LEU C 469 -10.08 -0.11 22.78
N PRO C 470 -8.87 -0.63 22.88
CA PRO C 470 -7.69 0.09 22.38
C PRO C 470 -7.57 -0.02 20.87
N ARG C 471 -6.46 0.52 20.36
CA ARG C 471 -6.18 0.49 18.93
C ARG C 471 -5.83 -0.92 18.47
N SER C 472 -4.78 -1.49 19.05
CA SER C 472 -4.24 -2.79 18.64
C SER C 472 -4.37 -3.75 19.81
N GLY C 473 -5.49 -4.47 19.86
CA GLY C 473 -5.72 -5.44 20.90
C GLY C 473 -6.12 -6.78 20.32
N GLY C 474 -5.78 -7.84 21.04
CA GLY C 474 -6.15 -9.17 20.62
C GLY C 474 -7.65 -9.39 20.73
N ALA C 475 -8.03 -10.66 20.63
CA ALA C 475 -9.45 -10.99 20.77
C ALA C 475 -9.98 -10.66 22.15
N ALA C 476 -9.10 -10.54 23.14
CA ALA C 476 -9.53 -10.22 24.50
C ALA C 476 -10.50 -9.06 24.51
N TYR C 477 -10.05 -7.91 24.01
CA TYR C 477 -10.91 -6.74 23.90
C TYR C 477 -11.58 -6.66 22.54
N ASP C 478 -12.23 -7.75 22.14
CA ASP C 478 -12.95 -7.77 20.87
C ASP C 478 -14.46 -7.67 21.04
N ALA C 479 -14.98 -7.91 22.24
CA ALA C 479 -16.41 -7.73 22.49
C ALA C 479 -16.75 -6.29 22.83
N SER C 480 -16.09 -5.75 23.85
CA SER C 480 -16.28 -4.34 24.20
C SER C 480 -16.18 -3.44 22.97
N ARG C 481 -15.33 -3.83 22.01
CA ARG C 481 -15.06 -3.00 20.84
C ARG C 481 -16.22 -2.94 19.87
N LYS C 482 -17.23 -3.79 20.02
CA LYS C 482 -18.37 -3.83 19.10
C LYS C 482 -19.63 -3.26 19.74
N SER C 483 -20.04 -3.79 20.90
CA SER C 483 -21.19 -3.24 21.61
C SER C 483 -21.04 -1.74 21.78
N ILE C 484 -19.80 -1.27 21.92
CA ILE C 484 -19.55 0.17 21.97
C ILE C 484 -19.68 0.77 20.57
N GLU C 485 -18.97 0.21 19.60
CA GLU C 485 -19.00 0.73 18.25
C GLU C 485 -20.42 0.84 17.72
N ARG C 486 -21.23 -0.20 17.94
CA ARG C 486 -22.60 -0.19 17.43
C ARG C 486 -23.36 1.04 17.91
N ILE C 487 -23.01 1.58 19.07
CA ILE C 487 -23.71 2.73 19.61
C ILE C 487 -23.30 4.00 18.89
N ALA C 488 -22.04 4.10 18.47
CA ALA C 488 -21.54 5.30 17.81
C ALA C 488 -22.02 5.43 16.38
N LYS C 489 -22.95 4.58 15.95
CA LYS C 489 -23.49 4.64 14.61
C LYS C 489 -25.01 4.55 14.56
N GLU C 490 -25.67 4.16 15.66
CA GLU C 490 -27.10 3.99 15.66
C GLU C 490 -27.77 4.56 16.90
N GLY C 491 -27.02 5.14 17.83
CA GLY C 491 -27.63 5.63 19.06
C GLY C 491 -28.40 6.91 18.88
N ARG C 492 -27.93 7.80 18.00
CA ARG C 492 -28.61 9.07 17.80
C ARG C 492 -30.08 8.87 17.49
N LYS C 493 -30.39 7.88 16.66
CA LYS C 493 -31.78 7.67 16.25
C LYS C 493 -32.63 7.10 17.37
N TYR C 494 -32.01 6.56 18.42
CA TYR C 494 -32.74 5.87 19.47
C TYR C 494 -32.56 6.48 20.86
N GLY C 495 -31.69 7.48 21.01
CA GLY C 495 -31.56 8.16 22.29
C GLY C 495 -30.45 7.63 23.18
N VAL C 496 -29.25 7.54 22.63
CA VAL C 496 -28.08 7.04 23.35
C VAL C 496 -26.87 7.84 22.90
N THR C 497 -26.11 8.37 23.85
CA THR C 497 -24.95 9.19 23.50
C THR C 497 -23.77 8.87 24.41
N LEU C 498 -22.58 9.32 23.99
CA LEU C 498 -21.33 9.03 24.66
C LEU C 498 -20.62 10.30 25.11
N MET C 499 -19.71 10.13 26.06
CA MET C 499 -18.78 11.19 26.49
C MET C 499 -17.38 10.62 26.65
N VAL C 500 -16.89 9.97 25.60
CA VAL C 500 -15.59 9.29 25.66
C VAL C 500 -14.55 10.19 26.30
N VAL C 501 -13.64 9.58 27.07
CA VAL C 501 -12.54 10.30 27.71
C VAL C 501 -11.25 9.52 27.52
N SER C 502 -10.14 10.23 27.62
CA SER C 502 -8.81 9.62 27.52
C SER C 502 -7.76 10.68 27.84
N GLN C 503 -6.50 10.25 27.88
CA GLN C 503 -5.37 11.15 28.03
C GLN C 503 -4.24 10.84 27.06
N ARG C 504 -4.29 9.69 26.38
CA ARG C 504 -3.38 9.39 25.27
C ARG C 504 -4.25 8.83 24.14
N PRO C 505 -4.87 9.71 23.35
CA PRO C 505 -5.86 9.23 22.37
C PRO C 505 -5.24 8.48 21.21
N SER C 506 -3.93 8.65 20.96
CA SER C 506 -3.30 7.97 19.85
C SER C 506 -3.38 6.45 19.94
N GLU C 507 -3.82 5.91 21.08
CA GLU C 507 -3.88 4.47 21.30
C GLU C 507 -5.34 4.00 21.38
N VAL C 508 -6.21 4.63 20.60
CA VAL C 508 -7.63 4.34 20.62
C VAL C 508 -8.12 4.14 19.19
N SER C 509 -9.16 3.33 19.06
CA SER C 509 -9.77 3.08 17.76
C SER C 509 -10.26 4.38 17.15
N GLU C 510 -9.76 4.69 15.95
CA GLU C 510 -10.15 5.94 15.29
C GLU C 510 -11.54 5.88 14.69
N THR C 511 -12.03 4.67 14.41
CA THR C 511 -13.41 4.51 13.96
C THR C 511 -14.36 5.32 14.81
N ILE C 512 -14.12 5.35 16.13
CA ILE C 512 -15.07 5.96 17.05
C ILE C 512 -14.86 7.47 17.10
N PHE C 513 -13.62 7.89 17.36
CA PHE C 513 -13.27 9.31 17.27
C PHE C 513 -13.90 9.97 16.05
N SER C 514 -13.80 9.31 14.90
CA SER C 514 -14.36 9.85 13.67
C SER C 514 -15.78 10.37 13.85
N GLN C 515 -16.55 9.75 14.75
CA GLN C 515 -17.97 10.04 14.88
C GLN C 515 -18.26 11.22 15.80
N CYS C 516 -17.29 11.66 16.59
CA CYS C 516 -17.55 12.74 17.54
C CYS C 516 -17.65 14.07 16.81
N SER C 517 -18.66 14.87 17.17
CA SER C 517 -18.89 16.14 16.50
C SER C 517 -18.21 17.29 17.25
N ASN C 518 -18.57 17.49 18.51
CA ASN C 518 -17.95 18.53 19.33
C ASN C 518 -16.74 17.96 20.05
N PHE C 519 -15.71 18.79 20.16
CA PHE C 519 -14.43 18.38 20.74
C PHE C 519 -14.01 19.39 21.79
N ILE C 520 -13.19 18.91 22.73
CA ILE C 520 -12.63 19.71 23.80
C ILE C 520 -11.20 19.26 23.99
N SER C 521 -10.38 20.16 24.54
CA SER C 521 -8.98 19.83 24.75
C SER C 521 -8.40 20.72 25.83
N LEU C 522 -7.27 20.26 26.36
CA LEU C 522 -6.55 20.95 27.41
C LEU C 522 -5.06 20.83 27.09
N ARG C 523 -4.23 21.21 28.06
CA ARG C 523 -2.78 21.18 27.86
C ARG C 523 -2.34 19.86 27.24
N LEU C 524 -1.59 19.96 26.15
CA LEU C 524 -0.96 18.82 25.51
C LEU C 524 0.53 19.10 25.37
N THR C 525 1.33 18.06 25.55
CA THR C 525 2.78 18.21 25.51
C THR C 525 3.43 17.16 24.61
N ASN C 526 2.78 16.01 24.44
CA ASN C 526 3.35 14.93 23.63
C ASN C 526 3.06 15.21 22.17
N ALA C 527 4.13 15.34 21.38
CA ALA C 527 4.00 15.71 19.98
C ALA C 527 3.07 14.77 19.22
N VAL C 528 3.21 13.47 19.46
CA VAL C 528 2.42 12.48 18.72
C VAL C 528 0.93 12.80 18.82
N ASP C 529 0.47 13.10 20.03
CA ASP C 529 -0.93 13.42 20.22
C ASP C 529 -1.29 14.71 19.47
N GLN C 530 -0.43 15.71 19.55
CA GLN C 530 -0.65 16.95 18.79
C GLN C 530 -0.91 16.64 17.33
N THR C 531 -0.04 15.83 16.72
CA THR C 531 -0.17 15.54 15.29
C THR C 531 -1.43 14.74 15.00
N TYR C 532 -1.66 13.66 15.75
CA TYR C 532 -2.83 12.84 15.50
C TYR C 532 -4.11 13.63 15.65
N VAL C 533 -4.12 14.61 16.55
CA VAL C 533 -5.30 15.46 16.72
C VAL C 533 -5.43 16.40 15.53
N LYS C 534 -4.41 17.22 15.29
CA LYS C 534 -4.46 18.18 14.20
C LYS C 534 -4.86 17.52 12.89
N SER C 535 -4.50 16.25 12.72
CA SER C 535 -4.90 15.52 11.52
C SER C 535 -6.42 15.40 11.40
N LEU C 536 -7.15 15.64 12.47
CA LEU C 536 -8.57 15.32 12.53
C LEU C 536 -9.48 16.51 12.79
N LEU C 537 -9.08 17.45 13.63
CA LEU C 537 -9.99 18.50 14.03
C LEU C 537 -10.47 19.30 12.82
N PRO C 538 -11.77 19.57 12.70
CA PRO C 538 -12.26 20.32 11.53
C PRO C 538 -11.80 21.77 11.48
N ASP C 539 -12.08 22.52 12.55
CA ASP C 539 -12.00 23.98 12.53
C ASP C 539 -10.77 24.48 13.28
N LEU C 540 -9.63 23.83 13.09
CA LEU C 540 -8.40 24.21 13.77
C LEU C 540 -7.59 25.14 12.88
N SER C 541 -7.49 26.40 13.29
CA SER C 541 -6.59 27.34 12.66
C SER C 541 -5.14 27.00 13.03
N ALA C 542 -4.21 27.84 12.58
CA ALA C 542 -2.81 27.61 12.87
C ALA C 542 -2.41 28.20 14.21
N GLY C 543 -2.73 29.47 14.44
CA GLY C 543 -2.38 30.09 15.71
C GLY C 543 -2.84 29.29 16.91
N LEU C 544 -4.07 28.78 16.85
CA LEU C 544 -4.61 27.98 17.94
C LEU C 544 -3.71 26.81 18.27
N GLY C 545 -3.25 26.09 17.25
CA GLY C 545 -2.45 24.90 17.45
C GLY C 545 -1.22 25.10 18.32
N ASP C 546 -0.78 26.35 18.47
CA ASP C 546 0.43 26.66 19.22
C ASP C 546 0.15 27.09 20.65
N LEU C 547 -1.10 27.05 21.09
CA LEU C 547 -1.44 27.44 22.45
C LEU C 547 -1.44 26.27 23.43
N LEU C 548 -1.64 25.05 22.94
CA LEU C 548 -1.87 23.88 23.78
C LEU C 548 -0.84 23.76 24.89
N PRO C 549 0.45 23.59 24.56
CA PRO C 549 1.44 23.44 25.64
C PRO C 549 1.44 24.58 26.65
N ASN C 550 1.21 25.81 26.19
CA ASN C 550 1.24 26.98 27.06
C ASN C 550 -0.05 27.20 27.82
N LEU C 551 -0.93 26.22 27.88
CA LEU C 551 -2.21 26.41 28.55
C LEU C 551 -2.06 26.18 30.04
N ALA C 552 -2.80 26.96 30.82
CA ALA C 552 -2.75 26.87 32.27
C ALA C 552 -3.63 25.72 32.73
N GLN C 553 -3.88 25.64 34.04
CA GLN C 553 -4.75 24.63 34.61
C GLN C 553 -6.16 25.18 34.69
N GLY C 554 -7.12 24.41 34.17
CA GLY C 554 -8.49 24.84 34.03
C GLY C 554 -8.74 25.44 32.67
N GLU C 555 -7.75 26.14 32.13
CA GLU C 555 -7.91 26.75 30.82
C GLU C 555 -8.08 25.67 29.77
N PHE C 556 -9.18 25.75 29.02
CA PHE C 556 -9.54 24.72 28.06
C PHE C 556 -9.91 25.35 26.73
N LEU C 557 -10.09 24.47 25.74
CA LEU C 557 -10.36 24.84 24.37
C LEU C 557 -11.48 23.96 23.83
N ILE C 558 -12.32 24.55 22.98
CA ILE C 558 -13.52 23.89 22.49
C ILE C 558 -13.63 24.10 20.98
N VAL C 559 -14.34 23.16 20.33
CA VAL C 559 -14.51 23.21 18.88
C VAL C 559 -15.76 22.43 18.53
N GLY C 560 -16.41 22.85 17.45
CA GLY C 560 -17.50 22.08 16.88
C GLY C 560 -18.64 22.97 16.45
N ASP C 561 -19.76 22.32 16.12
CA ASP C 561 -20.94 23.04 15.65
C ASP C 561 -21.65 23.76 16.79
N ALA C 562 -21.74 23.11 17.95
CA ALA C 562 -22.51 23.65 19.07
C ALA C 562 -22.16 25.09 19.40
N PRO C 563 -20.89 25.47 19.50
CA PRO C 563 -20.57 26.85 19.85
C PRO C 563 -20.67 27.76 18.64
N LEU C 564 -20.59 29.06 18.91
CA LEU C 564 -20.63 30.05 17.84
C LEU C 564 -19.33 30.03 17.05
N MET C 565 -18.20 29.85 17.73
CA MET C 565 -16.89 29.82 17.09
C MET C 565 -15.87 29.32 18.10
N PRO C 566 -14.64 29.04 17.68
CA PRO C 566 -13.60 28.63 18.63
C PRO C 566 -13.44 29.65 19.74
N THR C 567 -13.23 29.16 20.96
CA THR C 567 -13.14 30.00 22.14
C THR C 567 -12.20 29.33 23.13
N VAL C 568 -11.95 30.02 24.25
CA VAL C 568 -11.03 29.57 25.28
C VAL C 568 -11.64 29.90 26.63
N GLY C 569 -11.68 28.91 27.53
CA GLY C 569 -12.40 29.05 28.78
C GLY C 569 -11.53 28.64 29.97
N HIS C 570 -12.12 28.78 31.16
CA HIS C 570 -11.38 28.63 32.42
C HIS C 570 -11.77 27.42 33.25
N PHE C 571 -13.07 27.13 33.43
CA PHE C 571 -13.51 26.00 34.26
C PHE C 571 -13.01 26.14 35.70
N ALA C 572 -13.57 27.12 36.40
CA ALA C 572 -13.23 27.31 37.80
C ALA C 572 -13.54 26.06 38.61
N LEU C 573 -12.91 25.96 39.77
CA LEU C 573 -12.97 24.72 40.56
C LEU C 573 -14.40 24.36 40.90
N PRO C 574 -14.77 23.07 40.85
CA PRO C 574 -16.09 22.64 41.30
C PRO C 574 -16.15 22.50 42.81
N VAL C 575 -17.37 22.30 43.31
CA VAL C 575 -17.62 22.00 44.72
C VAL C 575 -18.89 21.17 44.80
N PRO C 576 -18.86 19.96 45.39
CA PRO C 576 -17.71 19.26 45.97
C PRO C 576 -16.65 18.89 44.93
N GLU C 577 -15.68 18.07 45.32
CA GLU C 577 -14.59 17.65 44.46
C GLU C 577 -14.48 16.14 44.48
N PRO C 578 -13.81 15.55 43.50
CA PRO C 578 -13.55 14.12 43.52
C PRO C 578 -12.28 13.85 44.35
N HIS C 579 -12.06 12.59 44.66
CA HIS C 579 -10.90 12.23 45.46
C HIS C 579 -10.43 10.80 45.20
N PHE C 598 -0.59 -10.13 63.58
CA PHE C 598 0.04 -10.62 62.35
C PHE C 598 -0.65 -11.88 61.84
N ASP C 599 -0.59 -12.94 62.64
CA ASP C 599 -1.15 -14.22 62.23
C ASP C 599 -2.64 -14.10 61.88
N SER C 600 -3.33 -13.16 62.51
CA SER C 600 -4.77 -13.02 62.30
C SER C 600 -5.12 -13.05 60.82
N VAL C 601 -4.31 -12.41 59.98
CA VAL C 601 -4.60 -12.38 58.55
C VAL C 601 -4.54 -13.79 57.96
N ILE C 602 -3.56 -14.59 58.42
CA ILE C 602 -3.48 -15.97 57.96
C ILE C 602 -4.68 -16.77 58.45
N ASP C 603 -5.24 -16.36 59.58
CA ASP C 603 -6.39 -17.07 60.13
C ASP C 603 -7.61 -16.92 59.22
N ARG C 604 -7.84 -15.71 58.69
CA ARG C 604 -8.96 -15.52 57.78
C ARG C 604 -8.91 -16.49 56.60
N TRP C 605 -7.71 -16.91 56.18
CA TRP C 605 -7.58 -17.89 55.12
C TRP C 605 -8.41 -19.15 55.38
N MET D 1 9.32 37.23 48.32
CA MET D 1 9.82 37.70 47.05
C MET D 1 10.98 38.68 47.26
N PRO D 2 12.17 38.31 46.83
CA PRO D 2 13.35 39.17 47.03
C PRO D 2 13.43 40.26 45.98
N ASP D 3 14.50 41.04 46.04
CA ASP D 3 14.75 42.07 45.06
C ASP D 3 15.36 41.46 43.80
N LEU D 4 15.41 42.26 42.75
CA LEU D 4 15.91 41.81 41.45
C LEU D 4 17.04 42.67 40.93
N GLY D 5 16.99 43.98 41.17
CA GLY D 5 18.07 44.85 40.76
C GLY D 5 17.84 45.46 39.39
N THR D 6 18.92 46.04 38.87
CA THR D 6 18.86 46.68 37.58
C THR D 6 18.53 45.66 36.50
N PRO D 7 17.74 46.02 35.50
CA PRO D 7 17.56 45.14 34.34
C PRO D 7 18.79 45.21 33.45
N ILE D 8 18.72 44.47 32.35
CA ILE D 8 19.79 44.43 31.35
C ILE D 8 19.30 44.89 29.99
N GLY D 9 18.11 44.47 29.59
CA GLY D 9 17.58 44.83 28.30
C GLY D 9 16.06 44.87 28.31
N SER D 10 15.47 44.87 27.12
CA SER D 10 14.03 44.96 26.97
C SER D 10 13.61 44.11 25.79
N VAL D 11 12.30 44.07 25.55
CA VAL D 11 11.73 43.18 24.56
C VAL D 11 11.54 43.92 23.25
N THR D 12 11.58 43.18 22.15
CA THR D 12 11.34 43.74 20.83
C THR D 12 10.43 42.88 19.97
N ASP D 13 10.13 41.65 20.34
CA ASP D 13 9.28 40.80 19.54
C ASP D 13 8.72 39.70 20.41
N SER D 14 7.42 39.44 20.24
CA SER D 14 6.67 38.48 21.04
C SER D 14 5.86 37.58 20.12
N SER D 15 5.52 36.41 20.63
CA SER D 15 4.79 35.42 19.86
C SER D 15 4.40 34.27 20.80
N PRO D 16 3.49 33.37 20.38
CA PRO D 16 3.09 32.29 21.28
C PRO D 16 4.17 31.27 21.57
N SER D 17 5.22 31.21 20.74
CA SER D 17 6.27 30.22 20.91
C SER D 17 7.66 30.84 20.87
N LEU D 18 7.77 32.16 20.94
CA LEU D 18 9.07 32.82 20.84
C LEU D 18 8.98 34.20 21.46
N ILE D 19 10.08 34.60 22.09
CA ILE D 19 10.25 35.96 22.59
C ILE D 19 11.70 36.35 22.34
N ARG D 20 11.91 37.60 21.97
CA ARG D 20 13.25 38.09 21.67
C ARG D 20 13.60 39.24 22.59
N ILE D 21 14.89 39.32 22.94
CA ILE D 21 15.40 40.40 23.78
C ILE D 21 16.61 41.01 23.11
N GLU D 22 16.79 42.30 23.36
CA GLU D 22 17.96 43.05 22.97
C GLU D 22 18.64 43.56 24.23
N ILE D 23 19.96 43.65 24.19
CA ILE D 23 20.71 44.06 25.37
C ILE D 23 21.25 45.47 25.15
N SER D 24 21.30 46.22 26.24
CA SER D 24 21.59 47.65 26.18
C SER D 24 23.05 47.89 25.79
N SER D 25 23.97 47.42 26.61
CA SER D 25 25.39 47.77 26.44
C SER D 25 26.25 46.52 26.45
N ALA D 26 27.57 46.72 26.47
CA ALA D 26 28.51 45.61 26.46
C ALA D 26 28.90 45.19 27.87
N GLU D 27 29.38 46.15 28.67
CA GLU D 27 29.85 45.88 30.02
C GLU D 27 28.90 44.96 30.77
N ASP D 28 27.60 45.22 30.67
CA ASP D 28 26.62 44.38 31.32
C ASP D 28 26.77 42.92 30.87
N PHE D 29 26.93 42.71 29.57
CA PHE D 29 27.14 41.36 29.06
C PHE D 29 28.45 40.78 29.57
N GLU D 30 29.53 41.55 29.45
CA GLU D 30 30.83 41.09 29.93
C GLU D 30 30.76 40.63 31.36
N LYS D 31 29.91 41.27 32.16
CA LYS D 31 29.75 40.93 33.57
C LYS D 31 28.87 39.70 33.76
N TYR D 32 27.71 39.68 33.11
CA TYR D 32 26.68 38.68 33.35
C TYR D 32 26.84 37.43 32.49
N LYS D 33 27.92 37.32 31.71
CA LYS D 33 28.12 36.19 30.81
C LYS D 33 27.71 34.85 31.43
N SER D 34 28.34 34.49 32.56
CA SER D 34 28.10 33.18 33.15
C SER D 34 26.63 32.89 33.34
N MET D 35 25.82 33.92 33.52
CA MET D 35 24.39 33.77 33.73
C MET D 35 23.57 34.09 32.48
N LEU D 36 24.20 34.06 31.30
CA LEU D 36 23.51 34.34 30.05
C LEU D 36 23.70 33.23 29.03
N GLY D 37 24.09 32.05 29.47
CA GLY D 37 24.34 30.95 28.56
C GLY D 37 23.09 30.16 28.24
N VAL D 38 23.24 29.23 27.29
CA VAL D 38 22.11 28.42 26.90
C VAL D 38 21.63 27.58 28.08
N GLY D 39 20.38 27.16 28.01
CA GLY D 39 19.81 26.32 29.04
C GLY D 39 19.30 27.07 30.25
N GLN D 40 19.91 28.22 30.55
CA GLN D 40 19.62 28.92 31.78
C GLN D 40 18.26 29.61 31.69
N TYR D 41 17.93 30.36 32.75
CA TYR D 41 16.59 30.88 32.96
C TYR D 41 16.61 32.40 33.03
N LEU D 42 15.46 32.98 32.72
CA LEU D 42 15.28 34.43 32.75
C LEU D 42 13.90 34.76 33.28
N LEU D 43 13.80 35.95 33.86
CA LEU D 43 12.55 36.50 34.37
C LEU D 43 12.11 37.65 33.48
N VAL D 44 10.81 37.74 33.24
CA VAL D 44 10.24 38.83 32.46
C VAL D 44 9.03 39.36 33.18
N ALA D 45 8.73 40.63 32.94
CA ALA D 45 7.55 41.25 33.52
C ALA D 45 6.36 41.08 32.59
N SER D 46 5.16 41.00 33.19
CA SER D 46 3.95 40.84 32.41
C SER D 46 2.80 41.67 32.96
N GLY D 47 3.08 42.71 33.74
CA GLY D 47 2.02 43.58 34.23
C GLY D 47 1.25 43.00 35.39
N ASN D 48 0.76 43.89 36.27
CA ASN D 48 -0.08 43.51 37.40
C ASN D 48 0.74 42.75 38.46
N ASN D 49 2.00 43.14 38.63
CA ASN D 49 2.88 42.53 39.61
C ASN D 49 2.90 41.01 39.45
N LEU D 50 3.34 40.59 38.27
CA LEU D 50 3.52 39.18 37.94
C LEU D 50 4.90 39.02 37.33
N TYR D 51 5.25 37.77 37.02
CA TYR D 51 6.47 37.50 36.29
C TYR D 51 6.31 36.23 35.49
N LEU D 52 7.07 36.16 34.39
CA LEU D 52 7.12 34.99 33.53
C LEU D 52 8.51 34.41 33.59
N LEU D 53 8.59 33.08 33.57
CA LEU D 53 9.87 32.39 33.58
C LEU D 53 10.13 31.83 32.19
N ALA D 54 11.36 31.98 31.71
CA ALA D 54 11.68 31.58 30.36
C ALA D 54 13.05 30.95 30.31
N SER D 55 13.30 30.22 29.23
CA SER D 55 14.58 29.57 28.97
C SER D 55 15.17 30.13 27.68
N ILE D 56 16.44 29.81 27.45
CA ILE D 56 17.20 30.39 26.36
C ILE D 56 17.49 29.33 25.31
N THR D 57 17.56 29.78 24.06
CA THR D 57 17.83 28.91 22.93
C THR D 57 18.86 29.46 21.95
N GLY D 58 19.23 30.73 22.04
CA GLY D 58 20.15 31.29 21.07
C GLY D 58 20.59 32.70 21.41
N VAL D 59 21.85 32.99 21.08
CA VAL D 59 22.48 34.28 21.35
C VAL D 59 23.10 34.78 20.06
N ARG D 60 23.30 36.09 19.99
CA ARG D 60 23.90 36.69 18.81
C ARG D 60 24.53 38.02 19.17
N ALA D 61 25.50 38.43 18.35
CA ALA D 61 26.16 39.71 18.48
C ALA D 61 26.35 40.29 17.09
N THR D 62 25.82 41.48 16.87
CA THR D 62 25.92 42.16 15.60
C THR D 62 26.89 43.33 15.71
N HIS D 63 27.50 43.67 14.57
CA HIS D 63 28.46 44.76 14.50
C HIS D 63 27.74 46.01 14.05
N VAL D 64 27.95 47.11 14.77
CA VAL D 64 27.28 48.38 14.50
C VAL D 64 28.28 49.33 13.86
N GLU D 65 27.75 50.35 13.19
CA GLU D 65 28.55 51.30 12.45
C GLU D 65 28.25 52.72 12.93
N ARG D 66 28.80 53.71 12.26
CA ARG D 66 28.64 55.10 12.67
C ARG D 66 28.11 55.96 11.53
N GLY D 86 35.17 46.11 17.00
CA GLY D 86 34.52 47.38 17.25
C GLY D 86 33.34 47.25 18.19
N ASN D 87 32.46 48.24 18.17
CA ASN D 87 31.27 48.21 19.02
C ASN D 87 30.34 47.10 18.57
N PHE D 88 29.39 46.76 19.44
CA PHE D 88 28.55 45.59 19.23
C PHE D 88 27.17 45.83 19.79
N ARG D 89 26.24 44.96 19.39
CA ARG D 89 24.88 44.97 19.89
C ARG D 89 24.38 43.55 19.98
N PHE D 90 23.88 43.15 21.15
CA PHE D 90 23.64 41.76 21.46
C PHE D 90 22.15 41.44 21.49
N GLN D 91 21.82 40.24 21.01
CA GLN D 91 20.46 39.76 20.88
C GLN D 91 20.33 38.38 21.50
N ILE D 92 19.12 38.07 21.95
CA ILE D 92 18.84 36.79 22.60
C ILE D 92 17.45 36.32 22.18
N ASP D 93 17.29 35.00 22.11
CA ASP D 93 16.00 34.37 21.93
C ASP D 93 15.59 33.70 23.22
N THR D 94 14.33 33.28 23.30
CA THR D 94 13.84 32.64 24.51
C THR D 94 12.71 31.69 24.16
N GLN D 95 12.13 31.09 25.21
CA GLN D 95 11.00 30.20 25.12
C GLN D 95 10.28 30.26 26.46
N PRO D 96 8.95 30.26 26.48
CA PRO D 96 8.23 30.41 27.73
C PRO D 96 7.94 29.07 28.41
N ILE D 97 7.80 29.14 29.74
CA ILE D 97 7.51 27.95 30.52
C ILE D 97 6.26 28.15 31.38
N GLY D 98 6.32 29.10 32.30
CA GLY D 98 5.28 29.25 33.29
C GLY D 98 5.32 30.61 33.94
N THR D 99 4.42 30.78 34.91
CA THR D 99 4.23 32.07 35.57
C THR D 99 4.67 31.99 37.02
N LEU D 100 4.95 33.16 37.57
CA LEU D 100 5.41 33.29 38.94
C LEU D 100 4.72 34.52 39.53
N SER D 101 3.90 34.30 40.56
CA SER D 101 3.17 35.37 41.19
C SER D 101 4.12 36.23 42.02
N GLU D 102 3.55 37.23 42.69
CA GLU D 102 4.37 38.14 43.49
C GLU D 102 4.93 37.43 44.72
N ASP D 103 4.16 36.51 45.32
CA ASP D 103 4.63 35.82 46.50
C ASP D 103 5.86 34.98 46.20
N GLY D 104 5.81 34.19 45.13
CA GLY D 104 6.85 33.24 44.81
C GLY D 104 6.28 31.93 44.32
N GLU D 105 4.95 31.84 44.30
CA GLU D 105 4.29 30.63 43.85
C GLU D 105 4.47 30.45 42.35
N PHE D 106 4.92 29.27 41.96
CA PHE D 106 5.10 28.92 40.56
C PHE D 106 3.85 28.24 40.05
N SER D 107 3.44 28.59 38.84
CA SER D 107 2.33 27.93 38.18
C SER D 107 2.75 27.57 36.77
N ARG D 108 2.21 26.45 36.29
CA ARG D 108 2.60 25.88 35.02
C ARG D 108 1.67 26.39 33.92
N GLY D 109 2.26 26.80 32.81
CA GLY D 109 1.48 27.34 31.71
C GLY D 109 1.11 28.79 31.94
N SER D 110 1.31 29.61 30.92
CA SER D 110 1.03 31.04 31.01
C SER D 110 -0.32 31.35 30.42
N HIS D 111 -1.04 32.28 31.04
CA HIS D 111 -2.35 32.70 30.59
C HIS D 111 -2.26 33.83 29.57
N SER D 112 -1.54 34.90 29.92
CA SER D 112 -1.29 36.02 29.04
C SER D 112 0.20 36.18 28.82
N LEU D 113 0.55 36.97 27.81
CA LEU D 113 1.95 37.17 27.44
C LEU D 113 2.37 38.63 27.58
N PRO D 114 3.68 38.89 27.57
CA PRO D 114 4.16 40.27 27.68
C PRO D 114 4.25 40.97 26.33
N VAL D 115 4.67 42.23 26.34
CA VAL D 115 4.76 43.01 25.11
C VAL D 115 6.03 43.84 25.11
N PRO D 116 6.41 44.45 23.99
CA PRO D 116 7.66 45.21 23.93
C PRO D 116 7.71 46.32 24.97
N THR D 117 8.90 46.88 25.11
CA THR D 117 9.22 47.91 26.09
C THR D 117 9.09 47.42 27.52
N GLU D 118 8.89 46.14 27.72
CA GLU D 118 8.87 45.54 29.04
C GLU D 118 10.27 45.06 29.41
N TYR D 119 10.55 45.09 30.70
CA TYR D 119 11.90 44.81 31.17
C TYR D 119 12.10 43.32 31.41
N ALA D 120 13.37 42.94 31.49
CA ALA D 120 13.76 41.57 31.79
C ALA D 120 14.86 41.59 32.83
N TYR D 121 14.84 40.60 33.72
CA TYR D 121 15.76 40.55 34.85
C TYR D 121 16.46 39.21 34.90
N VAL D 122 17.56 39.17 35.62
CA VAL D 122 18.34 37.94 35.76
C VAL D 122 17.73 37.08 36.87
N THR D 123 18.10 35.80 36.86
CA THR D 123 17.57 34.84 37.81
C THR D 123 18.56 34.66 38.95
N PRO D 124 18.31 35.22 40.13
CA PRO D 124 19.19 34.97 41.27
C PRO D 124 18.93 33.61 41.89
N PRO D 125 19.90 33.05 42.61
CA PRO D 125 19.72 31.68 43.12
C PRO D 125 18.60 31.54 44.12
N ALA D 126 18.50 32.47 45.07
CA ALA D 126 17.51 32.37 46.14
C ALA D 126 16.14 32.02 45.58
N VAL D 127 15.80 32.56 44.42
CA VAL D 127 14.50 32.26 43.82
C VAL D 127 14.41 30.80 43.40
N LEU D 128 15.43 30.33 42.66
CA LEU D 128 15.43 28.94 42.24
C LEU D 128 15.35 28.01 43.43
N GLU D 129 15.98 28.38 44.54
CA GLU D 129 15.88 27.60 45.76
C GLU D 129 14.45 27.60 46.28
N GLY D 130 13.92 28.78 46.56
CA GLY D 130 12.55 28.90 47.03
C GLY D 130 11.56 28.13 46.17
N ILE D 131 11.94 27.87 44.92
CA ILE D 131 11.08 27.09 44.04
C ILE D 131 11.32 25.60 44.25
N PHE D 132 12.55 25.15 44.01
CA PHE D 132 12.85 23.73 43.90
C PHE D 132 13.03 23.02 45.24
N SER D 133 13.09 23.74 46.34
CA SER D 133 13.38 23.09 47.61
C SER D 133 12.37 23.41 48.72
N HIS D 134 11.85 24.64 48.76
CA HIS D 134 11.10 25.11 49.91
C HIS D 134 9.60 25.22 49.65
N GLN D 135 9.13 24.93 48.44
CA GLN D 135 7.73 25.10 48.10
C GLN D 135 6.96 23.79 48.04
N ILE D 136 7.64 22.66 47.98
CA ILE D 136 6.97 21.39 47.70
C ILE D 136 6.23 20.91 48.95
N LYS D 137 5.28 20.00 48.73
CA LYS D 137 4.40 19.55 49.81
C LYS D 137 5.06 18.48 50.68
N SER D 138 5.39 17.33 50.10
CA SER D 138 5.99 16.21 50.81
C SER D 138 7.42 16.05 50.32
N PRO D 139 8.41 16.64 50.99
CA PRO D 139 9.75 16.68 50.43
C PRO D 139 10.39 15.31 50.35
N PHE D 140 11.06 15.06 49.23
CA PHE D 140 11.87 13.87 49.03
C PHE D 140 13.04 14.30 48.15
N ALA D 141 14.24 14.28 48.70
CA ALA D 141 15.41 14.74 47.97
C ALA D 141 15.79 13.74 46.89
N LEU D 142 16.35 14.26 45.80
CA LEU D 142 16.81 13.39 44.73
C LEU D 142 18.24 13.68 44.31
N GLY D 143 18.65 14.96 44.30
CA GLY D 143 20.01 15.30 43.93
C GLY D 143 20.20 16.79 43.71
N THR D 144 20.98 17.15 42.70
CA THR D 144 21.24 18.55 42.37
C THR D 144 20.74 18.85 40.96
N LEU D 145 21.05 20.05 40.49
CA LEU D 145 20.67 20.52 39.17
C LEU D 145 21.85 20.42 38.21
N GLY D 146 21.53 20.15 36.94
CA GLY D 146 22.53 20.21 35.89
C GLY D 146 22.97 21.60 35.52
N ILE D 147 22.43 22.61 36.18
CA ILE D 147 22.70 24.01 35.86
C ILE D 147 23.48 24.69 36.98
N SER D 148 23.16 24.40 38.24
CA SER D 148 23.82 25.01 39.38
C SER D 148 23.98 23.97 40.46
N PRO D 149 25.09 23.24 40.47
CA PRO D 149 25.26 22.15 41.45
C PRO D 149 25.06 22.58 42.90
N ASP D 150 25.31 23.86 43.21
CA ASP D 150 25.20 24.31 44.59
C ASP D 150 23.78 24.22 45.12
N ILE D 151 22.80 23.95 44.27
CA ILE D 151 21.41 23.87 44.67
C ILE D 151 20.99 22.40 44.61
N LYS D 152 19.94 22.07 45.35
CA LYS D 152 19.44 20.71 45.46
C LYS D 152 18.15 20.55 44.67
N LEU D 153 17.56 19.37 44.77
CA LEU D 153 16.38 19.03 43.99
C LEU D 153 15.50 18.11 44.82
N LYS D 154 14.21 18.40 44.87
CA LYS D 154 13.28 17.68 45.72
C LYS D 154 11.97 17.51 44.98
N ILE D 155 11.19 16.50 45.37
CA ILE D 155 9.91 16.20 44.76
C ILE D 155 8.95 15.70 45.83
N ASP D 156 7.73 15.39 45.41
CA ASP D 156 6.69 14.87 46.28
C ASP D 156 6.77 13.35 46.30
N GLY D 157 7.09 12.78 47.47
CA GLY D 157 7.21 11.34 47.57
C GLY D 157 5.87 10.62 47.60
N ASP D 158 4.85 11.22 48.20
CA ASP D 158 3.56 10.57 48.28
C ASP D 158 3.06 10.13 46.91
N ARG D 159 3.23 10.98 45.91
CA ARG D 159 2.88 10.62 44.54
C ARG D 159 3.97 9.82 43.86
N PHE D 160 5.17 9.77 44.43
CA PHE D 160 6.27 9.04 43.82
C PHE D 160 6.15 7.54 44.09
N PHE D 161 6.10 7.16 45.36
CA PHE D 161 6.11 5.75 45.72
C PHE D 161 4.72 5.14 45.65
N SER D 162 3.67 5.92 45.86
CA SER D 162 2.32 5.39 45.88
C SER D 162 1.87 4.84 44.52
N LYS D 163 2.68 4.94 43.48
CA LYS D 163 2.29 4.49 42.16
C LYS D 163 3.47 3.79 41.50
N HIS D 164 3.25 3.31 40.28
CA HIS D 164 4.22 2.48 39.60
C HIS D 164 5.31 3.32 38.96
N VAL D 165 6.54 2.85 39.07
CA VAL D 165 7.72 3.60 38.66
C VAL D 165 8.41 2.83 37.54
N ALA D 166 9.38 3.49 36.90
CA ALA D 166 10.19 2.86 35.88
C ALA D 166 11.57 3.49 35.87
N VAL D 167 12.53 2.76 35.30
CA VAL D 167 13.89 3.24 35.18
C VAL D 167 14.52 2.60 33.96
N VAL D 168 15.39 3.35 33.29
CA VAL D 168 16.08 2.91 32.09
C VAL D 168 17.50 3.45 32.13
N GLY D 169 18.26 3.15 31.10
CA GLY D 169 19.63 3.58 31.01
C GLY D 169 20.43 2.64 30.14
N SER D 170 21.75 2.82 30.19
CA SER D 170 22.67 2.02 29.40
C SER D 170 23.88 1.69 30.27
N THR D 171 24.90 1.11 29.67
CA THR D 171 26.11 0.77 30.39
C THR D 171 27.00 2.00 30.55
N GLY D 172 27.85 1.94 31.56
CA GLY D 172 28.71 3.07 31.88
C GLY D 172 27.99 4.30 32.38
N SER D 173 26.68 4.21 32.60
CA SER D 173 25.91 5.36 33.06
C SER D 173 25.80 5.39 34.59
N GLY D 174 25.64 4.23 35.22
CA GLY D 174 25.63 4.16 36.67
C GLY D 174 24.26 3.95 37.27
N LYS D 175 23.44 3.11 36.64
CA LYS D 175 22.12 2.81 37.17
C LYS D 175 22.20 2.38 38.62
N SER D 176 22.89 1.27 38.87
CA SER D 176 22.91 0.68 40.21
C SER D 176 23.39 1.68 41.25
N CYS D 177 24.46 2.41 40.95
CA CYS D 177 25.00 3.37 41.89
C CYS D 177 24.06 4.55 42.14
N ALA D 178 22.91 4.56 41.48
CA ALA D 178 21.86 5.54 41.74
C ALA D 178 20.64 4.92 42.40
N VAL D 179 20.23 3.74 41.95
CA VAL D 179 19.16 3.01 42.61
C VAL D 179 19.50 2.78 44.08
N ALA D 180 20.73 2.32 44.35
CA ALA D 180 21.15 2.12 45.72
C ALA D 180 21.05 3.40 46.53
N LYS D 181 21.44 4.52 45.94
CA LYS D 181 21.36 5.81 46.62
C LYS D 181 19.91 6.14 46.95
N ILE D 182 19.02 5.97 45.96
CA ILE D 182 17.59 6.18 46.18
C ILE D 182 17.12 5.39 47.39
N LEU D 183 17.39 4.10 47.40
CA LEU D 183 16.86 3.25 48.46
C LEU D 183 17.46 3.60 49.82
N GLN D 184 18.77 3.88 49.86
CA GLN D 184 19.37 4.38 51.09
C GLN D 184 18.61 5.58 51.62
N THR D 185 18.39 6.58 50.76
CA THR D 185 17.60 7.74 51.16
C THR D 185 16.21 7.32 51.63
N ALA D 186 15.67 6.25 51.06
CA ALA D 186 14.28 5.89 51.34
C ALA D 186 14.13 5.31 52.74
N VAL D 187 15.02 4.38 53.12
CA VAL D 187 14.83 3.68 54.39
C VAL D 187 14.90 4.63 55.57
N GLY D 188 15.57 5.77 55.42
CA GLY D 188 15.64 6.75 56.48
C GLY D 188 17.05 7.18 56.84
N ILE D 189 18.00 6.92 55.94
CA ILE D 189 19.37 7.37 56.14
C ILE D 189 19.49 8.84 55.74
N LYS D 201 9.88 4.56 58.06
CA LYS D 201 8.46 4.83 58.23
C LYS D 201 7.63 3.62 57.84
N ASN D 202 7.98 2.47 58.39
CA ASN D 202 7.33 1.20 58.08
C ASN D 202 7.33 0.95 56.57
N SER D 203 8.52 0.87 56.01
CA SER D 203 8.73 0.54 54.61
C SER D 203 9.22 -0.89 54.48
N HIS D 204 8.84 -1.54 53.38
CA HIS D 204 9.21 -2.93 53.14
C HIS D 204 9.58 -3.10 51.68
N ILE D 205 10.75 -3.69 51.44
CA ILE D 205 11.35 -3.79 50.12
C ILE D 205 11.72 -5.24 49.84
N VAL D 206 11.57 -5.64 48.58
CA VAL D 206 11.88 -7.00 48.15
C VAL D 206 12.55 -6.91 46.78
N ILE D 207 13.81 -7.35 46.70
CA ILE D 207 14.64 -7.14 45.52
C ILE D 207 14.94 -8.48 44.87
N PHE D 208 14.93 -8.50 43.53
CA PHE D 208 15.36 -9.68 42.78
C PHE D 208 16.72 -9.37 42.14
N ASP D 209 17.79 -9.62 42.89
CA ASP D 209 19.13 -9.39 42.37
C ASP D 209 19.62 -10.62 41.63
N ILE D 210 20.46 -10.39 40.62
CA ILE D 210 20.99 -11.47 39.80
C ILE D 210 22.51 -11.44 39.84
N HIS D 211 23.10 -10.35 39.34
CA HIS D 211 24.54 -10.18 39.35
C HIS D 211 25.10 -9.97 40.75
N ALA D 212 24.24 -9.81 41.76
CA ALA D 212 24.67 -9.70 43.14
C ALA D 212 25.62 -8.52 43.34
N GLU D 213 25.09 -7.32 43.10
CA GLU D 213 25.82 -6.08 43.29
C GLU D 213 25.35 -5.28 44.49
N TYR D 214 24.09 -5.43 44.90
CA TYR D 214 23.51 -4.54 45.89
C TYR D 214 23.80 -4.98 47.32
N ALA D 215 23.92 -6.29 47.56
CA ALA D 215 24.04 -6.78 48.92
C ALA D 215 25.26 -6.22 49.65
N ALA D 216 26.19 -5.59 48.94
CA ALA D 216 27.35 -4.99 49.58
C ALA D 216 27.09 -3.55 50.00
N ALA D 217 26.22 -2.84 49.28
CA ALA D 217 25.85 -1.49 49.68
C ALA D 217 25.28 -1.48 51.08
N PHE D 218 24.35 -2.39 51.35
CA PHE D 218 23.74 -2.56 52.67
C PHE D 218 24.63 -3.34 53.63
N ASN D 219 25.92 -3.48 53.31
CA ASN D 219 26.86 -4.11 54.22
C ASN D 219 27.12 -3.16 55.37
N LEU D 220 26.11 -2.96 56.21
CA LEU D 220 26.09 -1.86 57.17
C LEU D 220 26.93 -2.21 58.40
N GLU D 221 26.90 -1.33 59.40
CA GLU D 221 27.57 -1.50 60.67
C GLU D 221 26.54 -1.79 61.76
N ALA D 222 27.04 -1.92 62.99
CA ALA D 222 26.18 -2.30 64.10
C ALA D 222 25.18 -1.20 64.42
N GLY D 223 25.66 0.04 64.57
CA GLY D 223 24.80 1.13 65.01
C GLY D 223 23.57 1.35 64.16
N GLU D 224 23.54 0.79 62.94
CA GLU D 224 22.37 0.96 62.10
C GLU D 224 21.15 0.22 62.63
N ALA D 225 21.36 -0.89 63.34
CA ALA D 225 20.26 -1.72 63.81
C ALA D 225 19.38 -2.15 62.64
N PHE D 226 20.03 -2.48 61.53
CA PHE D 226 19.37 -2.60 60.24
C PHE D 226 18.79 -3.99 60.03
N THR D 227 17.54 -4.04 59.58
CA THR D 227 16.83 -5.29 59.31
C THR D 227 17.27 -5.85 57.96
N LEU D 228 18.47 -6.42 57.98
CA LEU D 228 19.14 -6.95 56.78
C LEU D 228 19.01 -8.47 56.83
N ASN D 229 17.92 -8.96 56.23
CA ASN D 229 17.62 -10.38 56.14
C ASN D 229 17.87 -10.84 54.70
N LEU D 230 19.15 -10.84 54.34
CA LEU D 230 19.57 -11.29 53.02
C LEU D 230 19.44 -12.81 52.95
N LEU D 231 18.67 -13.30 51.97
CA LEU D 231 18.46 -14.72 51.79
C LEU D 231 19.46 -15.27 50.77
N GLY D 232 20.42 -16.04 51.25
CA GLY D 232 21.17 -16.90 50.37
C GLY D 232 20.30 -17.95 49.70
N VAL D 233 20.63 -18.28 48.46
CA VAL D 233 19.81 -19.26 47.74
C VAL D 233 19.76 -20.56 48.53
N ASP D 234 20.88 -20.92 49.16
CA ASP D 234 20.97 -22.15 49.95
C ASP D 234 19.95 -22.19 51.08
N ASN D 235 19.66 -21.05 51.70
CA ASN D 235 18.75 -21.00 52.86
C ASN D 235 17.35 -20.52 52.50
N LEU D 236 17.00 -20.46 51.22
CA LEU D 236 15.70 -19.95 50.78
C LEU D 236 14.61 -21.03 50.92
N ARG D 237 14.31 -21.35 52.17
CA ARG D 237 13.24 -22.30 52.47
C ARG D 237 12.06 -22.02 51.55
N LEU D 238 11.68 -23.02 50.74
CA LEU D 238 10.57 -22.84 49.81
C LEU D 238 10.06 -24.20 49.38
N PRO D 239 9.01 -24.73 50.01
CA PRO D 239 8.47 -26.02 49.58
C PRO D 239 7.83 -25.95 48.20
N TYR D 240 8.03 -27.03 47.43
CA TYR D 240 7.47 -27.15 46.10
C TYR D 240 5.97 -27.39 46.11
N TRP D 241 5.42 -27.91 47.21
CA TRP D 241 4.03 -28.34 47.23
C TRP D 241 3.04 -27.19 47.37
N LEU D 242 3.51 -25.95 47.27
CA LEU D 242 2.61 -24.80 47.27
C LEU D 242 2.14 -24.41 45.88
N MET D 243 2.87 -24.81 44.84
CA MET D 243 2.54 -24.41 43.49
C MET D 243 1.13 -24.84 43.11
N ASN D 244 0.64 -24.26 42.03
CA ASN D 244 -0.61 -24.67 41.40
C ASN D 244 -0.31 -25.80 40.41
N ALA D 245 -1.30 -26.13 39.59
CA ALA D 245 -1.12 -27.20 38.62
C ALA D 245 -0.17 -26.80 37.51
N GLN D 246 -0.29 -25.56 37.03
CA GLN D 246 0.49 -25.12 35.88
C GLN D 246 1.99 -25.25 36.14
N GLU D 247 2.45 -24.74 37.28
CA GLU D 247 3.88 -24.74 37.57
C GLU D 247 4.40 -26.17 37.73
N LEU D 248 3.64 -27.03 38.38
CA LEU D 248 4.05 -28.42 38.53
C LEU D 248 4.18 -29.09 37.18
N GLU D 249 3.14 -29.01 36.35
CA GLU D 249 3.23 -29.60 35.02
C GLU D 249 4.35 -29.00 34.20
N GLN D 250 4.69 -27.73 34.45
CA GLN D 250 5.75 -27.09 33.69
C GLN D 250 7.12 -27.58 34.10
N ILE D 251 7.33 -27.80 35.40
CA ILE D 251 8.66 -28.13 35.91
C ILE D 251 8.92 -29.63 35.84
N PHE D 252 7.97 -30.44 36.32
CA PHE D 252 8.19 -31.87 36.43
C PHE D 252 8.09 -32.60 35.09
N ILE D 253 7.50 -31.98 34.08
CA ILE D 253 7.17 -32.67 32.83
C ILE D 253 7.52 -31.77 31.66
N GLU D 254 7.99 -32.39 30.57
CA GLU D 254 8.34 -31.67 29.36
C GLU D 254 7.14 -31.57 28.42
N ASN D 259 0.78 -39.75 24.52
CA ASN D 259 -0.05 -40.49 25.47
C ASN D 259 0.27 -39.87 26.84
N SER D 260 1.05 -38.80 26.83
CA SER D 260 1.36 -38.07 28.06
C SER D 260 0.09 -37.80 28.86
N HIS D 261 -1.07 -37.79 28.19
CA HIS D 261 -2.34 -37.52 28.84
C HIS D 261 -2.51 -38.45 30.04
N ASN D 262 -2.48 -39.76 29.80
CA ASN D 262 -2.73 -40.71 30.87
C ASN D 262 -1.57 -40.75 31.86
N GLN D 263 -0.34 -40.51 31.39
CA GLN D 263 0.78 -40.33 32.31
C GLN D 263 0.43 -39.30 33.37
N ILE D 264 -0.03 -38.13 32.93
CA ILE D 264 -0.32 -37.04 33.86
C ILE D 264 -1.61 -37.32 34.63
N SER D 265 -2.53 -38.08 34.04
CA SER D 265 -3.73 -38.48 34.78
C SER D 265 -3.34 -39.31 36.00
N GLN D 266 -2.42 -40.27 35.80
CA GLN D 266 -1.96 -41.07 36.93
C GLN D 266 -1.14 -40.23 37.90
N PHE D 267 -0.29 -39.33 37.38
CA PHE D 267 0.35 -38.32 38.21
C PHE D 267 -0.65 -37.67 39.17
N ARG D 268 -1.71 -37.12 38.59
CA ARG D 268 -2.73 -36.42 39.37
C ARG D 268 -3.37 -37.33 40.39
N HIS D 269 -3.86 -38.49 39.94
CA HIS D 269 -4.50 -39.42 40.87
C HIS D 269 -3.59 -39.72 42.05
N ALA D 270 -2.32 -40.01 41.77
CA ALA D 270 -1.39 -40.38 42.83
C ALA D 270 -1.22 -39.24 43.83
N VAL D 271 -0.99 -38.03 43.34
CA VAL D 271 -0.73 -36.94 44.28
C VAL D 271 -2.00 -36.57 45.04
N VAL D 272 -3.17 -36.66 44.39
CA VAL D 272 -4.42 -36.41 45.08
C VAL D 272 -4.61 -37.42 46.20
N ARG D 273 -4.29 -38.69 45.94
CA ARG D 273 -4.40 -39.69 46.99
C ARG D 273 -3.45 -39.38 48.14
N ASN D 274 -2.20 -39.05 47.82
CA ASN D 274 -1.24 -38.71 48.86
C ASN D 274 -1.75 -37.54 49.70
N LYS D 275 -2.40 -36.57 49.06
CA LYS D 275 -2.92 -35.42 49.79
C LYS D 275 -4.08 -35.83 50.69
N CYS D 276 -5.02 -36.60 50.15
CA CYS D 276 -6.10 -37.14 50.99
C CYS D 276 -5.55 -37.91 52.17
N LYS D 277 -4.35 -38.48 52.02
CA LYS D 277 -3.75 -39.27 53.08
C LYS D 277 -3.15 -38.37 54.16
N HIS D 278 -2.20 -37.52 53.78
CA HIS D 278 -1.42 -36.79 54.79
C HIS D 278 -2.28 -35.78 55.54
N ASN D 279 -3.26 -35.18 54.87
CA ASN D 279 -4.17 -34.21 55.49
C ASN D 279 -5.60 -34.74 55.34
N PRO D 280 -5.95 -35.76 56.13
CA PRO D 280 -7.24 -36.43 55.92
C PRO D 280 -8.43 -35.66 56.45
N THR D 281 -8.22 -34.92 57.54
CA THR D 281 -9.31 -34.19 58.18
C THR D 281 -10.08 -33.33 57.18
N LEU D 282 -9.41 -32.80 56.17
CA LEU D 282 -10.05 -31.92 55.20
C LEU D 282 -10.66 -32.71 54.06
N THR D 283 -11.37 -32.00 53.18
CA THR D 283 -12.00 -32.56 51.99
C THR D 283 -11.85 -31.57 50.85
N ASN D 284 -12.43 -31.91 49.70
CA ASN D 284 -12.39 -31.03 48.54
C ASN D 284 -10.94 -30.74 48.14
N LEU D 285 -10.23 -31.81 47.77
CA LEU D 285 -8.81 -31.77 47.50
C LEU D 285 -8.59 -32.03 46.01
N SER D 286 -7.92 -31.09 45.35
CA SER D 286 -7.62 -31.22 43.93
C SER D 286 -6.15 -30.92 43.67
N PHE D 287 -5.73 -31.15 42.43
CA PHE D 287 -4.33 -30.98 42.06
C PHE D 287 -3.82 -29.58 42.32
N ASP D 288 -4.71 -28.59 42.50
CA ASP D 288 -4.33 -27.20 42.70
C ASP D 288 -4.24 -26.81 44.17
N THR D 289 -4.96 -27.52 45.03
CA THR D 289 -5.01 -27.16 46.44
C THR D 289 -3.61 -27.17 47.05
N PRO D 290 -3.15 -26.05 47.65
CA PRO D 290 -1.83 -26.03 48.29
C PRO D 290 -1.88 -26.69 49.66
N VAL D 291 -1.28 -27.88 49.77
CA VAL D 291 -1.24 -28.62 51.01
C VAL D 291 -0.05 -29.57 50.95
N TYR D 292 0.40 -30.02 52.11
CA TYR D 292 1.64 -30.78 52.18
C TYR D 292 1.49 -32.16 51.58
N PHE D 293 2.60 -32.68 51.06
CA PHE D 293 2.74 -34.08 50.67
C PHE D 293 4.22 -34.33 50.41
N SER D 294 4.54 -35.53 49.97
CA SER D 294 5.90 -35.90 49.62
C SER D 294 5.94 -36.43 48.19
N ILE D 295 7.15 -36.50 47.65
CA ILE D 295 7.36 -36.84 46.25
C ILE D 295 7.94 -38.24 46.10
N ASP D 296 8.88 -38.63 46.97
CA ASP D 296 9.51 -39.93 46.85
C ASP D 296 8.48 -41.05 46.94
N GLU D 297 7.46 -40.87 47.79
CA GLU D 297 6.40 -41.87 47.88
C GLU D 297 5.71 -42.05 46.54
N VAL D 298 5.40 -40.94 45.85
CA VAL D 298 4.78 -41.04 44.54
C VAL D 298 5.74 -41.64 43.53
N VAL D 299 7.03 -41.36 43.67
CA VAL D 299 8.02 -41.94 42.76
C VAL D 299 8.01 -43.46 42.90
N THR D 300 7.95 -43.96 44.13
CA THR D 300 7.85 -45.41 44.32
C THR D 300 6.53 -45.95 43.79
N TYR D 301 5.43 -45.23 44.03
CA TYR D 301 4.15 -45.57 43.42
C TYR D 301 4.31 -45.79 41.92
N LEU D 302 4.94 -44.84 41.25
CA LEU D 302 5.05 -44.90 39.79
C LEU D 302 6.04 -45.96 39.34
N GLU D 303 7.08 -46.23 40.13
CA GLU D 303 7.95 -47.37 39.84
C GLU D 303 7.16 -48.67 39.86
N ASN D 304 6.44 -48.91 40.97
CA ASN D 304 5.54 -50.06 41.04
C ASN D 304 4.66 -50.14 39.79
N MET D 305 4.06 -49.02 39.39
CA MET D 305 3.28 -49.02 38.16
C MET D 305 4.13 -49.44 36.96
N ASN D 306 5.41 -49.02 36.96
CA ASN D 306 6.27 -49.33 35.82
C ASN D 306 6.69 -50.80 35.80
N ASN D 307 6.54 -51.51 36.91
CA ASN D 307 6.80 -52.95 36.95
C ASN D 307 5.57 -53.73 37.43
N GLU D 308 4.38 -53.21 37.13
CA GLU D 308 3.14 -53.80 37.61
C GLU D 308 2.65 -54.92 36.70
N VAL D 309 1.92 -55.86 37.29
CA VAL D 309 1.32 -56.97 36.56
C VAL D 309 -0.07 -57.23 37.16
N ILE D 310 -1.05 -57.53 36.31
CA ILE D 310 -2.42 -57.76 36.73
C ILE D 310 -2.91 -59.08 36.18
N GLY D 311 -3.53 -59.90 37.03
CA GLY D 311 -3.98 -61.21 36.61
C GLY D 311 -5.34 -61.16 35.93
N LYS D 312 -5.56 -62.11 35.01
CA LYS D 312 -6.80 -62.17 34.25
C LYS D 312 -7.50 -63.52 34.33
N LEU D 313 -7.05 -64.42 35.19
CA LEU D 313 -7.75 -65.69 35.36
C LEU D 313 -9.08 -65.47 36.08
N ALA D 314 -9.92 -66.50 36.05
CA ALA D 314 -11.22 -66.47 36.72
C ALA D 314 -11.06 -66.08 38.19
N GLY D 315 -11.68 -64.96 38.55
CA GLY D 315 -11.61 -64.43 39.90
C GLY D 315 -10.32 -63.74 40.25
N GLU D 316 -9.50 -63.38 39.25
CA GLU D 316 -8.22 -62.71 39.49
C GLU D 316 -8.08 -61.44 38.66
N GLY D 317 -9.19 -60.91 38.15
CA GLY D 317 -9.14 -59.74 37.30
C GLY D 317 -8.83 -58.46 38.05
N LYS D 318 -7.72 -58.45 38.77
CA LYS D 318 -7.33 -57.33 39.61
C LYS D 318 -5.82 -57.42 39.84
N PRO D 319 -5.20 -56.34 40.33
CA PRO D 319 -3.73 -56.31 40.41
C PRO D 319 -3.14 -57.53 41.10
N LYS D 320 -2.40 -58.34 40.34
CA LYS D 320 -1.83 -59.59 40.83
C LYS D 320 -0.35 -59.33 41.17
N LEU D 321 -0.03 -59.40 42.45
CA LEU D 321 1.31 -59.07 42.94
C LEU D 321 2.15 -60.33 43.06
N ALA D 322 3.43 -60.13 43.38
CA ALA D 322 4.35 -61.26 43.48
C ALA D 322 3.86 -62.30 44.47
N ASN D 323 3.01 -61.91 45.40
CA ASN D 323 2.44 -62.82 46.39
C ASN D 323 1.06 -63.33 45.96
N GLU D 324 0.66 -63.10 44.72
CA GLU D 324 -0.63 -63.54 44.21
C GLU D 324 -1.77 -62.92 45.02
N THR D 325 -1.73 -61.60 45.13
CA THR D 325 -2.69 -60.83 45.90
C THR D 325 -3.36 -59.80 45.00
N LEU D 326 -4.65 -59.57 45.22
CA LEU D 326 -5.42 -58.60 44.46
C LEU D 326 -5.60 -57.34 45.30
N VAL D 327 -4.90 -56.28 44.94
CA VAL D 327 -4.91 -55.04 45.70
C VAL D 327 -6.23 -54.33 45.42
N SER D 328 -7.13 -54.36 46.39
CA SER D 328 -8.44 -53.73 46.20
C SER D 328 -8.29 -52.29 45.77
N ASP D 329 -7.55 -51.50 46.54
CA ASP D 329 -7.32 -50.08 46.28
C ASP D 329 -5.82 -49.81 46.41
N ARG D 330 -5.15 -49.70 45.26
CA ARG D 330 -3.70 -49.57 45.24
C ARG D 330 -3.21 -48.33 45.98
N ASP D 331 -4.10 -47.36 46.21
CA ASP D 331 -3.71 -46.16 46.95
C ASP D 331 -3.05 -46.51 48.27
N GLU D 332 -3.65 -47.44 49.02
CA GLU D 332 -3.16 -47.79 50.34
C GLU D 332 -1.90 -48.66 50.31
N LEU D 333 -1.48 -49.15 49.15
CA LEU D 333 -0.39 -50.11 49.08
C LEU D 333 0.85 -49.58 48.37
N TYR D 334 0.72 -49.12 47.12
CA TYR D 334 1.91 -48.88 46.31
C TYR D 334 2.82 -47.82 46.93
N PHE D 335 2.25 -46.88 47.68
CA PHE D 335 3.08 -45.89 48.37
C PHE D 335 4.08 -46.54 49.32
N ASP D 336 3.78 -47.76 49.80
CA ASP D 336 4.59 -48.35 50.86
C ASP D 336 6.02 -48.59 50.40
N ALA D 337 6.22 -49.32 49.31
CA ALA D 337 7.55 -49.65 48.84
C ALA D 337 7.43 -50.20 47.42
N VAL D 338 8.55 -50.69 46.88
CA VAL D 338 8.58 -51.23 45.52
C VAL D 338 8.28 -52.73 45.65
N GLN D 339 6.99 -53.05 45.68
CA GLN D 339 6.57 -54.45 45.69
C GLN D 339 6.65 -55.05 44.30
N SER D 340 7.12 -56.29 44.23
CA SER D 340 7.27 -57.00 42.97
C SER D 340 5.96 -57.70 42.61
N PHE D 341 5.81 -57.95 41.31
CA PHE D 341 4.63 -58.61 40.77
C PHE D 341 5.02 -59.89 40.05
N ILE D 342 4.15 -60.90 40.12
CA ILE D 342 4.42 -62.20 39.53
C ILE D 342 4.60 -62.08 38.02
N VAL D 343 5.09 -63.14 37.40
CA VAL D 343 5.20 -63.19 35.94
C VAL D 343 3.84 -62.88 35.33
N ALA D 344 3.84 -62.02 34.31
CA ALA D 344 2.64 -61.75 33.53
C ALA D 344 2.40 -62.86 32.51
N SER D 345 2.33 -64.08 33.01
CA SER D 345 2.19 -65.26 32.18
C SER D 345 0.75 -65.45 31.71
N GLN D 346 0.59 -66.12 30.58
CA GLN D 346 -0.72 -66.38 30.00
C GLN D 346 -1.08 -67.86 30.03
N ALA D 347 -0.33 -68.67 30.78
CA ALA D 347 -0.70 -70.07 30.95
C ALA D 347 -2.06 -70.19 31.64
N ALA D 348 -2.77 -71.26 31.31
CA ALA D 348 -4.07 -71.49 31.92
C ALA D 348 -3.96 -71.51 33.45
N ALA D 349 -2.84 -72.03 33.95
CA ALA D 349 -2.60 -72.06 35.39
C ALA D 349 -2.24 -70.68 35.92
N THR D 350 -1.53 -69.88 35.13
CA THR D 350 -1.05 -68.56 35.53
C THR D 350 -1.39 -67.54 34.46
N LYS D 351 -2.54 -66.87 34.61
CA LYS D 351 -2.98 -65.82 33.68
C LYS D 351 -2.72 -64.44 34.28
N ALA D 352 -1.80 -63.71 33.67
CA ALA D 352 -1.45 -62.37 34.08
C ALA D 352 -0.92 -61.61 32.88
N SER D 353 -0.99 -60.28 32.96
CA SER D 353 -0.54 -59.39 31.89
C SER D 353 0.29 -58.28 32.50
N ASN D 354 1.25 -57.77 31.73
CA ASN D 354 2.09 -56.69 32.24
C ASN D 354 1.23 -55.45 32.43
N GLY D 355 1.70 -54.54 33.28
CA GLY D 355 0.92 -53.39 33.66
C GLY D 355 0.53 -52.53 32.46
N PRO D 356 -0.70 -52.00 32.45
CA PRO D 356 -1.11 -51.15 31.33
C PRO D 356 -0.34 -49.85 31.25
N PHE D 357 0.21 -49.38 32.36
CA PHE D 357 1.09 -48.21 32.41
C PHE D 357 2.50 -48.63 32.82
N ASN D 358 2.97 -49.72 32.23
CA ASN D 358 4.24 -50.35 32.60
C ASN D 358 5.23 -50.20 31.47
N GLY D 359 6.40 -49.63 31.77
CA GLY D 359 7.52 -49.57 30.86
C GLY D 359 7.68 -48.27 30.09
N GLU D 360 6.74 -47.33 30.21
CA GLU D 360 6.81 -46.08 29.44
C GLU D 360 7.27 -44.90 30.28
N PHE D 361 7.21 -45.01 31.61
CA PHE D 361 7.63 -43.92 32.50
C PHE D 361 9.14 -43.83 32.63
N ASP D 362 9.88 -44.56 31.79
CA ASP D 362 11.34 -44.57 31.89
C ASP D 362 11.88 -43.16 31.79
N ARG D 363 11.56 -42.44 30.70
CA ARG D 363 12.04 -41.07 30.56
C ARG D 363 11.59 -40.22 31.73
N MET D 364 10.33 -40.38 32.14
CA MET D 364 9.77 -39.58 33.21
C MET D 364 10.53 -39.81 34.51
N ILE D 365 10.57 -41.06 34.98
CA ILE D 365 11.28 -41.39 36.21
C ILE D 365 12.73 -40.94 36.12
N LEU D 366 13.33 -41.09 34.94
CA LEU D 366 14.73 -40.73 34.75
C LEU D 366 14.93 -39.23 34.97
N ARG D 367 14.14 -38.40 34.29
CA ARG D 367 14.27 -36.96 34.46
C ARG D 367 13.93 -36.53 35.88
N LEU D 368 13.03 -37.25 36.55
CA LEU D 368 12.73 -36.96 37.95
C LEU D 368 13.95 -37.19 38.83
N HIS D 369 14.53 -38.39 38.73
CA HIS D 369 15.76 -38.68 39.47
C HIS D 369 16.84 -37.65 39.15
N THR D 370 16.91 -37.23 37.89
CA THR D 370 17.89 -36.23 37.48
C THR D 370 17.67 -34.92 38.23
N ARG D 371 16.45 -34.38 38.14
CA ARG D 371 16.13 -33.14 38.84
C ARG D 371 16.47 -33.26 40.32
N LEU D 372 15.98 -34.31 40.97
CA LEU D 372 16.26 -34.50 42.38
C LEU D 372 17.74 -34.71 42.64
N ALA D 373 18.51 -35.09 41.62
CA ALA D 373 19.96 -35.19 41.77
C ALA D 373 20.61 -33.82 41.88
N ASP D 374 20.08 -32.84 41.17
CA ASP D 374 20.71 -31.52 41.12
C ASP D 374 20.70 -30.88 42.50
N PRO D 375 21.84 -30.43 43.02
CA PRO D 375 21.84 -29.68 44.29
C PRO D 375 21.45 -28.23 44.11
N ARG D 376 21.49 -27.70 42.89
CA ARG D 376 21.05 -26.34 42.64
C ARG D 376 19.56 -26.17 42.94
N LEU D 377 18.80 -27.26 42.90
CA LEU D 377 17.39 -27.27 43.27
C LEU D 377 17.17 -27.76 44.69
N GLN D 378 18.26 -27.98 45.44
CA GLN D 378 18.18 -28.58 46.76
C GLN D 378 17.19 -27.85 47.65
N PHE D 379 17.46 -26.58 47.94
CA PHE D 379 16.61 -25.80 48.83
C PHE D 379 15.14 -25.94 48.47
N LEU D 380 14.83 -26.25 47.22
CA LEU D 380 13.46 -26.38 46.77
C LEU D 380 12.88 -27.75 47.10
N PHE D 381 13.58 -28.81 46.69
CA PHE D 381 13.00 -30.14 46.79
C PHE D 381 13.03 -30.69 48.21
N TYR D 382 14.12 -30.45 48.95
CA TYR D 382 14.28 -30.96 50.31
C TYR D 382 14.49 -29.79 51.26
N PRO D 383 13.45 -29.00 51.49
CA PRO D 383 13.56 -27.82 52.37
C PRO D 383 13.47 -28.21 53.83
N LYS D 384 14.57 -28.06 54.55
CA LYS D 384 14.66 -28.35 55.98
C LYS D 384 14.72 -27.05 56.77
N LYS D 385 14.47 -27.17 58.07
CA LYS D 385 14.42 -26.02 58.97
C LYS D 385 15.81 -25.61 59.45
N GLU D 386 15.83 -24.59 60.31
CA GLU D 386 17.04 -24.32 61.08
C GLU D 386 17.39 -25.55 61.91
N ASP D 387 16.37 -26.18 62.50
CA ASP D 387 16.59 -27.40 63.26
C ASP D 387 16.98 -28.55 62.34
N GLY D 388 16.45 -28.54 61.11
CA GLY D 388 16.75 -29.54 60.10
C GLY D 388 15.60 -30.46 59.78
N GLU D 389 14.44 -30.25 60.40
CA GLU D 389 13.29 -31.07 60.10
C GLU D 389 12.63 -30.61 58.80
N ASP D 390 11.84 -31.50 58.23
CA ASP D 390 11.05 -31.16 57.04
C ASP D 390 9.99 -30.11 57.36
N LEU D 391 9.86 -29.16 56.43
CA LEU D 391 8.89 -28.08 56.51
C LEU D 391 7.52 -28.53 56.02
N ALA D 392 6.51 -28.39 56.88
CA ALA D 392 5.14 -28.80 56.60
C ALA D 392 4.19 -27.61 56.74
N THR D 393 2.89 -27.89 56.76
CA THR D 393 1.87 -26.86 56.84
C THR D 393 1.89 -26.06 58.15
N GLY D 394 2.49 -26.59 59.21
CA GLY D 394 2.58 -25.85 60.45
C GLY D 394 3.29 -24.52 60.33
N ASP D 395 4.26 -24.41 59.43
CA ASP D 395 5.04 -23.18 59.25
C ASP D 395 4.69 -22.37 58.01
N PHE D 396 3.56 -22.65 57.36
CA PHE D 396 3.21 -21.93 56.15
C PHE D 396 3.42 -20.42 56.34
N ALA D 397 2.84 -19.87 57.41
CA ALA D 397 3.02 -18.46 57.71
C ALA D 397 4.49 -18.08 57.82
N ASP D 398 5.26 -18.83 58.61
CA ASP D 398 6.66 -18.45 58.82
C ASP D 398 7.47 -18.46 57.52
N VAL D 399 6.90 -18.95 56.42
CA VAL D 399 7.56 -18.83 55.14
C VAL D 399 7.46 -17.39 54.63
N VAL D 400 6.36 -16.71 54.95
CA VAL D 400 6.15 -15.35 54.45
C VAL D 400 6.97 -14.36 55.26
N ARG D 401 6.99 -14.51 56.59
CA ARG D 401 7.87 -13.68 57.40
C ARG D 401 9.33 -13.84 56.99
N GLN D 402 9.63 -14.83 56.15
CA GLN D 402 10.97 -14.95 55.59
C GLN D 402 11.32 -13.73 54.76
N PHE D 403 10.38 -13.22 53.98
CA PHE D 403 10.60 -12.04 53.16
C PHE D 403 10.20 -10.77 53.91
N VAL D 404 8.92 -10.69 54.30
CA VAL D 404 8.43 -9.51 55.01
C VAL D 404 9.24 -9.30 56.29
N GLY D 405 9.19 -10.27 57.20
CA GLY D 405 9.94 -10.23 58.44
C GLY D 405 9.26 -9.61 59.64
N TYR D 406 8.53 -8.52 59.42
CA TYR D 406 7.88 -7.79 60.51
C TYR D 406 6.72 -6.97 59.94
N MET D 407 6.08 -6.22 60.82
CA MET D 407 5.10 -5.20 60.43
C MET D 407 5.54 -3.81 60.86
N THR D 408 6.70 -3.69 61.52
CA THR D 408 7.29 -2.42 61.89
C THR D 408 8.80 -2.56 61.77
N LYS D 409 9.52 -1.45 61.98
CA LYS D 409 10.98 -1.46 61.88
C LYS D 409 11.41 -1.93 60.49
N SER D 410 11.19 -1.03 59.53
CA SER D 410 11.22 -1.33 58.10
C SER D 410 12.23 -2.39 57.70
N ASN D 411 11.78 -3.37 56.91
CA ASN D 411 12.57 -4.52 56.52
C ASN D 411 13.14 -4.34 55.12
N VAL D 412 14.09 -5.22 54.79
CA VAL D 412 14.63 -5.36 53.44
C VAL D 412 14.86 -6.83 53.19
N SER D 413 14.47 -7.31 52.02
CA SER D 413 14.69 -8.70 51.65
C SER D 413 15.27 -8.76 50.24
N ILE D 414 16.38 -9.47 50.09
CA ILE D 414 17.05 -9.63 48.81
C ILE D 414 16.96 -11.08 48.38
N ILE D 415 16.99 -11.30 47.07
CA ILE D 415 16.97 -12.65 46.51
C ILE D 415 18.10 -12.76 45.50
N ASP D 416 19.07 -13.62 45.79
CA ASP D 416 20.22 -13.87 44.94
C ASP D 416 19.97 -15.14 44.12
N LEU D 417 19.94 -14.98 42.79
CA LEU D 417 19.53 -16.05 41.89
C LEU D 417 20.62 -16.31 40.85
N SER D 418 21.87 -16.42 41.29
CA SER D 418 23.00 -16.42 40.38
C SER D 418 22.99 -17.64 39.46
N GLY D 419 23.07 -18.84 40.03
CA GLY D 419 23.35 -20.03 39.26
C GLY D 419 22.16 -20.73 38.64
N ILE D 420 20.95 -20.40 39.08
CA ILE D 420 19.74 -21.04 38.58
C ILE D 420 19.69 -20.87 37.07
N PRO D 421 19.04 -21.78 36.33
CA PRO D 421 18.85 -21.55 34.89
C PRO D 421 17.89 -20.40 34.65
N PHE D 422 17.54 -20.16 33.39
CA PHE D 422 16.72 -19.02 33.02
C PHE D 422 15.32 -19.45 32.60
N GLU D 423 14.83 -20.57 33.13
CA GLU D 423 13.48 -21.05 32.86
C GLU D 423 12.63 -21.24 34.11
N VAL D 424 13.23 -21.75 35.19
CA VAL D 424 12.48 -21.91 36.45
C VAL D 424 12.47 -20.63 37.27
N LEU D 425 13.40 -19.72 36.97
CA LEU D 425 13.42 -18.39 37.58
C LEU D 425 12.05 -17.74 37.51
N SER D 426 11.43 -17.79 36.33
CA SER D 426 10.10 -17.23 36.13
C SER D 426 9.11 -17.82 37.13
N ILE D 427 9.14 -19.14 37.30
CA ILE D 427 8.20 -19.80 38.20
C ILE D 427 8.42 -19.32 39.62
N VAL D 428 9.68 -19.26 40.05
CA VAL D 428 10.00 -18.75 41.37
C VAL D 428 9.35 -17.39 41.59
N VAL D 429 9.62 -16.47 40.67
CA VAL D 429 9.12 -15.09 40.79
C VAL D 429 7.60 -15.09 40.86
N SER D 430 6.96 -15.86 39.98
CA SER D 430 5.50 -15.92 39.96
C SER D 430 4.96 -16.33 41.32
N LEU D 431 5.47 -17.44 41.85
CA LEU D 431 5.01 -17.92 43.15
C LEU D 431 5.14 -16.84 44.21
N ILE D 432 6.33 -16.26 44.33
CA ILE D 432 6.57 -15.25 45.38
C ILE D 432 5.56 -14.11 45.25
N SER D 433 5.48 -13.53 44.06
CA SER D 433 4.60 -12.38 43.86
C SER D 433 3.15 -12.72 44.16
N ARG D 434 2.70 -13.90 43.76
CA ARG D 434 1.33 -14.31 44.06
C ARG D 434 1.09 -14.33 45.56
N MET D 435 2.00 -14.95 46.31
CA MET D 435 1.85 -14.99 47.76
C MET D 435 1.76 -13.58 48.33
N ILE D 436 2.64 -12.69 47.89
CA ILE D 436 2.65 -11.32 48.42
C ILE D 436 1.33 -10.62 48.15
N PHE D 437 0.84 -10.71 46.91
CA PHE D 437 -0.41 -10.05 46.57
C PHE D 437 -1.55 -10.55 47.45
N ASP D 438 -1.64 -11.88 47.64
CA ASP D 438 -2.73 -12.40 48.46
C ASP D 438 -2.61 -11.91 49.90
N PHE D 439 -1.38 -11.90 50.44
CA PHE D 439 -1.18 -11.40 51.80
C PHE D 439 -1.68 -9.96 51.93
N GLY D 440 -1.22 -9.08 51.04
CA GLY D 440 -1.65 -7.70 51.10
C GLY D 440 -3.15 -7.55 50.98
N PHE D 441 -3.76 -8.27 50.03
CA PHE D 441 -5.21 -8.27 49.89
C PHE D 441 -5.89 -8.53 51.22
N HIS D 442 -5.58 -9.68 51.83
CA HIS D 442 -6.30 -10.07 53.05
C HIS D 442 -6.02 -9.11 54.20
N TYR D 443 -4.79 -8.62 54.30
CA TYR D 443 -4.44 -7.70 55.38
C TYR D 443 -5.23 -6.40 55.27
N SER D 444 -5.17 -5.76 54.09
CA SER D 444 -5.95 -4.55 53.86
C SER D 444 -7.43 -4.79 54.09
N LYS D 445 -7.94 -5.95 53.68
CA LYS D 445 -9.36 -6.22 53.85
C LYS D 445 -9.73 -6.33 55.32
N ASN D 446 -8.89 -6.99 56.11
CA ASN D 446 -9.09 -6.99 57.55
C ASN D 446 -9.19 -5.57 58.07
N ARG D 447 -8.17 -4.76 57.78
CA ARG D 447 -8.14 -3.40 58.33
C ARG D 447 -9.29 -2.55 57.79
N HIS D 448 -9.86 -2.89 56.65
CA HIS D 448 -11.00 -2.15 56.13
C HIS D 448 -12.30 -2.55 56.80
N VAL D 449 -12.48 -3.86 57.04
CA VAL D 449 -13.61 -4.30 57.86
C VAL D 449 -13.50 -3.72 59.26
N GLY D 450 -12.28 -3.39 59.68
CA GLY D 450 -12.05 -2.67 60.91
C GLY D 450 -12.01 -1.17 60.73
N GLY D 451 -12.33 -0.66 59.55
CA GLY D 451 -12.30 0.76 59.28
C GLY D 451 -10.90 1.33 59.40
N ALA D 452 -9.97 0.80 58.62
CA ALA D 452 -8.58 1.23 58.69
C ALA D 452 -7.94 1.05 57.32
N VAL D 453 -7.11 2.00 56.93
CA VAL D 453 -6.39 1.97 55.67
C VAL D 453 -5.06 1.26 55.88
N SER D 454 -4.62 0.52 54.87
CA SER D 454 -3.38 -0.24 54.95
C SER D 454 -2.20 0.72 55.02
N ASP D 455 -1.48 0.70 56.15
CA ASP D 455 -0.26 1.47 56.31
C ASP D 455 1.00 0.63 56.15
N VAL D 456 0.87 -0.54 55.51
CA VAL D 456 2.00 -1.45 55.33
C VAL D 456 2.29 -1.54 53.84
N PRO D 457 2.78 -0.48 53.22
CA PRO D 457 3.10 -0.54 51.79
C PRO D 457 4.23 -1.51 51.54
N ILE D 458 4.38 -1.89 50.28
CA ILE D 458 5.40 -2.85 49.87
C ILE D 458 5.91 -2.47 48.50
N LEU D 459 7.23 -2.63 48.32
CA LEU D 459 7.89 -2.28 47.08
C LEU D 459 8.66 -3.49 46.56
N VAL D 460 8.61 -3.69 45.25
CA VAL D 460 9.12 -4.90 44.61
C VAL D 460 10.01 -4.46 43.46
N VAL D 461 11.29 -4.83 43.55
CA VAL D 461 12.31 -4.38 42.61
C VAL D 461 12.60 -5.51 41.64
N CYS D 462 12.14 -5.32 40.40
CA CYS D 462 12.33 -6.27 39.31
C CYS D 462 13.46 -5.76 38.43
N GLU D 463 14.63 -6.37 38.56
CA GLU D 463 15.82 -6.01 37.80
C GLU D 463 15.99 -6.92 36.59
N GLU D 464 16.62 -6.37 35.56
CA GLU D 464 16.87 -7.09 34.31
C GLU D 464 15.64 -7.86 33.86
N ALA D 465 14.56 -7.12 33.65
CA ALA D 465 13.27 -7.73 33.36
C ALA D 465 13.19 -8.30 31.95
N HIS D 466 14.01 -7.80 31.02
CA HIS D 466 13.92 -8.28 29.64
C HIS D 466 14.11 -9.78 29.55
N ASN D 467 14.67 -10.42 30.57
CA ASN D 467 14.89 -11.86 30.53
C ASN D 467 13.58 -12.61 30.77
N TYR D 468 12.92 -12.33 31.89
CA TYR D 468 11.72 -13.04 32.31
C TYR D 468 10.43 -12.23 32.10
N LEU D 469 10.52 -11.11 31.41
CA LEU D 469 9.32 -10.40 30.96
C LEU D 469 9.55 -9.81 29.58
N PRO D 470 9.98 -10.62 28.62
CA PRO D 470 10.28 -10.11 27.29
C PRO D 470 9.03 -9.67 26.54
N ARG D 471 9.27 -9.08 25.37
CA ARG D 471 8.18 -8.56 24.55
C ARG D 471 7.33 -9.68 23.97
N SER D 472 7.91 -10.86 23.77
CA SER D 472 7.18 -11.98 23.18
C SER D 472 7.93 -13.26 23.50
N GLY D 473 7.26 -14.16 24.23
CA GLY D 473 7.84 -15.46 24.55
C GLY D 473 6.78 -16.54 24.51
N GLY D 474 7.23 -17.76 24.82
CA GLY D 474 6.35 -18.91 24.84
C GLY D 474 5.69 -19.11 26.19
N ALA D 475 4.99 -20.23 26.31
CA ALA D 475 4.34 -20.55 27.57
C ALA D 475 5.33 -20.53 28.73
N ALA D 476 6.61 -20.81 28.45
CA ALA D 476 7.62 -20.86 29.51
C ALA D 476 7.54 -19.64 30.41
N TYR D 477 7.66 -18.44 29.82
CA TYR D 477 7.63 -17.19 30.57
C TYR D 477 6.22 -16.60 30.66
N ASP D 478 5.18 -17.43 30.57
CA ASP D 478 3.82 -16.94 30.56
C ASP D 478 3.20 -16.86 31.95
N ALA D 479 3.82 -17.48 32.95
CA ALA D 479 3.28 -17.43 34.30
C ALA D 479 3.58 -16.09 34.96
N SER D 480 4.86 -15.75 35.09
CA SER D 480 5.25 -14.47 35.67
C SER D 480 4.45 -13.34 35.05
N ARG D 481 4.37 -13.32 33.72
CA ARG D 481 3.65 -12.29 32.98
C ARG D 481 2.32 -11.95 33.64
N LYS D 482 1.60 -12.97 34.09
CA LYS D 482 0.34 -12.73 34.78
C LYS D 482 0.59 -12.26 36.21
N SER D 483 1.31 -13.07 36.99
CA SER D 483 1.50 -12.80 38.41
C SER D 483 2.02 -11.39 38.66
N ILE D 484 2.75 -10.83 37.70
CA ILE D 484 3.20 -9.44 37.80
C ILE D 484 2.14 -8.48 37.29
N GLU D 485 1.65 -8.72 36.07
CA GLU D 485 0.61 -7.89 35.48
C GLU D 485 -0.46 -7.54 36.50
N ARG D 486 -1.00 -8.55 37.19
CA ARG D 486 -2.01 -8.32 38.22
C ARG D 486 -1.65 -7.14 39.09
N ILE D 487 -0.50 -7.22 39.76
CA ILE D 487 -0.05 -6.13 40.64
C ILE D 487 -0.19 -4.80 39.93
N ALA D 488 0.38 -4.69 38.73
CA ALA D 488 0.48 -3.41 38.05
C ALA D 488 -0.87 -2.72 37.90
N LYS D 489 -1.97 -3.46 38.02
CA LYS D 489 -3.30 -2.88 37.86
C LYS D 489 -4.03 -2.64 39.17
N GLU D 490 -3.71 -3.39 40.22
CA GLU D 490 -4.49 -3.37 41.44
C GLU D 490 -3.68 -3.11 42.70
N GLY D 491 -2.37 -3.31 42.68
CA GLY D 491 -1.58 -3.11 43.88
C GLY D 491 -1.82 -1.76 44.52
N ARG D 492 -2.00 -0.72 43.70
CA ARG D 492 -2.22 0.62 44.23
C ARG D 492 -3.27 0.63 45.33
N LYS D 493 -4.30 -0.20 45.17
CA LYS D 493 -5.38 -0.22 46.13
C LYS D 493 -4.98 -0.93 47.42
N TYR D 494 -4.31 -2.07 47.31
CA TYR D 494 -4.05 -2.94 48.44
C TYR D 494 -2.63 -2.77 49.00
N GLY D 495 -2.05 -1.59 48.86
CA GLY D 495 -0.76 -1.32 49.44
C GLY D 495 0.35 -2.13 48.82
N VAL D 496 0.63 -1.87 47.55
CA VAL D 496 1.63 -2.62 46.81
C VAL D 496 2.10 -1.74 45.66
N THR D 497 3.36 -1.89 45.28
CA THR D 497 3.93 -1.06 44.22
C THR D 497 4.83 -1.91 43.35
N LEU D 498 5.60 -1.24 42.50
CA LEU D 498 6.54 -1.89 41.59
C LEU D 498 7.75 -0.99 41.42
N MET D 499 8.81 -1.55 40.87
CA MET D 499 9.95 -0.76 40.44
C MET D 499 10.72 -1.58 39.41
N VAL D 500 10.63 -1.17 38.16
CA VAL D 500 11.23 -1.89 37.04
C VAL D 500 12.63 -1.35 36.80
N VAL D 501 13.51 -2.20 36.27
CA VAL D 501 14.82 -1.77 35.81
C VAL D 501 15.14 -2.52 34.52
N SER D 502 15.99 -1.90 33.70
CA SER D 502 16.38 -2.49 32.44
C SER D 502 17.40 -1.58 31.77
N GLN D 503 18.09 -2.14 30.77
CA GLN D 503 18.97 -1.38 29.90
C GLN D 503 18.79 -1.79 28.45
N ARG D 504 17.75 -2.54 28.13
CA ARG D 504 17.45 -3.00 26.78
C ARG D 504 15.93 -3.02 26.64
N PRO D 505 15.27 -1.89 26.91
CA PRO D 505 13.80 -1.90 27.02
C PRO D 505 13.09 -2.44 25.80
N SER D 506 13.66 -2.25 24.60
CA SER D 506 13.00 -2.70 23.39
C SER D 506 12.57 -4.17 23.49
N GLU D 507 13.18 -4.94 24.40
CA GLU D 507 12.81 -6.34 24.58
C GLU D 507 11.69 -6.53 25.59
N VAL D 508 11.38 -5.50 26.38
CA VAL D 508 10.39 -5.63 27.45
C VAL D 508 8.99 -5.43 26.90
N SER D 509 8.00 -5.88 27.68
CA SER D 509 6.61 -5.78 27.29
C SER D 509 6.07 -4.38 27.52
N GLU D 510 5.34 -3.86 26.52
CA GLU D 510 4.77 -2.53 26.63
C GLU D 510 3.54 -2.50 27.53
N THR D 511 2.82 -3.62 27.63
CA THR D 511 1.63 -3.67 28.46
C THR D 511 1.90 -3.20 29.88
N ILE D 512 3.14 -3.30 30.34
CA ILE D 512 3.49 -2.91 31.70
C ILE D 512 4.00 -1.48 31.75
N PHE D 513 4.95 -1.14 30.89
CA PHE D 513 5.41 0.25 30.81
C PHE D 513 4.26 1.22 30.57
N SER D 514 3.14 0.73 30.05
CA SER D 514 1.97 1.58 29.82
C SER D 514 1.24 1.93 31.10
N GLN D 515 1.78 1.61 32.28
CA GLN D 515 1.12 1.88 33.54
C GLN D 515 1.94 2.73 34.50
N CYS D 516 3.27 2.69 34.40
CA CYS D 516 4.10 3.52 35.26
C CYS D 516 3.78 4.99 35.02
N SER D 517 3.90 5.78 36.08
CA SER D 517 3.52 7.19 36.04
C SER D 517 4.74 8.10 35.96
N ASN D 518 5.66 7.97 36.91
CA ASN D 518 6.90 8.72 36.87
C ASN D 518 7.98 7.92 36.15
N PHE D 519 8.88 8.63 35.48
CA PHE D 519 9.92 8.02 34.68
C PHE D 519 11.24 8.73 34.93
N ILE D 520 12.32 7.98 34.73
CA ILE D 520 13.68 8.48 34.85
C ILE D 520 14.48 7.92 33.68
N SER D 521 15.58 8.59 33.36
CA SER D 521 16.39 8.16 32.24
C SER D 521 17.79 8.71 32.36
N LEU D 522 18.72 8.00 31.73
CA LEU D 522 20.11 8.43 31.60
C LEU D 522 20.56 8.28 30.16
N ARG D 523 21.87 8.41 29.92
CA ARG D 523 22.38 8.39 28.56
C ARG D 523 21.90 7.16 27.80
N LEU D 524 21.45 7.39 26.57
CA LEU D 524 21.05 6.33 25.66
C LEU D 524 21.73 6.57 24.32
N THR D 525 22.57 5.62 23.91
CA THR D 525 23.32 5.74 22.66
C THR D 525 22.59 5.09 21.49
N ASN D 526 22.21 3.83 21.63
CA ASN D 526 21.47 3.13 20.59
C ASN D 526 20.23 3.95 20.23
N ALA D 527 19.66 3.70 19.06
CA ALA D 527 18.53 4.48 18.57
C ALA D 527 17.20 3.76 18.68
N VAL D 528 17.19 2.43 18.53
CA VAL D 528 15.96 1.67 18.65
C VAL D 528 15.26 2.00 19.96
N ASP D 529 16.02 1.95 21.06
CA ASP D 529 15.50 2.39 22.35
C ASP D 529 14.89 3.78 22.22
N GLN D 530 15.70 4.77 21.84
CA GLN D 530 15.22 6.14 21.74
C GLN D 530 13.85 6.22 21.09
N THR D 531 13.67 5.51 19.97
CA THR D 531 12.38 5.50 19.30
C THR D 531 11.29 4.93 20.21
N TYR D 532 11.53 3.72 20.72
CA TYR D 532 10.55 3.08 21.58
C TYR D 532 10.16 3.99 22.74
N VAL D 533 11.16 4.57 23.39
CA VAL D 533 10.96 5.48 24.52
C VAL D 533 10.07 6.64 24.08
N LYS D 534 10.52 7.43 23.11
CA LYS D 534 9.78 8.59 22.68
C LYS D 534 8.36 8.24 22.25
N SER D 535 8.11 6.97 21.91
CA SER D 535 6.75 6.56 21.60
C SER D 535 5.84 6.48 22.83
N LEU D 536 6.39 6.63 24.04
CA LEU D 536 5.62 6.39 25.26
C LEU D 536 5.45 7.62 26.14
N LEU D 537 6.55 8.28 26.50
CA LEU D 537 6.57 9.25 27.59
C LEU D 537 5.50 10.33 27.41
N PRO D 538 4.94 10.86 28.51
CA PRO D 538 3.77 11.74 28.39
C PRO D 538 4.10 13.22 28.20
N ASP D 539 5.30 13.65 28.60
CA ASP D 539 5.64 15.07 28.62
C ASP D 539 7.00 15.28 27.97
N LEU D 540 7.19 14.70 26.80
CA LEU D 540 8.45 14.80 26.06
C LEU D 540 8.29 15.79 24.92
N SER D 541 8.62 17.05 25.18
CA SER D 541 8.76 18.02 24.11
C SER D 541 9.95 17.64 23.24
N ALA D 542 9.89 18.05 21.97
CA ALA D 542 10.99 17.73 21.06
C ALA D 542 12.30 18.33 21.54
N GLY D 543 12.25 19.46 22.23
CA GLY D 543 13.46 20.07 22.76
C GLY D 543 14.19 19.22 23.77
N LEU D 544 13.55 18.17 24.29
CA LEU D 544 14.17 17.27 25.25
C LEU D 544 14.61 15.95 24.63
N GLY D 545 14.00 15.55 23.51
CA GLY D 545 14.31 14.29 22.86
C GLY D 545 15.70 14.21 22.25
N ASP D 546 16.49 15.28 22.34
CA ASP D 546 17.82 15.32 21.75
C ASP D 546 18.92 15.16 22.79
N LEU D 547 18.65 15.48 24.05
CA LEU D 547 19.69 15.43 25.07
C LEU D 547 20.10 13.99 25.37
N LEU D 548 19.17 13.05 25.28
CA LEU D 548 19.40 11.66 25.68
C LEU D 548 20.78 11.13 25.32
N PRO D 549 21.27 11.25 24.08
CA PRO D 549 22.61 10.77 23.77
C PRO D 549 23.72 11.74 24.15
N ASN D 550 23.38 12.97 24.52
CA ASN D 550 24.38 13.99 24.83
C ASN D 550 24.64 14.12 26.32
N LEU D 551 24.12 13.18 27.13
CA LEU D 551 24.19 13.31 28.57
C LEU D 551 25.54 12.86 29.09
N ALA D 552 26.02 13.54 30.12
CA ALA D 552 27.32 13.26 30.71
C ALA D 552 27.23 12.08 31.69
N GLN D 553 28.28 11.89 32.46
CA GLN D 553 28.36 10.82 33.44
C GLN D 553 27.76 11.31 34.75
N GLY D 554 26.70 10.65 35.20
CA GLY D 554 26.07 10.96 36.46
C GLY D 554 24.83 11.82 36.36
N GLU D 555 24.51 12.33 35.18
CA GLU D 555 23.36 13.18 34.99
C GLU D 555 22.15 12.35 34.57
N PHE D 556 20.96 12.89 34.79
CA PHE D 556 19.75 12.15 34.53
C PHE D 556 18.62 13.10 34.22
N LEU D 557 17.53 12.52 33.70
CA LEU D 557 16.31 13.23 33.37
C LEU D 557 15.14 12.56 34.07
N ILE D 558 14.12 13.36 34.41
CA ILE D 558 12.98 12.88 35.17
C ILE D 558 11.71 13.44 34.55
N VAL D 559 10.60 12.72 34.77
CA VAL D 559 9.31 13.11 34.18
C VAL D 559 8.20 12.53 35.03
N GLY D 560 7.07 13.22 35.07
CA GLY D 560 5.88 12.69 35.71
C GLY D 560 5.08 13.68 36.52
N ASP D 561 4.41 13.18 37.56
CA ASP D 561 3.49 13.97 38.37
C ASP D 561 4.18 14.58 39.58
N ALA D 562 4.90 13.77 40.34
CA ALA D 562 5.61 14.20 41.53
C ALA D 562 6.36 15.49 41.30
N PRO D 563 7.30 15.53 40.35
CA PRO D 563 8.13 16.72 40.20
C PRO D 563 7.30 17.95 39.88
N LEU D 564 7.98 19.10 39.94
CA LEU D 564 7.30 20.37 39.68
C LEU D 564 7.20 20.65 38.18
N MET D 565 8.18 20.20 37.41
CA MET D 565 8.20 20.36 35.97
C MET D 565 9.37 19.56 35.41
N PRO D 566 9.31 19.16 34.14
CA PRO D 566 10.45 18.47 33.53
C PRO D 566 11.76 19.13 33.90
N THR D 567 12.79 18.34 34.20
CA THR D 567 13.96 18.86 34.88
C THR D 567 15.14 17.95 34.55
N VAL D 568 16.31 18.33 35.07
CA VAL D 568 17.55 17.59 34.87
C VAL D 568 18.26 17.52 36.21
N GLY D 569 19.08 16.48 36.38
CA GLY D 569 19.75 16.29 37.65
C GLY D 569 21.12 15.66 37.47
N HIS D 570 21.81 15.52 38.60
CA HIS D 570 23.20 15.08 38.60
C HIS D 570 23.46 14.37 39.94
N PHE D 571 23.51 13.04 39.91
CA PHE D 571 23.78 12.30 41.13
C PHE D 571 25.24 12.47 41.55
N ALA D 572 25.53 12.05 42.77
CA ALA D 572 26.89 12.09 43.28
C ALA D 572 27.66 10.85 42.83
N LEU D 573 28.96 11.04 42.62
CA LEU D 573 29.83 9.95 42.20
C LEU D 573 29.37 9.37 40.86
N ASP D 597 28.82 -31.74 22.50
CA ASP D 597 27.39 -31.84 22.77
C ASP D 597 26.57 -31.48 21.53
N PHE D 598 27.15 -31.70 20.34
CA PHE D 598 26.46 -31.39 19.10
C PHE D 598 25.18 -32.19 18.96
N ASP D 599 25.30 -33.52 18.92
CA ASP D 599 24.14 -34.37 18.68
C ASP D 599 23.06 -34.16 19.73
N SER D 600 23.45 -33.85 20.97
CA SER D 600 22.47 -33.61 22.02
C SER D 600 21.52 -32.48 21.64
N VAL D 601 22.01 -31.48 20.89
CA VAL D 601 21.14 -30.40 20.44
C VAL D 601 20.09 -30.94 19.48
N ILE D 602 20.41 -32.00 18.74
CA ILE D 602 19.48 -32.56 17.79
C ILE D 602 18.49 -33.49 18.48
N ASP D 603 18.97 -34.29 19.42
CA ASP D 603 18.11 -35.20 20.16
C ASP D 603 16.89 -34.46 20.72
N ARG D 604 17.13 -33.43 21.53
CA ARG D 604 16.05 -32.58 22.01
C ARG D 604 15.22 -32.06 20.85
N TRP D 605 15.83 -31.89 19.68
CA TRP D 605 15.18 -31.35 18.50
C TRP D 605 14.41 -32.43 17.74
N MET E 1 48.34 17.59 29.67
CA MET E 1 47.82 18.27 28.49
C MET E 1 48.86 19.29 28.03
N PRO E 2 49.04 19.42 26.72
CA PRO E 2 50.02 20.38 26.20
C PRO E 2 49.48 21.81 26.17
N ASP E 3 50.31 22.72 25.70
CA ASP E 3 49.93 24.11 25.52
C ASP E 3 49.41 24.33 24.10
N LEU E 4 48.52 25.31 23.97
CA LEU E 4 47.79 25.51 22.73
C LEU E 4 48.33 26.65 21.89
N GLY E 5 48.85 27.70 22.52
CA GLY E 5 49.43 28.80 21.78
C GLY E 5 48.56 30.03 21.73
N THR E 6 48.72 30.83 20.69
CA THR E 6 47.94 32.04 20.58
C THR E 6 46.61 31.75 19.89
N PRO E 7 45.52 32.35 20.36
CA PRO E 7 44.24 32.21 19.65
C PRO E 7 44.28 32.90 18.31
N ILE E 8 43.22 32.70 17.54
CA ILE E 8 43.13 33.27 16.21
C ILE E 8 41.84 34.02 15.96
N GLY E 9 40.79 33.82 16.74
CA GLY E 9 39.52 34.46 16.48
C GLY E 9 38.71 34.65 17.74
N SER E 10 37.39 34.71 17.56
CA SER E 10 36.44 34.90 18.63
C SER E 10 35.07 34.56 18.07
N VAL E 11 34.13 34.35 18.96
CA VAL E 11 32.82 33.87 18.57
C VAL E 11 31.89 35.05 18.35
N THR E 12 30.89 34.83 17.48
CA THR E 12 29.86 35.81 17.23
C THR E 12 28.47 35.20 17.13
N ASP E 13 28.34 33.88 17.24
CA ASP E 13 27.02 33.25 17.20
C ASP E 13 27.13 31.81 17.69
N SER E 14 26.21 31.44 18.59
CA SER E 14 26.18 30.15 19.24
C SER E 14 24.77 29.58 19.17
N SER E 15 24.69 28.25 19.22
CA SER E 15 23.42 27.56 19.10
C SER E 15 23.66 26.08 19.35
N PRO E 16 22.60 25.28 19.55
CA PRO E 16 22.84 23.85 19.81
C PRO E 16 23.38 23.09 18.62
N SER E 17 23.08 23.52 17.41
CA SER E 17 23.54 22.83 16.21
C SER E 17 24.47 23.67 15.34
N LEU E 18 24.82 24.89 15.77
CA LEU E 18 25.68 25.73 14.96
C LEU E 18 26.55 26.59 15.86
N ILE E 19 27.74 26.89 15.36
CA ILE E 19 28.62 27.87 15.97
C ILE E 19 29.36 28.59 14.85
N ARG E 20 29.63 29.87 15.06
CA ARG E 20 30.28 30.68 14.05
C ARG E 20 31.45 31.44 14.66
N ILE E 21 32.48 31.63 13.86
CA ILE E 21 33.68 32.32 14.28
C ILE E 21 34.05 33.36 13.26
N GLU E 22 34.74 34.39 13.73
CA GLU E 22 35.25 35.48 12.91
C GLU E 22 36.73 35.65 13.21
N ILE E 23 37.50 35.97 12.19
CA ILE E 23 38.94 36.12 12.35
C ILE E 23 39.29 37.59 12.29
N SER E 24 40.31 37.96 13.05
CA SER E 24 40.64 39.36 13.26
C SER E 24 41.45 39.91 12.10
N SER E 25 42.49 39.20 11.70
CA SER E 25 43.46 39.73 10.75
C SER E 25 43.63 38.78 9.58
N ALA E 26 44.63 39.04 8.75
CA ALA E 26 44.91 38.24 7.56
C ALA E 26 46.15 37.39 7.74
N GLU E 27 47.26 37.99 8.16
CA GLU E 27 48.50 37.26 8.39
C GLU E 27 48.26 35.93 9.10
N ASP E 28 47.46 35.96 10.17
CA ASP E 28 47.13 34.73 10.89
C ASP E 28 46.59 33.69 9.92
N PHE E 29 45.62 34.07 9.10
CA PHE E 29 45.12 33.19 8.06
C PHE E 29 46.26 32.71 7.18
N GLU E 30 46.90 33.65 6.49
CA GLU E 30 48.00 33.37 5.56
C GLU E 30 48.91 32.28 6.09
N LYS E 31 49.18 32.29 7.40
CA LYS E 31 50.11 31.33 7.96
C LYS E 31 49.45 30.03 8.40
N TYR E 32 48.20 30.08 8.89
CA TYR E 32 47.53 28.91 9.44
C TYR E 32 46.61 28.21 8.44
N LYS E 33 46.61 28.64 7.17
CA LYS E 33 45.73 28.06 6.17
C LYS E 33 45.63 26.54 6.27
N SER E 34 46.78 25.87 6.20
CA SER E 34 46.79 24.42 6.06
C SER E 34 45.92 23.73 7.11
N MET E 35 45.80 24.32 8.29
CA MET E 35 45.06 23.73 9.39
C MET E 35 43.67 24.33 9.54
N LEU E 36 43.16 24.98 8.49
CA LEU E 36 41.87 25.65 8.54
C LEU E 36 40.88 25.15 7.51
N GLY E 37 41.26 24.17 6.70
CA GLY E 37 40.38 23.69 5.65
C GLY E 37 39.24 22.85 6.21
N VAL E 38 38.34 22.49 5.29
CA VAL E 38 37.22 21.65 5.67
C VAL E 38 37.73 20.34 6.24
N GLY E 39 36.90 19.72 7.07
CA GLY E 39 37.23 18.46 7.70
C GLY E 39 38.02 18.59 8.97
N GLN E 40 38.91 19.56 9.03
CA GLN E 40 39.80 19.71 10.17
C GLN E 40 39.03 20.02 11.44
N TYR E 41 39.74 20.09 12.57
CA TYR E 41 39.12 20.22 13.88
C TYR E 41 39.55 21.53 14.53
N LEU E 42 38.76 21.94 15.52
CA LEU E 42 39.00 23.17 16.25
C LEU E 42 38.65 22.99 17.71
N LEU E 43 39.35 23.76 18.55
CA LEU E 43 39.17 23.76 19.99
C LEU E 43 38.61 25.09 20.42
N VAL E 44 37.58 25.06 21.26
CA VAL E 44 36.96 26.28 21.75
C VAL E 44 36.97 26.25 23.27
N ALA E 45 36.98 27.44 23.86
CA ALA E 45 36.97 27.58 25.30
C ALA E 45 35.56 27.83 25.79
N SER E 46 35.28 27.38 27.02
CA SER E 46 33.94 27.54 27.59
C SER E 46 33.98 27.91 29.06
N GLY E 47 35.08 28.46 29.55
CA GLY E 47 35.19 28.76 30.97
C GLY E 47 35.26 27.50 31.80
N ASN E 48 35.70 27.62 33.05
CA ASN E 48 35.83 26.50 33.98
C ASN E 48 36.96 25.57 33.58
N ASN E 49 37.89 26.04 32.76
CA ASN E 49 39.00 25.22 32.28
C ASN E 49 38.49 23.97 31.57
N LEU E 50 37.50 24.18 30.71
CA LEU E 50 37.00 23.14 29.82
C LEU E 50 37.39 23.47 28.38
N TYR E 51 36.95 22.61 27.47
CA TYR E 51 37.18 22.82 26.05
C TYR E 51 36.15 22.03 25.27
N LEU E 52 35.82 22.55 24.09
CA LEU E 52 34.86 21.93 23.19
C LEU E 52 35.55 21.62 21.87
N LEU E 53 35.15 20.51 21.26
CA LEU E 53 35.73 20.05 20.01
C LEU E 53 34.73 20.27 18.90
N ALA E 54 35.18 20.83 17.78
CA ALA E 54 34.28 21.16 16.69
C ALA E 54 34.91 20.82 15.35
N SER E 55 34.05 20.52 14.39
CA SER E 55 34.45 20.29 13.01
C SER E 55 34.25 21.58 12.21
N ILE E 56 34.38 21.49 10.89
CA ILE E 56 34.27 22.65 10.02
C ILE E 56 33.42 22.29 8.81
N THR E 57 32.63 23.24 8.34
CA THR E 57 31.74 23.02 7.21
C THR E 57 31.72 24.19 6.22
N GLY E 58 32.45 25.27 6.46
CA GLY E 58 32.39 26.40 5.56
C GLY E 58 33.23 27.59 5.97
N VAL E 59 33.85 28.21 4.97
CA VAL E 59 34.73 29.36 5.15
C VAL E 59 34.27 30.45 4.21
N ARG E 60 34.56 31.70 4.57
CA ARG E 60 34.20 32.80 3.69
C ARG E 60 35.11 33.99 3.95
N ALA E 61 35.22 34.84 2.94
CA ALA E 61 35.89 36.12 3.02
C ALA E 61 34.93 37.19 2.53
N THR E 62 35.00 38.36 3.14
CA THR E 62 34.14 39.48 2.79
C THR E 62 35.01 40.72 2.61
N HIS E 63 34.68 41.52 1.60
CA HIS E 63 35.43 42.75 1.33
C HIS E 63 34.83 43.88 2.15
N VAL E 64 35.69 44.73 2.69
CA VAL E 64 35.29 45.77 3.61
C VAL E 64 35.82 47.12 3.13
N GLU E 65 35.02 48.16 3.33
CA GLU E 65 35.40 49.52 2.96
C GLU E 65 35.52 50.36 4.23
N ARG E 66 36.42 51.34 4.17
CA ARG E 66 36.69 52.19 5.32
C ARG E 66 35.79 53.41 5.33
N GLY E 86 42.68 44.96 -1.09
CA GLY E 86 41.28 44.79 -0.72
C GLY E 86 41.13 44.16 0.65
N ASN E 87 41.13 45.01 1.69
CA ASN E 87 40.97 44.52 3.05
C ASN E 87 39.81 43.54 3.14
N PHE E 88 40.02 42.45 3.88
CA PHE E 88 39.03 41.39 3.99
C PHE E 88 38.73 41.10 5.45
N ARG E 89 37.67 40.32 5.64
CA ARG E 89 37.22 39.84 6.93
C ARG E 89 36.72 38.43 6.74
N PHE E 90 37.26 37.49 7.53
CA PHE E 90 37.02 36.08 7.30
C PHE E 90 36.08 35.49 8.35
N GLN E 91 35.19 34.62 7.88
CA GLN E 91 34.20 33.96 8.70
C GLN E 91 34.34 32.46 8.54
N ILE E 92 33.90 31.74 9.58
CA ILE E 92 33.97 30.29 9.61
C ILE E 92 32.72 29.76 10.28
N ASP E 93 32.25 28.62 9.80
CA ASP E 93 31.14 27.91 10.43
C ASP E 93 31.68 26.64 11.06
N THR E 94 30.90 26.05 11.95
CA THR E 94 31.34 24.84 12.64
C THR E 94 30.13 23.97 12.96
N GLN E 95 30.38 22.91 13.72
CA GLN E 95 29.38 21.99 14.22
C GLN E 95 29.98 21.28 15.43
N PRO E 96 29.32 21.30 16.58
CA PRO E 96 29.94 20.75 17.79
C PRO E 96 29.80 19.24 17.87
N ILE E 97 30.76 18.62 18.56
CA ILE E 97 30.78 17.17 18.68
C ILE E 97 30.78 16.76 20.15
N GLY E 98 31.82 17.17 20.88
CA GLY E 98 32.03 16.64 22.21
C GLY E 98 32.77 17.61 23.10
N THR E 99 32.80 17.27 24.38
CA THR E 99 33.46 18.05 25.40
C THR E 99 34.76 17.37 25.82
N LEU E 100 35.67 18.17 26.36
CA LEU E 100 37.01 17.71 26.66
C LEU E 100 37.56 18.55 27.80
N SER E 101 37.94 17.89 28.88
CA SER E 101 38.45 18.58 30.06
C SER E 101 39.89 19.02 29.80
N GLU E 102 40.54 19.54 30.84
CA GLU E 102 41.89 20.05 30.73
C GLU E 102 42.95 18.97 30.92
N ASP E 103 42.56 17.79 31.41
CA ASP E 103 43.52 16.69 31.54
C ASP E 103 43.85 16.10 30.18
N GLY E 104 42.84 15.89 29.34
CA GLY E 104 42.96 15.13 28.12
C GLY E 104 41.78 14.18 28.01
N GLU E 105 41.00 14.12 29.08
CA GLU E 105 39.82 13.29 29.14
C GLU E 105 38.81 13.74 28.08
N PHE E 106 37.80 12.91 27.86
CA PHE E 106 36.82 13.14 26.80
C PHE E 106 35.43 12.73 27.26
N SER E 107 34.43 13.44 26.73
CA SER E 107 33.05 13.08 26.99
C SER E 107 32.20 13.49 25.81
N ARG E 108 31.08 12.79 25.64
CA ARG E 108 30.21 12.99 24.50
C ARG E 108 29.20 14.08 24.77
N GLY E 109 28.59 14.58 23.70
CA GLY E 109 27.57 15.59 23.81
C GLY E 109 28.08 16.86 24.45
N SER E 110 27.23 17.87 24.54
CA SER E 110 27.59 19.11 25.20
C SER E 110 26.36 19.70 25.86
N HIS E 111 26.57 20.36 27.00
CA HIS E 111 25.51 21.06 27.70
C HIS E 111 25.94 22.48 28.02
N SER E 112 27.24 22.67 28.22
CA SER E 112 27.81 23.98 28.54
C SER E 112 28.41 24.55 27.27
N LEU E 113 27.58 25.18 26.47
CA LEU E 113 28.03 25.79 25.23
C LEU E 113 28.65 27.15 25.50
N PRO E 114 29.47 27.65 24.58
CA PRO E 114 30.12 28.93 24.80
C PRO E 114 29.29 30.11 24.35
N VAL E 115 29.83 31.32 24.52
CA VAL E 115 29.14 32.54 24.17
C VAL E 115 30.12 33.48 23.47
N PRO E 116 29.64 34.56 22.86
CA PRO E 116 30.56 35.48 22.17
C PRO E 116 31.69 35.96 23.05
N THR E 117 32.68 36.59 22.41
CA THR E 117 33.87 37.11 23.07
C THR E 117 34.69 36.01 23.74
N GLU E 118 34.47 34.76 23.34
CA GLU E 118 35.29 33.64 23.80
C GLU E 118 36.25 33.24 22.68
N TYR E 119 37.42 32.77 23.09
CA TYR E 119 38.50 32.51 22.17
C TYR E 119 38.39 31.12 21.54
N ALA E 120 39.18 30.91 20.49
CA ALA E 120 39.29 29.64 19.81
C ALA E 120 40.75 29.41 19.44
N TYR E 121 41.14 28.15 19.36
CA TYR E 121 42.53 27.78 19.13
C TYR E 121 42.60 26.71 18.05
N VAL E 122 43.83 26.33 17.71
CA VAL E 122 44.09 25.31 16.70
C VAL E 122 44.39 24.01 17.40
N THR E 123 44.15 22.90 16.69
CA THR E 123 44.24 21.58 17.28
C THR E 123 45.54 20.91 16.87
N PRO E 124 46.42 20.56 17.81
CA PRO E 124 47.58 19.74 17.48
C PRO E 124 47.23 18.25 17.53
N PRO E 125 48.07 17.39 16.92
CA PRO E 125 47.69 15.99 16.77
C PRO E 125 47.88 15.13 18.01
N ALA E 126 48.90 15.44 18.82
CA ALA E 126 49.21 14.66 20.01
C ALA E 126 47.93 14.36 20.81
N VAL E 127 47.04 15.35 20.87
CA VAL E 127 45.76 15.17 21.54
C VAL E 127 45.04 13.97 20.96
N LEU E 128 44.79 14.01 19.65
CA LEU E 128 44.07 12.93 18.98
C LEU E 128 44.77 11.60 19.18
N GLU E 129 46.10 11.59 19.11
CA GLU E 129 46.85 10.37 19.34
C GLU E 129 46.51 9.76 20.70
N GLY E 130 46.67 10.56 21.76
CA GLY E 130 46.35 10.07 23.09
C GLY E 130 44.92 9.58 23.18
N ILE E 131 43.99 10.32 22.58
CA ILE E 131 42.58 9.94 22.65
C ILE E 131 42.38 8.56 22.04
N PHE E 132 42.74 8.41 20.77
CA PHE E 132 42.52 7.15 20.07
C PHE E 132 43.44 6.05 20.55
N SER E 133 44.37 6.33 21.46
CA SER E 133 45.25 5.28 21.97
C SER E 133 44.87 4.78 23.36
N HIS E 134 44.31 5.62 24.23
CA HIS E 134 44.30 5.32 25.66
C HIS E 134 42.91 5.27 26.29
N GLN E 135 41.84 5.24 25.51
CA GLN E 135 40.50 5.40 26.08
C GLN E 135 39.49 4.47 25.41
N ILE E 136 39.83 3.19 25.26
CA ILE E 136 38.93 2.22 24.66
C ILE E 136 39.05 0.89 25.40
N LYS E 137 37.97 0.11 25.38
CA LYS E 137 37.88 -1.14 26.12
C LYS E 137 38.41 -2.33 25.32
N SER E 138 37.79 -2.59 24.17
CA SER E 138 38.10 -3.76 23.34
C SER E 138 38.54 -3.26 21.97
N PRO E 139 39.81 -2.92 21.81
CA PRO E 139 40.26 -2.32 20.54
C PRO E 139 40.01 -3.24 19.36
N PHE E 140 39.59 -2.63 18.25
CA PHE E 140 39.41 -3.34 16.98
C PHE E 140 39.92 -2.41 15.89
N ALA E 141 41.20 -2.56 15.54
CA ALA E 141 41.81 -1.70 14.54
C ALA E 141 41.00 -1.73 13.25
N LEU E 142 40.81 -0.57 12.66
CA LEU E 142 40.01 -0.49 11.44
C LEU E 142 40.72 0.23 10.30
N GLY E 143 41.48 1.28 10.59
CA GLY E 143 42.20 1.98 9.55
C GLY E 143 42.92 3.22 10.04
N THR E 144 42.91 4.26 9.21
CA THR E 144 43.56 5.52 9.56
C THR E 144 42.59 6.68 9.37
N LEU E 145 43.10 7.90 9.48
CA LEU E 145 42.32 9.10 9.30
C LEU E 145 42.69 9.78 7.99
N GLY E 146 41.67 10.23 7.25
CA GLY E 146 41.95 10.99 6.05
C GLY E 146 42.72 12.26 6.30
N ILE E 147 42.63 12.79 7.52
CA ILE E 147 43.41 13.96 7.89
C ILE E 147 44.88 13.59 8.05
N SER E 148 45.17 12.68 8.97
CA SER E 148 46.54 12.24 9.24
C SER E 148 46.64 10.73 9.05
N PRO E 149 47.25 10.25 7.98
CA PRO E 149 47.45 8.79 7.86
C PRO E 149 48.39 8.24 8.92
N ASP E 150 49.20 9.08 9.54
CA ASP E 150 50.10 8.62 10.60
C ASP E 150 49.34 8.04 11.77
N ILE E 151 48.07 8.39 11.93
CA ILE E 151 47.27 7.98 13.06
C ILE E 151 46.46 6.76 12.66
N LYS E 152 46.05 5.98 13.65
CA LYS E 152 45.26 4.78 13.46
C LYS E 152 43.85 5.02 14.01
N LEU E 153 43.03 3.99 13.95
CA LEU E 153 41.61 4.12 14.28
C LEU E 153 41.14 2.82 14.92
N LYS E 154 40.50 2.95 16.08
CA LYS E 154 40.13 1.81 16.88
C LYS E 154 38.78 2.06 17.53
N ILE E 155 38.02 0.98 17.72
CA ILE E 155 36.70 1.03 18.31
C ILE E 155 36.50 -0.22 19.17
N ASP E 156 35.32 -0.30 19.80
CA ASP E 156 34.99 -1.40 20.69
C ASP E 156 34.29 -2.48 19.87
N GLY E 157 34.98 -3.59 19.62
CA GLY E 157 34.38 -4.69 18.89
C GLY E 157 33.20 -5.32 19.58
N ASP E 158 33.10 -5.17 20.90
CA ASP E 158 32.04 -5.85 21.64
C ASP E 158 30.67 -5.34 21.24
N ARG E 159 30.56 -4.05 20.95
CA ARG E 159 29.32 -3.46 20.47
C ARG E 159 29.17 -3.51 18.96
N PHE E 160 30.23 -3.89 18.26
CA PHE E 160 30.20 -3.98 16.80
C PHE E 160 29.75 -5.36 16.34
N PHE E 161 30.49 -6.39 16.74
CA PHE E 161 30.22 -7.76 16.33
C PHE E 161 29.06 -8.40 17.07
N SER E 162 28.44 -7.67 18.00
CA SER E 162 27.38 -8.22 18.83
C SER E 162 25.99 -7.78 18.42
N LYS E 163 25.87 -6.88 17.44
CA LYS E 163 24.58 -6.36 17.04
C LYS E 163 24.56 -6.14 15.53
N HIS E 164 23.36 -5.79 15.04
CA HIS E 164 23.12 -5.75 13.61
C HIS E 164 23.80 -4.55 12.96
N VAL E 165 24.33 -4.79 11.75
CA VAL E 165 25.17 -3.84 11.05
C VAL E 165 24.57 -3.60 9.66
N ALA E 166 25.13 -2.62 8.95
CA ALA E 166 24.73 -2.32 7.60
C ALA E 166 25.92 -1.73 6.85
N VAL E 167 25.86 -1.83 5.53
CA VAL E 167 26.90 -1.28 4.66
C VAL E 167 26.24 -0.85 3.36
N VAL E 168 26.70 0.29 2.83
CA VAL E 168 26.17 0.82 1.58
C VAL E 168 27.28 1.51 0.80
N GLY E 169 26.95 2.01 -0.38
CA GLY E 169 27.90 2.70 -1.22
C GLY E 169 27.68 2.35 -2.68
N SER E 170 28.17 3.21 -3.56
CA SER E 170 28.02 3.01 -4.99
C SER E 170 29.22 2.25 -5.54
N THR E 171 29.19 1.98 -6.84
CA THR E 171 30.21 1.17 -7.47
C THR E 171 31.57 1.87 -7.41
N GLY E 172 32.60 1.14 -7.82
CA GLY E 172 33.95 1.68 -7.89
C GLY E 172 34.43 2.30 -6.59
N SER E 173 33.82 1.89 -5.48
CA SER E 173 34.12 2.46 -4.18
C SER E 173 34.92 1.54 -3.27
N GLY E 174 34.75 0.23 -3.39
CA GLY E 174 35.56 -0.71 -2.63
C GLY E 174 34.85 -1.42 -1.50
N LYS E 175 33.57 -1.74 -1.69
CA LYS E 175 32.83 -2.44 -0.63
C LYS E 175 33.44 -3.80 -0.36
N SER E 176 33.42 -4.67 -1.38
CA SER E 176 33.86 -6.06 -1.21
C SER E 176 35.23 -6.13 -0.54
N CYS E 177 36.17 -5.30 -0.98
CA CYS E 177 37.50 -5.33 -0.38
C CYS E 177 37.43 -4.98 1.10
N ALA E 178 36.57 -4.04 1.47
CA ALA E 178 36.43 -3.64 2.85
C ALA E 178 35.85 -4.77 3.69
N VAL E 179 34.75 -5.36 3.22
CA VAL E 179 34.15 -6.52 3.90
C VAL E 179 35.21 -7.59 4.13
N ALA E 180 35.94 -7.93 3.07
CA ALA E 180 36.97 -8.96 3.17
C ALA E 180 38.00 -8.59 4.23
N LYS E 181 38.45 -7.33 4.21
CA LYS E 181 39.39 -6.86 5.22
C LYS E 181 38.84 -7.12 6.62
N ILE E 182 37.60 -6.69 6.85
CA ILE E 182 36.96 -6.86 8.15
C ILE E 182 37.02 -8.32 8.59
N LEU E 183 36.55 -9.22 7.74
CA LEU E 183 36.49 -10.62 8.13
C LEU E 183 37.87 -11.20 8.38
N GLN E 184 38.79 -10.98 7.43
CA GLN E 184 40.17 -11.39 7.62
C GLN E 184 40.68 -10.97 9.00
N THR E 185 40.37 -9.73 9.40
CA THR E 185 40.78 -9.27 10.71
C THR E 185 40.05 -10.03 11.81
N ALA E 186 38.78 -10.38 11.57
CA ALA E 186 37.98 -11.03 12.60
C ALA E 186 38.43 -12.46 12.87
N VAL E 187 39.10 -13.11 11.93
CA VAL E 187 39.49 -14.50 12.14
C VAL E 187 41.02 -14.61 12.21
N GLY E 188 41.67 -13.57 12.71
CA GLY E 188 43.08 -13.66 13.04
C GLY E 188 44.00 -13.76 11.84
N ILE E 189 44.08 -12.69 11.05
CA ILE E 189 45.00 -12.65 9.93
C ILE E 189 45.79 -11.35 9.96
N LYS E 201 38.62 -16.89 17.22
CA LYS E 201 37.99 -16.86 18.53
C LYS E 201 36.63 -17.53 18.51
N ASN E 202 36.58 -18.76 18.01
CA ASN E 202 35.35 -19.51 17.85
C ASN E 202 34.26 -18.63 17.24
N SER E 203 34.58 -18.08 16.08
CA SER E 203 33.66 -17.28 15.28
C SER E 203 33.22 -18.09 14.07
N HIS E 204 31.92 -18.05 13.79
CA HIS E 204 31.32 -18.83 12.71
C HIS E 204 30.63 -17.87 11.74
N ILE E 205 30.85 -18.09 10.45
CA ILE E 205 30.50 -17.13 9.42
C ILE E 205 29.82 -17.85 8.26
N VAL E 206 28.84 -17.18 7.66
CA VAL E 206 28.09 -17.75 6.55
C VAL E 206 27.86 -16.66 5.51
N ILE E 207 28.10 -16.99 4.25
CA ILE E 207 28.09 -16.02 3.16
C ILE E 207 27.22 -16.53 2.02
N PHE E 208 26.50 -15.59 1.38
CA PHE E 208 25.55 -15.88 0.33
C PHE E 208 26.07 -15.34 -1.00
N ASP E 209 27.34 -15.58 -1.31
CA ASP E 209 27.94 -14.97 -2.48
C ASP E 209 27.10 -15.27 -3.71
N ILE E 210 27.19 -14.37 -4.69
CA ILE E 210 26.45 -14.52 -5.94
C ILE E 210 27.43 -14.51 -7.10
N HIS E 211 28.15 -13.39 -7.23
CA HIS E 211 29.12 -13.23 -8.30
C HIS E 211 30.39 -14.05 -8.08
N ALA E 212 30.46 -14.84 -7.01
CA ALA E 212 31.57 -15.77 -6.78
C ALA E 212 32.90 -15.02 -6.73
N GLU E 213 33.03 -14.17 -5.72
CA GLU E 213 34.22 -13.33 -5.53
C GLU E 213 35.04 -13.71 -4.31
N TYR E 214 34.40 -14.07 -3.20
CA TYR E 214 35.08 -14.07 -1.92
C TYR E 214 36.04 -15.24 -1.77
N ALA E 215 35.73 -16.39 -2.39
CA ALA E 215 36.52 -17.59 -2.17
C ALA E 215 38.02 -17.34 -2.28
N ALA E 216 38.43 -16.40 -3.13
CA ALA E 216 39.85 -16.15 -3.31
C ALA E 216 40.48 -15.53 -2.08
N ALA E 217 39.74 -14.73 -1.33
CA ALA E 217 40.28 -14.08 -0.15
C ALA E 217 40.84 -15.10 0.83
N PHE E 218 40.00 -16.06 1.24
CA PHE E 218 40.37 -17.06 2.22
C PHE E 218 41.13 -18.23 1.61
N ASN E 219 41.52 -18.14 0.35
CA ASN E 219 42.22 -19.24 -0.33
C ASN E 219 43.66 -19.28 0.18
N LEU E 220 43.82 -19.80 1.39
CA LEU E 220 45.10 -19.91 2.05
C LEU E 220 45.18 -21.27 2.75
N GLU E 221 46.16 -21.41 3.63
CA GLU E 221 46.28 -22.62 4.44
C GLU E 221 45.15 -22.67 5.44
N ALA E 222 44.22 -23.60 5.25
CA ALA E 222 43.05 -23.73 6.11
C ALA E 222 43.31 -24.61 7.33
N GLY E 223 44.57 -24.76 7.74
CA GLY E 223 44.89 -25.38 9.01
C GLY E 223 45.17 -24.32 10.06
N GLU E 224 45.32 -23.08 9.60
CA GLU E 224 45.61 -21.93 10.46
C GLU E 224 44.31 -21.40 11.07
N ALA E 225 43.76 -22.21 11.97
CA ALA E 225 42.73 -21.80 12.91
C ALA E 225 41.34 -21.66 12.30
N PHE E 226 41.06 -22.28 11.17
CA PHE E 226 39.68 -22.35 10.68
C PHE E 226 39.62 -23.31 9.51
N THR E 227 38.42 -23.47 8.98
CA THR E 227 38.11 -24.43 7.93
C THR E 227 37.57 -23.69 6.71
N LEU E 228 37.06 -24.46 5.75
CA LEU E 228 36.48 -23.87 4.55
C LEU E 228 35.64 -24.94 3.87
N ASN E 229 34.42 -24.58 3.51
CA ASN E 229 33.37 -25.52 3.15
C ASN E 229 32.65 -25.08 1.89
N LEU E 230 33.41 -24.82 0.83
CA LEU E 230 32.84 -24.44 -0.46
C LEU E 230 31.59 -25.26 -0.78
N LEU E 231 30.59 -24.58 -1.34
CA LEU E 231 29.31 -25.20 -1.67
C LEU E 231 28.80 -24.63 -2.97
N GLY E 232 28.60 -25.50 -3.96
CA GLY E 232 27.96 -25.10 -5.20
C GLY E 232 26.64 -25.82 -5.41
N VAL E 233 26.16 -25.83 -6.65
CA VAL E 233 24.94 -26.56 -6.98
C VAL E 233 25.16 -28.06 -7.10
N ASP E 234 26.42 -28.51 -7.07
CA ASP E 234 26.73 -29.91 -7.27
C ASP E 234 26.97 -30.67 -5.97
N ASN E 235 27.47 -30.00 -4.94
CA ASN E 235 27.83 -30.62 -3.68
C ASN E 235 26.92 -30.16 -2.55
N LEU E 236 25.65 -29.95 -2.86
CA LEU E 236 24.68 -29.41 -1.91
C LEU E 236 23.57 -30.42 -1.67
N ARG E 237 23.13 -30.50 -0.42
CA ARG E 237 22.06 -31.40 -0.02
C ARG E 237 20.96 -30.56 0.60
N LEU E 238 19.78 -30.58 0.00
CA LEU E 238 18.68 -29.75 0.48
C LEU E 238 17.35 -30.32 -0.01
N PRO E 239 16.78 -31.28 0.68
CA PRO E 239 15.56 -31.94 0.21
C PRO E 239 14.32 -31.08 0.42
N TYR E 240 13.19 -31.63 0.01
CA TYR E 240 11.92 -30.92 0.01
C TYR E 240 11.08 -31.16 1.25
N TRP E 241 11.33 -32.23 2.00
CA TRP E 241 10.51 -32.55 3.17
C TRP E 241 10.93 -31.77 4.41
N LEU E 242 11.70 -30.68 4.24
CA LEU E 242 12.10 -29.82 5.34
C LEU E 242 11.43 -28.46 5.26
N MET E 243 10.21 -28.41 4.75
CA MET E 243 9.55 -27.16 4.42
C MET E 243 8.27 -26.99 5.22
N ASN E 244 7.53 -25.94 4.91
CA ASN E 244 6.22 -25.66 5.44
C ASN E 244 5.22 -25.62 4.29
N ALA E 245 3.98 -25.21 4.60
CA ALA E 245 2.94 -25.17 3.57
C ALA E 245 3.20 -24.07 2.56
N GLN E 246 3.64 -22.91 3.03
CA GLN E 246 3.86 -21.77 2.14
C GLN E 246 4.83 -22.14 1.02
N GLU E 247 5.99 -22.66 1.37
CA GLU E 247 7.00 -23.00 0.37
C GLU E 247 6.49 -24.09 -0.57
N LEU E 248 5.88 -25.13 -0.01
CA LEU E 248 5.35 -26.21 -0.85
C LEU E 248 4.41 -25.66 -1.91
N GLU E 249 3.38 -24.94 -1.48
CA GLU E 249 2.40 -24.40 -2.43
C GLU E 249 3.06 -23.47 -3.44
N GLN E 250 3.94 -22.58 -2.97
CA GLN E 250 4.59 -21.65 -3.88
C GLN E 250 5.49 -22.36 -4.86
N ILE E 251 5.93 -23.58 -4.52
CA ILE E 251 6.73 -24.35 -5.46
C ILE E 251 5.86 -25.04 -6.49
N PHE E 252 4.96 -25.89 -6.02
CA PHE E 252 4.28 -26.84 -6.88
C PHE E 252 2.99 -26.32 -7.50
N ILE E 253 2.62 -25.05 -7.28
CA ILE E 253 1.27 -24.61 -7.60
C ILE E 253 1.27 -23.13 -8.00
N GLU E 254 0.24 -22.76 -8.77
CA GLU E 254 -0.08 -21.37 -9.11
C GLU E 254 -1.57 -21.17 -8.88
N SER E 255 -1.92 -20.09 -8.19
CA SER E 255 -3.28 -19.93 -7.68
C SER E 255 -4.24 -19.38 -8.71
N ASN E 256 -3.90 -19.38 -9.99
CA ASN E 256 -4.88 -19.01 -11.02
C ASN E 256 -6.08 -19.93 -11.02
N GLU E 257 -6.00 -21.08 -10.35
CA GLU E 257 -7.07 -22.06 -10.34
C GLU E 257 -8.21 -21.54 -9.47
N HIS E 258 -9.24 -20.98 -10.12
CA HIS E 258 -10.46 -20.60 -9.41
C HIS E 258 -10.83 -21.63 -8.36
N ASN E 259 -10.77 -22.92 -8.72
CA ASN E 259 -11.05 -24.01 -7.80
C ASN E 259 -9.81 -24.42 -7.01
N SER E 260 -8.81 -23.53 -6.91
CA SER E 260 -7.59 -23.85 -6.17
C SER E 260 -7.90 -24.49 -4.82
N HIS E 261 -8.98 -24.08 -4.18
CA HIS E 261 -9.40 -24.71 -2.93
C HIS E 261 -9.50 -26.22 -3.10
N ASN E 262 -10.27 -26.65 -4.09
CA ASN E 262 -10.56 -28.07 -4.29
C ASN E 262 -9.31 -28.85 -4.66
N GLN E 263 -8.30 -28.18 -5.19
CA GLN E 263 -7.04 -28.83 -5.53
C GLN E 263 -6.18 -28.98 -4.28
N ILE E 264 -5.95 -27.86 -3.60
CA ILE E 264 -5.10 -27.85 -2.41
C ILE E 264 -5.60 -28.85 -1.38
N SER E 265 -6.92 -28.96 -1.24
CA SER E 265 -7.48 -29.91 -0.28
C SER E 265 -6.93 -31.32 -0.52
N GLN E 266 -7.10 -31.83 -1.73
CA GLN E 266 -6.66 -33.19 -2.04
C GLN E 266 -5.13 -33.29 -1.97
N PHE E 267 -4.43 -32.26 -2.43
CA PHE E 267 -2.98 -32.25 -2.32
C PHE E 267 -2.54 -32.54 -0.89
N ARG E 268 -3.08 -31.76 0.06
CA ARG E 268 -2.70 -31.91 1.45
C ARG E 268 -3.13 -33.26 2.00
N HIS E 269 -4.35 -33.70 1.66
CA HIS E 269 -4.81 -35.01 2.11
C HIS E 269 -3.81 -36.10 1.72
N ALA E 270 -3.43 -36.13 0.46
CA ALA E 270 -2.52 -37.17 -0.01
C ALA E 270 -1.15 -37.05 0.64
N VAL E 271 -0.63 -35.83 0.75
CA VAL E 271 0.62 -35.61 1.46
C VAL E 271 0.57 -36.26 2.83
N VAL E 272 -0.49 -35.96 3.59
CA VAL E 272 -0.58 -36.43 4.96
C VAL E 272 -0.62 -37.95 5.01
N ARG E 273 -1.42 -38.57 4.14
CA ARG E 273 -1.49 -40.03 4.14
C ARG E 273 -0.13 -40.64 3.82
N ASN E 274 0.59 -40.06 2.87
CA ASN E 274 1.90 -40.61 2.52
C ASN E 274 2.86 -40.47 3.70
N LYS E 275 2.86 -39.31 4.35
CA LYS E 275 3.66 -39.15 5.57
C LYS E 275 3.32 -40.23 6.59
N CYS E 276 2.03 -40.38 6.90
CA CYS E 276 1.60 -41.37 7.88
C CYS E 276 2.18 -42.74 7.56
N LYS E 277 1.87 -43.27 6.38
CA LYS E 277 2.25 -44.64 6.09
C LYS E 277 3.76 -44.81 5.95
N HIS E 278 4.47 -43.74 5.63
CA HIS E 278 5.92 -43.79 5.55
C HIS E 278 6.59 -43.65 6.90
N ASN E 279 5.85 -43.23 7.92
CA ASN E 279 6.39 -43.04 9.26
C ASN E 279 5.30 -43.38 10.26
N PRO E 280 5.10 -44.67 10.56
CA PRO E 280 3.92 -45.08 11.34
C PRO E 280 4.05 -44.92 12.84
N THR E 281 5.27 -44.78 13.37
CA THR E 281 5.45 -44.79 14.82
C THR E 281 4.92 -43.54 15.51
N LEU E 282 4.59 -42.49 14.76
CA LEU E 282 4.26 -41.20 15.33
C LEU E 282 2.79 -40.86 15.11
N THR E 283 2.38 -39.71 15.64
CA THR E 283 1.00 -39.24 15.55
C THR E 283 1.00 -37.73 15.39
N ASN E 284 -0.20 -37.15 15.35
CA ASN E 284 -0.36 -35.70 15.28
C ASN E 284 0.37 -35.12 14.08
N LEU E 285 0.36 -35.86 12.98
CA LEU E 285 1.03 -35.40 11.77
C LEU E 285 0.24 -34.27 11.12
N SER E 286 0.94 -33.47 10.32
CA SER E 286 0.32 -32.31 9.70
C SER E 286 1.10 -31.96 8.44
N PHE E 287 0.42 -31.21 7.57
CA PHE E 287 1.04 -30.72 6.34
C PHE E 287 2.44 -30.19 6.57
N ASP E 288 2.62 -29.38 7.62
CA ASP E 288 3.85 -28.66 7.87
C ASP E 288 4.86 -29.45 8.69
N THR E 289 4.77 -30.78 8.70
CA THR E 289 5.67 -31.54 9.57
C THR E 289 6.87 -32.04 8.78
N PRO E 290 8.09 -31.83 9.28
CA PRO E 290 9.32 -32.22 8.56
C PRO E 290 9.74 -33.67 8.76
N VAL E 291 9.13 -34.56 7.99
CA VAL E 291 9.52 -35.96 7.95
C VAL E 291 9.45 -36.46 6.52
N TYR E 292 10.14 -37.57 6.27
CA TYR E 292 10.25 -38.05 4.91
C TYR E 292 8.88 -38.46 4.37
N PHE E 293 8.75 -38.38 3.06
CA PHE E 293 7.53 -38.76 2.36
C PHE E 293 7.79 -38.67 0.88
N SER E 294 7.02 -39.44 0.10
CA SER E 294 7.29 -39.57 -1.32
C SER E 294 6.51 -38.53 -2.13
N ILE E 295 6.81 -38.50 -3.42
CA ILE E 295 6.24 -37.51 -4.33
C ILE E 295 5.59 -38.22 -5.51
N ASP E 296 6.35 -39.09 -6.17
CA ASP E 296 5.81 -39.85 -7.30
C ASP E 296 4.52 -40.56 -6.91
N GLU E 297 4.45 -41.03 -5.67
CA GLU E 297 3.24 -41.68 -5.20
C GLU E 297 2.07 -40.70 -5.15
N VAL E 298 2.32 -39.48 -4.69
CA VAL E 298 1.28 -38.45 -4.70
C VAL E 298 0.80 -38.22 -6.11
N VAL E 299 1.72 -38.17 -7.07
CA VAL E 299 1.35 -37.89 -8.45
C VAL E 299 0.49 -39.02 -9.00
N THR E 300 0.90 -40.27 -8.75
CA THR E 300 0.08 -41.42 -9.13
C THR E 300 -1.32 -41.32 -8.54
N TYR E 301 -1.38 -41.01 -7.24
CA TYR E 301 -2.67 -40.87 -6.56
C TYR E 301 -3.55 -39.87 -7.30
N LEU E 302 -2.97 -38.72 -7.66
CA LEU E 302 -3.76 -37.68 -8.32
C LEU E 302 -4.21 -38.12 -9.70
N GLU E 303 -3.34 -38.83 -10.43
CA GLU E 303 -3.75 -39.37 -11.73
C GLU E 303 -4.96 -40.27 -11.57
N ASN E 304 -4.88 -41.23 -10.66
CA ASN E 304 -6.01 -42.13 -10.43
C ASN E 304 -7.27 -41.34 -10.09
N MET E 305 -7.14 -40.34 -9.22
CA MET E 305 -8.30 -39.53 -8.88
C MET E 305 -8.87 -38.85 -10.12
N ASN E 306 -8.02 -38.46 -11.05
CA ASN E 306 -8.48 -37.73 -12.22
C ASN E 306 -9.07 -38.63 -13.30
N ASN E 307 -8.69 -39.90 -13.35
CA ASN E 307 -9.21 -40.84 -14.34
C ASN E 307 -10.21 -41.82 -13.73
N GLU E 308 -11.02 -41.34 -12.79
CA GLU E 308 -11.88 -42.20 -12.01
C GLU E 308 -13.26 -42.38 -12.65
N VAL E 309 -13.88 -43.52 -12.37
CA VAL E 309 -15.23 -43.84 -12.82
C VAL E 309 -15.92 -44.62 -11.71
N ILE E 310 -17.23 -44.45 -11.59
CA ILE E 310 -18.00 -45.03 -10.50
C ILE E 310 -19.24 -45.71 -11.05
N GLY E 311 -19.63 -46.82 -10.43
CA GLY E 311 -20.84 -47.51 -10.81
C GLY E 311 -22.09 -46.77 -10.36
N LYS E 312 -23.20 -47.07 -11.03
CA LYS E 312 -24.46 -46.40 -10.77
C LYS E 312 -25.61 -47.40 -10.66
N LEU E 313 -25.32 -48.61 -10.20
CA LEU E 313 -26.32 -49.66 -10.05
C LEU E 313 -26.44 -50.04 -8.58
N ALA E 314 -27.41 -50.90 -8.30
CA ALA E 314 -27.60 -51.37 -6.93
C ALA E 314 -26.34 -52.02 -6.41
N GLY E 315 -26.00 -51.73 -5.16
CA GLY E 315 -24.77 -52.23 -4.58
C GLY E 315 -23.52 -51.79 -5.32
N GLU E 316 -23.62 -50.75 -6.14
CA GLU E 316 -22.49 -50.22 -6.90
C GLU E 316 -22.25 -48.75 -6.55
N GLY E 317 -22.28 -48.42 -5.27
CA GLY E 317 -21.96 -47.08 -4.82
C GLY E 317 -20.48 -46.92 -4.56
N LYS E 318 -19.67 -47.62 -5.34
CA LYS E 318 -18.22 -47.63 -5.21
C LYS E 318 -17.60 -47.35 -6.57
N PRO E 319 -16.37 -46.84 -6.60
CA PRO E 319 -15.68 -46.70 -7.89
C PRO E 319 -15.52 -48.06 -8.56
N LYS E 320 -15.74 -48.08 -9.87
CA LYS E 320 -15.72 -49.30 -10.65
C LYS E 320 -14.45 -49.36 -11.49
N LEU E 321 -13.88 -50.55 -11.59
CA LEU E 321 -12.66 -50.79 -12.33
C LEU E 321 -12.97 -51.38 -13.69
N ALA E 322 -12.15 -51.01 -14.69
CA ALA E 322 -12.32 -51.54 -16.03
C ALA E 322 -12.44 -53.06 -16.04
N ASN E 323 -11.88 -53.73 -15.03
CA ASN E 323 -12.03 -55.17 -14.89
C ASN E 323 -13.39 -55.58 -14.34
N GLU E 324 -14.33 -54.64 -14.25
CA GLU E 324 -15.65 -54.89 -13.67
C GLU E 324 -15.51 -55.30 -12.20
N THR E 325 -14.86 -54.44 -11.43
CA THR E 325 -14.69 -54.65 -10.00
C THR E 325 -14.82 -53.31 -9.29
N LEU E 326 -15.36 -53.36 -8.08
CA LEU E 326 -15.59 -52.17 -7.27
C LEU E 326 -14.46 -51.97 -6.28
N VAL E 327 -14.17 -50.72 -6.00
CA VAL E 327 -13.06 -50.34 -5.13
C VAL E 327 -13.58 -50.17 -3.71
N SER E 328 -12.80 -50.66 -2.75
CA SER E 328 -13.16 -50.57 -1.33
C SER E 328 -12.56 -49.31 -0.72
N ASP E 329 -11.24 -49.15 -0.83
CA ASP E 329 -10.56 -47.98 -0.30
C ASP E 329 -9.35 -47.69 -1.17
N ARG E 330 -9.12 -46.41 -1.44
CA ARG E 330 -8.07 -46.00 -2.34
C ARG E 330 -6.75 -45.73 -1.63
N ASP E 331 -6.82 -45.37 -0.34
CA ASP E 331 -5.62 -45.05 0.41
C ASP E 331 -4.61 -46.17 0.37
N GLU E 332 -5.03 -47.38 0.02
CA GLU E 332 -4.15 -48.53 -0.09
C GLU E 332 -3.83 -48.89 -1.53
N LEU E 333 -4.65 -48.45 -2.49
CA LEU E 333 -4.57 -48.88 -3.87
C LEU E 333 -3.84 -47.88 -4.76
N TYR E 334 -4.24 -46.61 -4.70
CA TYR E 334 -3.81 -45.65 -5.72
C TYR E 334 -2.31 -45.44 -5.69
N PHE E 335 -1.74 -45.21 -4.51
CA PHE E 335 -0.30 -45.00 -4.41
C PHE E 335 0.50 -46.07 -5.12
N ASP E 336 -0.08 -47.25 -5.35
CA ASP E 336 0.68 -48.34 -5.96
C ASP E 336 0.99 -48.04 -7.42
N ALA E 337 -0.02 -47.73 -8.22
CA ALA E 337 0.17 -47.47 -9.64
C ALA E 337 -1.10 -46.83 -10.19
N VAL E 338 -1.17 -46.70 -11.51
CA VAL E 338 -2.36 -46.18 -12.18
C VAL E 338 -3.30 -47.34 -12.47
N GLN E 339 -4.57 -47.02 -12.65
CA GLN E 339 -5.60 -48.04 -12.77
C GLN E 339 -6.55 -47.71 -13.91
N SER E 340 -7.19 -48.76 -14.42
CA SER E 340 -8.12 -48.65 -15.54
C SER E 340 -9.55 -48.68 -15.01
N PHE E 341 -10.42 -47.92 -15.68
CA PHE E 341 -11.79 -47.72 -15.24
C PHE E 341 -12.76 -47.98 -16.38
N ILE E 342 -13.95 -48.46 -16.03
CA ILE E 342 -14.98 -48.77 -17.02
C ILE E 342 -15.43 -47.50 -17.69
N VAL E 343 -16.14 -47.63 -18.81
CA VAL E 343 -16.63 -46.48 -19.54
C VAL E 343 -17.88 -45.94 -18.84
N ALA E 344 -18.09 -44.63 -18.96
CA ALA E 344 -19.26 -43.98 -18.39
C ALA E 344 -20.42 -44.18 -19.34
N SER E 345 -21.28 -45.15 -19.03
CA SER E 345 -22.40 -45.51 -19.89
C SER E 345 -23.71 -45.32 -19.14
N GLN E 346 -24.74 -44.91 -19.89
CA GLN E 346 -26.10 -44.85 -19.36
C GLN E 346 -26.81 -46.19 -19.39
N ALA E 347 -26.14 -47.25 -19.82
CA ALA E 347 -26.75 -48.58 -19.86
C ALA E 347 -27.18 -49.00 -18.46
N ALA E 348 -28.49 -49.16 -18.27
CA ALA E 348 -29.00 -49.59 -16.98
C ALA E 348 -28.34 -50.89 -16.53
N ALA E 349 -27.98 -51.75 -17.48
CA ALA E 349 -27.33 -53.01 -17.13
C ALA E 349 -25.92 -52.76 -16.58
N THR E 350 -25.13 -51.97 -17.31
CA THR E 350 -23.78 -51.58 -16.89
C THR E 350 -23.70 -50.05 -16.99
N LYS E 351 -24.09 -49.37 -15.92
CA LYS E 351 -24.08 -47.92 -15.90
C LYS E 351 -22.87 -47.41 -15.12
N ALA E 352 -22.43 -46.20 -15.45
CA ALA E 352 -21.26 -45.63 -14.80
C ALA E 352 -21.23 -44.13 -15.04
N SER E 353 -20.53 -43.43 -14.15
CA SER E 353 -20.42 -41.98 -14.20
C SER E 353 -19.01 -41.57 -13.78
N ASN E 354 -18.77 -40.27 -13.82
CA ASN E 354 -17.45 -39.70 -13.57
C ASN E 354 -17.38 -39.15 -12.15
N GLY E 355 -16.23 -39.31 -11.52
CA GLY E 355 -16.00 -38.76 -10.21
C GLY E 355 -16.05 -37.25 -10.22
N PRO E 356 -15.99 -36.63 -9.04
CA PRO E 356 -16.06 -35.17 -8.96
C PRO E 356 -14.79 -34.47 -9.41
N PHE E 357 -13.69 -35.19 -9.58
CA PHE E 357 -12.41 -34.62 -9.97
C PHE E 357 -11.86 -35.31 -11.20
N ASN E 358 -12.72 -35.53 -12.20
CA ASN E 358 -12.34 -36.21 -13.43
C ASN E 358 -12.29 -35.18 -14.55
N GLY E 359 -11.09 -34.66 -14.80
CA GLY E 359 -10.88 -33.67 -15.84
C GLY E 359 -10.65 -32.29 -15.29
N GLU E 360 -9.95 -32.19 -14.15
CA GLU E 360 -9.73 -30.92 -13.51
C GLU E 360 -8.31 -30.73 -12.98
N PHE E 361 -7.41 -31.71 -13.13
CA PHE E 361 -6.10 -31.67 -12.51
C PHE E 361 -4.97 -31.82 -13.52
N ASP E 362 -5.24 -31.47 -14.79
CA ASP E 362 -4.27 -31.74 -15.84
C ASP E 362 -3.07 -30.81 -15.76
N ARG E 363 -3.32 -29.50 -15.64
CA ARG E 363 -2.22 -28.54 -15.60
C ARG E 363 -1.34 -28.75 -14.39
N MET E 364 -1.95 -28.95 -13.23
CA MET E 364 -1.18 -29.19 -12.01
C MET E 364 -0.30 -30.43 -12.17
N ILE E 365 -0.82 -31.47 -12.81
CA ILE E 365 -0.05 -32.68 -13.06
C ILE E 365 1.11 -32.37 -14.01
N LEU E 366 0.85 -31.58 -15.04
CA LEU E 366 1.86 -31.24 -16.03
C LEU E 366 3.02 -30.48 -15.42
N ARG E 367 2.71 -29.50 -14.59
CA ARG E 367 3.79 -28.72 -14.02
C ARG E 367 4.77 -29.61 -13.26
N LEU E 368 4.24 -30.60 -12.52
CA LEU E 368 5.12 -31.49 -11.78
C LEU E 368 5.89 -32.41 -12.71
N HIS E 369 5.20 -33.11 -13.61
CA HIS E 369 5.91 -33.95 -14.58
C HIS E 369 7.00 -33.16 -15.29
N THR E 370 6.83 -31.85 -15.43
CA THR E 370 7.86 -31.04 -16.06
C THR E 370 9.04 -30.79 -15.10
N ARG E 371 8.75 -30.17 -13.96
CA ARG E 371 9.81 -29.78 -13.04
C ARG E 371 10.65 -30.98 -12.63
N LEU E 372 9.99 -32.09 -12.28
CA LEU E 372 10.71 -33.25 -11.80
C LEU E 372 11.75 -33.74 -12.81
N ALA E 373 11.55 -33.45 -14.09
CA ALA E 373 12.52 -33.87 -15.09
C ALA E 373 13.76 -32.99 -15.10
N ASP E 374 13.61 -31.72 -14.73
CA ASP E 374 14.72 -30.78 -14.83
C ASP E 374 15.93 -31.32 -14.07
N PRO E 375 17.12 -31.34 -14.69
CA PRO E 375 18.31 -31.80 -13.96
C PRO E 375 18.92 -30.73 -13.08
N ARG E 376 18.58 -29.46 -13.32
CA ARG E 376 19.16 -28.37 -12.56
C ARG E 376 18.65 -28.34 -11.13
N LEU E 377 17.81 -29.31 -10.77
CA LEU E 377 17.17 -29.35 -9.47
C LEU E 377 17.39 -30.71 -8.83
N GLN E 378 18.35 -31.50 -9.33
CA GLN E 378 18.57 -32.81 -8.73
C GLN E 378 19.00 -32.69 -7.27
N PHE E 379 19.59 -31.57 -6.90
CA PHE E 379 19.98 -31.32 -5.51
C PHE E 379 18.79 -31.09 -4.61
N LEU E 380 17.58 -31.12 -5.14
CA LEU E 380 16.39 -30.79 -4.39
C LEU E 380 15.33 -31.88 -4.44
N PHE E 381 15.32 -32.68 -5.51
CA PHE E 381 14.34 -33.76 -5.63
C PHE E 381 14.97 -35.14 -5.56
N TYR E 382 16.20 -35.30 -6.03
CA TYR E 382 16.90 -36.59 -5.93
C TYR E 382 18.30 -36.42 -5.30
N PRO E 383 18.38 -35.79 -4.14
CA PRO E 383 19.67 -35.69 -3.44
C PRO E 383 20.13 -37.07 -3.00
N LYS E 384 21.41 -37.37 -3.23
CA LYS E 384 21.99 -38.64 -2.87
C LYS E 384 23.21 -38.47 -1.99
N LYS E 385 23.43 -39.45 -1.12
CA LYS E 385 24.53 -39.45 -0.17
C LYS E 385 25.79 -39.93 -0.87
N GLU E 386 26.91 -39.97 -0.13
CA GLU E 386 28.15 -40.42 -0.73
C GLU E 386 28.02 -41.87 -1.20
N ASP E 387 27.22 -42.67 -0.49
CA ASP E 387 27.02 -44.07 -0.87
C ASP E 387 26.26 -44.15 -2.18
N GLY E 388 25.61 -43.07 -2.59
CA GLY E 388 24.80 -43.04 -3.78
C GLY E 388 23.39 -43.49 -3.51
N GLU E 389 22.84 -43.06 -2.36
CA GLU E 389 21.51 -43.45 -1.95
C GLU E 389 20.71 -42.22 -1.52
N ASP E 390 19.39 -42.38 -1.54
CA ASP E 390 18.48 -41.33 -1.13
C ASP E 390 18.58 -41.08 0.37
N LEU E 391 18.18 -39.88 0.78
CA LEU E 391 18.22 -39.51 2.18
C LEU E 391 16.98 -40.03 2.91
N ALA E 392 17.14 -40.19 4.22
CA ALA E 392 16.03 -40.63 5.07
C ALA E 392 15.84 -39.66 6.22
N THR E 393 14.94 -39.98 7.14
CA THR E 393 14.68 -39.14 8.30
C THR E 393 15.67 -39.36 9.43
N GLY E 394 16.81 -39.99 9.14
CA GLY E 394 17.80 -40.28 10.15
C GLY E 394 19.16 -39.70 9.80
N ASP E 395 19.15 -38.63 9.00
CA ASP E 395 20.37 -37.89 8.67
C ASP E 395 20.12 -36.39 8.73
N PHE E 396 19.11 -35.96 9.50
CA PHE E 396 18.78 -34.53 9.59
C PHE E 396 19.98 -33.70 10.04
N ALA E 397 20.90 -34.29 10.81
CA ALA E 397 22.00 -33.51 11.37
C ALA E 397 23.11 -33.30 10.36
N ASP E 398 23.50 -34.35 9.63
CA ASP E 398 24.56 -34.20 8.65
C ASP E 398 24.30 -33.04 7.70
N VAL E 399 23.03 -32.70 7.47
CA VAL E 399 22.70 -31.55 6.62
C VAL E 399 23.17 -30.26 7.29
N VAL E 400 22.65 -29.98 8.48
CA VAL E 400 23.00 -28.74 9.17
C VAL E 400 24.52 -28.57 9.22
N ARG E 401 25.25 -29.66 9.36
CA ARG E 401 26.67 -29.58 9.68
C ARG E 401 27.52 -29.07 8.52
N GLN E 402 27.00 -29.04 7.29
CA GLN E 402 27.74 -28.44 6.20
C GLN E 402 27.61 -26.93 6.15
N PHE E 403 26.95 -26.35 7.15
CA PHE E 403 26.95 -24.91 7.36
C PHE E 403 27.78 -24.49 8.56
N VAL E 404 27.87 -25.33 9.59
CA VAL E 404 28.46 -24.97 10.87
C VAL E 404 29.81 -25.64 11.06
N GLY E 405 29.85 -26.97 11.08
CA GLY E 405 31.13 -27.64 11.03
C GLY E 405 32.00 -27.54 12.28
N TYR E 406 31.72 -28.34 13.31
CA TYR E 406 32.65 -28.38 14.45
C TYR E 406 32.66 -27.09 15.22
N MET E 407 31.72 -26.93 16.15
CA MET E 407 31.57 -25.73 16.96
C MET E 407 32.91 -25.06 17.27
N THR E 408 33.92 -25.83 17.69
CA THR E 408 35.24 -25.28 17.93
C THR E 408 35.99 -25.15 16.60
N LYS E 409 37.19 -24.58 16.63
CA LYS E 409 37.97 -24.48 15.40
C LYS E 409 37.20 -23.67 14.35
N SER E 410 37.12 -22.37 14.61
CA SER E 410 36.21 -21.46 13.90
C SER E 410 36.05 -21.84 12.44
N ASN E 411 34.82 -21.78 11.96
CA ASN E 411 34.47 -22.26 10.63
C ASN E 411 33.97 -21.10 9.77
N VAL E 412 34.10 -21.29 8.46
CA VAL E 412 33.59 -20.37 7.46
C VAL E 412 32.81 -21.17 6.42
N SER E 413 31.71 -20.62 5.95
CA SER E 413 30.92 -21.30 4.93
C SER E 413 30.49 -20.30 3.87
N ILE E 414 30.68 -20.69 2.61
CA ILE E 414 30.36 -19.86 1.46
C ILE E 414 29.32 -20.59 0.62
N ILE E 415 28.45 -19.81 -0.03
CA ILE E 415 27.47 -20.37 -0.95
C ILE E 415 27.50 -19.57 -2.24
N ASP E 416 27.35 -20.25 -3.37
CA ASP E 416 27.41 -19.66 -4.69
C ASP E 416 26.06 -19.88 -5.37
N LEU E 417 25.37 -18.79 -5.68
CA LEU E 417 24.02 -18.84 -6.23
C LEU E 417 23.96 -18.50 -7.72
N SER E 418 25.10 -18.23 -8.35
CA SER E 418 25.09 -17.99 -9.78
C SER E 418 24.48 -19.15 -10.54
N GLY E 419 24.75 -20.38 -10.08
CA GLY E 419 24.28 -21.56 -10.79
C GLY E 419 22.83 -21.89 -10.59
N ILE E 420 22.21 -21.41 -9.51
CA ILE E 420 20.82 -21.75 -9.22
C ILE E 420 19.90 -20.89 -10.08
N PRO E 421 18.80 -21.43 -10.58
CA PRO E 421 17.83 -20.60 -11.31
C PRO E 421 17.33 -19.45 -10.44
N PHE E 422 16.56 -18.57 -11.08
CA PHE E 422 16.05 -17.37 -10.43
C PHE E 422 14.59 -17.51 -10.00
N GLU E 423 14.18 -18.72 -9.65
CA GLU E 423 12.81 -18.99 -9.24
C GLU E 423 12.69 -19.62 -7.87
N VAL E 424 13.80 -19.98 -7.22
CA VAL E 424 13.77 -20.75 -5.98
C VAL E 424 14.69 -20.10 -4.94
N LEU E 425 15.21 -18.92 -5.27
CA LEU E 425 16.25 -18.28 -4.48
C LEU E 425 15.74 -17.94 -3.08
N SER E 426 14.67 -17.14 -3.02
CA SER E 426 14.09 -16.78 -1.73
C SER E 426 13.77 -18.00 -0.90
N ILE E 427 13.29 -19.06 -1.53
CA ILE E 427 12.95 -20.28 -0.81
C ILE E 427 14.20 -20.86 -0.15
N VAL E 428 15.24 -21.09 -0.94
CA VAL E 428 16.51 -21.57 -0.40
C VAL E 428 16.90 -20.73 0.81
N VAL E 429 16.87 -19.41 0.65
CA VAL E 429 17.37 -18.51 1.67
C VAL E 429 16.57 -18.67 2.96
N SER E 430 15.24 -18.62 2.83
CA SER E 430 14.38 -18.75 4.00
C SER E 430 14.63 -20.06 4.72
N LEU E 431 14.76 -21.16 3.96
CA LEU E 431 15.00 -22.45 4.58
C LEU E 431 16.26 -22.42 5.43
N ILE E 432 17.37 -21.97 4.84
CA ILE E 432 18.63 -21.98 5.55
C ILE E 432 18.54 -21.12 6.81
N SER E 433 18.00 -19.91 6.67
CA SER E 433 17.92 -19.01 7.81
C SER E 433 17.10 -19.61 8.94
N ARG E 434 15.95 -20.19 8.59
CA ARG E 434 15.09 -20.83 9.59
C ARG E 434 15.86 -21.92 10.34
N MET E 435 16.60 -22.74 9.60
CA MET E 435 17.33 -23.83 10.26
C MET E 435 18.38 -23.29 11.21
N ILE E 436 19.13 -22.28 10.79
CA ILE E 436 20.15 -21.70 11.65
C ILE E 436 19.53 -21.13 12.92
N PHE E 437 18.45 -20.37 12.77
CA PHE E 437 17.76 -19.82 13.92
C PHE E 437 17.38 -20.91 14.90
N ASP E 438 16.74 -21.97 14.40
CA ASP E 438 16.32 -23.05 15.29
C ASP E 438 17.51 -23.69 15.99
N PHE E 439 18.63 -23.85 15.27
CA PHE E 439 19.83 -24.38 15.90
C PHE E 439 20.24 -23.53 17.10
N GLY E 440 20.44 -22.24 16.88
CA GLY E 440 20.81 -21.37 17.98
C GLY E 440 19.81 -21.43 19.12
N PHE E 441 18.52 -21.50 18.78
CA PHE E 441 17.48 -21.48 19.80
C PHE E 441 17.49 -22.73 20.67
N HIS E 442 17.83 -23.88 20.08
CA HIS E 442 17.93 -25.09 20.88
C HIS E 442 19.28 -25.24 21.56
N TYR E 443 20.29 -24.50 21.12
CA TYR E 443 21.60 -24.64 21.74
C TYR E 443 21.80 -23.72 22.93
N SER E 444 21.34 -22.47 22.84
CA SER E 444 21.70 -21.49 23.85
C SER E 444 20.86 -21.58 25.13
N LYS E 445 19.71 -22.25 25.08
CA LYS E 445 18.82 -22.25 26.24
C LYS E 445 19.51 -22.88 27.46
N ASN E 446 20.29 -23.93 27.24
CA ASN E 446 20.97 -24.62 28.33
C ASN E 446 22.43 -24.19 28.47
N ARG E 447 22.84 -23.16 27.74
CA ARG E 447 24.17 -22.60 27.85
C ARG E 447 24.19 -21.23 28.50
N HIS E 448 23.10 -20.48 28.38
CA HIS E 448 22.93 -19.27 29.17
C HIS E 448 22.70 -19.58 30.65
N VAL E 449 22.60 -20.86 31.00
CA VAL E 449 22.31 -21.27 32.37
C VAL E 449 23.22 -20.53 33.35
N GLY E 450 24.53 -20.62 33.14
CA GLY E 450 25.48 -20.06 34.07
C GLY E 450 25.60 -18.55 34.00
N GLY E 451 24.46 -17.87 33.99
CA GLY E 451 24.45 -16.41 34.03
C GLY E 451 25.43 -15.75 33.09
N ALA E 452 25.59 -16.29 31.88
CA ALA E 452 26.50 -15.71 30.90
C ALA E 452 25.94 -15.92 29.51
N VAL E 453 26.52 -15.21 28.55
CA VAL E 453 26.01 -15.22 27.19
C VAL E 453 26.56 -16.46 26.47
N SER E 454 25.96 -16.79 25.33
CA SER E 454 26.33 -18.00 24.61
C SER E 454 27.82 -17.99 24.28
N ASP E 455 28.30 -19.16 23.84
CA ASP E 455 29.69 -19.37 23.48
C ASP E 455 29.85 -19.80 22.03
N VAL E 456 28.81 -19.68 21.22
CA VAL E 456 28.88 -20.03 19.80
C VAL E 456 28.33 -18.87 18.99
N PRO E 457 29.09 -17.79 18.84
CA PRO E 457 28.60 -16.66 18.04
C PRO E 457 28.55 -16.99 16.56
N ILE E 458 27.52 -16.48 15.89
CA ILE E 458 27.29 -16.74 14.48
C ILE E 458 27.14 -15.41 13.76
N LEU E 459 27.49 -15.40 12.48
CA LEU E 459 27.40 -14.20 11.66
C LEU E 459 26.91 -14.57 10.27
N VAL E 460 25.97 -13.79 9.75
CA VAL E 460 25.37 -14.03 8.45
C VAL E 460 25.64 -12.82 7.57
N VAL E 461 25.86 -13.08 6.28
CA VAL E 461 26.06 -12.01 5.31
C VAL E 461 24.92 -12.05 4.29
N CYS E 462 24.65 -10.90 3.69
CA CYS E 462 23.53 -10.76 2.76
C CYS E 462 23.92 -9.72 1.71
N GLU E 463 24.32 -10.21 0.54
CA GLU E 463 24.73 -9.37 -0.58
C GLU E 463 23.56 -9.14 -1.53
N GLU E 464 23.66 -8.04 -2.29
CA GLU E 464 22.63 -7.64 -3.25
C GLU E 464 21.24 -7.87 -2.68
N ALA E 465 21.04 -7.41 -1.45
CA ALA E 465 19.80 -7.71 -0.75
C ALA E 465 18.57 -7.22 -1.50
N HIS E 466 18.69 -6.10 -2.21
CA HIS E 466 17.51 -5.52 -2.85
C HIS E 466 16.80 -6.51 -3.76
N ASN E 467 17.51 -7.51 -4.28
CA ASN E 467 16.87 -8.52 -5.10
C ASN E 467 15.84 -9.31 -4.32
N TYR E 468 16.27 -10.02 -3.28
CA TYR E 468 15.40 -10.90 -2.52
C TYR E 468 14.94 -10.29 -1.21
N LEU E 469 14.92 -8.97 -1.11
CA LEU E 469 14.39 -8.30 0.07
C LEU E 469 13.83 -6.95 -0.35
N PRO E 470 12.90 -6.94 -1.29
CA PRO E 470 12.39 -5.68 -1.82
C PRO E 470 11.51 -4.94 -0.83
N ARG E 471 11.48 -3.62 -0.98
CA ARG E 471 10.59 -2.79 -0.18
C ARG E 471 9.14 -2.99 -0.56
N SER E 472 8.88 -3.37 -1.82
CA SER E 472 7.53 -3.47 -2.35
C SER E 472 7.36 -4.76 -3.13
N GLY E 473 7.94 -5.85 -2.64
CA GLY E 473 7.86 -7.12 -3.32
C GLY E 473 6.43 -7.64 -3.37
N GLY E 474 6.25 -8.66 -4.21
CA GLY E 474 4.96 -9.30 -4.36
C GLY E 474 4.79 -10.42 -3.35
N ALA E 475 4.46 -11.62 -3.84
CA ALA E 475 4.35 -12.78 -2.98
C ALA E 475 5.62 -13.64 -3.00
N ALA E 476 6.14 -13.90 -4.20
CA ALA E 476 7.40 -14.65 -4.33
C ALA E 476 8.42 -14.19 -3.30
N TYR E 477 8.69 -12.88 -3.27
CA TYR E 477 9.66 -12.33 -2.35
C TYR E 477 9.05 -11.99 -1.00
N ASP E 478 8.36 -12.99 -0.42
CA ASP E 478 7.80 -12.86 0.92
C ASP E 478 8.48 -13.80 1.90
N ALA E 479 8.50 -15.10 1.58
CA ALA E 479 9.06 -16.09 2.49
C ALA E 479 10.39 -15.63 3.05
N SER E 480 11.39 -15.44 2.18
CA SER E 480 12.70 -14.98 2.62
C SER E 480 12.54 -13.83 3.60
N ARG E 481 11.88 -12.76 3.16
CA ARG E 481 11.64 -11.61 4.00
C ARG E 481 11.09 -12.07 5.35
N LYS E 482 9.96 -12.78 5.32
CA LYS E 482 9.31 -13.28 6.53
C LYS E 482 10.33 -13.77 7.54
N SER E 483 11.31 -14.54 7.08
CA SER E 483 12.24 -15.18 7.99
C SER E 483 13.33 -14.22 8.47
N ILE E 484 13.88 -13.41 7.57
CA ILE E 484 15.04 -12.60 7.94
C ILE E 484 14.68 -11.63 9.05
N GLU E 485 13.50 -11.01 8.96
CA GLU E 485 13.06 -10.12 10.04
C GLU E 485 13.06 -10.84 11.38
N ARG E 486 12.62 -12.11 11.38
CA ARG E 486 12.56 -12.86 12.62
C ARG E 486 13.91 -12.97 13.30
N ILE E 487 15.01 -12.72 12.57
CA ILE E 487 16.32 -12.70 13.20
C ILE E 487 16.65 -11.32 13.74
N ALA E 488 16.38 -10.30 12.94
CA ALA E 488 16.71 -8.93 13.30
C ALA E 488 16.30 -8.64 14.73
N LYS E 489 15.11 -9.08 15.10
CA LYS E 489 14.53 -8.72 16.38
C LYS E 489 15.07 -9.63 17.47
N GLU E 490 14.99 -10.94 17.26
CA GLU E 490 15.17 -11.92 18.32
C GLU E 490 16.24 -12.94 17.96
N GLY E 491 17.39 -12.46 17.53
CA GLY E 491 18.53 -13.32 17.32
C GLY E 491 19.68 -12.92 18.21
N ARG E 492 19.71 -11.63 18.57
CA ARG E 492 20.78 -11.13 19.43
C ARG E 492 20.97 -11.97 20.68
N LYS E 493 19.88 -12.52 21.22
CA LYS E 493 20.00 -13.30 22.44
C LYS E 493 20.77 -14.58 22.20
N TYR E 494 20.50 -15.25 21.08
CA TYR E 494 21.06 -16.56 20.82
C TYR E 494 22.41 -16.52 20.13
N GLY E 495 22.79 -15.37 19.56
CA GLY E 495 24.08 -15.24 18.93
C GLY E 495 23.99 -15.25 17.42
N VAL E 496 22.97 -14.59 16.88
CA VAL E 496 22.72 -14.52 15.46
C VAL E 496 22.65 -13.06 15.04
N THR E 497 23.44 -12.68 14.05
CA THR E 497 23.54 -11.28 13.64
C THR E 497 23.80 -11.21 12.15
N LEU E 498 23.51 -10.04 11.58
CA LEU E 498 23.53 -9.80 10.15
C LEU E 498 24.66 -8.85 9.75
N MET E 499 24.98 -8.86 8.46
CA MET E 499 25.95 -7.94 7.88
C MET E 499 25.43 -7.41 6.55
N VAL E 500 24.19 -6.91 6.55
CA VAL E 500 23.54 -6.53 5.31
C VAL E 500 24.45 -5.68 4.44
N VAL E 501 24.37 -5.89 3.13
CA VAL E 501 25.10 -5.10 2.16
C VAL E 501 24.15 -4.74 1.03
N SER E 502 24.44 -3.63 0.36
CA SER E 502 23.61 -3.19 -0.77
C SER E 502 24.28 -1.98 -1.40
N GLN E 503 23.67 -1.50 -2.49
CA GLN E 503 24.12 -0.29 -3.15
C GLN E 503 22.94 0.57 -3.60
N ARG E 504 21.72 0.24 -3.18
CA ARG E 504 20.52 0.98 -3.57
C ARG E 504 19.48 0.80 -2.48
N PRO E 505 19.68 1.42 -1.31
CA PRO E 505 18.88 1.06 -0.13
C PRO E 505 17.40 1.32 -0.29
N SER E 506 17.01 2.43 -0.94
CA SER E 506 15.62 2.86 -0.93
C SER E 506 14.65 1.78 -1.37
N GLU E 507 15.14 0.71 -2.00
CA GLU E 507 14.30 -0.41 -2.40
C GLU E 507 14.25 -1.52 -1.35
N VAL E 508 15.06 -1.43 -0.31
CA VAL E 508 15.06 -2.44 0.74
C VAL E 508 13.94 -2.13 1.74
N SER E 509 13.48 -3.17 2.43
CA SER E 509 12.45 -3.03 3.45
C SER E 509 13.00 -2.23 4.62
N GLU E 510 12.48 -1.01 4.80
CA GLU E 510 12.92 -0.17 5.90
C GLU E 510 12.81 -0.87 7.25
N THR E 511 11.91 -1.85 7.37
CA THR E 511 11.74 -2.56 8.63
C THR E 511 13.05 -3.09 9.16
N ILE E 512 14.02 -3.34 8.27
CA ILE E 512 15.30 -3.91 8.65
C ILE E 512 16.31 -2.82 8.95
N PHE E 513 16.53 -1.93 7.98
CA PHE E 513 17.41 -0.79 8.22
C PHE E 513 17.05 -0.05 9.50
N SER E 514 15.82 -0.18 9.98
CA SER E 514 15.42 0.42 11.25
C SER E 514 15.82 -0.41 12.45
N GLN E 515 16.77 -1.33 12.31
CA GLN E 515 17.24 -2.15 13.41
C GLN E 515 18.75 -2.22 13.54
N CYS E 516 19.52 -1.82 12.55
CA CYS E 516 20.96 -1.86 12.64
C CYS E 516 21.47 -0.70 13.47
N SER E 517 22.50 -0.95 14.27
CA SER E 517 23.01 0.05 15.18
C SER E 517 24.11 0.89 14.55
N ASN E 518 25.19 0.24 14.13
CA ASN E 518 26.28 0.93 13.46
C ASN E 518 25.97 1.09 11.99
N PHE E 519 26.56 2.12 11.40
CA PHE E 519 26.42 2.38 9.97
C PHE E 519 27.77 2.77 9.39
N ILE E 520 27.93 2.42 8.11
CA ILE E 520 29.11 2.71 7.32
C ILE E 520 28.61 3.13 5.95
N SER E 521 29.34 4.03 5.31
CA SER E 521 28.96 4.43 3.98
C SER E 521 30.18 4.93 3.22
N LEU E 522 30.02 4.99 1.90
CA LEU E 522 31.08 5.42 1.01
C LEU E 522 30.47 6.35 -0.02
N ARG E 523 31.23 6.65 -1.06
CA ARG E 523 30.78 7.53 -2.12
C ARG E 523 29.36 7.19 -2.53
N LEU E 524 28.47 8.19 -2.48
CA LEU E 524 27.05 7.98 -2.76
C LEU E 524 26.55 9.19 -3.54
N THR E 525 26.39 9.01 -4.85
CA THR E 525 26.10 10.13 -5.75
C THR E 525 24.61 10.39 -5.88
N ASN E 526 23.82 9.37 -6.21
CA ASN E 526 22.38 9.56 -6.37
C ASN E 526 21.81 10.29 -5.17
N ALA E 527 20.75 11.06 -5.41
CA ALA E 527 20.22 11.96 -4.40
C ALA E 527 19.17 11.31 -3.53
N VAL E 528 18.33 10.45 -4.12
CA VAL E 528 17.30 9.76 -3.34
C VAL E 528 17.93 9.02 -2.17
N ASP E 529 19.07 8.39 -2.40
CA ASP E 529 19.75 7.66 -1.35
C ASP E 529 20.26 8.58 -0.26
N GLN E 530 20.89 9.70 -0.66
CA GLN E 530 21.27 10.70 0.32
C GLN E 530 20.09 11.10 1.18
N THR E 531 18.94 11.33 0.55
CA THR E 531 17.76 11.77 1.28
C THR E 531 17.33 10.71 2.29
N TYR E 532 17.15 9.47 1.83
CA TYR E 532 16.74 8.38 2.71
C TYR E 532 17.68 8.28 3.90
N VAL E 533 18.99 8.22 3.63
CA VAL E 533 19.97 8.10 4.69
C VAL E 533 19.83 9.25 5.68
N LYS E 534 19.97 10.48 5.21
CA LYS E 534 19.81 11.66 6.04
C LYS E 534 18.58 11.53 6.93
N SER E 535 17.47 11.07 6.35
CA SER E 535 16.24 10.92 7.12
C SER E 535 16.44 9.92 8.25
N LEU E 536 17.22 8.87 8.01
CA LEU E 536 17.41 7.87 9.05
C LEU E 536 18.13 8.43 10.28
N LEU E 537 19.05 9.37 10.10
CA LEU E 537 20.01 9.70 11.14
C LEU E 537 20.03 11.19 11.46
N PRO E 538 19.85 11.59 12.73
CA PRO E 538 19.98 13.01 13.06
C PRO E 538 21.41 13.50 13.09
N ASP E 539 22.33 12.75 13.71
CA ASP E 539 23.72 13.19 13.77
C ASP E 539 24.28 13.40 12.37
N LEU E 540 23.78 12.66 11.40
CA LEU E 540 24.13 12.86 10.00
C LEU E 540 23.10 13.78 9.35
N SER E 541 23.01 14.98 9.92
CA SER E 541 22.17 16.04 9.36
C SER E 541 22.92 16.66 8.19
N ALA E 542 22.40 17.79 7.70
CA ALA E 542 23.07 18.50 6.63
C ALA E 542 24.53 18.80 6.94
N GLY E 543 24.92 18.71 8.22
CA GLY E 543 26.29 18.88 8.63
C GLY E 543 27.30 18.14 7.77
N LEU E 544 27.14 16.83 7.65
CA LEU E 544 28.13 15.98 6.99
C LEU E 544 27.62 15.26 5.76
N GLY E 545 26.31 15.01 5.66
CA GLY E 545 25.77 14.32 4.51
C GLY E 545 26.21 14.94 3.19
N ASP E 546 26.60 16.22 3.24
CA ASP E 546 27.11 16.92 2.08
C ASP E 546 28.49 16.46 1.67
N LEU E 547 29.08 15.49 2.37
CA LEU E 547 30.43 15.03 2.07
C LEU E 547 30.46 13.80 1.16
N LEU E 548 29.41 13.02 1.16
CA LEU E 548 29.42 11.71 0.53
C LEU E 548 29.88 11.78 -0.92
N PRO E 549 29.17 12.50 -1.80
CA PRO E 549 29.52 12.46 -3.23
C PRO E 549 30.96 12.86 -3.52
N ASN E 550 31.70 13.43 -2.57
CA ASN E 550 33.07 13.87 -2.80
C ASN E 550 34.09 12.98 -2.09
N LEU E 551 33.74 11.73 -1.85
CA LEU E 551 34.63 10.80 -1.17
C LEU E 551 35.56 10.11 -2.16
N ALA E 552 36.81 9.98 -1.79
CA ALA E 552 37.80 9.32 -2.61
C ALA E 552 37.55 7.81 -2.58
N GLN E 553 38.45 7.05 -3.21
CA GLN E 553 38.35 5.60 -3.24
C GLN E 553 39.18 5.03 -2.09
N GLY E 554 38.53 4.22 -1.25
CA GLY E 554 39.15 3.73 -0.05
C GLY E 554 38.93 4.61 1.16
N GLU E 555 37.90 5.45 1.13
CA GLU E 555 37.56 6.35 2.22
C GLU E 555 36.11 6.12 2.59
N PHE E 556 35.82 6.10 3.88
CA PHE E 556 34.51 5.74 4.36
C PHE E 556 34.10 6.68 5.49
N LEU E 557 32.84 6.57 5.87
CA LEU E 557 32.26 7.38 6.93
C LEU E 557 31.45 6.48 7.85
N ILE E 558 31.72 6.58 9.15
CA ILE E 558 31.17 5.65 10.12
C ILE E 558 30.38 6.43 11.15
N VAL E 559 29.39 5.73 11.73
CA VAL E 559 28.49 6.31 12.71
C VAL E 559 27.93 5.19 13.58
N GLY E 560 27.57 5.52 14.80
CA GLY E 560 26.87 4.59 15.67
C GLY E 560 27.40 4.65 17.09
N ASP E 561 26.94 3.68 17.89
CA ASP E 561 27.31 3.64 19.30
C ASP E 561 28.71 3.09 19.51
N ALA E 562 29.13 2.13 18.68
CA ALA E 562 30.43 1.50 18.86
C ALA E 562 31.55 2.53 18.87
N PRO E 563 31.69 3.39 17.87
CA PRO E 563 32.83 4.31 17.85
C PRO E 563 32.74 5.35 18.94
N LEU E 564 33.74 6.22 18.98
CA LEU E 564 33.77 7.28 19.97
C LEU E 564 32.94 8.48 19.51
N MET E 565 32.86 8.70 18.20
CA MET E 565 32.11 9.80 17.63
C MET E 565 32.02 9.60 16.12
N PRO E 566 31.03 10.21 15.47
CA PRO E 566 30.96 10.16 14.01
C PRO E 566 32.31 10.49 13.40
N THR E 567 32.68 9.79 12.33
CA THR E 567 34.09 9.88 11.96
C THR E 567 34.30 9.40 10.52
N VAL E 568 35.47 9.77 9.99
CA VAL E 568 35.86 9.44 8.63
C VAL E 568 37.13 8.58 8.69
N GLY E 569 37.29 7.72 7.69
CA GLY E 569 38.38 6.77 7.70
C GLY E 569 38.89 6.48 6.32
N HIS E 570 40.09 5.87 6.27
CA HIS E 570 40.74 5.52 5.01
C HIS E 570 41.28 4.11 5.14
N PHE E 571 40.68 3.18 4.38
CA PHE E 571 41.07 1.79 4.42
C PHE E 571 42.41 1.58 3.71
N ALA E 572 42.95 0.37 3.88
CA ALA E 572 44.11 -0.09 3.14
C ALA E 572 43.74 -1.34 2.36
N LEU E 573 44.43 -1.56 1.25
CA LEU E 573 44.10 -2.68 0.39
C LEU E 573 44.14 -3.99 1.19
N PRO E 574 43.18 -4.88 0.99
CA PRO E 574 43.24 -6.18 1.66
C PRO E 574 44.15 -7.14 0.92
N VAL E 575 44.37 -8.30 1.54
CA VAL E 575 45.26 -9.31 0.97
C VAL E 575 44.83 -10.70 1.46
N PRO E 576 44.60 -11.67 0.58
CA PRO E 576 44.59 -11.57 -0.89
C PRO E 576 43.27 -11.04 -1.43
N GLU E 577 43.30 -10.32 -2.54
CA GLU E 577 42.11 -9.67 -3.06
C GLU E 577 41.15 -10.72 -3.62
N PRO E 578 39.86 -10.38 -3.72
CA PRO E 578 38.90 -11.27 -4.37
C PRO E 578 38.78 -11.01 -5.85
N HIS E 579 38.57 -12.08 -6.61
CA HIS E 579 38.42 -12.02 -8.05
C HIS E 579 37.20 -12.81 -8.47
N SER E 580 36.77 -12.59 -9.72
CA SER E 580 35.54 -13.19 -10.23
C SER E 580 35.74 -14.09 -11.44
N ARG E 581 36.83 -13.93 -12.19
CA ARG E 581 37.14 -14.78 -13.33
C ARG E 581 36.01 -14.72 -14.37
N SER E 582 35.87 -13.53 -14.96
CA SER E 582 34.86 -13.28 -15.97
C SER E 582 35.49 -13.27 -17.36
N VAL E 583 34.67 -13.02 -18.36
CA VAL E 583 35.08 -13.04 -19.75
C VAL E 583 35.56 -11.65 -20.17
N ASN E 584 36.30 -11.59 -21.27
CA ASN E 584 36.80 -10.34 -21.83
C ASN E 584 36.47 -10.30 -23.32
N TYR E 585 35.29 -9.78 -23.63
CA TYR E 585 34.83 -9.68 -25.02
C TYR E 585 35.88 -9.05 -25.92
N LEU E 586 36.35 -7.85 -25.54
CA LEU E 586 37.22 -7.08 -26.42
C LEU E 586 38.46 -7.85 -26.83
N GLN E 587 38.92 -8.79 -26.02
CA GLN E 587 40.12 -9.54 -26.37
C GLN E 587 39.80 -10.75 -27.25
N GLU E 588 38.79 -11.53 -26.86
CA GLU E 588 38.39 -12.68 -27.66
C GLU E 588 37.91 -12.30 -29.04
N TRP E 589 37.75 -11.02 -29.33
CA TRP E 589 37.26 -10.57 -30.62
C TRP E 589 38.38 -10.09 -31.55
N ASN E 590 39.49 -9.63 -30.99
CA ASN E 590 40.66 -9.33 -31.80
C ASN E 590 41.43 -10.58 -32.19
N SER E 591 40.94 -11.74 -31.77
CA SER E 591 41.51 -13.01 -32.16
C SER E 591 41.00 -13.38 -33.56
N GLY E 592 41.26 -14.62 -33.98
CA GLY E 592 40.80 -15.07 -35.28
C GLY E 592 39.33 -15.43 -35.28
N TRP E 593 38.98 -16.47 -36.03
CA TRP E 593 37.66 -17.04 -36.07
C TRP E 593 37.77 -18.52 -35.74
N ARG E 594 36.82 -19.03 -34.99
CA ARG E 594 36.96 -20.34 -34.37
C ARG E 594 36.10 -21.36 -35.09
N HIS E 595 36.32 -22.62 -34.71
CA HIS E 595 35.57 -23.76 -35.22
C HIS E 595 34.92 -24.46 -34.04
N VAL E 596 33.90 -25.24 -34.34
CA VAL E 596 33.05 -25.82 -33.29
C VAL E 596 32.64 -27.22 -33.72
N ASP E 597 32.48 -28.09 -32.72
CA ASP E 597 31.90 -29.41 -32.91
C ASP E 597 30.48 -29.32 -32.34
N PHE E 598 29.55 -28.86 -33.17
CA PHE E 598 28.17 -28.72 -32.73
C PHE E 598 27.62 -30.06 -32.24
N ASP E 599 27.94 -31.14 -32.94
CA ASP E 599 27.44 -32.46 -32.57
C ASP E 599 27.73 -32.76 -31.10
N SER E 600 29.00 -32.66 -30.70
CA SER E 600 29.37 -32.87 -29.31
C SER E 600 28.44 -32.12 -28.37
N VAL E 601 28.08 -30.89 -28.73
CA VAL E 601 27.24 -30.08 -27.85
C VAL E 601 25.84 -30.67 -27.78
N ILE E 602 25.31 -31.16 -28.90
CA ILE E 602 23.98 -31.75 -28.89
C ILE E 602 23.96 -33.00 -28.06
N ASP E 603 25.07 -33.75 -28.02
CA ASP E 603 25.14 -34.97 -27.22
C ASP E 603 24.71 -34.68 -25.77
N ARG E 604 25.14 -33.55 -25.23
CA ARG E 604 24.73 -33.08 -23.93
C ARG E 604 23.36 -32.42 -23.95
N TRP E 605 22.60 -32.59 -25.02
CA TRP E 605 21.41 -31.79 -25.24
C TRP E 605 20.46 -32.45 -26.23
N MET F 1 54.79 17.10 -16.55
CA MET F 1 53.69 18.04 -16.41
C MET F 1 54.05 19.38 -17.07
N PRO F 2 53.09 19.96 -17.79
CA PRO F 2 53.38 21.23 -18.49
C PRO F 2 53.23 22.44 -17.59
N ASP F 3 53.36 23.62 -18.18
CA ASP F 3 53.14 24.86 -17.46
C ASP F 3 51.69 25.30 -17.63
N LEU F 4 51.31 26.32 -16.85
CA LEU F 4 49.93 26.77 -16.79
C LEU F 4 49.75 28.23 -17.18
N GLY F 5 50.77 29.06 -17.00
CA GLY F 5 50.66 30.47 -17.33
C GLY F 5 50.37 31.31 -16.11
N THR F 6 49.60 32.36 -16.28
CA THR F 6 49.24 33.23 -15.19
C THR F 6 47.82 32.92 -14.73
N PRO F 7 47.48 33.29 -13.51
CA PRO F 7 46.11 33.10 -13.03
C PRO F 7 45.20 34.18 -13.57
N ILE F 8 43.92 34.04 -13.24
CA ILE F 8 42.91 35.01 -13.67
C ILE F 8 42.05 35.52 -12.54
N GLY F 9 42.00 34.85 -11.40
CA GLY F 9 41.16 35.27 -10.29
C GLY F 9 41.68 34.78 -8.97
N SER F 10 40.76 34.39 -8.10
CA SER F 10 41.06 33.93 -6.75
C SER F 10 39.76 33.44 -6.16
N VAL F 11 39.86 32.82 -4.99
CA VAL F 11 38.71 32.19 -4.37
C VAL F 11 38.17 33.09 -3.28
N THR F 12 36.86 32.99 -3.04
CA THR F 12 36.21 33.70 -1.96
C THR F 12 35.21 32.87 -1.21
N ASP F 13 34.97 31.62 -1.60
CA ASP F 13 34.04 30.77 -0.88
C ASP F 13 34.28 29.33 -1.27
N SER F 14 34.50 28.50 -0.27
CA SER F 14 34.74 27.07 -0.42
C SER F 14 33.67 26.31 0.36
N SER F 15 33.30 25.16 -0.17
CA SER F 15 32.24 24.34 0.42
C SER F 15 32.19 23.02 -0.36
N PRO F 16 31.69 21.95 0.25
CA PRO F 16 31.68 20.67 -0.46
C PRO F 16 30.93 20.73 -1.78
N SER F 17 29.71 21.26 -1.79
CA SER F 17 28.88 21.30 -2.97
C SER F 17 29.03 22.59 -3.76
N LEU F 18 30.07 23.37 -3.50
CA LEU F 18 30.21 24.64 -4.21
C LEU F 18 31.58 25.24 -3.97
N ILE F 19 32.08 25.90 -5.01
CA ILE F 19 33.25 26.76 -4.91
C ILE F 19 32.96 27.98 -5.78
N ARG F 20 33.48 29.13 -5.35
CA ARG F 20 33.16 30.38 -6.00
C ARG F 20 34.42 31.17 -6.29
N ILE F 21 34.46 31.77 -7.49
CA ILE F 21 35.60 32.58 -7.90
C ILE F 21 35.12 33.98 -8.23
N GLU F 22 35.99 34.94 -7.96
CA GLU F 22 35.84 36.32 -8.39
C GLU F 22 37.00 36.62 -9.33
N ILE F 23 36.74 37.46 -10.33
CA ILE F 23 37.75 37.71 -11.35
C ILE F 23 38.41 39.06 -11.10
N SER F 24 39.71 39.12 -11.37
CA SER F 24 40.50 40.30 -11.05
C SER F 24 39.98 41.52 -11.80
N SER F 25 40.08 41.49 -13.13
CA SER F 25 39.81 42.65 -13.96
C SER F 25 38.89 42.24 -15.10
N ALA F 26 38.53 43.23 -15.92
CA ALA F 26 37.71 42.98 -17.10
C ALA F 26 38.56 42.48 -18.25
N GLU F 27 39.61 43.21 -18.61
CA GLU F 27 40.45 42.88 -19.75
C GLU F 27 40.72 41.39 -19.85
N ASP F 28 41.16 40.78 -18.76
CA ASP F 28 41.43 39.35 -18.76
C ASP F 28 40.18 38.56 -19.13
N PHE F 29 39.02 39.00 -18.64
CA PHE F 29 37.77 38.36 -19.03
C PHE F 29 37.52 38.50 -20.53
N GLU F 30 37.58 39.73 -21.04
CA GLU F 30 37.37 39.95 -22.45
C GLU F 30 38.32 39.10 -23.29
N LYS F 31 39.49 38.78 -22.75
CA LYS F 31 40.46 38.00 -23.49
C LYS F 31 40.14 36.51 -23.45
N TYR F 32 40.07 35.95 -22.25
CA TYR F 32 39.88 34.52 -22.06
C TYR F 32 38.43 34.08 -22.17
N LYS F 33 37.53 34.99 -22.49
CA LYS F 33 36.10 34.73 -22.57
C LYS F 33 35.76 33.43 -23.28
N SER F 34 36.46 33.12 -24.37
CA SER F 34 36.13 31.94 -25.15
C SER F 34 36.34 30.65 -24.37
N MET F 35 36.90 30.71 -23.18
CA MET F 35 37.21 29.53 -22.38
C MET F 35 36.76 29.73 -20.94
N LEU F 36 35.59 30.35 -20.77
CA LEU F 36 34.99 30.54 -19.45
C LEU F 36 33.49 30.31 -19.49
N GLY F 37 33.04 29.45 -20.38
CA GLY F 37 31.62 29.20 -20.56
C GLY F 37 31.15 27.93 -19.87
N VAL F 38 29.83 27.86 -19.72
CA VAL F 38 29.22 26.70 -19.09
C VAL F 38 29.73 25.42 -19.74
N GLY F 39 29.89 24.38 -18.93
CA GLY F 39 30.33 23.09 -19.39
C GLY F 39 31.84 22.90 -19.45
N GLN F 40 32.61 23.98 -19.42
CA GLN F 40 34.05 23.87 -19.54
C GLN F 40 34.66 23.53 -18.17
N TYR F 41 35.98 23.54 -18.10
CA TYR F 41 36.70 23.04 -16.95
C TYR F 41 37.71 24.06 -16.47
N LEU F 42 38.08 23.92 -15.20
CA LEU F 42 38.97 24.86 -14.53
C LEU F 42 39.88 24.11 -13.57
N LEU F 43 41.07 24.68 -13.33
CA LEU F 43 42.04 24.12 -12.42
C LEU F 43 42.16 25.02 -11.20
N VAL F 44 42.31 24.42 -10.03
CA VAL F 44 42.52 25.16 -8.80
C VAL F 44 43.70 24.52 -8.06
N ALA F 45 44.31 25.31 -7.18
CA ALA F 45 45.43 24.84 -6.39
C ALA F 45 44.96 24.50 -4.98
N SER F 46 45.56 23.46 -4.40
CA SER F 46 45.21 23.03 -3.06
C SER F 46 46.43 22.65 -2.24
N GLY F 47 47.57 23.28 -2.51
CA GLY F 47 48.74 23.06 -1.70
C GLY F 47 49.49 21.80 -2.06
N ASN F 48 50.82 21.85 -1.92
CA ASN F 48 51.68 20.68 -2.11
C ASN F 48 51.69 20.23 -3.57
N ASN F 49 51.77 21.19 -4.49
CA ASN F 49 51.90 20.91 -5.91
C ASN F 49 50.79 20.00 -6.42
N LEU F 50 49.63 20.06 -5.79
CA LEU F 50 48.46 19.34 -6.27
C LEU F 50 47.54 20.30 -7.02
N TYR F 51 46.40 19.78 -7.45
CA TYR F 51 45.46 20.53 -8.26
C TYR F 51 44.12 19.83 -8.24
N LEU F 52 43.08 20.64 -8.23
CA LEU F 52 41.69 20.20 -8.25
C LEU F 52 41.08 20.57 -9.59
N LEU F 53 40.16 19.74 -10.06
CA LEU F 53 39.51 19.93 -11.34
C LEU F 53 38.03 20.21 -11.10
N ALA F 54 37.53 21.27 -11.72
CA ALA F 54 36.15 21.66 -11.49
C ALA F 54 35.48 22.03 -12.81
N SER F 55 34.15 22.05 -12.77
CA SER F 55 33.33 22.43 -13.90
C SER F 55 32.70 23.79 -13.60
N ILE F 56 31.81 24.23 -14.50
CA ILE F 56 31.18 25.53 -14.39
C ILE F 56 29.69 25.37 -14.57
N THR F 57 28.91 26.14 -13.80
CA THR F 57 27.46 26.09 -13.86
C THR F 57 26.81 27.46 -13.84
N GLY F 58 27.57 28.55 -13.72
CA GLY F 58 26.98 29.86 -13.62
C GLY F 58 27.99 30.98 -13.62
N VAL F 59 27.64 32.06 -14.29
CA VAL F 59 28.49 33.23 -14.43
C VAL F 59 27.64 34.46 -14.14
N ARG F 60 28.27 35.52 -13.65
CA ARG F 60 27.54 36.74 -13.39
C ARG F 60 28.46 37.94 -13.43
N ALA F 61 27.85 39.11 -13.58
CA ALA F 61 28.55 40.38 -13.61
C ALA F 61 27.74 41.38 -12.81
N THR F 62 28.43 42.17 -11.99
CA THR F 62 27.79 43.14 -11.12
C THR F 62 28.43 44.50 -11.33
N HIS F 63 27.71 45.53 -10.90
CA HIS F 63 28.13 46.91 -11.07
C HIS F 63 28.79 47.41 -9.79
N VAL F 64 29.80 48.26 -9.95
CA VAL F 64 30.53 48.83 -8.83
C VAL F 64 30.36 50.35 -8.86
N GLU F 65 30.51 50.96 -7.68
CA GLU F 65 30.35 52.39 -7.55
C GLU F 65 31.61 53.02 -6.95
N GLY F 86 30.41 50.29 -17.94
CA GLY F 86 30.37 50.62 -16.52
C GLY F 86 31.28 49.74 -15.70
N ASN F 87 31.76 50.28 -14.58
CA ASN F 87 32.62 49.52 -13.68
C ASN F 87 31.93 48.23 -13.27
N PHE F 88 32.47 47.09 -13.69
CA PHE F 88 31.86 45.80 -13.45
C PHE F 88 32.85 44.87 -12.77
N ARG F 89 32.30 43.76 -12.28
CA ARG F 89 33.06 42.79 -11.52
C ARG F 89 32.36 41.45 -11.66
N PHE F 90 33.13 40.41 -11.98
CA PHE F 90 32.55 39.15 -12.43
C PHE F 90 32.76 38.04 -11.41
N GLN F 91 31.78 37.15 -11.37
CA GLN F 91 31.76 35.99 -10.50
C GLN F 91 31.50 34.74 -11.31
N ILE F 92 31.99 33.63 -10.77
CA ILE F 92 31.80 32.31 -11.36
C ILE F 92 31.50 31.32 -10.25
N ASP F 93 30.63 30.36 -10.54
CA ASP F 93 30.34 29.26 -9.65
C ASP F 93 30.93 28.00 -10.24
N THR F 94 31.17 27.00 -9.39
CA THR F 94 31.84 25.80 -9.83
C THR F 94 31.25 24.59 -9.12
N GLN F 95 31.82 23.44 -9.41
CA GLN F 95 31.50 22.18 -8.76
C GLN F 95 32.71 21.26 -8.87
N PRO F 96 33.14 20.63 -7.78
CA PRO F 96 34.37 19.85 -7.84
C PRO F 96 34.13 18.41 -8.26
N ILE F 97 35.18 17.82 -8.82
CA ILE F 97 35.12 16.45 -9.31
C ILE F 97 36.22 15.61 -8.67
N GLY F 98 37.47 15.96 -8.93
CA GLY F 98 38.56 15.13 -8.48
C GLY F 98 39.90 15.83 -8.52
N THR F 99 40.90 15.12 -8.05
CA THR F 99 42.24 15.64 -7.89
C THR F 99 43.13 15.18 -9.03
N LEU F 100 44.27 15.85 -9.15
CA LEU F 100 45.14 15.65 -10.28
C LEU F 100 46.57 15.88 -9.81
N SER F 101 47.31 14.78 -9.65
CA SER F 101 48.63 14.86 -9.05
C SER F 101 49.59 15.62 -9.94
N GLU F 102 50.82 15.78 -9.44
CA GLU F 102 51.84 16.54 -10.15
C GLU F 102 52.07 15.98 -11.56
N ASP F 103 52.20 14.66 -11.66
CA ASP F 103 52.57 14.07 -12.95
C ASP F 103 51.49 14.27 -13.99
N GLY F 104 50.23 14.16 -13.59
CA GLY F 104 49.12 14.22 -14.52
C GLY F 104 48.08 13.16 -14.21
N GLU F 105 48.33 12.37 -13.18
CA GLU F 105 47.42 11.30 -12.81
C GLU F 105 46.13 11.89 -12.25
N PHE F 106 45.01 11.34 -12.71
CA PHE F 106 43.70 11.74 -12.27
C PHE F 106 43.18 10.79 -11.22
N SER F 107 42.47 11.32 -10.22
CA SER F 107 41.90 10.49 -9.18
C SER F 107 40.56 11.10 -8.77
N ARG F 108 39.51 10.31 -8.88
CA ARG F 108 38.18 10.81 -8.57
C ARG F 108 38.06 11.14 -7.10
N GLY F 109 37.19 12.09 -6.79
CA GLY F 109 36.94 12.50 -5.43
C GLY F 109 38.12 13.20 -4.80
N SER F 110 37.89 13.92 -3.71
CA SER F 110 38.95 14.61 -3.00
C SER F 110 38.64 14.66 -1.51
N HIS F 111 39.67 14.96 -0.74
CA HIS F 111 39.54 15.12 0.71
C HIS F 111 39.96 16.50 1.18
N SER F 112 41.11 16.99 0.72
CA SER F 112 41.63 18.30 1.11
C SER F 112 41.15 19.32 0.10
N LEU F 113 40.13 20.08 0.44
CA LEU F 113 39.63 21.14 -0.40
C LEU F 113 40.52 22.37 -0.31
N PRO F 114 40.36 23.32 -1.23
CA PRO F 114 41.12 24.56 -1.17
C PRO F 114 40.39 25.63 -0.35
N VAL F 115 41.08 26.75 -0.17
CA VAL F 115 40.57 27.83 0.67
C VAL F 115 40.70 29.17 -0.04
N PRO F 116 40.06 30.22 0.46
CA PRO F 116 40.22 31.55 -0.13
C PRO F 116 41.66 31.96 -0.33
N THR F 117 41.88 32.92 -1.23
CA THR F 117 43.19 33.43 -1.64
C THR F 117 43.97 32.43 -2.47
N GLU F 118 43.41 31.26 -2.74
CA GLU F 118 44.07 30.29 -3.61
C GLU F 118 43.81 30.68 -5.07
N TYR F 119 44.85 30.56 -5.88
CA TYR F 119 44.75 30.97 -7.26
C TYR F 119 43.97 29.95 -8.08
N ALA F 120 43.67 30.33 -9.32
CA ALA F 120 42.96 29.48 -10.25
C ALA F 120 43.63 29.58 -11.61
N TYR F 121 43.35 28.62 -12.48
CA TYR F 121 44.00 28.57 -13.78
C TYR F 121 43.08 27.94 -14.80
N VAL F 122 43.42 28.17 -16.06
CA VAL F 122 42.66 27.67 -17.18
C VAL F 122 43.20 26.30 -17.59
N THR F 123 42.37 25.54 -18.28
CA THR F 123 42.71 24.16 -18.60
C THR F 123 43.19 24.08 -20.05
N PRO F 124 44.49 23.91 -20.29
CA PRO F 124 44.96 23.75 -21.66
C PRO F 124 44.63 22.37 -22.21
N PRO F 125 44.76 22.17 -23.53
CA PRO F 125 44.32 20.90 -24.11
C PRO F 125 45.24 19.73 -23.80
N ALA F 126 46.55 19.93 -23.85
CA ALA F 126 47.51 18.87 -23.62
C ALA F 126 47.10 18.00 -22.44
N VAL F 127 46.69 18.65 -21.36
CA VAL F 127 46.21 17.93 -20.19
C VAL F 127 45.04 17.02 -20.56
N LEU F 128 44.03 17.59 -21.19
CA LEU F 128 42.84 16.83 -21.57
C LEU F 128 43.22 15.61 -22.40
N GLU F 129 44.20 15.77 -23.30
CA GLU F 129 44.66 14.63 -24.09
C GLU F 129 45.30 13.59 -23.20
N GLY F 130 46.27 14.02 -22.38
CA GLY F 130 46.94 13.11 -21.47
C GLY F 130 46.00 12.37 -20.58
N ILE F 131 44.79 12.90 -20.39
CA ILE F 131 43.80 12.27 -19.53
C ILE F 131 42.97 11.29 -20.35
N PHE F 132 42.25 11.81 -21.34
CA PHE F 132 41.29 11.01 -22.09
C PHE F 132 41.92 10.09 -23.13
N SER F 133 43.25 10.00 -23.20
CA SER F 133 43.81 9.06 -24.15
C SER F 133 44.80 8.08 -23.54
N HIS F 134 45.63 8.51 -22.59
CA HIS F 134 46.79 7.76 -22.17
C HIS F 134 46.73 7.34 -20.70
N GLN F 135 45.54 7.04 -20.19
CA GLN F 135 45.39 6.58 -18.82
C GLN F 135 44.36 5.47 -18.69
N ILE F 136 44.27 4.60 -19.69
CA ILE F 136 43.20 3.61 -19.76
C ILE F 136 43.77 2.25 -20.14
N LYS F 137 43.02 1.20 -19.80
CA LYS F 137 43.47 -0.18 -19.92
C LYS F 137 43.15 -0.78 -21.29
N SER F 138 41.87 -0.80 -21.67
CA SER F 138 41.40 -1.42 -22.90
C SER F 138 40.77 -0.34 -23.76
N PRO F 139 41.56 0.37 -24.55
CA PRO F 139 41.01 1.52 -25.28
C PRO F 139 39.94 1.11 -26.28
N PHE F 140 38.78 1.75 -26.16
CA PHE F 140 37.72 1.68 -27.14
C PHE F 140 37.32 3.11 -27.44
N ALA F 141 37.51 3.52 -28.70
CA ALA F 141 37.13 4.86 -29.12
C ALA F 141 35.61 4.99 -29.18
N LEU F 142 35.12 6.19 -28.92
CA LEU F 142 33.69 6.43 -28.96
C LEU F 142 33.34 7.64 -29.82
N GLY F 143 34.24 8.63 -29.86
CA GLY F 143 34.00 9.82 -30.64
C GLY F 143 34.89 10.98 -30.23
N THR F 144 34.29 12.14 -29.99
CA THR F 144 35.04 13.30 -29.54
C THR F 144 34.26 13.99 -28.43
N LEU F 145 34.77 15.12 -27.99
CA LEU F 145 34.15 15.89 -26.91
C LEU F 145 33.15 16.89 -27.47
N GLY F 146 32.26 17.34 -26.58
CA GLY F 146 31.33 18.39 -26.95
C GLY F 146 31.95 19.76 -26.97
N ILE F 147 33.12 19.92 -26.35
CA ILE F 147 33.80 21.21 -26.31
C ILE F 147 34.84 21.28 -27.43
N SER F 148 35.81 20.37 -27.40
CA SER F 148 36.93 20.39 -28.33
C SER F 148 36.85 19.19 -29.27
N PRO F 149 36.43 19.36 -30.52
CA PRO F 149 36.44 18.23 -31.45
C PRO F 149 37.82 17.77 -31.86
N ASP F 150 38.87 18.57 -31.61
CA ASP F 150 40.22 18.11 -31.84
C ASP F 150 40.70 17.31 -30.64
N ILE F 151 39.87 16.35 -30.21
CA ILE F 151 40.15 15.52 -29.05
C ILE F 151 39.34 14.26 -29.25
N LYS F 152 39.80 13.17 -28.65
CA LYS F 152 39.11 11.89 -28.75
C LYS F 152 38.69 11.40 -27.38
N LEU F 153 37.77 10.45 -27.39
CA LEU F 153 37.17 9.90 -26.19
C LEU F 153 37.31 8.40 -26.24
N LYS F 154 37.86 7.83 -25.18
CA LYS F 154 38.19 6.42 -25.13
C LYS F 154 37.83 5.87 -23.77
N ILE F 155 37.41 4.61 -23.74
CA ILE F 155 36.93 3.97 -22.53
C ILE F 155 37.40 2.53 -22.49
N ASP F 156 37.03 1.83 -21.42
CA ASP F 156 37.39 0.43 -21.23
C ASP F 156 36.24 -0.42 -21.77
N GLY F 157 36.51 -1.18 -22.83
CA GLY F 157 35.46 -2.00 -23.42
C GLY F 157 35.25 -3.31 -22.70
N ASP F 158 36.28 -3.80 -22.02
CA ASP F 158 36.15 -5.05 -21.27
C ASP F 158 34.96 -5.01 -20.33
N ARG F 159 34.65 -3.84 -19.78
CA ARG F 159 33.47 -3.69 -18.93
C ARG F 159 32.26 -3.18 -19.70
N PHE F 160 32.48 -2.49 -20.82
CA PHE F 160 31.36 -1.94 -21.56
C PHE F 160 30.56 -3.04 -22.24
N PHE F 161 31.25 -4.04 -22.77
CA PHE F 161 30.59 -5.11 -23.53
C PHE F 161 30.27 -6.30 -22.65
N SER F 162 31.05 -6.55 -21.62
CA SER F 162 30.88 -7.71 -20.77
C SER F 162 29.70 -7.58 -19.84
N LYS F 163 28.87 -6.55 -19.96
CA LYS F 163 27.70 -6.38 -19.11
C LYS F 163 26.55 -5.85 -19.94
N HIS F 164 25.44 -5.57 -19.27
CA HIS F 164 24.22 -5.17 -19.93
C HIS F 164 24.16 -3.66 -20.08
N VAL F 165 23.63 -3.22 -21.23
CA VAL F 165 23.69 -1.84 -21.67
C VAL F 165 22.26 -1.36 -21.96
N ALA F 166 22.13 -0.05 -22.14
CA ALA F 166 20.84 0.55 -22.44
C ALA F 166 21.06 1.85 -23.20
N VAL F 167 20.17 2.12 -24.14
CA VAL F 167 20.22 3.35 -24.93
C VAL F 167 18.82 3.94 -25.02
N VAL F 168 18.72 5.26 -24.96
CA VAL F 168 17.44 5.93 -24.96
C VAL F 168 17.55 7.25 -25.70
N GLY F 169 16.43 7.94 -25.87
CA GLY F 169 16.40 9.18 -26.60
C GLY F 169 14.99 9.46 -27.10
N SER F 170 14.91 10.41 -28.01
CA SER F 170 13.65 10.77 -28.64
C SER F 170 13.84 10.83 -30.15
N THR F 171 12.74 11.03 -30.85
CA THR F 171 12.76 10.98 -32.31
C THR F 171 13.74 12.01 -32.87
N GLY F 172 14.19 11.74 -34.09
CA GLY F 172 15.08 12.66 -34.78
C GLY F 172 16.36 12.97 -34.04
N SER F 173 16.73 12.15 -33.05
CA SER F 173 17.90 12.41 -32.23
C SER F 173 19.16 11.75 -32.78
N GLY F 174 19.03 10.65 -33.54
CA GLY F 174 20.18 10.05 -34.17
C GLY F 174 20.65 8.77 -33.54
N LYS F 175 19.72 7.92 -33.09
CA LYS F 175 20.10 6.71 -32.37
C LYS F 175 20.72 5.67 -33.32
N SER F 176 19.94 5.23 -34.30
CA SER F 176 20.40 4.16 -35.17
C SER F 176 21.71 4.52 -35.85
N CYS F 177 21.85 5.77 -36.28
CA CYS F 177 23.09 6.22 -36.92
C CYS F 177 24.25 6.29 -35.95
N ALA F 178 24.03 5.95 -34.68
CA ALA F 178 25.08 5.83 -33.68
C ALA F 178 25.35 4.39 -33.31
N VAL F 179 24.28 3.62 -33.07
CA VAL F 179 24.41 2.17 -32.93
C VAL F 179 25.25 1.60 -34.08
N ALA F 180 24.88 1.95 -35.30
CA ALA F 180 25.61 1.44 -36.46
C ALA F 180 27.08 1.81 -36.38
N LYS F 181 27.38 3.06 -36.01
CA LYS F 181 28.77 3.48 -35.85
C LYS F 181 29.49 2.59 -34.86
N ILE F 182 28.86 2.35 -33.71
CA ILE F 182 29.46 1.53 -32.66
C ILE F 182 29.82 0.15 -33.20
N LEU F 183 28.85 -0.50 -33.85
CA LEU F 183 29.08 -1.86 -34.34
C LEU F 183 30.14 -1.88 -35.44
N GLN F 184 30.05 -0.95 -36.40
CA GLN F 184 31.07 -0.86 -37.43
C GLN F 184 32.46 -0.74 -36.83
N THR F 185 32.58 0.03 -35.74
CA THR F 185 33.87 0.14 -35.07
C THR F 185 34.25 -1.18 -34.42
N ALA F 186 33.27 -1.88 -33.85
CA ALA F 186 33.55 -3.14 -33.17
C ALA F 186 34.14 -4.17 -34.12
N VAL F 187 33.43 -4.46 -35.21
CA VAL F 187 33.88 -5.49 -36.14
C VAL F 187 35.06 -5.01 -36.98
N GLY F 188 35.53 -3.79 -36.74
CA GLY F 188 36.67 -3.29 -37.47
C GLY F 188 36.34 -2.77 -38.85
N ILE F 189 35.49 -1.75 -38.92
CA ILE F 189 35.13 -1.12 -40.18
C ILE F 189 35.37 0.38 -40.07
N GLU F 190 35.75 0.98 -41.19
CA GLU F 190 35.91 2.43 -41.27
C GLU F 190 35.93 2.84 -42.73
N SER F 191 35.00 3.72 -43.11
CA SER F 191 34.96 4.26 -44.46
C SER F 191 34.70 3.17 -45.49
N LYS F 192 33.81 2.24 -45.16
CA LYS F 192 33.43 1.16 -46.06
C LYS F 192 34.66 0.35 -46.51
N ALA F 193 35.59 0.17 -45.58
CA ALA F 193 36.85 -0.52 -45.86
C ALA F 193 37.09 -1.55 -44.75
N ASN F 194 36.69 -2.80 -45.00
CA ASN F 194 36.98 -3.88 -44.08
C ASN F 194 38.48 -4.02 -43.89
N ALA F 195 38.97 -3.74 -42.68
CA ALA F 195 40.40 -3.85 -42.43
C ALA F 195 40.83 -5.30 -42.37
N HIS F 196 40.01 -6.16 -41.78
CA HIS F 196 40.33 -7.58 -41.64
C HIS F 196 39.68 -8.36 -42.78
N LYS F 197 40.24 -8.16 -43.97
CA LYS F 197 39.83 -8.93 -45.15
C LYS F 197 40.45 -10.32 -45.16
N ALA F 198 41.79 -10.37 -45.08
CA ALA F 198 42.47 -11.66 -45.10
C ALA F 198 41.94 -12.60 -44.02
N ALA F 199 41.69 -12.05 -42.83
CA ALA F 199 41.27 -12.83 -41.67
C ALA F 199 39.91 -12.34 -41.20
N GLN F 200 38.97 -13.26 -41.03
CA GLN F 200 37.71 -12.98 -40.38
C GLN F 200 37.91 -13.23 -38.89
N LYS F 201 37.78 -12.17 -38.09
CA LYS F 201 38.05 -12.27 -36.66
C LYS F 201 36.80 -12.76 -35.93
N ASN F 202 36.92 -12.83 -34.61
CA ASN F 202 35.85 -13.33 -33.76
C ASN F 202 34.93 -12.18 -33.37
N SER F 203 33.67 -12.30 -33.73
CA SER F 203 32.63 -11.43 -33.22
C SER F 203 31.28 -12.02 -33.62
N HIS F 204 30.34 -12.07 -32.67
CA HIS F 204 29.09 -12.77 -32.90
C HIS F 204 27.95 -11.92 -32.37
N ILE F 205 27.07 -11.54 -33.29
CA ILE F 205 26.07 -10.51 -33.04
C ILE F 205 24.76 -10.94 -33.67
N VAL F 206 23.67 -10.65 -32.97
CA VAL F 206 22.33 -10.98 -33.45
C VAL F 206 21.47 -9.75 -33.25
N ILE F 207 20.68 -9.41 -34.27
CA ILE F 207 19.89 -8.18 -34.26
C ILE F 207 18.44 -8.53 -34.52
N PHE F 208 17.54 -7.92 -33.75
CA PHE F 208 16.10 -8.03 -33.99
C PHE F 208 15.63 -6.74 -34.65
N ASP F 209 15.72 -6.69 -35.98
CA ASP F 209 15.28 -5.51 -36.71
C ASP F 209 13.81 -5.66 -37.09
N ILE F 210 13.15 -4.53 -37.27
CA ILE F 210 11.75 -4.51 -37.68
C ILE F 210 11.63 -3.69 -38.95
N HIS F 211 11.96 -2.41 -38.85
CA HIS F 211 11.89 -1.48 -39.96
C HIS F 211 12.90 -1.78 -41.07
N ALA F 212 13.75 -2.79 -40.89
CA ALA F 212 14.67 -3.23 -41.95
C ALA F 212 15.57 -2.08 -42.39
N GLU F 213 16.41 -1.66 -41.44
CA GLU F 213 17.23 -0.47 -41.60
C GLU F 213 18.72 -0.74 -41.63
N TYR F 214 19.19 -1.78 -40.95
CA TYR F 214 20.62 -1.96 -40.75
C TYR F 214 21.30 -2.75 -41.87
N ALA F 215 20.52 -3.44 -42.70
CA ALA F 215 21.10 -4.17 -43.81
C ALA F 215 21.91 -3.28 -44.73
N ALA F 216 21.67 -1.97 -44.71
CA ALA F 216 22.38 -1.06 -45.60
C ALA F 216 23.77 -0.75 -45.08
N ALA F 217 23.93 -0.61 -43.77
CA ALA F 217 25.22 -0.22 -43.21
C ALA F 217 26.29 -1.25 -43.51
N PHE F 218 25.98 -2.52 -43.29
CA PHE F 218 26.93 -3.61 -43.50
C PHE F 218 26.97 -4.10 -44.93
N ASN F 219 26.11 -3.58 -45.81
CA ASN F 219 26.09 -3.99 -47.22
C ASN F 219 27.29 -3.36 -47.91
N LEU F 220 28.46 -3.91 -47.64
CA LEU F 220 29.69 -3.45 -48.26
C LEU F 220 29.75 -3.91 -49.71
N GLU F 221 30.88 -3.62 -50.35
CA GLU F 221 31.11 -4.02 -51.73
C GLU F 221 31.83 -5.37 -51.76
N ALA F 222 31.55 -6.15 -52.81
CA ALA F 222 32.15 -7.47 -52.93
C ALA F 222 33.67 -7.40 -52.83
N GLY F 223 34.26 -6.29 -53.27
CA GLY F 223 35.71 -6.12 -53.16
C GLY F 223 36.21 -6.06 -51.74
N GLU F 224 35.32 -5.86 -50.76
CA GLU F 224 35.72 -5.81 -49.36
C GLU F 224 35.53 -7.12 -48.64
N ALA F 225 34.74 -8.04 -49.19
CA ALA F 225 34.63 -9.40 -48.66
C ALA F 225 34.15 -9.39 -47.21
N PHE F 226 32.95 -8.87 -47.00
CA PHE F 226 32.28 -8.88 -45.71
C PHE F 226 31.01 -9.70 -45.87
N THR F 227 31.14 -11.01 -45.65
CA THR F 227 29.98 -11.89 -45.71
C THR F 227 28.99 -11.51 -44.63
N LEU F 228 27.70 -11.79 -44.90
CA LEU F 228 26.64 -11.35 -44.01
C LEU F 228 25.43 -12.24 -44.20
N ASN F 229 24.95 -12.82 -43.10
CA ASN F 229 23.71 -13.57 -43.12
C ASN F 229 22.52 -12.62 -43.07
N LEU F 230 21.40 -13.06 -43.64
CA LEU F 230 20.27 -12.17 -43.81
C LEU F 230 19.02 -12.99 -44.09
N LEU F 231 17.98 -12.79 -43.27
CA LEU F 231 16.84 -13.70 -43.22
C LEU F 231 15.51 -12.96 -43.26
N GLY F 232 14.43 -13.68 -42.96
CA GLY F 232 13.29 -13.05 -42.32
C GLY F 232 11.88 -13.52 -42.62
N VAL F 233 11.53 -13.95 -43.84
CA VAL F 233 10.24 -14.58 -44.01
C VAL F 233 10.24 -15.74 -45.00
N ASP F 234 11.29 -15.80 -45.83
CA ASP F 234 11.30 -16.73 -46.95
C ASP F 234 12.47 -17.68 -46.96
N ASN F 235 13.54 -17.36 -46.24
CA ASN F 235 14.69 -18.24 -46.09
C ASN F 235 14.89 -18.57 -44.63
N LEU F 236 13.79 -18.87 -43.95
CA LEU F 236 13.80 -19.15 -42.52
C LEU F 236 13.23 -20.54 -42.27
N ARG F 237 13.74 -21.16 -41.22
CA ARG F 237 13.38 -22.54 -40.87
C ARG F 237 13.24 -22.56 -39.35
N LEU F 238 12.03 -22.77 -38.88
CA LEU F 238 11.72 -22.59 -37.47
C LEU F 238 10.46 -23.38 -37.14
N PRO F 239 10.54 -24.70 -37.12
CA PRO F 239 9.33 -25.52 -37.07
C PRO F 239 8.56 -25.46 -35.77
N TYR F 240 7.46 -26.22 -35.72
CA TYR F 240 6.52 -26.19 -34.62
C TYR F 240 6.77 -27.28 -33.58
N TRP F 241 7.75 -28.16 -33.80
CA TRP F 241 8.07 -29.21 -32.84
C TRP F 241 9.31 -28.87 -32.03
N LEU F 242 9.50 -27.59 -31.72
CA LEU F 242 10.58 -27.15 -30.85
C LEU F 242 10.06 -26.34 -29.67
N MET F 243 8.75 -26.35 -29.43
CA MET F 243 8.12 -25.49 -28.45
C MET F 243 7.80 -26.26 -27.18
N ASN F 244 7.16 -25.54 -26.25
CA ASN F 244 6.57 -26.09 -25.05
C ASN F 244 5.05 -25.96 -25.17
N ALA F 245 4.35 -26.30 -24.10
CA ALA F 245 2.89 -26.31 -24.14
C ALA F 245 2.33 -24.92 -24.37
N GLN F 246 2.69 -23.97 -23.50
CA GLN F 246 2.19 -22.60 -23.57
C GLN F 246 2.10 -22.08 -25.00
N GLU F 247 3.20 -22.16 -25.74
CA GLU F 247 3.22 -21.63 -27.11
C GLU F 247 2.23 -22.35 -27.99
N LEU F 248 2.10 -23.67 -27.84
CA LEU F 248 1.18 -24.43 -28.68
C LEU F 248 -0.26 -24.05 -28.37
N GLU F 249 -0.63 -24.05 -27.09
CA GLU F 249 -1.96 -23.59 -26.70
C GLU F 249 -2.24 -22.21 -27.26
N GLN F 250 -1.24 -21.34 -27.26
CA GLN F 250 -1.46 -19.98 -27.75
C GLN F 250 -1.71 -19.97 -29.25
N ILE F 251 -0.95 -20.76 -30.01
CA ILE F 251 -1.07 -20.74 -31.46
C ILE F 251 -2.35 -21.44 -31.90
N PHE F 252 -2.48 -22.72 -31.57
CA PHE F 252 -3.53 -23.54 -32.17
C PHE F 252 -4.90 -23.35 -31.54
N ILE F 253 -4.99 -22.72 -30.37
CA ILE F 253 -6.18 -22.84 -29.54
C ILE F 253 -6.54 -21.51 -28.89
N GLU F 254 -7.81 -21.40 -28.49
CA GLU F 254 -8.32 -20.32 -27.66
C GLU F 254 -9.02 -20.94 -26.45
N SER F 255 -9.52 -20.10 -25.55
CA SER F 255 -10.08 -20.56 -24.29
C SER F 255 -11.45 -19.97 -24.00
N ASN F 256 -12.22 -19.66 -25.04
CA ASN F 256 -13.60 -19.22 -24.89
C ASN F 256 -14.52 -20.43 -25.12
N GLU F 257 -14.58 -21.30 -24.12
CA GLU F 257 -15.28 -22.57 -24.26
C GLU F 257 -15.43 -23.21 -22.89
N HIS F 258 -16.48 -24.02 -22.74
CA HIS F 258 -16.73 -24.76 -21.52
C HIS F 258 -16.02 -26.11 -21.54
N ASN F 259 -16.22 -26.88 -22.60
CA ASN F 259 -15.63 -28.21 -22.73
C ASN F 259 -14.18 -28.16 -23.21
N SER F 260 -13.56 -26.98 -23.20
CA SER F 260 -12.18 -26.86 -23.64
C SER F 260 -11.29 -27.90 -22.98
N HIS F 261 -11.61 -28.28 -21.73
CA HIS F 261 -10.75 -29.18 -20.97
C HIS F 261 -10.57 -30.51 -21.70
N ASN F 262 -11.68 -31.17 -22.00
CA ASN F 262 -11.60 -32.49 -22.63
C ASN F 262 -11.00 -32.39 -24.04
N GLN F 263 -11.34 -31.34 -24.76
CA GLN F 263 -10.78 -31.13 -26.09
C GLN F 263 -9.25 -31.06 -26.01
N ILE F 264 -8.74 -30.21 -25.11
CA ILE F 264 -7.30 -30.06 -24.97
C ILE F 264 -6.66 -31.35 -24.49
N SER F 265 -7.35 -32.09 -23.63
CA SER F 265 -6.82 -33.36 -23.16
C SER F 265 -6.64 -34.33 -24.32
N GLN F 266 -7.66 -34.46 -25.17
CA GLN F 266 -7.54 -35.29 -26.36
C GLN F 266 -6.40 -34.80 -27.25
N PHE F 267 -6.29 -33.49 -27.42
CA PHE F 267 -5.20 -32.91 -28.19
C PHE F 267 -3.85 -33.41 -27.68
N ARG F 268 -3.60 -33.21 -26.39
CA ARG F 268 -2.32 -33.62 -25.80
C ARG F 268 -2.11 -35.11 -25.96
N HIS F 269 -3.14 -35.90 -25.71
CA HIS F 269 -3.04 -37.35 -25.84
C HIS F 269 -2.57 -37.72 -27.24
N ALA F 270 -3.21 -37.16 -28.26
CA ALA F 270 -2.85 -37.49 -29.63
C ALA F 270 -1.44 -37.05 -29.95
N VAL F 271 -1.06 -35.85 -29.47
CA VAL F 271 0.30 -35.38 -29.68
C VAL F 271 1.30 -36.39 -29.13
N VAL F 272 1.09 -36.83 -27.89
CA VAL F 272 2.03 -37.74 -27.24
C VAL F 272 2.07 -39.07 -27.99
N ARG F 273 0.90 -39.55 -28.42
CA ARG F 273 0.87 -40.78 -29.20
C ARG F 273 1.72 -40.65 -30.46
N ASN F 274 1.58 -39.52 -31.15
CA ASN F 274 2.32 -39.32 -32.39
C ASN F 274 3.82 -39.25 -32.14
N LYS F 275 4.23 -38.55 -31.08
CA LYS F 275 5.64 -38.53 -30.71
C LYS F 275 6.14 -39.94 -30.47
N CYS F 276 5.53 -40.63 -29.50
CA CYS F 276 5.93 -41.99 -29.17
C CYS F 276 6.10 -42.83 -30.43
N LYS F 277 5.09 -42.81 -31.31
CA LYS F 277 5.16 -43.62 -32.52
C LYS F 277 6.36 -43.23 -33.38
N HIS F 278 6.46 -41.95 -33.74
CA HIS F 278 7.53 -41.51 -34.63
C HIS F 278 8.91 -41.65 -33.99
N ASN F 279 8.97 -41.78 -32.67
CA ASN F 279 10.24 -41.85 -31.95
C ASN F 279 10.09 -42.85 -30.81
N PRO F 280 10.21 -44.14 -31.13
CA PRO F 280 9.90 -45.18 -30.14
C PRO F 280 11.07 -45.47 -29.21
N THR F 281 12.28 -45.20 -29.68
CA THR F 281 13.47 -45.63 -28.96
C THR F 281 13.53 -45.06 -27.55
N LEU F 282 12.99 -43.87 -27.35
CA LEU F 282 13.14 -43.15 -26.09
C LEU F 282 11.92 -43.38 -25.20
N THR F 283 11.91 -42.72 -24.05
CA THR F 283 10.85 -42.84 -23.07
C THR F 283 10.65 -41.50 -22.38
N ASN F 284 9.80 -41.49 -21.35
CA ASN F 284 9.55 -40.29 -20.55
C ASN F 284 9.20 -39.10 -21.44
N LEU F 285 8.12 -39.26 -22.19
CA LEU F 285 7.65 -38.24 -23.10
C LEU F 285 6.42 -37.53 -22.52
N SER F 286 6.27 -36.27 -22.90
CA SER F 286 5.17 -35.45 -22.41
C SER F 286 4.69 -34.57 -23.56
N PHE F 287 3.87 -33.59 -23.20
CA PHE F 287 3.39 -32.57 -24.15
C PHE F 287 4.42 -31.48 -24.40
N ASP F 288 5.66 -31.67 -23.93
CA ASP F 288 6.68 -30.63 -24.03
C ASP F 288 8.00 -31.13 -24.60
N THR F 289 8.21 -32.42 -24.71
CA THR F 289 9.50 -32.93 -25.18
C THR F 289 9.69 -32.56 -26.65
N PRO F 290 10.73 -31.81 -27.01
CA PRO F 290 10.91 -31.37 -28.39
C PRO F 290 11.44 -32.49 -29.27
N VAL F 291 10.57 -33.05 -30.10
CA VAL F 291 10.94 -34.09 -31.06
C VAL F 291 9.88 -34.15 -32.13
N TYR F 292 10.25 -34.71 -33.29
CA TYR F 292 9.35 -34.73 -34.42
C TYR F 292 7.98 -35.28 -34.02
N PHE F 293 6.95 -34.71 -34.63
CA PHE F 293 5.60 -35.25 -34.56
C PHE F 293 4.77 -34.57 -35.64
N SER F 294 3.96 -35.35 -36.34
CA SER F 294 3.16 -34.80 -37.40
C SER F 294 1.90 -34.16 -36.84
N ILE F 295 1.19 -33.44 -37.71
CA ILE F 295 0.00 -32.69 -37.34
C ILE F 295 -1.21 -33.15 -38.16
N ASP F 296 -1.04 -33.31 -39.47
CA ASP F 296 -2.12 -33.82 -40.30
C ASP F 296 -2.68 -35.11 -39.73
N GLU F 297 -1.79 -35.96 -39.20
CA GLU F 297 -2.24 -37.20 -38.58
C GLU F 297 -3.10 -36.91 -37.36
N VAL F 298 -2.73 -35.89 -36.59
CA VAL F 298 -3.53 -35.50 -35.44
C VAL F 298 -4.93 -35.10 -35.89
N VAL F 299 -4.99 -34.26 -36.94
CA VAL F 299 -6.28 -33.81 -37.45
C VAL F 299 -7.11 -35.00 -37.90
N THR F 300 -6.50 -35.92 -38.64
CA THR F 300 -7.22 -37.12 -39.06
C THR F 300 -7.78 -37.88 -37.86
N TYR F 301 -6.95 -38.05 -36.83
CA TYR F 301 -7.38 -38.71 -35.61
C TYR F 301 -8.62 -38.03 -35.04
N LEU F 302 -8.57 -36.70 -34.93
CA LEU F 302 -9.68 -35.97 -34.33
C LEU F 302 -10.93 -36.05 -35.20
N GLU F 303 -10.77 -36.07 -36.51
CA GLU F 303 -11.93 -36.22 -37.38
C GLU F 303 -12.58 -37.58 -37.19
N ASN F 304 -11.77 -38.64 -37.16
CA ASN F 304 -12.32 -39.96 -36.92
C ASN F 304 -13.01 -40.03 -35.57
N MET F 305 -12.46 -39.35 -34.57
CA MET F 305 -13.13 -39.32 -33.27
C MET F 305 -14.44 -38.54 -33.32
N ASN F 306 -14.51 -37.49 -34.15
CA ASN F 306 -15.72 -36.69 -34.25
C ASN F 306 -16.76 -37.31 -35.17
N ASN F 307 -16.39 -38.33 -35.93
CA ASN F 307 -17.34 -39.12 -36.71
C ASN F 307 -17.49 -40.53 -36.15
N GLU F 308 -16.98 -40.78 -34.95
CA GLU F 308 -16.96 -42.13 -34.40
C GLU F 308 -18.36 -42.62 -34.09
N VAL F 309 -18.52 -43.94 -34.11
CA VAL F 309 -19.78 -44.59 -33.75
C VAL F 309 -19.45 -45.94 -33.11
N ILE F 310 -19.91 -46.13 -31.88
CA ILE F 310 -19.63 -47.33 -31.11
C ILE F 310 -20.81 -48.29 -31.27
N GLY F 311 -20.51 -49.58 -31.27
CA GLY F 311 -21.56 -50.58 -31.27
C GLY F 311 -22.13 -50.81 -29.88
N LYS F 312 -23.41 -51.15 -29.83
CA LYS F 312 -24.12 -51.37 -28.58
C LYS F 312 -24.80 -52.73 -28.59
N LEU F 313 -24.10 -53.75 -29.07
CA LEU F 313 -24.54 -55.13 -29.01
C LEU F 313 -23.78 -55.87 -27.92
N ALA F 314 -24.25 -57.07 -27.61
CA ALA F 314 -23.56 -57.92 -26.65
C ALA F 314 -22.14 -58.22 -27.14
N GLY F 315 -21.14 -57.70 -26.44
CA GLY F 315 -19.77 -57.85 -26.90
C GLY F 315 -19.42 -56.93 -28.05
N GLU F 316 -20.00 -55.72 -28.09
CA GLU F 316 -19.74 -54.79 -29.19
C GLU F 316 -19.54 -53.37 -28.70
N GLY F 317 -19.17 -53.18 -27.43
CA GLY F 317 -18.98 -51.84 -26.89
C GLY F 317 -17.70 -51.24 -27.41
N LYS F 318 -17.67 -51.00 -28.72
CA LYS F 318 -16.43 -50.70 -29.43
C LYS F 318 -16.79 -50.09 -30.78
N PRO F 319 -15.91 -49.27 -31.37
CA PRO F 319 -16.28 -48.61 -32.63
C PRO F 319 -16.61 -49.60 -33.73
N LYS F 320 -17.80 -49.42 -34.33
CA LYS F 320 -18.29 -50.30 -35.37
C LYS F 320 -18.10 -49.61 -36.71
N LEU F 321 -17.39 -50.26 -37.62
CA LEU F 321 -17.04 -49.68 -38.91
C LEU F 321 -18.07 -50.07 -39.97
N ALA F 322 -17.93 -49.46 -41.15
CA ALA F 322 -18.81 -49.78 -42.27
C ALA F 322 -18.70 -51.24 -42.67
N ASN F 323 -17.51 -51.83 -42.56
CA ASN F 323 -17.32 -53.25 -42.81
C ASN F 323 -17.72 -54.11 -41.61
N GLU F 324 -18.31 -53.50 -40.58
CA GLU F 324 -18.79 -54.21 -39.39
C GLU F 324 -17.63 -54.96 -38.73
N THR F 325 -16.62 -54.19 -38.35
CA THR F 325 -15.41 -54.70 -37.71
C THR F 325 -15.10 -53.88 -36.47
N LEU F 326 -14.56 -54.53 -35.46
CA LEU F 326 -14.26 -53.91 -34.18
C LEU F 326 -12.80 -53.50 -34.14
N VAL F 327 -12.56 -52.25 -33.75
CA VAL F 327 -11.22 -51.67 -33.74
C VAL F 327 -10.59 -51.89 -32.38
N SER F 328 -9.32 -52.30 -32.37
CA SER F 328 -8.62 -52.61 -31.13
C SER F 328 -7.98 -51.37 -30.51
N ASP F 329 -7.17 -50.65 -31.28
CA ASP F 329 -6.45 -49.49 -30.78
C ASP F 329 -6.65 -48.33 -31.75
N ARG F 330 -7.35 -47.29 -31.30
CA ARG F 330 -7.53 -46.10 -32.14
C ARG F 330 -6.17 -45.60 -32.62
N ASP F 331 -5.20 -45.50 -31.72
CA ASP F 331 -3.89 -44.96 -32.08
C ASP F 331 -3.25 -45.77 -33.20
N GLU F 332 -3.61 -47.06 -33.30
CA GLU F 332 -3.04 -47.91 -34.34
C GLU F 332 -3.56 -47.52 -35.73
N LEU F 333 -4.81 -47.05 -35.80
CA LEU F 333 -5.50 -46.84 -37.07
C LEU F 333 -5.74 -45.36 -37.38
N TYR F 334 -6.37 -44.64 -36.45
CA TYR F 334 -6.86 -43.30 -36.74
C TYR F 334 -5.84 -42.42 -37.45
N PHE F 335 -4.56 -42.52 -37.08
CA PHE F 335 -3.58 -41.55 -37.56
C PHE F 335 -3.35 -41.63 -39.06
N ASP F 336 -3.65 -42.75 -39.71
CA ASP F 336 -3.31 -42.89 -41.12
C ASP F 336 -4.29 -42.12 -42.00
N ALA F 337 -5.58 -42.39 -41.87
CA ALA F 337 -6.60 -41.81 -42.75
C ALA F 337 -7.94 -41.88 -42.06
N VAL F 338 -8.98 -41.45 -42.77
CA VAL F 338 -10.34 -41.41 -42.23
C VAL F 338 -11.01 -42.77 -42.44
N GLN F 339 -12.03 -43.04 -41.65
CA GLN F 339 -12.76 -44.30 -41.67
C GLN F 339 -14.24 -44.04 -41.93
N SER F 340 -15.01 -45.13 -41.99
CA SER F 340 -16.42 -45.11 -42.36
C SER F 340 -17.22 -45.78 -41.24
N PHE F 341 -17.65 -45.00 -40.25
CA PHE F 341 -18.45 -45.51 -39.16
C PHE F 341 -19.89 -45.68 -39.60
N ILE F 342 -20.57 -46.66 -39.00
CA ILE F 342 -21.96 -46.94 -39.32
C ILE F 342 -22.86 -46.00 -38.52
N VAL F 343 -24.16 -45.98 -38.88
CA VAL F 343 -25.08 -45.07 -38.21
C VAL F 343 -25.14 -45.41 -36.73
N ALA F 344 -25.21 -44.38 -35.88
CA ALA F 344 -25.42 -44.55 -34.46
C ALA F 344 -26.91 -44.76 -34.19
N SER F 345 -27.35 -46.00 -34.39
CA SER F 345 -28.76 -46.37 -34.26
C SER F 345 -28.91 -47.40 -33.15
N GLN F 346 -29.83 -47.15 -32.22
CA GLN F 346 -30.11 -48.07 -31.13
C GLN F 346 -31.03 -49.20 -31.54
N ALA F 347 -31.33 -49.34 -32.83
CA ALA F 347 -32.10 -50.48 -33.31
C ALA F 347 -31.41 -51.78 -32.89
N ALA F 348 -32.14 -52.63 -32.18
CA ALA F 348 -31.53 -53.83 -31.61
C ALA F 348 -30.80 -54.64 -32.67
N ALA F 349 -31.30 -54.65 -33.90
CA ALA F 349 -30.62 -55.38 -34.97
C ALA F 349 -29.18 -54.88 -35.13
N THR F 350 -28.97 -53.58 -35.01
CA THR F 350 -27.65 -52.98 -35.14
C THR F 350 -27.44 -51.92 -34.07
N LYS F 351 -27.81 -52.24 -32.83
CA LYS F 351 -27.77 -51.27 -31.75
C LYS F 351 -26.38 -50.63 -31.64
N ALA F 352 -26.31 -49.33 -31.89
CA ALA F 352 -25.06 -48.59 -31.85
C ALA F 352 -25.37 -47.14 -31.51
N SER F 353 -24.43 -46.50 -30.81
CA SER F 353 -24.58 -45.12 -30.39
C SER F 353 -23.41 -44.29 -30.88
N ASN F 354 -23.61 -42.98 -30.87
CA ASN F 354 -22.62 -42.07 -31.42
C ASN F 354 -21.42 -41.97 -30.48
N GLY F 355 -20.23 -41.81 -31.06
CA GLY F 355 -19.03 -41.70 -30.29
C GLY F 355 -19.12 -40.61 -29.24
N PRO F 356 -18.63 -40.88 -28.03
CA PRO F 356 -18.75 -39.88 -26.96
C PRO F 356 -18.08 -38.56 -27.28
N PHE F 357 -17.20 -38.53 -28.27
CA PHE F 357 -16.55 -37.31 -28.73
C PHE F 357 -16.93 -37.01 -30.17
N ASN F 358 -18.21 -37.18 -30.48
CA ASN F 358 -18.73 -36.95 -31.83
C ASN F 358 -19.47 -35.62 -31.86
N GLY F 359 -19.20 -34.82 -32.88
CA GLY F 359 -19.84 -33.53 -33.04
C GLY F 359 -19.59 -32.61 -31.88
N GLU F 360 -18.33 -32.49 -31.47
CA GLU F 360 -17.96 -31.58 -30.39
C GLU F 360 -16.64 -30.86 -30.65
N PHE F 361 -16.07 -31.00 -31.85
CA PHE F 361 -14.73 -30.48 -32.13
C PHE F 361 -14.73 -29.58 -33.37
N ASP F 362 -15.90 -29.16 -33.85
CA ASP F 362 -15.99 -28.44 -35.11
C ASP F 362 -15.12 -27.19 -35.10
N ARG F 363 -15.41 -26.26 -34.17
CA ARG F 363 -14.70 -24.99 -34.13
C ARG F 363 -13.18 -25.19 -34.22
N MET F 364 -12.67 -26.14 -33.43
CA MET F 364 -11.23 -26.34 -33.35
C MET F 364 -10.69 -26.86 -34.69
N ILE F 365 -11.34 -27.88 -35.24
CA ILE F 365 -10.89 -28.45 -36.51
C ILE F 365 -10.92 -27.38 -37.59
N LEU F 366 -11.91 -26.51 -37.56
CA LEU F 366 -12.05 -25.46 -38.55
C LEU F 366 -10.92 -24.44 -38.43
N ARG F 367 -10.69 -23.96 -37.21
CA ARG F 367 -9.59 -23.01 -36.99
C ARG F 367 -8.26 -23.61 -37.44
N LEU F 368 -8.07 -24.91 -37.20
CA LEU F 368 -6.82 -25.55 -37.59
C LEU F 368 -6.69 -25.62 -39.10
N HIS F 369 -7.70 -26.19 -39.76
CA HIS F 369 -7.72 -26.21 -41.22
C HIS F 369 -7.42 -24.83 -41.78
N THR F 370 -7.97 -23.79 -41.17
CA THR F 370 -7.71 -22.43 -41.61
C THR F 370 -6.22 -22.09 -41.46
N ARG F 371 -5.74 -22.11 -40.22
CA ARG F 371 -4.35 -21.76 -39.93
C ARG F 371 -3.40 -22.44 -40.90
N LEU F 372 -3.47 -23.77 -40.98
CA LEU F 372 -2.57 -24.50 -41.86
C LEU F 372 -2.69 -24.03 -43.30
N ALA F 373 -3.90 -23.67 -43.72
CA ALA F 373 -4.10 -23.22 -45.10
C ALA F 373 -3.49 -21.85 -45.35
N ASP F 374 -3.16 -21.09 -44.31
CA ASP F 374 -2.61 -19.77 -44.51
C ASP F 374 -1.27 -19.86 -45.22
N PRO F 375 -1.03 -19.02 -46.23
CA PRO F 375 0.22 -19.12 -46.99
C PRO F 375 1.37 -18.27 -46.46
N ARG F 376 1.12 -17.43 -45.47
CA ARG F 376 2.15 -16.58 -44.89
C ARG F 376 2.93 -17.27 -43.79
N LEU F 377 2.70 -18.57 -43.59
CA LEU F 377 3.31 -19.30 -42.49
C LEU F 377 4.04 -20.56 -42.95
N GLN F 378 4.28 -20.70 -44.26
CA GLN F 378 4.98 -21.87 -44.76
C GLN F 378 6.42 -21.92 -44.29
N PHE F 379 6.96 -20.81 -43.80
CA PHE F 379 8.28 -20.84 -43.20
C PHE F 379 8.27 -21.57 -41.87
N LEU F 380 7.10 -21.88 -41.35
CA LEU F 380 6.94 -22.49 -40.04
C LEU F 380 6.31 -23.88 -40.13
N PHE F 381 5.16 -24.01 -40.78
CA PHE F 381 4.48 -25.31 -40.78
C PHE F 381 5.14 -26.28 -41.76
N TYR F 382 5.44 -25.83 -42.97
CA TYR F 382 6.10 -26.64 -43.99
C TYR F 382 7.46 -26.05 -44.34
N PRO F 383 8.41 -26.07 -43.42
CA PRO F 383 9.72 -25.48 -43.70
C PRO F 383 10.62 -26.42 -44.48
N LYS F 384 10.65 -26.32 -45.81
CA LYS F 384 11.47 -27.24 -46.57
C LYS F 384 12.91 -26.78 -46.62
N LYS F 385 13.82 -27.75 -46.65
CA LYS F 385 15.26 -27.49 -46.72
C LYS F 385 15.63 -27.17 -48.17
N GLU F 386 16.92 -26.91 -48.40
CA GLU F 386 17.37 -26.61 -49.75
C GLU F 386 17.10 -27.77 -50.70
N ASP F 387 17.23 -29.01 -50.23
CA ASP F 387 16.99 -30.15 -51.10
C ASP F 387 15.55 -30.19 -51.58
N GLY F 388 14.62 -29.65 -50.78
CA GLY F 388 13.21 -29.67 -51.07
C GLY F 388 12.43 -30.71 -50.28
N GLU F 389 13.09 -31.41 -49.38
CA GLU F 389 12.50 -32.43 -48.52
C GLU F 389 12.05 -31.82 -47.19
N ASP F 390 11.24 -32.57 -46.47
CA ASP F 390 10.76 -32.09 -45.18
C ASP F 390 11.82 -32.28 -44.11
N LEU F 391 11.80 -31.39 -43.13
CA LEU F 391 12.77 -31.46 -42.04
C LEU F 391 12.44 -32.64 -41.13
N ALA F 392 13.45 -33.05 -40.35
CA ALA F 392 13.30 -34.16 -39.43
C ALA F 392 14.11 -33.85 -38.17
N THR F 393 14.30 -34.86 -37.34
CA THR F 393 14.99 -34.67 -36.07
C THR F 393 16.50 -34.51 -36.25
N GLY F 394 17.06 -35.20 -37.23
CA GLY F 394 18.50 -35.17 -37.42
C GLY F 394 19.05 -33.87 -37.94
N ASP F 395 18.19 -32.90 -38.24
CA ASP F 395 18.61 -31.59 -38.72
C ASP F 395 18.50 -30.52 -37.65
N PHE F 396 18.33 -30.93 -36.39
CA PHE F 396 18.17 -29.95 -35.32
C PHE F 396 19.38 -29.04 -35.18
N ALA F 397 20.53 -29.46 -35.68
CA ALA F 397 21.75 -28.67 -35.53
C ALA F 397 21.81 -27.53 -36.53
N ASP F 398 21.74 -27.86 -37.82
CA ASP F 398 21.82 -26.83 -38.85
C ASP F 398 20.82 -25.71 -38.61
N VAL F 399 19.72 -26.02 -37.92
CA VAL F 399 18.75 -24.98 -37.57
C VAL F 399 19.41 -23.89 -36.74
N VAL F 400 20.47 -24.22 -36.02
CA VAL F 400 21.06 -23.30 -35.05
C VAL F 400 22.13 -22.43 -35.69
N ARG F 401 23.12 -23.05 -36.31
CA ARG F 401 24.29 -22.32 -36.80
C ARG F 401 23.93 -21.19 -37.75
N GLN F 402 22.69 -21.09 -38.21
CA GLN F 402 22.28 -19.93 -38.98
C GLN F 402 22.02 -18.74 -38.06
N PHE F 403 21.40 -18.97 -36.91
CA PHE F 403 21.21 -17.91 -35.93
C PHE F 403 22.51 -17.32 -35.43
N VAL F 404 23.64 -17.99 -35.68
CA VAL F 404 24.93 -17.60 -35.16
C VAL F 404 25.82 -17.04 -36.26
N GLY F 405 25.94 -17.76 -37.36
CA GLY F 405 26.79 -17.35 -38.46
C GLY F 405 27.81 -18.40 -38.83
N TYR F 406 27.73 -19.57 -38.19
CA TYR F 406 28.66 -20.66 -38.46
C TYR F 406 28.24 -21.53 -39.63
N MET F 407 27.26 -21.09 -40.42
CA MET F 407 26.91 -21.77 -41.65
C MET F 407 27.53 -21.11 -42.87
N THR F 408 27.70 -19.79 -42.83
CA THR F 408 28.34 -19.03 -43.89
C THR F 408 29.62 -18.35 -43.42
N LYS F 409 29.94 -18.46 -42.13
CA LYS F 409 31.12 -17.81 -41.56
C LYS F 409 30.99 -16.29 -41.63
N SER F 410 29.87 -15.78 -41.12
CA SER F 410 29.65 -14.35 -40.99
C SER F 410 29.57 -13.97 -39.52
N ASN F 411 30.16 -12.83 -39.18
CA ASN F 411 30.21 -12.37 -37.79
C ASN F 411 28.88 -11.82 -37.31
N VAL F 412 27.87 -11.72 -38.18
CA VAL F 412 26.65 -11.00 -37.88
C VAL F 412 25.46 -11.84 -38.28
N SER F 413 24.32 -11.53 -37.66
CA SER F 413 23.05 -12.08 -38.10
C SER F 413 21.94 -11.11 -37.80
N ILE F 414 21.00 -11.01 -38.72
CA ILE F 414 19.90 -10.06 -38.66
C ILE F 414 18.60 -10.81 -38.80
N ILE F 415 17.57 -10.31 -38.12
CA ILE F 415 16.24 -10.91 -38.19
C ILE F 415 15.25 -9.81 -38.54
N ASP F 416 14.72 -9.88 -39.75
CA ASP F 416 13.69 -8.96 -40.21
C ASP F 416 12.33 -9.48 -39.80
N LEU F 417 11.50 -8.59 -39.25
CA LEU F 417 10.20 -8.96 -38.71
C LEU F 417 9.07 -8.17 -39.33
N SER F 418 9.36 -7.15 -40.13
CA SER F 418 8.31 -6.41 -40.80
C SER F 418 7.44 -7.32 -41.64
N GLY F 419 8.05 -8.16 -42.47
CA GLY F 419 7.28 -9.03 -43.33
C GLY F 419 6.77 -10.27 -42.60
N ILE F 420 6.22 -10.04 -41.41
CA ILE F 420 5.70 -11.14 -40.59
C ILE F 420 4.37 -10.73 -39.99
N PRO F 421 3.47 -11.70 -39.81
CA PRO F 421 2.17 -11.40 -39.20
C PRO F 421 2.24 -10.78 -37.83
N PHE F 422 1.06 -10.50 -37.28
CA PHE F 422 0.85 -9.62 -36.15
C PHE F 422 0.57 -10.36 -34.85
N GLU F 423 0.32 -11.67 -34.91
CA GLU F 423 -0.07 -12.41 -33.72
C GLU F 423 1.06 -13.21 -33.11
N VAL F 424 2.07 -13.59 -33.90
CA VAL F 424 3.03 -14.62 -33.51
C VAL F 424 4.46 -14.08 -33.41
N LEU F 425 4.60 -12.82 -33.03
CA LEU F 425 5.94 -12.23 -32.92
C LEU F 425 6.66 -12.69 -31.65
N SER F 426 5.99 -12.57 -30.50
CA SER F 426 6.62 -12.91 -29.22
C SER F 426 7.06 -14.36 -29.20
N ILE F 427 6.23 -15.24 -29.74
CA ILE F 427 6.56 -16.66 -29.78
C ILE F 427 7.93 -16.87 -30.42
N VAL F 428 8.13 -16.28 -31.61
CA VAL F 428 9.39 -16.42 -32.32
C VAL F 428 10.53 -15.87 -31.48
N VAL F 429 10.34 -14.67 -30.92
CA VAL F 429 11.43 -14.04 -30.18
C VAL F 429 11.84 -14.89 -28.99
N SER F 430 10.88 -15.57 -28.37
CA SER F 430 11.18 -16.41 -27.24
C SER F 430 11.92 -17.65 -27.68
N LEU F 431 11.39 -18.34 -28.69
CA LEU F 431 12.04 -19.54 -29.19
C LEU F 431 13.51 -19.26 -29.45
N ILE F 432 13.78 -18.18 -30.18
CA ILE F 432 15.14 -17.88 -30.61
C ILE F 432 16.04 -17.61 -29.41
N SER F 433 15.63 -16.67 -28.54
CA SER F 433 16.45 -16.36 -27.38
C SER F 433 16.74 -17.60 -26.54
N ARG F 434 15.73 -18.46 -26.37
CA ARG F 434 15.92 -19.72 -25.65
C ARG F 434 17.01 -20.57 -26.29
N MET F 435 16.91 -20.79 -27.60
CA MET F 435 17.87 -21.66 -28.27
C MET F 435 19.26 -21.06 -28.31
N ILE F 436 19.38 -19.76 -28.07
CA ILE F 436 20.70 -19.17 -27.96
C ILE F 436 21.28 -19.41 -26.56
N PHE F 437 20.53 -19.01 -25.54
CA PHE F 437 20.94 -19.27 -24.16
C PHE F 437 21.41 -20.70 -23.96
N ASP F 438 20.66 -21.66 -24.49
CA ASP F 438 21.01 -23.07 -24.25
C ASP F 438 22.36 -23.42 -24.87
N PHE F 439 22.59 -22.97 -26.11
CA PHE F 439 23.89 -23.18 -26.75
C PHE F 439 25.00 -22.60 -25.90
N GLY F 440 24.86 -21.35 -25.48
CA GLY F 440 25.88 -20.74 -24.67
C GLY F 440 26.18 -21.56 -23.44
N PHE F 441 25.14 -21.97 -22.73
CA PHE F 441 25.28 -22.79 -21.54
C PHE F 441 26.10 -24.04 -21.81
N HIS F 442 25.61 -24.88 -22.73
CA HIS F 442 26.25 -26.17 -22.94
C HIS F 442 27.68 -26.02 -23.43
N TYR F 443 27.94 -25.07 -24.34
CA TYR F 443 29.29 -24.92 -24.85
C TYR F 443 30.23 -24.43 -23.75
N SER F 444 29.80 -23.43 -22.96
CA SER F 444 30.64 -22.99 -21.86
C SER F 444 30.93 -24.13 -20.90
N LYS F 445 29.97 -25.02 -20.71
CA LYS F 445 30.18 -26.15 -19.80
C LYS F 445 31.23 -27.11 -20.34
N ASN F 446 31.07 -27.54 -21.59
CA ASN F 446 32.06 -28.40 -22.21
C ASN F 446 33.44 -27.77 -22.16
N ARG F 447 33.50 -26.45 -22.34
CA ARG F 447 34.78 -25.76 -22.34
C ARG F 447 35.36 -25.66 -20.94
N HIS F 448 34.48 -25.57 -19.94
CA HIS F 448 34.91 -25.44 -18.55
C HIS F 448 35.40 -26.76 -18.00
N VAL F 449 34.89 -27.88 -18.51
CA VAL F 449 35.48 -29.17 -18.16
C VAL F 449 37.00 -29.11 -18.32
N GLY F 450 37.47 -28.38 -19.32
CA GLY F 450 38.89 -28.16 -19.55
C GLY F 450 39.55 -27.13 -18.67
N GLY F 451 38.85 -26.59 -17.69
CA GLY F 451 39.43 -25.58 -16.82
C GLY F 451 39.59 -24.24 -17.52
N ALA F 452 38.54 -23.79 -18.20
CA ALA F 452 38.58 -22.54 -18.95
C ALA F 452 37.16 -21.99 -19.03
N VAL F 453 36.97 -21.00 -19.89
CA VAL F 453 35.68 -20.34 -20.08
C VAL F 453 35.43 -20.17 -21.57
N SER F 454 34.24 -19.65 -21.89
CA SER F 454 33.80 -19.56 -23.28
C SER F 454 34.61 -18.51 -24.04
N ASP F 455 35.12 -18.92 -25.21
CA ASP F 455 35.77 -18.00 -26.13
C ASP F 455 34.88 -17.68 -27.33
N VAL F 456 33.57 -17.88 -27.19
CA VAL F 456 32.61 -17.58 -28.24
C VAL F 456 31.58 -16.63 -27.66
N PRO F 457 31.99 -15.43 -27.27
CA PRO F 457 31.05 -14.44 -26.74
C PRO F 457 29.98 -14.08 -27.75
N ILE F 458 28.87 -13.55 -27.24
CA ILE F 458 27.70 -13.27 -28.06
C ILE F 458 27.01 -12.00 -27.58
N LEU F 459 26.55 -11.20 -28.54
CA LEU F 459 25.82 -9.98 -28.25
C LEU F 459 24.49 -9.99 -28.98
N VAL F 460 23.46 -9.48 -28.31
CA VAL F 460 22.10 -9.47 -28.81
C VAL F 460 21.60 -8.04 -28.80
N VAL F 461 20.74 -7.70 -29.75
CA VAL F 461 20.24 -6.35 -29.89
C VAL F 461 18.72 -6.40 -30.02
N CYS F 462 18.04 -5.71 -29.10
CA CYS F 462 16.58 -5.69 -29.04
C CYS F 462 16.11 -4.25 -29.15
N GLU F 463 15.40 -3.96 -30.24
CA GLU F 463 14.91 -2.62 -30.53
C GLU F 463 13.41 -2.52 -30.25
N GLU F 464 12.93 -1.28 -30.22
CA GLU F 464 11.53 -0.98 -29.97
C GLU F 464 10.96 -1.90 -28.89
N ALA F 465 11.71 -2.00 -27.79
CA ALA F 465 11.35 -2.93 -26.74
C ALA F 465 9.94 -2.68 -26.20
N HIS F 466 9.46 -1.44 -26.29
CA HIS F 466 8.16 -1.10 -25.74
C HIS F 466 7.02 -1.83 -26.44
N ASN F 467 7.33 -2.58 -27.49
CA ASN F 467 6.30 -3.35 -28.19
C ASN F 467 6.17 -4.76 -27.62
N TYR F 468 7.26 -5.52 -27.62
CA TYR F 468 7.25 -6.90 -27.17
C TYR F 468 7.89 -7.09 -25.80
N LEU F 469 8.07 -6.01 -25.06
CA LEU F 469 8.54 -6.09 -23.69
C LEU F 469 7.80 -5.09 -22.83
N PRO F 470 6.47 -5.09 -22.89
CA PRO F 470 5.70 -4.05 -22.20
C PRO F 470 5.92 -4.06 -20.70
N ARG F 471 5.74 -2.87 -20.10
CA ARG F 471 5.75 -2.77 -18.65
C ARG F 471 4.57 -3.49 -18.03
N SER F 472 3.48 -3.64 -18.77
CA SER F 472 2.26 -4.22 -18.23
C SER F 472 1.41 -4.72 -19.39
N GLY F 473 1.16 -6.03 -19.44
CA GLY F 473 0.35 -6.60 -20.50
C GLY F 473 -0.23 -7.92 -20.07
N GLY F 474 -1.11 -8.45 -20.92
CA GLY F 474 -1.77 -9.70 -20.65
C GLY F 474 -0.85 -10.88 -20.90
N ALA F 475 -1.44 -11.99 -21.35
CA ALA F 475 -0.64 -13.16 -21.64
C ALA F 475 0.03 -13.06 -23.00
N ALA F 476 -0.56 -12.30 -23.94
CA ALA F 476 0.00 -12.18 -25.28
C ALA F 476 1.51 -11.97 -25.22
N TYR F 477 1.94 -10.90 -24.55
CA TYR F 477 3.35 -10.61 -24.42
C TYR F 477 3.89 -11.12 -23.09
N ASP F 478 3.74 -12.42 -22.86
CA ASP F 478 4.30 -13.06 -21.68
C ASP F 478 5.61 -13.77 -22.00
N ALA F 479 5.55 -14.76 -22.90
CA ALA F 479 6.68 -15.64 -23.16
C ALA F 479 7.99 -14.88 -23.26
N SER F 480 8.06 -13.98 -24.24
CA SER F 480 9.28 -13.23 -24.50
C SER F 480 9.95 -12.81 -23.19
N ARG F 481 9.19 -12.14 -22.33
CA ARG F 481 9.74 -11.60 -21.10
C ARG F 481 10.61 -12.64 -20.40
N LYS F 482 10.05 -13.80 -20.08
CA LYS F 482 10.85 -14.82 -19.41
C LYS F 482 12.11 -15.10 -20.21
N SER F 483 11.94 -15.54 -21.45
CA SER F 483 13.07 -15.90 -22.30
C SER F 483 14.12 -14.81 -22.35
N ILE F 484 13.72 -13.57 -22.08
CA ILE F 484 14.63 -12.45 -22.03
C ILE F 484 15.10 -12.17 -20.61
N GLU F 485 14.15 -12.10 -19.67
CA GLU F 485 14.49 -11.86 -18.27
C GLU F 485 15.65 -12.73 -17.86
N ARG F 486 15.55 -14.04 -18.12
CA ARG F 486 16.61 -14.98 -17.82
C ARG F 486 17.97 -14.42 -18.24
N ILE F 487 18.11 -14.10 -19.52
CA ILE F 487 19.38 -13.60 -20.04
C ILE F 487 19.89 -12.44 -19.21
N ALA F 488 19.00 -11.51 -18.87
CA ALA F 488 19.41 -10.32 -18.13
C ALA F 488 20.22 -10.69 -16.89
N LYS F 489 19.90 -11.82 -16.28
CA LYS F 489 20.46 -12.20 -14.99
C LYS F 489 21.69 -13.09 -15.15
N GLU F 490 21.53 -14.21 -15.85
CA GLU F 490 22.56 -15.25 -15.91
C GLU F 490 23.48 -15.14 -17.10
N GLY F 491 23.05 -14.50 -18.18
CA GLY F 491 23.87 -14.46 -19.38
C GLY F 491 25.29 -14.00 -19.15
N ARG F 492 25.46 -13.03 -18.24
CA ARG F 492 26.79 -12.47 -18.02
C ARG F 492 27.80 -13.53 -17.64
N LYS F 493 27.36 -14.70 -17.21
CA LYS F 493 28.27 -15.75 -16.79
C LYS F 493 28.64 -16.70 -17.91
N TYR F 494 27.76 -16.85 -18.92
CA TYR F 494 27.94 -17.85 -19.96
C TYR F 494 28.34 -17.23 -21.29
N GLY F 495 28.52 -15.91 -21.36
CA GLY F 495 28.96 -15.26 -22.57
C GLY F 495 27.80 -14.86 -23.47
N VAL F 496 26.81 -14.19 -22.87
CA VAL F 496 25.63 -13.72 -23.59
C VAL F 496 25.28 -12.35 -23.02
N THR F 497 25.34 -11.32 -23.85
CA THR F 497 25.03 -9.97 -23.39
C THR F 497 23.96 -9.33 -24.26
N LEU F 498 23.30 -8.33 -23.69
CA LEU F 498 22.16 -7.65 -24.29
C LEU F 498 22.54 -6.24 -24.70
N MET F 499 21.69 -5.67 -25.54
CA MET F 499 21.69 -4.23 -25.79
C MET F 499 20.26 -3.83 -26.10
N VAL F 500 19.70 -3.02 -25.23
CA VAL F 500 18.31 -2.58 -25.32
C VAL F 500 18.29 -1.23 -26.02
N VAL F 501 17.25 -0.99 -26.81
CA VAL F 501 17.01 0.31 -27.42
C VAL F 501 15.55 0.67 -27.25
N SER F 502 15.28 1.95 -27.05
CA SER F 502 13.91 2.42 -26.87
C SER F 502 13.91 3.94 -26.87
N GLN F 503 12.69 4.49 -26.79
CA GLN F 503 12.48 5.93 -26.60
C GLN F 503 11.34 6.19 -25.62
N ARG F 504 10.80 5.15 -24.99
CA ARG F 504 9.72 5.24 -24.03
C ARG F 504 10.00 4.35 -22.83
N PRO F 505 11.15 4.52 -22.18
CA PRO F 505 11.49 3.63 -21.07
C PRO F 505 10.36 3.46 -20.07
N SER F 506 9.54 4.50 -19.89
CA SER F 506 8.46 4.44 -18.91
C SER F 506 7.41 3.39 -19.25
N GLU F 507 7.51 2.74 -20.42
CA GLU F 507 6.61 1.67 -20.81
C GLU F 507 7.31 0.32 -20.86
N VAL F 508 8.55 0.26 -20.41
CA VAL F 508 9.31 -0.98 -20.37
C VAL F 508 9.27 -1.54 -18.96
N SER F 509 9.64 -2.81 -18.83
CA SER F 509 9.62 -3.48 -17.54
C SER F 509 10.84 -3.07 -16.73
N GLU F 510 10.62 -2.28 -15.68
CA GLU F 510 11.70 -1.84 -14.80
C GLU F 510 12.63 -2.98 -14.42
N THR F 511 12.08 -4.19 -14.29
CA THR F 511 12.85 -5.37 -13.93
C THR F 511 14.16 -5.43 -14.72
N ILE F 512 14.10 -5.03 -15.98
CA ILE F 512 15.23 -5.21 -16.90
C ILE F 512 16.17 -4.03 -16.79
N PHE F 513 15.66 -2.83 -17.06
CA PHE F 513 16.48 -1.63 -16.92
C PHE F 513 17.25 -1.62 -15.62
N SER F 514 16.68 -2.22 -14.56
CA SER F 514 17.38 -2.26 -13.28
C SER F 514 18.74 -2.94 -13.39
N GLN F 515 18.91 -3.86 -14.35
CA GLN F 515 20.09 -4.71 -14.39
C GLN F 515 21.23 -4.15 -15.21
N CYS F 516 20.97 -3.16 -16.06
CA CYS F 516 22.03 -2.64 -16.91
C CYS F 516 22.99 -1.79 -16.08
N SER F 517 24.22 -1.67 -16.55
CA SER F 517 25.28 -1.00 -15.81
C SER F 517 25.68 0.32 -16.45
N ASN F 518 26.08 0.30 -17.71
CA ASN F 518 26.41 1.52 -18.43
C ASN F 518 25.18 2.04 -19.15
N PHE F 519 25.05 3.36 -19.19
CA PHE F 519 23.91 4.01 -19.82
C PHE F 519 24.39 5.10 -20.77
N ILE F 520 23.57 5.35 -21.78
CA ILE F 520 23.80 6.39 -22.77
C ILE F 520 22.47 7.08 -23.01
N SER F 521 22.54 8.37 -23.37
CA SER F 521 21.33 9.14 -23.53
C SER F 521 21.57 10.28 -24.51
N LEU F 522 20.47 10.69 -25.15
CA LEU F 522 20.47 11.79 -26.09
C LEU F 522 19.39 12.78 -25.69
N ARG F 523 19.05 13.71 -26.58
CA ARG F 523 18.07 14.73 -26.25
C ARG F 523 16.80 14.10 -25.71
N LEU F 524 16.32 14.62 -24.58
CA LEU F 524 15.06 14.22 -23.98
C LEU F 524 14.25 15.47 -23.68
N THR F 525 12.97 15.43 -24.05
CA THR F 525 12.07 16.56 -23.90
C THR F 525 10.90 16.26 -22.98
N ASN F 526 10.25 15.12 -23.16
CA ASN F 526 9.17 14.74 -22.29
C ASN F 526 9.66 14.74 -20.85
N ALA F 527 8.73 14.88 -19.90
CA ALA F 527 9.09 15.01 -18.50
C ALA F 527 8.94 13.70 -17.72
N VAL F 528 7.89 12.92 -17.98
CA VAL F 528 7.73 11.65 -17.30
C VAL F 528 8.95 10.77 -17.49
N ASP F 529 9.67 10.96 -18.60
CA ASP F 529 10.87 10.20 -18.84
C ASP F 529 12.06 10.80 -18.13
N GLN F 530 12.20 12.13 -18.16
CA GLN F 530 13.24 12.76 -17.39
C GLN F 530 13.19 12.24 -15.95
N THR F 531 12.00 12.29 -15.36
CA THR F 531 11.83 11.89 -13.97
C THR F 531 12.16 10.42 -13.78
N TYR F 532 11.54 9.54 -14.59
CA TYR F 532 11.78 8.11 -14.41
C TYR F 532 13.25 7.78 -14.53
N VAL F 533 13.95 8.46 -15.42
CA VAL F 533 15.39 8.23 -15.59
C VAL F 533 16.15 8.70 -14.36
N LYS F 534 16.01 9.99 -14.02
CA LYS F 534 16.71 10.54 -12.87
C LYS F 534 16.50 9.68 -11.63
N SER F 535 15.38 8.95 -11.57
CA SER F 535 15.17 8.05 -10.45
C SER F 535 16.18 6.91 -10.41
N LEU F 536 16.89 6.65 -11.51
CA LEU F 536 17.76 5.48 -11.61
C LEU F 536 19.24 5.81 -11.67
N LEU F 537 19.64 6.66 -12.62
CA LEU F 537 21.05 6.77 -12.98
C LEU F 537 21.91 7.12 -11.76
N PRO F 538 23.03 6.42 -11.55
CA PRO F 538 23.82 6.62 -10.33
C PRO F 538 24.49 7.98 -10.22
N ASP F 539 25.30 8.34 -11.22
CA ASP F 539 26.18 9.50 -11.15
C ASP F 539 25.52 10.77 -11.65
N LEU F 540 24.20 10.86 -11.55
CA LEU F 540 23.46 11.99 -12.09
C LEU F 540 23.53 13.16 -11.12
N SER F 541 24.58 13.97 -11.25
CA SER F 541 24.61 15.23 -10.53
C SER F 541 23.51 16.15 -11.05
N ALA F 542 23.01 17.02 -10.17
CA ALA F 542 21.89 17.87 -10.52
C ALA F 542 22.24 18.81 -11.68
N GLY F 543 23.52 19.11 -11.88
CA GLY F 543 23.95 20.01 -12.93
C GLY F 543 23.71 19.49 -14.33
N LEU F 544 23.38 18.20 -14.47
CA LEU F 544 23.24 17.57 -15.78
C LEU F 544 21.80 17.24 -16.14
N GLY F 545 20.96 16.91 -15.15
CA GLY F 545 19.57 16.62 -15.42
C GLY F 545 18.83 17.72 -16.16
N ASP F 546 19.43 18.91 -16.27
CA ASP F 546 18.82 20.04 -16.95
C ASP F 546 19.34 20.23 -18.36
N LEU F 547 20.39 19.51 -18.75
CA LEU F 547 20.94 19.66 -20.09
C LEU F 547 20.07 18.98 -21.14
N LEU F 548 19.59 17.79 -20.82
CA LEU F 548 18.99 16.87 -21.79
C LEU F 548 18.18 17.59 -22.85
N PRO F 549 17.17 18.37 -22.47
CA PRO F 549 16.35 19.04 -23.50
C PRO F 549 17.12 20.01 -24.37
N ASN F 550 18.33 20.41 -23.96
CA ASN F 550 19.13 21.38 -24.71
C ASN F 550 20.32 20.71 -25.39
N LEU F 551 20.12 19.49 -25.87
CA LEU F 551 21.17 18.74 -26.54
C LEU F 551 20.99 18.82 -28.05
N ALA F 552 22.12 18.84 -28.75
CA ALA F 552 22.11 18.95 -30.20
C ALA F 552 21.79 17.59 -30.81
N GLN F 553 21.97 17.47 -32.12
CA GLN F 553 21.68 16.25 -32.86
C GLN F 553 23.01 15.63 -33.24
N GLY F 554 23.37 14.55 -32.55
CA GLY F 554 24.68 13.94 -32.67
C GLY F 554 25.52 14.03 -31.42
N GLU F 555 25.00 14.63 -30.35
CA GLU F 555 25.71 14.79 -29.09
C GLU F 555 25.04 13.91 -28.05
N PHE F 556 25.85 13.30 -27.18
CA PHE F 556 25.35 12.27 -26.28
C PHE F 556 25.97 12.43 -24.91
N LEU F 557 25.35 11.74 -23.96
CA LEU F 557 25.77 11.69 -22.57
C LEU F 557 25.93 10.24 -22.16
N ILE F 558 26.98 9.95 -21.40
CA ILE F 558 27.30 8.59 -21.01
C ILE F 558 27.51 8.53 -19.51
N VAL F 559 27.25 7.36 -18.93
CA VAL F 559 27.38 7.19 -17.49
C VAL F 559 27.62 5.72 -17.20
N GLY F 560 28.32 5.44 -16.10
CA GLY F 560 28.51 4.09 -15.63
C GLY F 560 29.89 3.92 -15.05
N ASP F 561 30.34 2.66 -15.03
CA ASP F 561 31.65 2.31 -14.50
C ASP F 561 32.72 2.22 -15.59
N ALA F 562 32.31 2.08 -16.84
CA ALA F 562 33.28 1.96 -17.92
C ALA F 562 34.10 3.22 -18.10
N PRO F 563 33.52 4.41 -18.17
CA PRO F 563 34.31 5.61 -18.45
C PRO F 563 35.06 6.08 -17.22
N LEU F 564 35.90 7.08 -17.43
CA LEU F 564 36.68 7.64 -16.34
C LEU F 564 35.80 8.52 -15.45
N MET F 565 34.79 9.15 -16.02
CA MET F 565 33.85 9.97 -15.27
C MET F 565 32.73 10.39 -16.23
N PRO F 566 31.60 10.85 -15.70
CA PRO F 566 30.54 11.37 -16.57
C PRO F 566 31.09 12.42 -17.53
N THR F 567 30.54 12.41 -18.74
CA THR F 567 31.14 13.17 -19.83
C THR F 567 30.08 13.39 -20.90
N VAL F 568 30.42 14.23 -21.89
CA VAL F 568 29.54 14.54 -23.00
C VAL F 568 30.36 14.47 -24.28
N GLY F 569 29.76 13.92 -25.33
CA GLY F 569 30.50 13.65 -26.55
C GLY F 569 29.69 13.99 -27.79
N HIS F 570 30.36 13.93 -28.93
CA HIS F 570 29.76 14.21 -30.22
C HIS F 570 30.14 13.11 -31.20
N PHE F 571 29.13 12.51 -31.81
CA PHE F 571 29.36 11.47 -32.79
C PHE F 571 29.62 12.08 -34.18
N ALA F 572 30.03 11.21 -35.09
CA ALA F 572 30.12 11.55 -36.51
C ALA F 572 29.18 10.64 -37.27
N LEU F 573 28.70 11.13 -38.41
CA LEU F 573 27.72 10.36 -39.16
C LEU F 573 28.32 9.02 -39.57
N PRO F 574 27.52 7.95 -39.60
CA PRO F 574 28.05 6.64 -39.97
C PRO F 574 28.36 6.57 -41.46
N VAL F 575 28.99 5.46 -41.84
CA VAL F 575 29.42 5.26 -43.23
C VAL F 575 29.43 3.77 -43.53
N PRO F 576 28.45 3.22 -44.25
CA PRO F 576 27.26 3.87 -44.84
C PRO F 576 26.23 4.31 -43.79
N GLU F 577 24.99 4.54 -44.21
CA GLU F 577 23.90 4.96 -43.34
C GLU F 577 22.67 4.10 -43.61
N PRO F 578 21.86 3.83 -42.59
CA PRO F 578 20.68 2.99 -42.80
C PRO F 578 19.52 3.79 -43.39
N HIS F 579 18.56 3.04 -43.91
CA HIS F 579 17.34 3.62 -44.45
C HIS F 579 16.13 2.85 -43.93
N ASP F 597 -3.80 -2.69 -65.46
CA ASP F 597 -3.21 -3.70 -64.60
C ASP F 597 -4.13 -4.00 -63.41
N PHE F 598 -5.28 -3.34 -63.38
CA PHE F 598 -6.19 -3.49 -62.25
C PHE F 598 -6.64 -4.94 -62.10
N ASP F 599 -7.34 -5.46 -63.11
CA ASP F 599 -7.91 -6.80 -63.00
C ASP F 599 -6.82 -7.86 -62.84
N SER F 600 -5.62 -7.58 -63.36
CA SER F 600 -4.50 -8.50 -63.14
C SER F 600 -4.30 -8.77 -61.65
N VAL F 601 -4.34 -7.72 -60.84
CA VAL F 601 -4.20 -7.87 -59.39
C VAL F 601 -5.33 -8.71 -58.81
N ILE F 602 -6.44 -8.85 -59.51
CA ILE F 602 -7.60 -9.55 -58.97
C ILE F 602 -7.39 -11.05 -59.04
N ASP F 603 -7.20 -11.58 -60.25
CA ASP F 603 -6.92 -13.00 -60.40
C ASP F 603 -5.76 -13.42 -59.50
N ARG F 604 -4.65 -12.68 -59.58
CA ARG F 604 -3.53 -12.83 -58.67
C ARG F 604 -4.05 -12.98 -57.25
N TRP F 605 -5.09 -12.22 -56.91
CA TRP F 605 -5.67 -12.26 -55.57
C TRP F 605 -6.65 -13.41 -55.45
N ARG F 606 -7.64 -13.48 -56.34
CA ARG F 606 -8.63 -14.55 -56.30
C ARG F 606 -7.97 -15.90 -56.52
N GLY F 607 -7.99 -16.76 -55.49
CA GLY F 607 -7.38 -18.07 -55.58
C GLY F 607 -7.13 -18.70 -54.23
#